data_6XB3
#
_entry.id   6XB3
#
_cell.length_a   127.234
_cell.length_b   127.192
_cell.length_c   127.151
_cell.angle_alpha   124.813
_cell.angle_beta   102.390
_cell.angle_gamma   102.385
#
_symmetry.space_group_name_H-M   'P 1'
#
loop_
_entity.id
_entity.type
_entity.pdbx_description
1 polymer Poxin
2 non-polymer "2',5'-GpAp"
3 water water
#
_entity_poly.entity_id   1
_entity_poly.type   'polypeptide(L)'
_entity_poly.pdbx_seq_one_letter_code
;SMELYNIKYAIDPTNKIVIEQVDNVDAFVHILEPGQEVFDETLSQYHQFPGVVSSIIFPQLVLNTIISVLSEDGSLLTLK
LENTCFNFHVCNKRFVFGNLPAAVVNNETKQKLRIGAPIFAGKKLVSVVTAFHRVGENEWLLPVTGIREASQLSGHMKVL
NGVRVEKWRPNMSVYGTVQLPYDKIKQHALEQENKTPNALESCVLFYKDSEIRITYNKGDYEIMHLRMPGPLIQPNTIYY
S
;
_entity_poly.pdbx_strand_id   A,B,C,D,E,F,G,H,I,J,K,L,M,N,O,P
#
loop_
_chem_comp.id
_chem_comp.type
_chem_comp.name
_chem_comp.formula
9BG non-polymer 2',5'-GpAp 'C20 H26 N10 O14 P2'
#
# COMPACT_ATOMS: atom_id res chain seq x y z
N SER A 1 13.69 -56.44 3.82
CA SER A 1 13.74 -55.59 5.01
C SER A 1 14.45 -56.33 6.15
N MET A 2 14.67 -55.63 7.25
CA MET A 2 15.38 -56.19 8.37
C MET A 2 14.41 -56.79 9.38
N GLU A 3 14.84 -57.86 10.02
CA GLU A 3 14.04 -58.60 10.98
C GLU A 3 14.73 -58.53 12.33
N LEU A 4 13.95 -58.28 13.37
CA LEU A 4 14.46 -58.18 14.74
C LEU A 4 13.36 -58.64 15.67
N TYR A 5 13.65 -59.66 16.47
CA TYR A 5 12.67 -60.24 17.39
C TYR A 5 11.45 -60.65 16.54
N ASN A 6 10.24 -60.16 16.82
CA ASN A 6 9.06 -60.63 16.14
C ASN A 6 8.57 -59.66 15.05
N ILE A 7 9.44 -58.79 14.55
CA ILE A 7 9.03 -57.76 13.60
C ILE A 7 9.95 -57.76 12.38
N LYS A 8 9.48 -57.10 11.32
CA LYS A 8 10.27 -56.71 10.17
C LYS A 8 10.09 -55.21 9.99
N TYR A 9 11.16 -54.51 9.66
CA TYR A 9 11.10 -53.06 9.56
C TYR A 9 11.97 -52.57 8.40
N ALA A 10 11.74 -51.31 8.02
CA ALA A 10 12.51 -50.64 6.96
C ALA A 10 12.72 -49.19 7.40
N ILE A 11 13.29 -48.37 6.51
CA ILE A 11 13.63 -47.00 6.85
C ILE A 11 13.06 -46.05 5.80
N ASP A 12 12.53 -44.92 6.26
CA ASP A 12 11.90 -43.89 5.44
C ASP A 12 12.92 -43.02 4.73
N PRO A 13 12.48 -42.27 3.71
CA PRO A 13 13.32 -41.19 3.18
C PRO A 13 13.53 -40.09 4.21
N THR A 14 12.70 -40.05 5.25
CA THR A 14 12.81 -39.12 6.34
C THR A 14 13.53 -39.73 7.53
N ASN A 15 14.21 -40.84 7.32
CA ASN A 15 15.00 -41.51 8.34
C ASN A 15 14.12 -42.07 9.45
N LYS A 16 12.91 -42.48 9.10
CA LYS A 16 11.93 -42.97 10.05
C LYS A 16 11.73 -44.46 9.84
N ILE A 17 11.61 -45.20 10.94
CA ILE A 17 11.43 -46.64 10.86
C ILE A 17 10.01 -46.96 10.42
N VAL A 18 9.88 -47.91 9.48
CA VAL A 18 8.61 -48.39 8.97
C VAL A 18 8.44 -49.83 9.45
N ILE A 19 7.44 -50.08 10.30
CA ILE A 19 7.17 -51.44 10.77
C ILE A 19 6.37 -52.14 9.68
N GLU A 20 6.98 -53.16 9.05
CA GLU A 20 6.35 -53.86 7.93
C GLU A 20 5.52 -55.06 8.36
N GLN A 21 6.06 -55.90 9.23
CA GLN A 21 5.36 -57.06 9.74
C GLN A 21 5.59 -57.18 11.23
N VAL A 22 4.59 -57.72 11.93
CA VAL A 22 4.73 -58.13 13.32
C VAL A 22 4.13 -59.52 13.44
N ASP A 23 4.89 -60.46 13.99
CA ASP A 23 4.46 -61.86 14.11
C ASP A 23 4.08 -62.45 12.77
N ASN A 24 4.86 -62.12 11.73
CA ASN A 24 4.66 -62.63 10.37
C ASN A 24 3.32 -62.23 9.78
N VAL A 25 2.73 -61.15 10.26
CA VAL A 25 1.49 -60.61 9.71
C VAL A 25 1.76 -59.17 9.28
N ASP A 26 1.32 -58.81 8.08
CA ASP A 26 1.57 -57.47 7.55
C ASP A 26 1.01 -56.42 8.50
N ALA A 27 1.78 -55.35 8.73
CA ALA A 27 1.46 -54.37 9.76
C ALA A 27 1.42 -52.97 9.17
N PHE A 28 0.69 -52.10 9.86
CA PHE A 28 0.63 -50.68 9.55
C PHE A 28 0.88 -49.91 10.82
N VAL A 29 1.96 -49.13 10.84
CA VAL A 29 2.31 -48.29 11.99
C VAL A 29 2.71 -46.92 11.47
N HIS A 30 1.88 -45.91 11.73
CA HIS A 30 2.05 -44.57 11.19
C HIS A 30 2.24 -43.58 12.33
N ILE A 31 3.41 -42.95 12.39
CA ILE A 31 3.78 -42.11 13.51
C ILE A 31 3.33 -40.67 13.25
N LEU A 32 2.69 -40.06 14.23
CA LEU A 32 2.27 -38.67 14.15
C LEU A 32 3.14 -37.80 15.05
N GLU A 33 3.41 -36.59 14.59
CA GLU A 33 4.19 -35.64 15.36
C GLU A 33 3.37 -35.16 16.56
N PRO A 34 4.05 -34.65 17.60
CA PRO A 34 3.32 -34.17 18.79
C PRO A 34 2.33 -33.08 18.44
N GLY A 35 1.07 -33.30 18.82
CA GLY A 35 0.03 -32.33 18.55
C GLY A 35 -0.37 -32.17 17.11
N GLN A 36 0.10 -33.03 16.23
CA GLN A 36 -0.19 -32.89 14.80
C GLN A 36 -1.66 -33.21 14.53
N GLU A 37 -2.24 -32.49 13.58
CA GLU A 37 -3.57 -32.80 13.09
C GLU A 37 -3.48 -33.25 11.64
N VAL A 38 -4.12 -34.39 11.35
CA VAL A 38 -4.20 -34.95 10.02
C VAL A 38 -5.65 -35.29 9.74
N PHE A 39 -6.01 -35.33 8.46
CA PHE A 39 -7.30 -35.83 8.05
C PHE A 39 -7.07 -36.87 6.94
N ASP A 40 -7.48 -38.11 7.20
CA ASP A 40 -7.33 -39.20 6.25
C ASP A 40 -8.26 -40.29 6.73
N GLU A 41 -9.37 -40.50 6.01
CA GLU A 41 -10.39 -41.43 6.44
C GLU A 41 -9.88 -42.86 6.53
N THR A 42 -8.80 -43.20 5.82
CA THR A 42 -8.20 -44.52 5.86
C THR A 42 -7.61 -44.85 7.24
N LEU A 43 -7.31 -43.84 8.05
CA LEU A 43 -6.69 -44.09 9.35
C LEU A 43 -7.68 -44.55 10.41
N SER A 44 -8.98 -44.32 10.23
CA SER A 44 -9.93 -44.60 11.29
C SER A 44 -10.17 -46.09 11.53
N GLN A 45 -9.83 -46.96 10.58
CA GLN A 45 -10.01 -48.40 10.78
C GLN A 45 -9.01 -49.00 11.76
N TYR A 46 -7.89 -48.32 12.03
CA TYR A 46 -6.79 -48.84 12.82
C TYR A 46 -6.90 -48.39 14.28
N HIS A 47 -6.05 -49.00 15.13
CA HIS A 47 -5.94 -48.57 16.52
C HIS A 47 -5.24 -47.23 16.60
N GLN A 48 -5.57 -46.45 17.62
CA GLN A 48 -4.88 -45.18 17.84
C GLN A 48 -4.49 -45.04 19.30
N PHE A 49 -3.23 -44.73 19.52
CA PHE A 49 -2.67 -44.35 20.81
C PHE A 49 -1.95 -43.03 20.55
N PRO A 50 -1.75 -42.19 21.59
CA PRO A 50 -1.16 -40.87 21.34
C PRO A 50 0.13 -40.94 20.54
N GLY A 51 0.12 -40.33 19.36
CA GLY A 51 1.29 -40.26 18.50
C GLY A 51 1.44 -41.36 17.46
N VAL A 52 0.49 -42.27 17.35
CA VAL A 52 0.64 -43.38 16.40
C VAL A 52 -0.75 -43.86 15.99
N VAL A 53 -0.87 -44.19 14.70
CA VAL A 53 -1.98 -44.98 14.16
C VAL A 53 -1.40 -46.34 13.81
N SER A 54 -1.92 -47.39 14.42
CA SER A 54 -1.25 -48.69 14.33
C SER A 54 -2.26 -49.80 14.11
N SER A 55 -1.89 -50.76 13.25
CA SER A 55 -2.68 -51.98 13.06
C SER A 55 -2.44 -53.01 14.14
N ILE A 56 -1.45 -52.80 15.00
CA ILE A 56 -1.07 -53.75 16.02
C ILE A 56 -1.25 -53.07 17.37
N ILE A 57 -1.79 -53.82 18.33
CA ILE A 57 -2.01 -53.28 19.66
C ILE A 57 -0.69 -53.13 20.39
N PHE A 58 -0.43 -51.94 20.88
CA PHE A 58 0.70 -51.72 21.77
C PHE A 58 0.21 -51.96 23.19
N PRO A 59 0.64 -53.01 23.86
CA PRO A 59 -0.03 -53.46 25.08
C PRO A 59 0.35 -52.65 26.30
N GLN A 60 -0.45 -52.83 27.34
CA GLN A 60 -0.23 -52.16 28.62
C GLN A 60 1.10 -52.54 29.23
N LEU A 61 1.84 -51.54 29.66
CA LEU A 61 3.10 -51.72 30.35
C LEU A 61 2.92 -51.38 31.82
N VAL A 62 3.99 -51.56 32.56
CA VAL A 62 4.00 -51.20 33.97
C VAL A 62 5.14 -50.21 34.17
N LEU A 63 4.88 -49.20 34.98
CA LEU A 63 5.94 -48.29 35.35
C LEU A 63 6.99 -49.06 36.15
N ASN A 64 8.25 -48.69 35.95
CA ASN A 64 9.46 -49.26 36.55
C ASN A 64 9.88 -50.60 35.97
N THR A 65 9.31 -51.05 34.85
CA THR A 65 9.86 -52.21 34.18
C THR A 65 10.87 -51.76 33.13
N ILE A 66 11.59 -52.73 32.57
CA ILE A 66 12.67 -52.47 31.61
C ILE A 66 12.18 -52.77 30.20
N ILE A 67 12.43 -51.86 29.27
CA ILE A 67 12.12 -52.04 27.87
C ILE A 67 13.43 -51.93 27.08
N SER A 68 13.39 -52.36 25.82
CA SER A 68 14.52 -52.26 24.91
C SER A 68 14.12 -51.51 23.64
N VAL A 69 15.00 -50.65 23.15
CA VAL A 69 14.77 -49.86 21.93
C VAL A 69 15.91 -50.10 20.95
N LEU A 70 15.56 -50.26 19.66
CA LEU A 70 16.58 -50.46 18.63
C LEU A 70 17.27 -49.13 18.33
N SER A 71 18.60 -49.12 18.44
CA SER A 71 19.45 -47.95 18.23
C SER A 71 19.94 -47.87 16.78
N GLU A 72 20.34 -46.65 16.38
CA GLU A 72 20.87 -46.47 15.03
C GLU A 72 22.12 -47.31 14.80
N ASP A 73 22.77 -47.77 15.86
CA ASP A 73 23.93 -48.65 15.79
C ASP A 73 23.55 -50.11 15.72
N GLY A 74 22.31 -50.43 15.33
CA GLY A 74 21.85 -51.79 15.28
C GLY A 74 21.79 -52.50 16.61
N SER A 75 22.15 -51.85 17.70
CA SER A 75 22.13 -52.43 19.03
C SER A 75 20.77 -52.21 19.70
N LEU A 76 20.56 -52.88 20.83
CA LEU A 76 19.41 -52.65 21.69
C LEU A 76 19.84 -51.85 22.91
N LEU A 77 19.11 -50.78 23.19
CA LEU A 77 19.34 -49.97 24.38
C LEU A 77 18.28 -50.28 25.43
N THR A 78 18.74 -50.63 26.64
CA THR A 78 17.82 -51.00 27.70
C THR A 78 17.55 -49.77 28.58
N LEU A 79 16.27 -49.51 28.82
CA LEU A 79 15.84 -48.32 29.53
C LEU A 79 14.74 -48.70 30.51
N LYS A 80 14.66 -47.94 31.59
CA LYS A 80 13.67 -48.15 32.62
C LYS A 80 12.57 -47.10 32.47
N LEU A 81 11.32 -47.53 32.59
CA LEU A 81 10.17 -46.65 32.45
C LEU A 81 9.95 -45.96 33.80
N GLU A 82 10.69 -44.87 34.05
CA GLU A 82 10.65 -44.18 35.35
C GLU A 82 9.80 -42.92 35.40
N ASN A 83 9.45 -42.34 34.28
CA ASN A 83 8.72 -41.08 34.25
C ASN A 83 7.41 -41.25 33.48
N THR A 84 6.71 -40.14 33.30
CA THR A 84 5.52 -40.11 32.47
C THR A 84 5.59 -38.86 31.60
N CYS A 85 4.77 -38.84 30.56
CA CYS A 85 4.78 -37.75 29.60
C CYS A 85 3.40 -37.68 28.96
N PHE A 86 2.92 -36.48 28.69
CA PHE A 86 1.63 -36.30 28.05
C PHE A 86 1.84 -35.97 26.57
N ASN A 87 1.19 -36.73 25.69
CA ASN A 87 1.26 -36.47 24.26
C ASN A 87 -0.13 -36.60 23.66
N PHE A 88 -0.29 -36.04 22.47
CA PHE A 88 -1.58 -36.14 21.81
C PHE A 88 -1.38 -35.92 20.31
N HIS A 89 -2.46 -36.19 19.59
CA HIS A 89 -2.59 -35.81 18.21
C HIS A 89 -4.08 -35.61 17.94
N VAL A 90 -4.39 -35.11 16.74
CA VAL A 90 -5.76 -35.03 16.26
C VAL A 90 -5.83 -35.76 14.93
N CYS A 91 -6.68 -36.79 14.84
CA CYS A 91 -6.82 -37.56 13.62
C CYS A 91 -8.30 -37.68 13.26
N ASN A 92 -8.66 -37.12 12.10
CA ASN A 92 -10.04 -37.08 11.63
C ASN A 92 -10.97 -36.49 12.68
N LYS A 93 -10.56 -35.32 13.19
CA LYS A 93 -11.31 -34.54 14.17
C LYS A 93 -11.49 -35.29 15.49
N ARG A 94 -10.59 -36.22 15.81
CA ARG A 94 -10.61 -36.90 17.09
C ARG A 94 -9.30 -36.65 17.80
N PHE A 95 -9.40 -35.93 18.91
CA PHE A 95 -8.31 -35.59 19.82
C PHE A 95 -7.99 -36.85 20.64
N VAL A 96 -6.82 -37.45 20.39
CA VAL A 96 -6.38 -38.68 21.05
C VAL A 96 -5.23 -38.31 21.97
N PHE A 97 -5.35 -38.62 23.25
CA PHE A 97 -4.40 -38.06 24.21
C PHE A 97 -4.16 -39.05 25.35
N GLY A 98 -3.15 -38.75 26.15
CA GLY A 98 -2.88 -39.52 27.35
C GLY A 98 -1.49 -39.28 27.88
N ASN A 99 -1.31 -39.70 29.14
CA ASN A 99 -0.01 -39.70 29.81
C ASN A 99 0.62 -41.06 29.64
N LEU A 100 1.82 -41.07 29.11
CA LEU A 100 2.51 -42.28 28.69
C LEU A 100 3.68 -42.58 29.61
N PRO A 101 3.97 -43.86 29.86
CA PRO A 101 5.22 -44.18 30.55
C PRO A 101 6.39 -43.74 29.68
N ALA A 102 7.45 -43.27 30.33
CA ALA A 102 8.55 -42.67 29.62
C ALA A 102 9.87 -43.04 30.27
N ALA A 103 10.89 -43.15 29.43
CA ALA A 103 12.27 -43.32 29.84
C ALA A 103 12.97 -41.96 29.74
N VAL A 104 14.20 -41.93 30.24
CA VAL A 104 15.02 -40.72 30.24
C VAL A 104 16.33 -41.02 29.52
N VAL A 105 16.72 -40.13 28.60
CA VAL A 105 17.94 -40.28 27.82
C VAL A 105 18.69 -38.96 27.78
N ASN A 106 20.00 -39.05 27.55
CA ASN A 106 20.81 -37.85 27.43
C ASN A 106 20.86 -37.45 25.96
N ASN A 107 21.56 -36.35 25.67
CA ASN A 107 21.61 -35.84 24.31
C ASN A 107 22.22 -36.85 23.36
N GLU A 108 23.31 -37.49 23.79
CA GLU A 108 23.99 -38.46 22.93
C GLU A 108 23.08 -39.62 22.58
N THR A 109 22.34 -40.12 23.56
CA THR A 109 21.48 -41.28 23.35
C THR A 109 20.29 -40.94 22.45
N LYS A 110 19.69 -39.78 22.64
CA LYS A 110 18.51 -39.41 21.85
C LYS A 110 18.84 -39.40 20.36
N GLN A 111 20.02 -38.94 20.00
CA GLN A 111 20.37 -38.79 18.60
C GLN A 111 20.59 -40.12 17.92
N LYS A 112 20.81 -41.18 18.68
CA LYS A 112 20.92 -42.51 18.12
C LYS A 112 19.58 -43.16 17.93
N LEU A 113 18.50 -42.45 18.17
CA LEU A 113 17.16 -43.04 18.10
C LEU A 113 16.38 -42.46 16.93
N ARG A 114 15.82 -43.34 16.10
CA ARG A 114 15.02 -42.88 15.00
C ARG A 114 13.54 -42.77 15.38
N ILE A 115 12.87 -41.78 14.82
CA ILE A 115 11.42 -41.68 14.97
C ILE A 115 10.87 -42.96 14.38
N GLY A 116 10.33 -43.82 15.22
CA GLY A 116 9.76 -45.06 14.76
C GLY A 116 10.48 -46.28 15.25
N ALA A 117 11.59 -46.09 15.97
CA ALA A 117 12.40 -47.20 16.44
C ALA A 117 11.53 -48.15 17.28
N PRO A 118 11.52 -49.44 16.97
CA PRO A 118 10.66 -50.35 17.71
C PRO A 118 11.11 -50.49 19.17
N ILE A 119 10.15 -50.66 20.07
CA ILE A 119 10.44 -50.81 21.49
C ILE A 119 9.92 -52.18 21.94
N PHE A 120 10.75 -52.91 22.65
CA PHE A 120 10.52 -54.31 22.98
C PHE A 120 10.42 -54.49 24.49
N ALA A 121 9.55 -55.40 24.90
CA ALA A 121 9.48 -55.88 26.28
C ALA A 121 9.54 -57.38 26.17
N GLY A 122 10.57 -57.98 26.78
CA GLY A 122 10.93 -59.33 26.41
C GLY A 122 11.50 -59.26 25.02
N LYS A 123 11.09 -60.17 24.15
CA LYS A 123 11.51 -60.12 22.76
C LYS A 123 10.31 -59.92 21.84
N LYS A 124 9.32 -59.17 22.34
CA LYS A 124 8.11 -58.84 21.61
C LYS A 124 7.96 -57.33 21.55
N LEU A 125 7.54 -56.85 20.39
CA LEU A 125 7.30 -55.43 20.18
C LEU A 125 6.16 -54.96 21.07
N VAL A 126 6.37 -53.85 21.79
CA VAL A 126 5.32 -53.26 22.62
C VAL A 126 5.03 -51.81 22.28
N SER A 127 5.87 -51.13 21.50
CA SER A 127 5.64 -49.72 21.19
C SER A 127 6.65 -49.30 20.13
N VAL A 128 6.58 -48.04 19.71
CA VAL A 128 7.56 -47.43 18.82
C VAL A 128 7.91 -46.05 19.35
N VAL A 129 9.11 -45.60 19.00
CA VAL A 129 9.51 -44.23 19.31
C VAL A 129 8.64 -43.27 18.51
N THR A 130 7.97 -42.36 19.20
CA THR A 130 7.09 -41.40 18.56
C THR A 130 7.52 -39.95 18.77
N ALA A 131 8.18 -39.63 19.88
CA ALA A 131 8.49 -38.25 20.20
C ALA A 131 9.58 -38.17 21.26
N PHE A 132 10.17 -36.98 21.38
CA PHE A 132 11.18 -36.65 22.38
C PHE A 132 10.78 -35.34 23.05
N HIS A 133 10.85 -35.29 24.38
CA HIS A 133 10.58 -34.07 25.14
C HIS A 133 11.81 -33.68 25.95
N ARG A 134 12.30 -32.47 25.73
CA ARG A 134 13.48 -31.98 26.43
C ARG A 134 13.12 -31.57 27.86
N VAL A 135 13.73 -32.23 28.84
CA VAL A 135 13.47 -31.91 30.24
C VAL A 135 14.69 -31.26 30.85
N GLY A 136 15.40 -30.46 30.06
CA GLY A 136 16.58 -29.76 30.52
C GLY A 136 17.80 -30.10 29.69
N GLU A 137 18.95 -29.68 30.19
CA GLU A 137 20.19 -29.85 29.47
C GLU A 137 20.67 -31.29 29.57
N ASN A 138 21.00 -31.89 28.43
CA ASN A 138 21.45 -33.28 28.34
C ASN A 138 20.42 -34.25 28.91
N GLU A 139 19.12 -33.93 28.79
CA GLU A 139 18.10 -34.81 29.33
C GLU A 139 16.83 -34.72 28.47
N TRP A 140 16.32 -35.87 28.06
CA TRP A 140 15.12 -35.97 27.24
C TRP A 140 14.20 -37.02 27.83
N LEU A 141 12.89 -36.80 27.67
CA LEU A 141 11.88 -37.79 28.01
C LEU A 141 11.48 -38.55 26.74
N LEU A 142 11.45 -39.88 26.84
CA LEU A 142 11.12 -40.75 25.70
C LEU A 142 9.81 -41.48 26.01
N PRO A 143 8.66 -40.97 25.55
CA PRO A 143 7.39 -41.64 25.83
C PRO A 143 7.27 -42.96 25.09
N VAL A 144 6.67 -43.94 25.77
CA VAL A 144 6.38 -45.24 25.20
C VAL A 144 4.86 -45.36 25.11
N THR A 145 4.30 -45.02 23.96
CA THR A 145 2.86 -44.96 23.82
C THR A 145 2.27 -46.35 23.64
N GLY A 146 1.02 -46.49 24.02
CA GLY A 146 0.33 -47.76 23.96
C GLY A 146 -0.88 -47.67 24.86
N ILE A 147 -1.45 -48.84 25.14
CA ILE A 147 -2.60 -48.89 26.02
C ILE A 147 -2.25 -48.29 27.37
N ARG A 148 -3.21 -47.54 27.91
CA ARG A 148 -3.03 -46.81 29.16
C ARG A 148 -2.41 -47.67 30.26
N GLU A 149 -1.31 -47.17 30.82
CA GLU A 149 -0.72 -47.80 32.00
C GLU A 149 -1.72 -47.71 33.14
N ALA A 150 -1.71 -48.73 34.00
CA ALA A 150 -2.80 -48.92 34.94
C ALA A 150 -3.07 -47.68 35.79
N SER A 151 -2.03 -46.94 36.14
CA SER A 151 -2.13 -45.79 37.03
C SER A 151 -2.33 -44.48 36.28
N GLN A 152 -2.39 -44.52 34.96
CA GLN A 152 -2.35 -43.33 34.13
C GLN A 152 -3.73 -43.02 33.57
N LEU A 153 -3.79 -42.09 32.64
CA LEU A 153 -5.03 -41.75 31.98
C LEU A 153 -4.83 -41.73 30.46
N SER A 154 -5.89 -42.09 29.75
CA SER A 154 -5.95 -42.00 28.31
C SER A 154 -7.36 -41.61 27.92
N GLY A 155 -7.52 -41.19 26.67
CA GLY A 155 -8.85 -40.83 26.25
C GLY A 155 -8.85 -40.21 24.88
N HIS A 156 -10.06 -39.88 24.44
CA HIS A 156 -10.24 -39.17 23.18
C HIS A 156 -11.51 -38.32 23.24
N MET A 157 -11.61 -37.36 22.32
CA MET A 157 -12.82 -36.58 22.21
C MET A 157 -12.90 -35.99 20.81
N LYS A 158 -14.13 -35.87 20.32
CA LYS A 158 -14.37 -35.31 19.00
C LYS A 158 -14.22 -33.80 19.11
N VAL A 159 -13.31 -33.22 18.31
CA VAL A 159 -13.05 -31.79 18.33
C VAL A 159 -13.28 -31.29 16.91
N LEU A 160 -14.40 -30.60 16.70
CA LEU A 160 -14.73 -30.13 15.37
C LEU A 160 -13.78 -29.04 14.92
N ASN A 161 -13.25 -28.27 15.86
CA ASN A 161 -12.44 -27.10 15.55
C ASN A 161 -11.02 -27.26 16.10
N GLY A 162 -10.54 -28.51 16.13
CA GLY A 162 -9.20 -28.81 16.57
C GLY A 162 -8.99 -28.64 18.06
N VAL A 163 -7.71 -28.62 18.41
CA VAL A 163 -7.25 -28.42 19.78
C VAL A 163 -6.39 -27.17 19.78
N ARG A 164 -6.84 -26.15 20.50
CA ARG A 164 -6.07 -24.93 20.64
C ARG A 164 -5.26 -25.01 21.93
N VAL A 165 -3.94 -24.98 21.81
CA VAL A 165 -3.03 -25.16 22.94
C VAL A 165 -2.54 -23.80 23.39
N GLU A 166 -2.63 -23.54 24.69
CA GLU A 166 -2.31 -22.25 25.25
C GLU A 166 -1.37 -22.46 26.42
N LYS A 167 -0.30 -21.66 26.47
CA LYS A 167 0.55 -21.66 27.65
C LYS A 167 -0.24 -21.20 28.87
N TRP A 168 -0.11 -21.95 29.97
CA TRP A 168 -0.86 -21.67 31.19
C TRP A 168 -0.01 -20.76 32.06
N ARG A 169 -0.52 -19.54 32.27
CA ARG A 169 0.19 -18.48 32.96
C ARG A 169 0.07 -18.57 34.48
N PRO A 170 1.07 -18.08 35.21
CA PRO A 170 0.99 -18.09 36.68
C PRO A 170 -0.18 -17.25 37.22
N ASN A 171 -0.73 -17.74 38.33
CA ASN A 171 -1.80 -17.13 39.12
C ASN A 171 -3.18 -17.22 38.47
N MET A 172 -3.32 -17.96 37.37
CA MET A 172 -4.58 -18.02 36.63
C MET A 172 -5.30 -19.34 36.91
N SER A 173 -6.60 -19.25 37.15
CA SER A 173 -7.48 -20.41 37.15
C SER A 173 -8.10 -20.53 35.76
N VAL A 174 -8.75 -21.65 35.49
CA VAL A 174 -9.22 -21.97 34.14
C VAL A 174 -10.73 -22.20 34.18
N TYR A 175 -11.43 -21.55 33.26
CA TYR A 175 -12.81 -21.90 32.97
C TYR A 175 -12.98 -21.81 31.47
N GLY A 176 -13.41 -22.91 30.86
CA GLY A 176 -13.77 -22.89 29.46
C GLY A 176 -12.63 -22.43 28.59
N THR A 177 -12.82 -21.29 27.92
CA THR A 177 -11.84 -20.79 26.98
C THR A 177 -10.89 -19.77 27.57
N VAL A 178 -11.03 -19.44 28.86
CA VAL A 178 -10.25 -18.37 29.46
C VAL A 178 -9.48 -18.88 30.67
N GLN A 179 -8.39 -18.18 30.95
CA GLN A 179 -7.68 -18.31 32.20
C GLN A 179 -7.69 -16.94 32.84
N LEU A 180 -8.18 -16.87 34.08
CA LEU A 180 -8.38 -15.63 34.79
C LEU A 180 -8.13 -15.89 36.26
N PRO A 181 -8.02 -14.85 37.08
CA PRO A 181 -7.92 -15.07 38.53
C PRO A 181 -9.13 -15.84 39.06
N TYR A 182 -8.91 -16.51 40.19
CA TYR A 182 -9.93 -17.42 40.73
C TYR A 182 -11.22 -16.70 41.04
N ASP A 183 -11.15 -15.54 41.71
CA ASP A 183 -12.36 -14.83 42.09
C ASP A 183 -13.18 -14.46 40.86
N LYS A 184 -12.51 -14.20 39.74
CA LYS A 184 -13.21 -13.90 38.50
C LYS A 184 -13.80 -15.15 37.88
N ILE A 185 -13.01 -16.24 37.82
CA ILE A 185 -13.49 -17.51 37.29
C ILE A 185 -14.69 -17.99 38.09
N LYS A 186 -14.66 -17.79 39.41
CA LYS A 186 -15.80 -18.20 40.23
C LYS A 186 -17.05 -17.42 39.86
N GLN A 187 -16.93 -16.11 39.65
CA GLN A 187 -18.08 -15.34 39.22
C GLN A 187 -18.52 -15.74 37.81
N HIS A 188 -17.56 -15.93 36.91
CA HIS A 188 -17.86 -16.28 35.52
C HIS A 188 -18.55 -17.63 35.41
N ALA A 189 -18.09 -18.63 36.16
CA ALA A 189 -18.68 -19.96 36.09
C ALA A 189 -20.12 -19.94 36.55
N LEU A 190 -20.36 -19.28 37.69
CA LEU A 190 -21.71 -19.12 38.19
C LEU A 190 -22.53 -18.20 37.30
N GLU A 191 -21.86 -17.45 36.42
CA GLU A 191 -22.54 -16.56 35.48
C GLU A 191 -22.96 -17.27 34.20
N GLN A 192 -22.18 -18.24 33.74
CA GLN A 192 -22.35 -18.73 32.39
C GLN A 192 -23.55 -19.66 32.27
N GLU A 193 -24.33 -19.44 31.21
CA GLU A 193 -25.34 -20.37 30.78
C GLU A 193 -25.04 -20.78 29.35
N ASN A 194 -25.61 -21.90 28.94
CA ASN A 194 -25.39 -22.39 27.59
C ASN A 194 -26.26 -21.58 26.64
N LYS A 195 -25.81 -20.34 26.37
CA LYS A 195 -26.63 -19.42 25.59
C LYS A 195 -25.79 -18.50 24.70
N THR A 196 -24.58 -18.90 24.33
CA THR A 196 -23.75 -18.03 23.51
C THR A 196 -24.33 -17.94 22.11
N PRO A 197 -24.51 -16.73 21.55
CA PRO A 197 -25.08 -16.59 20.21
C PRO A 197 -24.09 -17.13 19.18
N ASN A 198 -24.57 -17.98 18.29
CA ASN A 198 -23.71 -18.61 17.30
C ASN A 198 -22.55 -19.31 17.99
N ALA A 199 -22.90 -20.08 19.03
CA ALA A 199 -21.92 -20.75 19.87
C ALA A 199 -21.28 -21.90 19.11
N LEU A 200 -19.97 -21.78 18.89
CA LEU A 200 -19.15 -22.83 18.31
C LEU A 200 -18.51 -23.67 19.39
N GLU A 201 -18.30 -24.94 19.09
CA GLU A 201 -17.62 -25.82 20.01
C GLU A 201 -16.11 -25.57 19.98
N SER A 202 -15.47 -25.76 21.13
CA SER A 202 -14.04 -25.52 21.27
C SER A 202 -13.43 -26.56 22.20
N CYS A 203 -12.13 -26.80 22.03
CA CYS A 203 -11.31 -27.58 22.94
C CYS A 203 -10.03 -26.80 23.20
N VAL A 204 -9.72 -26.58 24.47
CA VAL A 204 -8.54 -25.82 24.86
C VAL A 204 -7.68 -26.68 25.77
N LEU A 205 -6.38 -26.67 25.49
CA LEU A 205 -5.38 -27.34 26.31
C LEU A 205 -4.46 -26.26 26.87
N PHE A 206 -4.52 -26.04 28.18
CA PHE A 206 -3.58 -25.15 28.85
C PHE A 206 -2.48 -25.97 29.49
N TYR A 207 -1.24 -25.50 29.38
CA TYR A 207 -0.13 -26.29 29.88
C TYR A 207 0.88 -25.48 30.68
N LYS A 208 1.31 -26.06 31.80
CA LYS A 208 2.51 -25.68 32.52
C LYS A 208 3.37 -26.94 32.64
N ASP A 209 4.58 -26.77 33.18
CA ASP A 209 5.54 -27.88 33.28
C ASP A 209 4.96 -29.08 34.04
N SER A 210 4.15 -28.82 35.06
CA SER A 210 3.69 -29.86 35.96
C SER A 210 2.31 -30.38 35.66
N GLU A 211 1.45 -29.60 35.02
CA GLU A 211 0.03 -29.88 34.92
C GLU A 211 -0.54 -29.43 33.58
N ILE A 212 -1.57 -30.15 33.12
CA ILE A 212 -2.24 -29.90 31.86
C ILE A 212 -3.73 -29.73 32.18
N ARG A 213 -4.39 -28.80 31.49
CA ARG A 213 -5.82 -28.61 31.64
C ARG A 213 -6.49 -28.72 30.29
N ILE A 214 -7.53 -29.53 30.18
CA ILE A 214 -8.31 -29.63 28.96
C ILE A 214 -9.74 -29.22 29.26
N THR A 215 -10.28 -28.30 28.49
CA THR A 215 -11.68 -27.94 28.58
C THR A 215 -12.38 -28.20 27.25
N TYR A 216 -13.64 -28.62 27.31
CA TYR A 216 -14.50 -28.79 26.14
C TYR A 216 -15.70 -27.85 26.27
N ASN A 217 -15.90 -26.96 25.30
CA ASN A 217 -16.83 -25.84 25.44
C ASN A 217 -17.78 -25.75 24.26
N LYS A 218 -18.94 -25.14 24.52
CA LYS A 218 -19.86 -24.69 23.49
C LYS A 218 -19.97 -23.18 23.63
N GLY A 219 -19.43 -22.44 22.67
CA GLY A 219 -19.28 -21.02 22.87
C GLY A 219 -18.41 -20.75 24.08
N ASP A 220 -18.89 -19.89 24.97
CA ASP A 220 -18.17 -19.56 26.19
C ASP A 220 -18.53 -20.48 27.35
N TYR A 221 -19.46 -21.39 27.13
CA TYR A 221 -19.97 -22.24 28.19
C TYR A 221 -19.11 -23.49 28.29
N GLU A 222 -18.58 -23.73 29.48
CA GLU A 222 -17.71 -24.87 29.71
C GLU A 222 -18.54 -26.11 29.97
N ILE A 223 -18.30 -27.15 29.18
CA ILE A 223 -18.95 -28.43 29.39
C ILE A 223 -18.08 -29.38 30.21
N MET A 224 -16.76 -29.30 30.05
CA MET A 224 -15.88 -30.23 30.73
C MET A 224 -14.58 -29.53 31.06
N HIS A 225 -14.01 -29.90 32.20
CA HIS A 225 -12.71 -29.41 32.65
C HIS A 225 -11.97 -30.59 33.24
N LEU A 226 -10.81 -30.93 32.69
CA LEU A 226 -10.01 -32.06 33.14
C LEU A 226 -8.62 -31.57 33.53
N ARG A 227 -8.14 -32.02 34.69
CA ARG A 227 -6.81 -31.69 35.21
C ARG A 227 -5.95 -32.95 35.30
N MET A 228 -4.71 -32.88 34.83
CA MET A 228 -3.92 -34.09 34.65
C MET A 228 -2.44 -33.73 34.75
N PRO A 229 -1.57 -34.71 34.96
CA PRO A 229 -0.14 -34.41 35.08
C PRO A 229 0.48 -33.99 33.76
N GLY A 230 1.58 -33.25 33.88
CA GLY A 230 2.41 -32.92 32.73
C GLY A 230 3.67 -33.76 32.67
N PRO A 231 4.63 -33.36 31.82
CA PRO A 231 4.58 -32.23 30.91
C PRO A 231 4.01 -32.55 29.53
N LEU A 232 3.83 -31.50 28.73
CA LEU A 232 3.37 -31.60 27.36
C LEU A 232 4.59 -31.66 26.45
N ILE A 233 4.46 -32.41 25.36
CA ILE A 233 5.49 -32.43 24.33
C ILE A 233 5.09 -31.38 23.30
N GLN A 234 5.96 -30.41 23.09
CA GLN A 234 5.66 -29.29 22.19
C GLN A 234 5.28 -29.71 20.77
N MET B 2 -15.78 -28.87 69.90
CA MET B 2 -14.47 -29.17 70.47
C MET B 2 -13.39 -28.62 69.58
N GLU B 3 -12.15 -28.72 70.04
CA GLU B 3 -11.00 -28.23 69.30
C GLU B 3 -10.00 -29.35 69.09
N LEU B 4 -9.23 -29.23 68.01
CA LEU B 4 -8.09 -30.11 67.74
C LEU B 4 -7.24 -29.41 66.70
N TYR B 5 -5.97 -29.15 67.04
CA TYR B 5 -5.08 -28.43 66.13
C TYR B 5 -5.70 -27.10 65.72
N ASN B 6 -5.89 -26.88 64.42
CA ASN B 6 -6.33 -25.59 63.93
C ASN B 6 -7.83 -25.54 63.62
N ILE B 7 -8.63 -26.45 64.17
CA ILE B 7 -10.04 -26.53 63.84
C ILE B 7 -10.89 -26.58 65.11
N LYS B 8 -12.18 -26.28 64.94
CA LYS B 8 -13.22 -26.51 65.94
C LYS B 8 -14.30 -27.34 65.27
N TYR B 9 -14.82 -28.34 65.99
CA TYR B 9 -15.73 -29.31 65.37
C TYR B 9 -16.85 -29.71 66.32
N ALA B 10 -17.87 -30.35 65.74
CA ALA B 10 -19.03 -30.85 66.48
C ALA B 10 -19.50 -32.16 65.85
N ILE B 11 -20.63 -32.66 66.32
CA ILE B 11 -21.17 -33.95 65.90
C ILE B 11 -22.63 -33.77 65.49
N ASP B 12 -23.00 -34.41 64.37
CA ASP B 12 -24.33 -34.37 63.79
C ASP B 12 -25.30 -35.30 64.51
N PRO B 13 -26.60 -35.13 64.29
CA PRO B 13 -27.55 -36.16 64.73
C PRO B 13 -27.33 -37.48 64.02
N THR B 14 -26.62 -37.47 62.89
CA THR B 14 -26.30 -38.68 62.15
C THR B 14 -24.91 -39.19 62.45
N ASN B 15 -24.29 -38.72 63.54
CA ASN B 15 -22.95 -39.12 63.96
C ASN B 15 -21.89 -38.69 62.96
N LYS B 16 -22.09 -37.54 62.33
CA LYS B 16 -21.18 -37.03 61.33
C LYS B 16 -20.50 -35.78 61.88
N ILE B 17 -19.20 -35.64 61.62
CA ILE B 17 -18.43 -34.50 62.12
C ILE B 17 -18.76 -33.25 61.31
N VAL B 18 -18.98 -32.15 62.00
CA VAL B 18 -19.26 -30.83 61.41
C VAL B 18 -18.07 -29.93 61.72
N ILE B 19 -17.38 -29.45 60.69
CA ILE B 19 -16.28 -28.51 60.90
C ILE B 19 -16.88 -27.12 61.09
N GLU B 20 -16.62 -26.50 62.24
CA GLU B 20 -17.25 -25.24 62.56
C GLU B 20 -16.37 -24.03 62.22
N GLN B 21 -15.06 -24.14 62.44
CA GLN B 21 -14.16 -23.09 62.02
C GLN B 21 -12.80 -23.70 61.79
N VAL B 22 -12.04 -23.09 60.88
CA VAL B 22 -10.65 -23.46 60.65
C VAL B 22 -9.82 -22.19 60.69
N ASP B 23 -8.77 -22.21 61.51
CA ASP B 23 -7.93 -21.04 61.75
C ASP B 23 -8.75 -19.88 62.30
N ASN B 24 -9.70 -20.18 63.18
CA ASN B 24 -10.56 -19.19 63.83
C ASN B 24 -11.40 -18.41 62.85
N VAL B 25 -11.67 -18.98 61.69
CA VAL B 25 -12.54 -18.40 60.68
C VAL B 25 -13.68 -19.38 60.45
N ASP B 26 -14.91 -18.87 60.45
CA ASP B 26 -16.07 -19.74 60.31
C ASP B 26 -15.97 -20.56 59.02
N ALA B 27 -16.30 -21.84 59.11
CA ALA B 27 -16.10 -22.78 58.01
C ALA B 27 -17.41 -23.47 57.66
N PHE B 28 -17.48 -23.95 56.43
CA PHE B 28 -18.59 -24.73 55.92
C PHE B 28 -17.98 -25.96 55.28
N VAL B 29 -18.30 -27.14 55.79
CA VAL B 29 -17.81 -28.38 55.22
C VAL B 29 -18.98 -29.37 55.15
N HIS B 30 -19.44 -29.67 53.95
CA HIS B 30 -20.63 -30.48 53.70
C HIS B 30 -20.24 -31.73 52.95
N ILE B 31 -20.37 -32.87 53.57
CA ILE B 31 -19.88 -34.12 52.99
C ILE B 31 -20.99 -34.75 52.19
N LEU B 32 -20.69 -35.15 50.95
CA LEU B 32 -21.65 -35.82 50.10
C LEU B 32 -21.29 -37.30 49.96
N GLU B 33 -22.32 -38.14 49.92
CA GLU B 33 -22.11 -39.57 49.80
C GLU B 33 -21.57 -39.90 48.42
N PRO B 34 -20.90 -41.04 48.28
CA PRO B 34 -20.33 -41.41 46.97
C PRO B 34 -21.37 -41.46 45.87
N GLY B 35 -21.12 -40.69 44.82
CA GLY B 35 -22.04 -40.62 43.70
C GLY B 35 -23.34 -39.91 43.97
N GLN B 36 -23.47 -39.22 45.09
CA GLN B 36 -24.74 -38.58 45.42
C GLN B 36 -24.98 -37.39 44.51
N GLU B 37 -26.24 -37.22 44.09
CA GLU B 37 -26.65 -36.03 43.38
C GLU B 37 -27.54 -35.18 44.27
N VAL B 38 -27.16 -33.92 44.42
CA VAL B 38 -27.91 -32.95 45.20
C VAL B 38 -28.12 -31.73 44.33
N PHE B 39 -29.16 -30.96 44.64
CA PHE B 39 -29.36 -29.66 44.04
C PHE B 39 -29.62 -28.66 45.16
N ASP B 40 -28.77 -27.64 45.24
CA ASP B 40 -28.90 -26.58 46.24
C ASP B 40 -28.04 -25.44 45.76
N GLU B 41 -28.66 -24.37 45.29
CA GLU B 41 -27.91 -23.28 44.66
C GLU B 41 -26.93 -22.61 45.63
N THR B 42 -27.16 -22.73 46.93
CA THR B 42 -26.27 -22.18 47.95
C THR B 42 -24.90 -22.86 47.97
N LEU B 43 -24.78 -24.08 47.44
CA LEU B 43 -23.51 -24.79 47.44
C LEU B 43 -22.52 -24.32 46.38
N SER B 44 -22.99 -23.64 45.32
CA SER B 44 -22.12 -23.32 44.20
C SER B 44 -21.06 -22.26 44.52
N GLN B 45 -21.23 -21.48 45.60
CA GLN B 45 -20.24 -20.46 45.97
C GLN B 45 -18.96 -21.05 46.57
N TYR B 46 -18.99 -22.28 47.05
CA TYR B 46 -17.89 -22.88 47.77
C TYR B 46 -16.98 -23.71 46.86
N HIS B 47 -15.86 -24.15 47.41
CA HIS B 47 -14.98 -25.07 46.72
C HIS B 47 -15.62 -26.44 46.67
N GLN B 48 -15.28 -27.21 45.65
CA GLN B 48 -15.77 -28.57 45.57
C GLN B 48 -14.65 -29.51 45.14
N PHE B 49 -14.48 -30.56 45.92
CA PHE B 49 -13.60 -31.68 45.64
C PHE B 49 -14.47 -32.92 45.78
N PRO B 50 -14.09 -34.05 45.16
CA PRO B 50 -14.97 -35.22 45.19
C PRO B 50 -15.41 -35.60 46.59
N GLY B 51 -16.71 -35.57 46.83
CA GLY B 51 -17.29 -35.97 48.10
C GLY B 51 -17.48 -34.87 49.11
N VAL B 52 -17.19 -33.62 48.78
CA VAL B 52 -17.30 -32.57 49.78
C VAL B 52 -17.52 -31.24 49.09
N VAL B 53 -18.37 -30.42 49.69
CA VAL B 53 -18.51 -29.00 49.39
C VAL B 53 -17.90 -28.26 50.58
N SER B 54 -16.88 -27.46 50.34
CA SER B 54 -16.09 -26.93 51.44
C SER B 54 -15.77 -25.46 51.22
N SER B 55 -15.87 -24.67 52.30
CA SER B 55 -15.44 -23.28 52.28
C SER B 55 -13.94 -23.13 52.43
N ILE B 56 -13.23 -24.20 52.74
CA ILE B 56 -11.79 -24.14 52.97
C ILE B 56 -11.11 -25.06 51.97
N ILE B 57 -9.96 -24.64 51.47
CA ILE B 57 -9.23 -25.42 50.48
C ILE B 57 -8.56 -26.62 51.14
N PHE B 58 -8.82 -27.80 50.61
CA PHE B 58 -8.10 -29.00 50.98
C PHE B 58 -6.90 -29.12 50.06
N PRO B 59 -5.68 -28.95 50.54
CA PRO B 59 -4.53 -28.73 49.67
C PRO B 59 -4.00 -30.03 49.08
N GLN B 60 -3.16 -29.86 48.07
CA GLN B 60 -2.51 -30.99 47.41
C GLN B 60 -1.63 -31.76 48.39
N LEU B 61 -1.77 -33.07 48.39
CA LEU B 61 -0.95 -33.96 49.20
C LEU B 61 0.01 -34.73 48.28
N VAL B 62 0.85 -35.54 48.89
CA VAL B 62 1.79 -36.39 48.16
C VAL B 62 1.53 -37.83 48.54
N LEU B 63 1.57 -38.70 47.54
CA LEU B 63 1.39 -40.12 47.77
C LEU B 63 2.56 -40.67 48.59
N ASN B 64 2.24 -41.61 49.50
CA ASN B 64 3.16 -42.28 50.43
C ASN B 64 3.63 -41.40 51.58
N THR B 65 3.01 -40.24 51.79
CA THR B 65 3.25 -39.46 53.00
C THR B 65 2.27 -39.88 54.09
N ILE B 66 2.51 -39.40 55.31
CA ILE B 66 1.74 -39.82 56.49
C ILE B 66 0.77 -38.72 56.87
N ILE B 67 -0.48 -39.12 57.14
CA ILE B 67 -1.50 -38.21 57.63
C ILE B 67 -2.03 -38.77 58.95
N SER B 68 -2.77 -37.94 59.68
CA SER B 68 -3.39 -38.33 60.94
C SER B 68 -4.90 -38.08 60.85
N VAL B 69 -5.69 -39.00 61.41
CA VAL B 69 -7.15 -38.92 61.36
C VAL B 69 -7.70 -38.92 62.78
N LEU B 70 -8.71 -38.08 63.03
CA LEU B 70 -9.36 -38.04 64.33
C LEU B 70 -10.25 -39.27 64.54
N SER B 71 -10.01 -39.96 65.65
CA SER B 71 -10.73 -41.17 66.03
C SER B 71 -11.95 -40.83 66.87
N GLU B 72 -12.87 -41.80 67.00
CA GLU B 72 -14.03 -41.59 67.85
C GLU B 72 -13.61 -41.28 69.28
N ASP B 73 -12.52 -41.89 69.74
CA ASP B 73 -12.08 -41.67 71.11
C ASP B 73 -11.24 -40.41 71.27
N GLY B 74 -11.16 -39.58 70.24
CA GLY B 74 -10.45 -38.32 70.33
C GLY B 74 -8.97 -38.40 70.06
N SER B 75 -8.40 -39.60 69.97
CA SER B 75 -6.99 -39.74 69.64
C SER B 75 -6.78 -39.65 68.12
N LEU B 76 -5.52 -39.50 67.72
CA LEU B 76 -5.14 -39.39 66.32
C LEU B 76 -4.55 -40.71 65.83
N LEU B 77 -5.07 -41.21 64.71
CA LEU B 77 -4.58 -42.42 64.08
C LEU B 77 -3.72 -42.01 62.89
N THR B 78 -2.51 -42.55 62.81
CA THR B 78 -1.59 -42.20 61.73
C THR B 78 -1.69 -43.22 60.60
N LEU B 79 -1.84 -42.73 59.37
CA LEU B 79 -2.05 -43.57 58.21
C LEU B 79 -1.18 -43.06 57.06
N LYS B 80 -0.78 -43.99 56.19
CA LYS B 80 0.08 -43.69 55.06
C LYS B 80 -0.76 -43.67 53.79
N LEU B 81 -0.58 -42.65 52.97
CA LEU B 81 -1.34 -42.52 51.72
C LEU B 81 -0.67 -43.35 50.63
N GLU B 82 -0.93 -44.66 50.65
CA GLU B 82 -0.25 -45.54 49.70
C GLU B 82 -1.10 -45.98 48.51
N ASN B 83 -2.40 -45.80 48.55
CA ASN B 83 -3.29 -46.27 47.50
C ASN B 83 -4.06 -45.10 46.89
N THR B 84 -4.92 -45.44 45.94
CA THR B 84 -5.81 -44.47 45.32
C THR B 84 -7.18 -45.10 45.14
N CYS B 85 -8.17 -44.26 44.91
CA CYS B 85 -9.50 -44.74 44.56
C CYS B 85 -10.29 -43.60 43.95
N PHE B 86 -11.27 -43.94 43.11
CA PHE B 86 -12.07 -42.96 42.41
C PHE B 86 -13.39 -42.69 43.14
N ASN B 87 -13.70 -41.41 43.33
CA ASN B 87 -14.96 -41.00 43.90
C ASN B 87 -15.51 -39.81 43.13
N PHE B 88 -16.81 -39.57 43.29
CA PHE B 88 -17.45 -38.45 42.64
C PHE B 88 -18.74 -38.09 43.37
N HIS B 89 -19.30 -36.96 42.98
CA HIS B 89 -20.65 -36.55 43.32
C HIS B 89 -21.17 -35.70 42.17
N VAL B 90 -22.45 -35.36 42.23
CA VAL B 90 -23.05 -34.41 41.30
C VAL B 90 -23.75 -33.33 42.13
N CYS B 91 -23.32 -32.09 41.95
CA CYS B 91 -23.90 -30.97 42.67
C CYS B 91 -24.32 -29.93 41.66
N ASN B 92 -25.62 -29.62 41.65
CA ASN B 92 -26.23 -28.65 40.75
C ASN B 92 -25.87 -28.95 39.29
N LYS B 93 -26.11 -30.20 38.91
CA LYS B 93 -25.88 -30.68 37.55
C LYS B 93 -24.43 -30.55 37.14
N ARG B 94 -23.53 -30.69 38.11
CA ARG B 94 -22.10 -30.66 37.84
C ARG B 94 -21.44 -31.88 38.46
N PHE B 95 -20.98 -32.78 37.59
CA PHE B 95 -20.28 -34.02 37.90
C PHE B 95 -18.85 -33.70 38.32
N VAL B 96 -18.54 -33.88 39.61
CA VAL B 96 -17.23 -33.56 40.19
C VAL B 96 -16.57 -34.87 40.58
N PHE B 97 -15.38 -35.13 40.06
CA PHE B 97 -14.79 -36.46 40.16
C PHE B 97 -13.28 -36.37 40.25
N GLY B 98 -12.66 -37.49 40.57
CA GLY B 98 -11.21 -37.57 40.55
C GLY B 98 -10.73 -38.77 41.32
N ASN B 99 -9.44 -39.08 41.11
CA ASN B 99 -8.76 -40.14 41.85
C ASN B 99 -8.05 -39.53 43.04
N LEU B 100 -8.35 -40.02 44.20
CA LEU B 100 -7.88 -39.45 45.44
C LEU B 100 -6.85 -40.34 46.10
N PRO B 101 -5.86 -39.77 46.80
CA PRO B 101 -5.00 -40.61 47.63
C PRO B 101 -5.83 -41.27 48.71
N ALA B 102 -5.44 -42.48 49.07
CA ALA B 102 -6.23 -43.27 50.00
C ALA B 102 -5.30 -44.04 50.92
N ALA B 103 -5.78 -44.26 52.13
CA ALA B 103 -5.15 -45.15 53.09
C ALA B 103 -5.92 -46.47 53.11
N VAL B 104 -5.37 -47.45 53.83
CA VAL B 104 -5.97 -48.76 53.98
C VAL B 104 -6.19 -49.00 55.47
N VAL B 105 -7.41 -49.41 55.83
CA VAL B 105 -7.78 -49.65 57.23
C VAL B 105 -8.52 -50.98 57.33
N ASN B 106 -8.47 -51.57 58.53
CA ASN B 106 -9.22 -52.78 58.80
C ASN B 106 -10.58 -52.43 59.38
N ASN B 107 -11.39 -53.46 59.69
CA ASN B 107 -12.74 -53.22 60.17
C ASN B 107 -12.72 -52.44 61.47
N GLU B 108 -11.88 -52.86 62.41
CA GLU B 108 -11.81 -52.21 63.70
C GLU B 108 -11.52 -50.72 63.56
N THR B 109 -10.61 -50.36 62.68
CA THR B 109 -10.26 -48.96 62.52
C THR B 109 -11.35 -48.20 61.77
N LYS B 110 -11.92 -48.80 60.74
CA LYS B 110 -12.99 -48.12 59.99
C LYS B 110 -14.14 -47.75 60.91
N GLN B 111 -14.47 -48.62 61.85
CA GLN B 111 -15.60 -48.39 62.73
C GLN B 111 -15.32 -47.28 63.74
N LYS B 112 -14.05 -46.96 63.97
CA LYS B 112 -13.67 -45.87 64.84
C LYS B 112 -13.64 -44.54 64.10
N LEU B 113 -14.03 -44.52 62.84
CA LEU B 113 -13.96 -43.33 62.01
C LEU B 113 -15.36 -42.88 61.63
N ARG B 114 -15.66 -41.61 61.92
CA ARG B 114 -16.92 -41.03 61.53
C ARG B 114 -16.76 -40.34 60.20
N ILE B 115 -17.81 -40.37 59.39
CA ILE B 115 -17.84 -39.56 58.18
C ILE B 115 -17.70 -38.12 58.60
N GLY B 116 -16.67 -37.45 58.10
CA GLY B 116 -16.42 -36.06 58.42
C GLY B 116 -15.20 -35.87 59.27
N ALA B 117 -14.60 -36.96 59.73
CA ALA B 117 -13.46 -36.89 60.64
C ALA B 117 -12.34 -36.05 60.03
N PRO B 118 -11.84 -35.06 60.75
CA PRO B 118 -10.80 -34.20 60.17
C PRO B 118 -9.51 -34.97 59.96
N ILE B 119 -8.81 -34.65 58.88
CA ILE B 119 -7.55 -35.29 58.53
C ILE B 119 -6.47 -34.21 58.49
N PHE B 120 -5.34 -34.49 59.12
CA PHE B 120 -4.30 -33.53 59.41
C PHE B 120 -2.98 -33.94 58.76
N ALA B 121 -2.24 -32.97 58.26
CA ALA B 121 -0.84 -33.19 57.88
C ALA B 121 -0.02 -32.01 58.38
N GLY B 122 0.92 -32.27 59.27
CA GLY B 122 1.67 -31.20 59.91
C GLY B 122 0.86 -30.30 60.83
N LYS B 123 -0.04 -30.85 61.62
CA LYS B 123 -0.84 -30.13 62.60
C LYS B 123 -1.81 -29.14 61.95
N LYS B 124 -2.10 -29.31 60.67
CA LYS B 124 -3.05 -28.47 59.96
C LYS B 124 -4.04 -29.37 59.23
N LEU B 125 -5.31 -28.95 59.23
CA LEU B 125 -6.33 -29.69 58.52
C LEU B 125 -6.04 -29.70 57.04
N VAL B 126 -6.09 -30.88 56.43
CA VAL B 126 -5.89 -31.01 54.99
C VAL B 126 -7.05 -31.68 54.27
N SER B 127 -7.98 -32.32 54.98
CA SER B 127 -9.06 -33.07 54.37
C SER B 127 -10.04 -33.50 55.45
N VAL B 128 -11.08 -34.22 55.05
CA VAL B 128 -12.02 -34.85 55.98
C VAL B 128 -12.36 -36.24 55.44
N VAL B 129 -12.76 -37.14 56.34
CA VAL B 129 -13.25 -38.44 55.93
C VAL B 129 -14.55 -38.26 55.16
N THR B 130 -14.61 -38.81 53.94
CA THR B 130 -15.78 -38.69 53.10
C THR B 130 -16.42 -40.01 52.74
N ALA B 131 -15.65 -41.10 52.66
CA ALA B 131 -16.17 -42.37 52.18
C ALA B 131 -15.27 -43.52 52.60
N PHE B 132 -15.81 -44.73 52.50
CA PHE B 132 -15.07 -45.97 52.73
C PHE B 132 -15.36 -46.93 51.59
N HIS B 133 -14.33 -47.54 51.03
CA HIS B 133 -14.50 -48.53 49.96
C HIS B 133 -13.94 -49.86 50.40
N ARG B 134 -14.80 -50.88 50.45
CA ARG B 134 -14.38 -52.19 50.96
C ARG B 134 -13.49 -52.88 49.93
N VAL B 135 -12.28 -53.26 50.35
CA VAL B 135 -11.38 -54.03 49.52
C VAL B 135 -11.68 -55.52 49.71
N GLY B 136 -11.50 -56.00 50.94
CA GLY B 136 -11.76 -57.39 51.26
C GLY B 136 -12.48 -57.53 52.58
N GLU B 137 -12.38 -58.71 53.20
CA GLU B 137 -13.14 -58.97 54.43
C GLU B 137 -12.80 -57.96 55.52
N ASN B 138 -11.51 -57.69 55.71
CA ASN B 138 -11.03 -56.84 56.79
C ASN B 138 -10.19 -55.69 56.22
N GLU B 139 -10.53 -55.21 55.04
CA GLU B 139 -9.72 -54.21 54.35
C GLU B 139 -10.63 -53.17 53.72
N TRP B 140 -10.30 -51.90 53.93
CA TRP B 140 -11.07 -50.78 53.42
C TRP B 140 -10.13 -49.73 52.84
N LEU B 141 -10.59 -49.05 51.81
CA LEU B 141 -9.88 -47.90 51.27
C LEU B 141 -10.49 -46.61 51.83
N LEU B 142 -9.66 -45.68 52.27
CA LEU B 142 -10.14 -44.42 52.83
C LEU B 142 -9.65 -43.26 51.98
N PRO B 143 -10.47 -42.74 51.06
CA PRO B 143 -10.02 -41.61 50.24
C PRO B 143 -9.82 -40.35 51.06
N VAL B 144 -8.79 -39.60 50.69
CA VAL B 144 -8.48 -38.32 51.30
C VAL B 144 -8.67 -37.27 50.21
N THR B 145 -9.85 -36.66 50.17
CA THR B 145 -10.20 -35.75 49.08
C THR B 145 -9.56 -34.37 49.27
N GLY B 146 -9.34 -33.70 48.15
CA GLY B 146 -8.69 -32.40 48.15
C GLY B 146 -8.20 -32.09 46.75
N ILE B 147 -7.36 -31.06 46.65
CA ILE B 147 -6.81 -30.70 45.35
C ILE B 147 -5.97 -31.85 44.81
N ARG B 148 -6.12 -32.08 43.51
CA ARG B 148 -5.52 -33.21 42.81
C ARG B 148 -4.06 -33.42 43.16
N GLU B 149 -3.74 -34.65 43.58
CA GLU B 149 -2.36 -35.05 43.79
C GLU B 149 -1.64 -35.01 42.46
N ALA B 150 -0.34 -34.67 42.50
CA ALA B 150 0.39 -34.30 41.29
C ALA B 150 0.30 -35.37 40.19
N SER B 151 0.22 -36.64 40.58
CA SER B 151 0.25 -37.74 39.62
C SER B 151 -1.14 -38.24 39.22
N GLN B 152 -2.20 -37.74 39.82
CA GLN B 152 -3.55 -38.24 39.57
C GLN B 152 -4.35 -37.24 38.73
N LEU B 153 -5.65 -37.48 38.62
CA LEU B 153 -6.51 -36.64 37.81
C LEU B 153 -7.72 -36.19 38.60
N SER B 154 -8.22 -35.02 38.24
CA SER B 154 -9.47 -34.51 38.75
C SER B 154 -10.16 -33.78 37.61
N GLY B 155 -11.42 -33.44 37.82
CA GLY B 155 -12.15 -32.70 36.81
C GLY B 155 -13.60 -32.54 37.20
N HIS B 156 -14.33 -31.89 36.29
CA HIS B 156 -15.78 -31.77 36.42
C HIS B 156 -16.39 -31.68 35.02
N MET B 157 -17.69 -31.91 34.95
CA MET B 157 -18.40 -31.71 33.71
C MET B 157 -19.88 -31.49 34.01
N LYS B 158 -20.50 -30.64 33.21
CA LYS B 158 -21.91 -30.35 33.36
C LYS B 158 -22.70 -31.54 32.83
N VAL B 159 -23.58 -32.10 33.66
CA VAL B 159 -24.39 -33.24 33.29
C VAL B 159 -25.85 -32.85 33.52
N LEU B 160 -26.56 -32.60 32.42
CA LEU B 160 -27.96 -32.22 32.51
C LEU B 160 -28.83 -33.35 33.02
N ASN B 161 -28.46 -34.59 32.74
CA ASN B 161 -29.29 -35.74 33.05
C ASN B 161 -28.60 -36.70 34.02
N GLY B 162 -27.80 -36.16 34.92
CA GLY B 162 -27.10 -36.97 35.89
C GLY B 162 -26.00 -37.81 35.27
N VAL B 163 -25.52 -38.74 36.08
CA VAL B 163 -24.47 -39.67 35.68
C VAL B 163 -25.06 -41.06 35.80
N ARG B 164 -25.04 -41.80 34.69
CA ARG B 164 -25.49 -43.17 34.69
C ARG B 164 -24.31 -44.06 35.00
N VAL B 165 -24.39 -44.80 36.10
CA VAL B 165 -23.31 -45.70 36.50
C VAL B 165 -23.69 -47.10 36.08
N GLU B 166 -22.77 -47.76 35.37
CA GLU B 166 -23.01 -49.08 34.78
C GLU B 166 -21.85 -49.99 35.10
N LYS B 167 -22.16 -51.22 35.52
CA LYS B 167 -21.11 -52.22 35.67
C LYS B 167 -20.54 -52.56 34.30
N TRP B 168 -19.22 -52.56 34.22
CA TRP B 168 -18.49 -52.81 32.99
C TRP B 168 -18.25 -54.32 32.84
N ARG B 169 -18.81 -54.91 31.80
CA ARG B 169 -18.81 -56.35 31.57
C ARG B 169 -17.45 -56.82 31.03
N PRO B 170 -17.14 -58.12 31.21
CA PRO B 170 -15.77 -58.59 30.95
C PRO B 170 -15.17 -58.26 29.59
N ASN B 171 -15.80 -58.68 28.49
CA ASN B 171 -15.18 -58.63 27.17
C ASN B 171 -15.63 -57.43 26.34
N MET B 172 -16.19 -56.41 26.98
CA MET B 172 -16.81 -55.28 26.29
C MET B 172 -15.85 -54.10 26.20
N SER B 173 -15.83 -53.47 25.02
CA SER B 173 -15.26 -52.17 24.78
C SER B 173 -16.36 -51.13 24.95
N VAL B 174 -16.01 -49.86 25.02
CA VAL B 174 -16.97 -48.81 25.36
C VAL B 174 -16.99 -47.76 24.26
N TYR B 175 -18.19 -47.44 23.78
CA TYR B 175 -18.41 -46.27 22.94
C TYR B 175 -19.70 -45.63 23.41
N GLY B 176 -19.62 -44.37 23.81
CA GLY B 176 -20.81 -43.61 24.14
C GLY B 176 -21.65 -44.23 25.23
N THR B 177 -22.86 -44.64 24.89
CA THR B 177 -23.83 -45.17 25.83
C THR B 177 -23.82 -46.68 25.92
N VAL B 178 -23.00 -47.36 25.13
CA VAL B 178 -23.03 -48.82 25.04
C VAL B 178 -21.67 -49.43 25.35
N GLN B 179 -21.71 -50.67 25.81
CA GLN B 179 -20.53 -51.51 25.89
C GLN B 179 -20.81 -52.73 25.04
N LEU B 180 -19.93 -52.99 24.07
CA LEU B 180 -20.15 -54.01 23.07
C LEU B 180 -18.79 -54.60 22.72
N PRO B 181 -18.76 -55.72 22.00
CA PRO B 181 -17.47 -56.26 21.55
C PRO B 181 -16.73 -55.24 20.69
N TYR B 182 -15.40 -55.37 20.66
CA TYR B 182 -14.58 -54.37 19.98
C TYR B 182 -14.96 -54.22 18.51
N ASP B 183 -15.14 -55.34 17.81
CA ASP B 183 -15.41 -55.26 16.38
C ASP B 183 -16.71 -54.50 16.09
N LYS B 184 -17.71 -54.62 16.95
CA LYS B 184 -18.92 -53.84 16.78
C LYS B 184 -18.74 -52.41 17.24
N ILE B 185 -18.05 -52.20 18.36
CA ILE B 185 -17.77 -50.84 18.82
C ILE B 185 -16.99 -50.09 17.75
N LYS B 186 -15.94 -50.70 17.20
CA LYS B 186 -15.20 -50.05 16.13
C LYS B 186 -16.10 -49.67 14.96
N GLN B 187 -16.94 -50.59 14.51
CA GLN B 187 -17.83 -50.25 13.41
C GLN B 187 -18.88 -49.23 13.84
N HIS B 188 -19.42 -49.37 15.06
CA HIS B 188 -20.42 -48.43 15.55
C HIS B 188 -19.84 -47.02 15.63
N ALA B 189 -18.59 -46.91 16.09
CA ALA B 189 -17.95 -45.61 16.21
C ALA B 189 -17.84 -44.94 14.85
N LEU B 190 -17.38 -45.70 13.85
CA LEU B 190 -17.32 -45.23 12.49
C LEU B 190 -18.72 -45.04 11.89
N GLU B 191 -19.76 -45.58 12.53
CA GLU B 191 -21.15 -45.43 12.10
C GLU B 191 -21.77 -44.13 12.57
N GLN B 192 -21.36 -43.62 13.73
CA GLN B 192 -22.03 -42.50 14.36
C GLN B 192 -21.67 -41.18 13.68
N GLU B 193 -22.58 -40.22 13.78
CA GLU B 193 -22.43 -39.00 12.99
C GLU B 193 -22.89 -37.75 13.73
N ASN B 194 -23.62 -37.92 14.83
CA ASN B 194 -24.26 -36.80 15.55
C ASN B 194 -25.43 -36.27 14.73
N ASN B 198 -33.88 -35.61 18.34
CA ASN B 198 -34.36 -35.59 19.71
C ASN B 198 -33.29 -36.13 20.64
N ALA B 199 -32.04 -35.91 20.23
CA ALA B 199 -30.90 -36.48 20.92
C ALA B 199 -30.66 -35.75 22.23
N LEU B 200 -30.78 -36.48 23.33
CA LEU B 200 -30.50 -35.97 24.67
C LEU B 200 -29.05 -36.18 25.03
N GLU B 201 -28.52 -35.27 25.83
CA GLU B 201 -27.18 -35.43 26.35
C GLU B 201 -27.16 -36.49 27.46
N SER B 202 -26.01 -37.15 27.59
CA SER B 202 -25.83 -38.27 28.51
C SER B 202 -24.42 -38.27 29.07
N CYS B 203 -24.27 -38.81 30.26
CA CYS B 203 -22.97 -39.12 30.86
C CYS B 203 -23.04 -40.51 31.45
N VAL B 204 -22.13 -41.38 31.04
CA VAL B 204 -22.11 -42.76 31.52
C VAL B 204 -20.76 -43.05 32.16
N LEU B 205 -20.78 -43.67 33.32
CA LEU B 205 -19.60 -44.11 34.04
C LEU B 205 -19.64 -45.62 34.12
N PHE B 206 -18.77 -46.29 33.39
CA PHE B 206 -18.64 -47.74 33.47
C PHE B 206 -17.50 -48.06 34.43
N TYR B 207 -17.68 -49.06 35.27
CA TYR B 207 -16.67 -49.34 36.28
C TYR B 207 -16.33 -50.81 36.34
N LYS B 208 -15.02 -51.05 36.46
CA LYS B 208 -14.38 -52.32 36.78
C LYS B 208 -13.58 -52.11 38.06
N ASP B 209 -13.07 -53.20 38.63
CA ASP B 209 -12.29 -53.08 39.85
C ASP B 209 -11.03 -52.25 39.63
N SER B 210 -10.43 -52.36 38.44
CA SER B 210 -9.16 -51.73 38.13
C SER B 210 -9.29 -50.42 37.35
N GLU B 211 -10.40 -50.22 36.64
CA GLU B 211 -10.49 -49.15 35.66
C GLU B 211 -11.90 -48.59 35.59
N ILE B 212 -11.99 -47.30 35.31
CA ILE B 212 -13.24 -46.57 35.17
C ILE B 212 -13.25 -45.84 33.83
N ARG B 213 -14.42 -45.79 33.18
CA ARG B 213 -14.59 -45.05 31.94
C ARG B 213 -15.77 -44.12 32.03
N ILE B 214 -15.57 -42.89 31.58
CA ILE B 214 -16.61 -41.88 31.54
C ILE B 214 -16.82 -41.47 30.09
N THR B 215 -18.08 -41.50 29.63
CA THR B 215 -18.40 -40.95 28.32
C THR B 215 -19.40 -39.81 28.46
N TYR B 216 -19.25 -38.80 27.60
CA TYR B 216 -20.21 -37.70 27.47
C TYR B 216 -20.76 -37.73 26.06
N ASN B 217 -22.08 -37.81 25.94
CA ASN B 217 -22.73 -38.14 24.68
C ASN B 217 -23.82 -37.12 24.34
N LYS B 218 -24.08 -37.00 23.05
CA LYS B 218 -25.21 -36.27 22.49
C LYS B 218 -26.05 -37.33 21.77
N GLY B 219 -27.16 -37.73 22.37
CA GLY B 219 -27.84 -38.89 21.86
C GLY B 219 -26.94 -40.10 21.92
N ASP B 220 -26.82 -40.81 20.81
CA ASP B 220 -25.97 -41.98 20.69
C ASP B 220 -24.54 -41.67 20.29
N TYR B 221 -24.26 -40.40 19.99
CA TYR B 221 -22.98 -39.95 19.47
C TYR B 221 -22.05 -39.61 20.63
N GLU B 222 -20.89 -40.24 20.65
CA GLU B 222 -19.92 -40.05 21.70
C GLU B 222 -19.09 -38.81 21.43
N ILE B 223 -19.09 -37.90 22.40
CA ILE B 223 -18.29 -36.68 22.32
C ILE B 223 -16.96 -36.88 23.02
N MET B 224 -16.93 -37.64 24.10
CA MET B 224 -15.71 -37.81 24.88
C MET B 224 -15.70 -39.18 25.51
N HIS B 225 -14.51 -39.74 25.68
CA HIS B 225 -14.31 -41.03 26.34
C HIS B 225 -13.05 -40.90 27.18
N LEU B 226 -13.16 -41.16 28.48
CA LEU B 226 -12.05 -41.05 29.42
C LEU B 226 -11.83 -42.38 30.12
N ARG B 227 -10.59 -42.84 30.15
CA ARG B 227 -10.21 -44.07 30.84
C ARG B 227 -9.30 -43.69 31.99
N MET B 228 -9.55 -44.23 33.17
CA MET B 228 -8.85 -43.79 34.35
C MET B 228 -8.80 -44.93 35.35
N PRO B 229 -7.95 -44.85 36.37
CA PRO B 229 -7.86 -45.95 37.33
C PRO B 229 -9.10 -46.03 38.21
N GLY B 230 -9.36 -47.24 38.69
CA GLY B 230 -10.34 -47.48 39.71
C GLY B 230 -9.66 -47.75 41.04
N PRO B 231 -10.40 -48.25 42.03
CA PRO B 231 -11.82 -48.59 41.93
C PRO B 231 -12.75 -47.41 42.24
N LEU B 232 -14.04 -47.64 42.01
CA LEU B 232 -15.08 -46.69 42.35
C LEU B 232 -15.63 -47.00 43.73
N ILE B 233 -16.01 -45.97 44.46
CA ILE B 233 -16.66 -46.17 45.76
C ILE B 233 -18.16 -46.20 45.58
N MET C 2 -29.13 -5.15 -49.12
CA MET C 2 -29.78 -4.39 -50.18
C MET C 2 -28.96 -3.18 -50.56
N GLU C 3 -29.42 -2.47 -51.59
CA GLU C 3 -28.87 -1.19 -52.00
C GLU C 3 -29.90 -0.09 -51.72
N LEU C 4 -29.42 1.15 -51.78
CA LEU C 4 -30.27 2.33 -51.76
C LEU C 4 -29.35 3.54 -51.92
N TYR C 5 -29.58 4.35 -52.95
CA TYR C 5 -28.70 5.49 -53.28
C TYR C 5 -27.30 4.96 -53.50
N ASN C 6 -26.29 5.44 -52.77
CA ASN C 6 -24.91 5.07 -53.02
C ASN C 6 -24.37 4.03 -52.03
N ILE C 7 -25.26 3.28 -51.37
CA ILE C 7 -24.83 2.38 -50.31
C ILE C 7 -25.38 0.98 -50.56
N LYS C 8 -24.78 0.02 -49.85
CA LYS C 8 -25.27 -1.35 -49.72
C LYS C 8 -25.30 -1.66 -48.24
N TYR C 9 -26.35 -2.35 -47.79
CA TYR C 9 -26.53 -2.59 -46.36
C TYR C 9 -27.08 -3.99 -46.11
N ALA C 10 -27.00 -4.38 -44.84
CA ALA C 10 -27.53 -5.65 -44.34
C ALA C 10 -28.12 -5.37 -42.96
N ILE C 11 -28.55 -6.44 -42.29
CA ILE C 11 -29.20 -6.34 -41.00
C ILE C 11 -28.51 -7.29 -40.03
N ASP C 12 -28.34 -6.84 -38.79
CA ASP C 12 -27.70 -7.56 -37.71
C ASP C 12 -28.61 -8.62 -37.12
N PRO C 13 -28.04 -9.55 -36.33
CA PRO C 13 -28.90 -10.40 -35.49
C PRO C 13 -29.64 -9.60 -34.45
N THR C 14 -29.21 -8.38 -34.17
CA THR C 14 -29.84 -7.48 -33.22
C THR C 14 -30.72 -6.44 -33.89
N ASN C 15 -31.08 -6.67 -35.15
CA ASN C 15 -31.96 -5.78 -35.91
C ASN C 15 -31.31 -4.42 -36.16
N LYS C 16 -30.00 -4.42 -36.32
CA LYS C 16 -29.21 -3.22 -36.54
C LYS C 16 -28.71 -3.21 -37.98
N ILE C 17 -28.74 -2.04 -38.62
CA ILE C 17 -28.30 -1.93 -40.01
C ILE C 17 -26.79 -1.93 -40.07
N VAL C 18 -26.24 -2.71 -41.01
CA VAL C 18 -24.82 -2.85 -41.24
C VAL C 18 -24.51 -2.23 -42.60
N ILE C 19 -23.70 -1.19 -42.63
CA ILE C 19 -23.30 -0.55 -43.89
C ILE C 19 -22.16 -1.37 -44.49
N GLU C 20 -22.41 -2.03 -45.62
CA GLU C 20 -21.43 -2.91 -46.23
C GLU C 20 -20.47 -2.15 -47.15
N GLN C 21 -20.99 -1.25 -47.98
CA GLN C 21 -20.12 -0.41 -48.78
C GLN C 21 -20.85 0.89 -49.07
N VAL C 22 -20.06 1.95 -49.27
CA VAL C 22 -20.59 3.25 -49.70
C VAL C 22 -19.83 3.66 -50.94
N ASP C 23 -20.56 4.02 -52.00
CA ASP C 23 -19.97 4.37 -53.29
C ASP C 23 -19.14 3.22 -53.85
N ASN C 24 -19.67 2.00 -53.70
CA ASN C 24 -19.06 0.79 -54.24
C ASN C 24 -17.67 0.52 -53.67
N VAL C 25 -17.40 1.06 -52.49
CA VAL C 25 -16.16 0.81 -51.77
C VAL C 25 -16.53 0.25 -50.41
N ASP C 26 -15.87 -0.84 -50.01
CA ASP C 26 -16.18 -1.50 -48.75
C ASP C 26 -16.06 -0.51 -47.58
N ALA C 27 -17.01 -0.56 -46.67
CA ALA C 27 -17.13 0.42 -45.61
C ALA C 27 -17.12 -0.26 -44.25
N PHE C 28 -16.77 0.52 -43.23
CA PHE C 28 -16.84 0.09 -41.85
C PHE C 28 -17.57 1.18 -41.09
N VAL C 29 -18.74 0.85 -40.55
CA VAL C 29 -19.54 1.81 -39.79
C VAL C 29 -20.00 1.08 -38.53
N HIS C 30 -19.47 1.48 -37.38
CA HIS C 30 -19.66 0.74 -36.14
C HIS C 30 -20.38 1.64 -35.15
N ILE C 31 -21.63 1.29 -34.84
CA ILE C 31 -22.50 2.15 -34.04
C ILE C 31 -22.33 1.80 -32.56
N LEU C 32 -22.12 2.82 -31.74
CA LEU C 32 -21.99 2.65 -30.30
C LEU C 32 -23.23 3.21 -29.62
N GLU C 33 -23.64 2.55 -28.54
CA GLU C 33 -24.80 3.00 -27.79
C GLU C 33 -24.48 4.32 -27.09
N PRO C 34 -25.50 5.09 -26.72
CA PRO C 34 -25.24 6.35 -26.00
C PRO C 34 -24.43 6.15 -24.74
N GLY C 35 -23.31 6.86 -24.65
CA GLY C 35 -22.43 6.76 -23.51
C GLY C 35 -21.66 5.47 -23.37
N GLN C 36 -21.69 4.59 -24.37
CA GLN C 36 -21.03 3.30 -24.27
C GLN C 36 -19.52 3.46 -24.25
N GLU C 37 -18.85 2.64 -23.45
CA GLU C 37 -17.40 2.58 -23.42
C GLU C 37 -16.92 1.27 -24.01
N VAL C 38 -15.92 1.36 -24.90
CA VAL C 38 -15.37 0.20 -25.58
C VAL C 38 -13.85 0.33 -25.63
N PHE C 39 -13.18 -0.80 -25.71
CA PHE C 39 -11.75 -0.85 -25.95
C PHE C 39 -11.48 -1.85 -27.07
N ASP C 40 -10.86 -1.38 -28.14
CA ASP C 40 -10.49 -2.23 -29.28
C ASP C 40 -9.49 -1.43 -30.09
N GLU C 41 -8.21 -1.83 -30.08
CA GLU C 41 -7.20 -1.04 -30.74
C GLU C 41 -7.44 -0.91 -32.24
N THR C 42 -8.18 -1.85 -32.82
CA THR C 42 -8.46 -1.84 -34.24
C THR C 42 -9.30 -0.63 -34.66
N LEU C 43 -10.06 -0.04 -33.75
CA LEU C 43 -10.96 1.05 -34.07
C LEU C 43 -10.26 2.39 -34.23
N SER C 44 -9.07 2.57 -33.67
CA SER C 44 -8.45 3.88 -33.63
C SER C 44 -8.00 4.37 -35.00
N GLN C 45 -7.89 3.48 -35.98
CA GLN C 45 -7.53 3.88 -37.34
C GLN C 45 -8.65 4.59 -38.07
N TYR C 46 -9.90 4.46 -37.62
CA TYR C 46 -11.07 4.98 -38.31
C TYR C 46 -11.47 6.36 -37.78
N HIS C 47 -12.41 7.00 -38.49
CA HIS C 47 -12.99 8.25 -38.00
C HIS C 47 -13.89 7.99 -36.82
N GLN C 48 -14.00 8.98 -35.94
CA GLN C 48 -14.92 8.88 -34.82
C GLN C 48 -15.69 10.17 -34.66
N PHE C 49 -17.01 10.05 -34.64
CA PHE C 49 -17.97 11.08 -34.34
C PHE C 49 -18.83 10.51 -33.24
N PRO C 50 -19.49 11.36 -32.44
CA PRO C 50 -20.26 10.84 -31.30
C PRO C 50 -21.23 9.75 -31.71
N GLY C 51 -21.04 8.56 -31.14
CA GLY C 51 -21.92 7.44 -31.38
C GLY C 51 -21.53 6.50 -32.49
N VAL C 52 -20.39 6.71 -33.15
CA VAL C 52 -20.05 5.87 -34.31
C VAL C 52 -18.53 5.87 -34.51
N VAL C 53 -18.00 4.70 -34.86
CA VAL C 53 -16.65 4.56 -35.42
C VAL C 53 -16.83 4.19 -36.90
N SER C 54 -16.28 5.03 -37.79
CA SER C 54 -16.64 4.96 -39.20
C SER C 54 -15.42 5.13 -40.11
N SER C 55 -15.37 4.32 -41.17
CA SER C 55 -14.35 4.48 -42.21
C SER C 55 -14.71 5.56 -43.21
N ILE C 56 -15.90 6.10 -43.13
CA ILE C 56 -16.39 7.09 -44.07
C ILE C 56 -16.75 8.35 -43.29
N ILE C 57 -16.44 9.50 -43.87
CA ILE C 57 -16.70 10.78 -43.21
C ILE C 57 -18.18 11.13 -43.28
N PHE C 58 -18.78 11.38 -42.14
CA PHE C 58 -20.11 11.94 -42.07
C PHE C 58 -19.97 13.45 -42.08
N PRO C 59 -20.34 14.13 -43.16
CA PRO C 59 -19.91 15.51 -43.35
C PRO C 59 -20.74 16.51 -42.56
N GLN C 60 -20.21 17.72 -42.50
CA GLN C 60 -20.89 18.80 -41.80
C GLN C 60 -22.22 19.10 -42.47
N LEU C 61 -23.25 19.21 -41.67
CA LEU C 61 -24.58 19.56 -42.11
C LEU C 61 -24.86 21.00 -41.70
N VAL C 62 -26.05 21.48 -42.06
CA VAL C 62 -26.49 22.81 -41.65
C VAL C 62 -27.78 22.64 -40.90
N LEU C 63 -27.95 23.43 -39.85
CA LEU C 63 -29.20 23.39 -39.11
C LEU C 63 -30.33 23.86 -40.01
N ASN C 64 -31.51 23.26 -39.85
CA ASN C 64 -32.69 23.53 -40.67
C ASN C 64 -32.59 22.96 -42.07
N THR C 65 -31.65 22.05 -42.31
CA THR C 65 -31.60 21.33 -43.57
C THR C 65 -32.49 20.10 -43.50
N ILE C 66 -32.83 19.56 -44.67
CA ILE C 66 -33.76 18.44 -44.77
C ILE C 66 -32.95 17.19 -45.04
N ILE C 67 -33.23 16.14 -44.27
CA ILE C 67 -32.57 14.85 -44.44
C ILE C 67 -33.64 13.80 -44.67
N SER C 68 -33.20 12.64 -45.17
CA SER C 68 -34.04 11.48 -45.41
C SER C 68 -33.44 10.27 -44.69
N VAL C 69 -34.30 9.46 -44.08
CA VAL C 69 -33.88 8.28 -43.32
C VAL C 69 -34.55 7.03 -43.89
N LEU C 70 -33.80 5.94 -43.96
CA LEU C 70 -34.36 4.66 -44.40
C LEU C 70 -35.27 4.07 -43.33
N SER C 71 -36.50 3.78 -43.72
CA SER C 71 -37.51 3.20 -42.84
C SER C 71 -37.46 1.69 -42.90
N GLU C 72 -38.01 1.05 -41.86
CA GLU C 72 -38.04 -0.40 -41.80
C GLU C 72 -38.79 -1.00 -42.98
N ASP C 73 -39.73 -0.26 -43.57
CA ASP C 73 -40.50 -0.75 -44.71
C ASP C 73 -39.87 -0.38 -46.05
N GLY C 74 -38.64 0.11 -46.05
CA GLY C 74 -37.92 0.39 -47.26
C GLY C 74 -38.06 1.79 -47.80
N SER C 75 -39.04 2.56 -47.32
CA SER C 75 -39.29 3.89 -47.84
C SER C 75 -38.41 4.93 -47.14
N LEU C 76 -38.37 6.13 -47.69
CA LEU C 76 -37.57 7.22 -47.17
C LEU C 76 -38.47 8.20 -46.43
N LEU C 77 -38.10 8.52 -45.19
CA LEU C 77 -38.83 9.48 -44.38
C LEU C 77 -38.06 10.79 -44.38
N THR C 78 -38.75 11.88 -44.68
CA THR C 78 -38.12 13.19 -44.75
C THR C 78 -38.24 13.91 -43.42
N LEU C 79 -37.12 14.45 -42.95
CA LEU C 79 -37.06 15.09 -41.65
C LEU C 79 -36.27 16.38 -41.77
N LYS C 80 -36.61 17.33 -40.92
CA LYS C 80 -35.93 18.61 -40.84
C LYS C 80 -35.08 18.66 -39.58
N LEU C 81 -33.83 19.10 -39.70
CA LEU C 81 -32.89 19.19 -38.58
C LEU C 81 -33.15 20.49 -37.84
N GLU C 82 -34.15 20.47 -36.94
CA GLU C 82 -34.54 21.70 -36.26
C GLU C 82 -34.04 21.79 -34.81
N ASN C 83 -33.54 20.70 -34.24
CA ASN C 83 -33.10 20.68 -32.86
C ASN C 83 -31.62 20.35 -32.77
N THR C 84 -31.14 20.27 -31.53
CA THR C 84 -29.78 19.82 -31.24
C THR C 84 -29.86 18.92 -30.01
N CYS C 85 -28.84 18.08 -29.84
CA CYS C 85 -28.77 17.27 -28.64
C CYS C 85 -27.37 16.72 -28.50
N PHE C 86 -27.00 16.45 -27.25
CA PHE C 86 -25.67 15.99 -26.89
C PHE C 86 -25.62 14.48 -26.75
N ASN C 87 -24.63 13.86 -27.38
CA ASN C 87 -24.35 12.42 -27.26
C ASN C 87 -22.85 12.22 -27.14
N PHE C 88 -22.45 11.06 -26.64
CA PHE C 88 -21.03 10.76 -26.50
C PHE C 88 -20.81 9.26 -26.47
N HIS C 89 -19.53 8.89 -26.55
CA HIS C 89 -19.08 7.54 -26.24
C HIS C 89 -17.65 7.65 -25.73
N VAL C 90 -17.11 6.53 -25.24
CA VAL C 90 -15.70 6.45 -24.88
C VAL C 90 -15.10 5.27 -25.62
N CYS C 91 -14.09 5.54 -26.46
CA CYS C 91 -13.47 4.50 -27.26
C CYS C 91 -11.96 4.55 -27.05
N ASN C 92 -11.39 3.45 -26.56
CA ASN C 92 -9.96 3.36 -26.25
C ASN C 92 -9.55 4.51 -25.33
N LYS C 93 -10.32 4.69 -24.26
CA LYS C 93 -10.14 5.75 -23.28
C LYS C 93 -10.14 7.14 -23.90
N ARG C 94 -10.78 7.29 -25.06
CA ARG C 94 -11.01 8.59 -25.68
C ARG C 94 -12.49 8.90 -25.61
N PHE C 95 -12.83 9.90 -24.80
CA PHE C 95 -14.18 10.41 -24.61
C PHE C 95 -14.51 11.28 -25.81
N VAL C 96 -15.44 10.83 -26.66
CA VAL C 96 -15.79 11.51 -27.91
C VAL C 96 -17.19 12.06 -27.76
N PHE C 97 -17.35 13.37 -27.93
CA PHE C 97 -18.62 14.00 -27.57
C PHE C 97 -18.90 15.18 -28.50
N GLY C 98 -20.12 15.69 -28.41
CA GLY C 98 -20.49 16.88 -29.15
C GLY C 98 -21.99 17.03 -29.21
N ASN C 99 -22.41 18.23 -29.60
CA ASN C 99 -23.81 18.54 -29.83
C ASN C 99 -24.12 18.38 -31.31
N LEU C 100 -25.12 17.57 -31.62
CA LEU C 100 -25.43 17.14 -32.98
C LEU C 100 -26.77 17.72 -33.45
N PRO C 101 -26.90 18.03 -34.75
CA PRO C 101 -28.21 18.38 -35.28
C PRO C 101 -29.17 17.21 -35.11
N ALA C 102 -30.43 17.54 -34.89
CA ALA C 102 -31.40 16.52 -34.55
C ALA C 102 -32.75 16.82 -35.18
N ALA C 103 -33.44 15.75 -35.54
CA ALA C 103 -34.84 15.83 -35.94
C ALA C 103 -35.72 15.35 -34.79
N VAL C 104 -37.02 15.56 -34.95
CA VAL C 104 -38.00 15.14 -33.95
C VAL C 104 -38.98 14.18 -34.62
N VAL C 105 -39.25 13.07 -33.96
CA VAL C 105 -40.16 12.07 -34.50
C VAL C 105 -41.11 11.65 -33.38
N ASN C 106 -42.27 11.17 -33.80
CA ASN C 106 -43.27 10.64 -32.88
C ASN C 106 -43.05 9.14 -32.69
N ASN C 107 -43.91 8.51 -31.89
CA ASN C 107 -43.68 7.11 -31.52
C ASN C 107 -43.68 6.19 -32.73
N GLU C 108 -44.75 6.24 -33.54
CA GLU C 108 -44.88 5.34 -34.68
C GLU C 108 -43.73 5.53 -35.66
N THR C 109 -43.19 6.75 -35.76
CA THR C 109 -42.03 6.95 -36.62
C THR C 109 -40.77 6.35 -36.00
N LYS C 110 -40.58 6.53 -34.69
CA LYS C 110 -39.38 6.01 -34.04
C LYS C 110 -39.29 4.50 -34.15
N GLN C 111 -40.42 3.81 -34.04
CA GLN C 111 -40.40 2.34 -34.08
C GLN C 111 -40.10 1.82 -35.47
N LYS C 112 -40.26 2.65 -36.50
CA LYS C 112 -39.91 2.28 -37.85
C LYS C 112 -38.44 2.54 -38.15
N LEU C 113 -37.66 2.95 -37.18
CA LEU C 113 -36.27 3.29 -37.40
C LEU C 113 -35.36 2.30 -36.70
N ARG C 114 -34.49 1.68 -37.47
CA ARG C 114 -33.53 0.75 -36.90
C ARG C 114 -32.26 1.51 -36.54
N ILE C 115 -31.62 1.07 -35.45
CA ILE C 115 -30.30 1.56 -35.11
C ILE C 115 -29.38 1.21 -36.27
N GLY C 116 -28.92 2.22 -36.97
CA GLY C 116 -28.04 2.04 -38.11
C GLY C 116 -28.63 2.53 -39.40
N ALA C 117 -29.88 2.95 -39.39
CA ALA C 117 -30.57 3.36 -40.59
C ALA C 117 -29.78 4.46 -41.29
N PRO C 118 -29.49 4.34 -42.57
CA PRO C 118 -28.69 5.36 -43.24
C PRO C 118 -29.47 6.66 -43.36
N ILE C 119 -28.74 7.77 -43.26
CA ILE C 119 -29.33 9.11 -43.38
C ILE C 119 -28.71 9.81 -44.56
N PHE C 120 -29.56 10.36 -45.42
CA PHE C 120 -29.18 10.85 -46.73
C PHE C 120 -29.45 12.34 -46.83
N ALA C 121 -28.57 13.06 -47.51
CA ALA C 121 -28.82 14.43 -47.92
C ALA C 121 -28.47 14.56 -49.38
N GLY C 122 -29.46 14.88 -50.20
CA GLY C 122 -29.28 14.87 -51.64
C GLY C 122 -29.01 13.50 -52.24
N LYS C 123 -29.67 12.46 -51.73
CA LYS C 123 -29.50 11.10 -52.21
C LYS C 123 -28.10 10.55 -51.95
N LYS C 124 -27.38 11.13 -50.99
CA LYS C 124 -26.04 10.66 -50.64
C LYS C 124 -25.95 10.52 -49.13
N LEU C 125 -25.30 9.44 -48.70
CA LEU C 125 -25.19 9.15 -47.28
C LEU C 125 -24.42 10.24 -46.56
N VAL C 126 -24.99 10.76 -45.48
CA VAL C 126 -24.34 11.77 -44.64
C VAL C 126 -24.25 11.36 -43.18
N SER C 127 -24.93 10.31 -42.74
CA SER C 127 -24.94 9.88 -41.35
C SER C 127 -25.70 8.57 -41.25
N VAL C 128 -25.79 8.04 -40.01
CA VAL C 128 -26.62 6.88 -39.70
C VAL C 128 -27.34 7.15 -38.38
N VAL C 129 -28.48 6.50 -38.20
CA VAL C 129 -29.20 6.57 -36.93
C VAL C 129 -28.37 5.91 -35.84
N THR C 130 -28.12 6.64 -34.76
CA THR C 130 -27.32 6.13 -33.66
C THR C 130 -28.05 6.02 -32.34
N ALA C 131 -29.05 6.87 -32.09
CA ALA C 131 -29.70 6.89 -30.79
C ALA C 131 -31.05 7.60 -30.89
N PHE C 132 -31.88 7.38 -29.88
CA PHE C 132 -33.17 8.05 -29.73
C PHE C 132 -33.26 8.60 -28.32
N HIS C 133 -33.70 9.84 -28.19
CA HIS C 133 -33.84 10.47 -26.89
C HIS C 133 -35.31 10.84 -26.67
N ARG C 134 -35.89 10.34 -25.60
CA ARG C 134 -37.29 10.58 -25.31
C ARG C 134 -37.49 11.97 -24.71
N VAL C 135 -38.36 12.76 -25.34
CA VAL C 135 -38.75 14.06 -24.82
C VAL C 135 -39.98 13.89 -23.94
N GLY C 136 -41.11 13.55 -24.55
CA GLY C 136 -42.36 13.36 -23.84
C GLY C 136 -42.97 12.01 -24.18
N GLU C 137 -44.27 12.02 -24.40
CA GLU C 137 -44.99 10.77 -24.61
C GLU C 137 -44.89 10.30 -26.05
N ASN C 138 -44.95 11.24 -26.99
CA ASN C 138 -44.96 10.94 -28.42
C ASN C 138 -43.87 11.72 -29.14
N GLU C 139 -42.80 12.07 -28.45
CA GLU C 139 -41.77 12.90 -29.02
C GLU C 139 -40.41 12.30 -28.73
N TRP C 140 -39.61 12.13 -29.78
CA TRP C 140 -38.25 11.64 -29.68
C TRP C 140 -37.30 12.56 -30.44
N LEU C 141 -36.10 12.72 -29.92
CA LEU C 141 -35.03 13.40 -30.64
C LEU C 141 -34.15 12.37 -31.33
N LEU C 142 -33.81 12.64 -32.58
CA LEU C 142 -32.98 11.79 -33.43
C LEU C 142 -31.70 12.54 -33.79
N PRO C 143 -30.59 12.32 -33.09
CA PRO C 143 -29.35 13.01 -33.44
C PRO C 143 -28.82 12.51 -34.77
N VAL C 144 -28.25 13.42 -35.54
CA VAL C 144 -27.62 13.11 -36.80
C VAL C 144 -26.13 13.39 -36.61
N THR C 145 -25.37 12.34 -36.27
CA THR C 145 -23.97 12.50 -35.91
C THR C 145 -23.11 12.68 -37.16
N GLY C 146 -21.98 13.36 -36.97
CA GLY C 146 -21.07 13.68 -38.06
C GLY C 146 -20.16 14.80 -37.63
N ILE C 147 -19.49 15.40 -38.62
CA ILE C 147 -18.61 16.52 -38.35
C ILE C 147 -19.40 17.68 -37.76
N ARG C 148 -18.81 18.33 -36.75
CA ARG C 148 -19.44 19.39 -35.98
C ARG C 148 -20.10 20.43 -36.88
N GLU C 149 -21.39 20.67 -36.65
CA GLU C 149 -22.10 21.73 -37.34
C GLU C 149 -21.53 23.09 -36.90
N ALA C 150 -21.57 24.05 -37.81
CA ALA C 150 -20.81 25.28 -37.63
C ALA C 150 -21.13 25.99 -36.32
N SER C 151 -22.38 25.93 -35.87
CA SER C 151 -22.75 26.69 -34.68
C SER C 151 -22.64 25.90 -33.37
N GLN C 152 -22.31 24.60 -33.43
CA GLN C 152 -22.25 23.74 -32.24
C GLN C 152 -20.80 23.43 -31.88
N LEU C 153 -20.62 22.49 -30.96
CA LEU C 153 -19.29 22.13 -30.49
C LEU C 153 -19.10 20.62 -30.55
N SER C 154 -17.85 20.22 -30.72
CA SER C 154 -17.43 18.84 -30.64
C SER C 154 -16.07 18.80 -29.95
N GLY C 155 -15.63 17.60 -29.56
CA GLY C 155 -14.32 17.47 -28.98
C GLY C 155 -14.09 16.07 -28.48
N HIS C 156 -12.89 15.86 -27.93
CA HIS C 156 -12.57 14.60 -27.28
C HIS C 156 -11.55 14.84 -26.19
N MET C 157 -11.41 13.87 -25.29
CA MET C 157 -10.38 13.97 -24.25
C MET C 157 -10.07 12.59 -23.67
N LYS C 158 -8.80 12.37 -23.33
CA LYS C 158 -8.36 11.10 -22.78
C LYS C 158 -8.80 10.97 -21.32
N VAL C 159 -9.55 9.91 -21.03
CA VAL C 159 -10.10 9.67 -19.70
C VAL C 159 -9.65 8.32 -19.19
N LEU C 160 -8.80 8.32 -18.17
CA LEU C 160 -8.27 7.08 -17.62
C LEU C 160 -9.35 6.24 -16.94
N ASN C 161 -10.35 6.89 -16.35
CA ASN C 161 -11.35 6.20 -15.54
C ASN C 161 -12.76 6.36 -16.09
N GLY C 162 -12.91 6.43 -17.41
CA GLY C 162 -14.22 6.55 -17.99
C GLY C 162 -14.82 7.92 -17.75
N VAL C 163 -16.13 8.00 -17.99
CA VAL C 163 -16.93 9.19 -17.76
C VAL C 163 -18.05 8.81 -16.81
N ARG C 164 -18.18 9.54 -15.72
CA ARG C 164 -19.24 9.32 -14.75
C ARG C 164 -20.36 10.30 -15.05
N VAL C 165 -21.55 9.77 -15.34
CA VAL C 165 -22.72 10.60 -15.60
C VAL C 165 -23.48 10.79 -14.29
N GLU C 166 -23.80 12.03 -13.98
CA GLU C 166 -24.45 12.37 -12.73
C GLU C 166 -25.63 13.27 -13.05
N LYS C 167 -26.78 13.00 -12.45
CA LYS C 167 -27.93 13.86 -12.66
C LYS C 167 -27.73 15.17 -11.89
N TRP C 168 -28.08 16.27 -12.54
CA TRP C 168 -27.78 17.61 -12.04
C TRP C 168 -29.03 18.16 -11.33
N ARG C 169 -28.89 18.41 -10.04
CA ARG C 169 -30.02 18.80 -9.20
C ARG C 169 -30.33 20.28 -9.37
N PRO C 170 -31.56 20.70 -9.06
CA PRO C 170 -31.89 22.12 -9.15
C PRO C 170 -31.15 22.95 -8.11
N ASN C 171 -30.82 24.18 -8.50
CA ASN C 171 -30.15 25.20 -7.70
C ASN C 171 -28.70 24.88 -7.40
N MET C 172 -28.11 23.90 -8.08
CA MET C 172 -26.76 23.47 -7.75
C MET C 172 -25.77 24.13 -8.69
N SER C 173 -24.67 24.60 -8.12
CA SER C 173 -23.49 24.94 -8.90
C SER C 173 -22.58 23.73 -8.95
N VAL C 174 -21.62 23.78 -9.86
CA VAL C 174 -20.77 22.63 -10.17
C VAL C 174 -19.31 23.02 -9.98
N TYR C 175 -18.60 22.20 -9.23
CA TYR C 175 -17.14 22.24 -9.24
C TYR C 175 -16.63 20.83 -9.20
N GLY C 176 -15.82 20.45 -10.18
CA GLY C 176 -15.15 19.18 -10.13
C GLY C 176 -16.06 18.00 -9.95
N THR C 177 -15.95 17.33 -8.81
CA THR C 177 -16.72 16.12 -8.52
C THR C 177 -17.97 16.39 -7.70
N VAL C 178 -18.25 17.65 -7.34
CA VAL C 178 -19.37 17.96 -6.46
C VAL C 178 -20.30 18.97 -7.13
N GLN C 179 -21.56 18.92 -6.72
CA GLN C 179 -22.53 19.96 -7.03
C GLN C 179 -23.13 20.43 -5.72
N LEU C 180 -23.06 21.73 -5.47
CA LEU C 180 -23.45 22.30 -4.20
C LEU C 180 -24.07 23.66 -4.42
N PRO C 181 -24.69 24.25 -3.41
CA PRO C 181 -25.11 25.65 -3.52
C PRO C 181 -23.90 26.53 -3.80
N TYR C 182 -24.17 27.70 -4.41
CA TYR C 182 -23.07 28.51 -4.94
C TYR C 182 -22.09 28.94 -3.84
N ASP C 183 -22.59 29.41 -2.71
CA ASP C 183 -21.67 29.87 -1.66
C ASP C 183 -20.78 28.76 -1.16
N LYS C 184 -21.30 27.52 -1.16
CA LYS C 184 -20.47 26.37 -0.84
C LYS C 184 -19.42 26.15 -1.93
N ILE C 185 -19.82 26.33 -3.19
CA ILE C 185 -18.91 26.04 -4.30
C ILE C 185 -17.76 27.02 -4.32
N LYS C 186 -18.02 28.30 -4.00
CA LYS C 186 -16.93 29.26 -3.97
C LYS C 186 -15.90 28.88 -2.92
N GLN C 187 -16.37 28.48 -1.75
CA GLN C 187 -15.47 28.05 -0.70
C GLN C 187 -14.81 26.70 -1.03
N HIS C 188 -15.58 25.78 -1.61
CA HIS C 188 -15.02 24.48 -1.96
C HIS C 188 -13.89 24.62 -2.97
N ALA C 189 -14.06 25.48 -3.98
CA ALA C 189 -13.04 25.68 -5.01
C ALA C 189 -11.77 26.27 -4.43
N LEU C 190 -11.92 27.34 -3.64
CA LEU C 190 -10.77 27.97 -3.00
C LEU C 190 -10.14 27.08 -1.93
N GLU C 191 -10.81 26.02 -1.49
CA GLU C 191 -10.22 25.09 -0.53
C GLU C 191 -9.28 24.10 -1.21
N GLN C 192 -9.66 23.62 -2.37
CA GLN C 192 -8.77 22.82 -3.19
C GLN C 192 -7.63 23.71 -3.68
N LEU C 200 -6.05 10.18 -8.43
CA LEU C 200 -7.32 9.66 -8.91
C LEU C 200 -7.92 10.57 -9.96
N GLU C 201 -7.77 10.18 -11.23
CA GLU C 201 -8.34 10.92 -12.34
C GLU C 201 -9.83 10.63 -12.46
N SER C 202 -10.58 11.62 -12.93
CA SER C 202 -12.02 11.50 -13.08
C SER C 202 -12.53 12.39 -14.21
N CYS C 203 -13.66 11.97 -14.79
CA CYS C 203 -14.42 12.81 -15.70
C CYS C 203 -15.89 12.65 -15.34
N VAL C 204 -16.57 13.76 -15.07
CA VAL C 204 -17.95 13.75 -14.65
C VAL C 204 -18.78 14.59 -15.61
N LEU C 205 -19.92 14.05 -16.00
CA LEU C 205 -20.88 14.74 -16.86
C LEU C 205 -22.17 14.91 -16.07
N PHE C 206 -22.49 16.14 -15.71
CA PHE C 206 -23.75 16.44 -15.03
C PHE C 206 -24.77 16.88 -16.08
N TYR C 207 -26.01 16.44 -15.92
CA TYR C 207 -27.00 16.76 -16.94
C TYR C 207 -28.29 17.25 -16.31
N LYS C 208 -28.81 18.30 -16.93
CA LYS C 208 -30.12 18.89 -16.74
C LYS C 208 -30.79 18.81 -18.11
N ASP C 209 -32.07 19.12 -18.19
CA ASP C 209 -32.73 19.06 -19.50
C ASP C 209 -32.11 20.04 -20.48
N SER C 210 -31.77 21.24 -20.01
CA SER C 210 -31.33 22.33 -20.87
C SER C 210 -29.82 22.41 -21.02
N GLU C 211 -29.05 21.88 -20.08
CA GLU C 211 -27.63 22.17 -20.01
C GLU C 211 -26.85 20.95 -19.53
N ILE C 212 -25.61 20.86 -19.99
CA ILE C 212 -24.68 19.79 -19.64
C ILE C 212 -23.38 20.41 -19.15
N ARG C 213 -22.78 19.79 -18.14
CA ARG C 213 -21.47 20.20 -17.64
C ARG C 213 -20.53 19.02 -17.57
N ILE C 214 -19.31 19.22 -18.07
CA ILE C 214 -18.25 18.23 -18.04
C ILE C 214 -17.11 18.77 -17.18
N THR C 215 -16.67 17.98 -16.21
CA THR C 215 -15.48 18.30 -15.43
C THR C 215 -14.42 17.23 -15.62
N TYR C 216 -13.16 17.66 -15.65
CA TYR C 216 -12.00 16.79 -15.69
C TYR C 216 -11.21 17.04 -14.42
N ASN C 217 -11.04 15.99 -13.60
CA ASN C 217 -10.55 16.14 -12.23
C ASN C 217 -9.38 15.22 -11.94
N LYS C 218 -8.42 15.73 -11.18
CA LYS C 218 -7.41 14.91 -10.51
C LYS C 218 -7.76 14.94 -9.02
N GLY C 219 -8.44 13.90 -8.57
CA GLY C 219 -8.94 13.88 -7.21
C GLY C 219 -10.13 14.81 -7.07
N ASP C 220 -10.12 15.64 -6.03
CA ASP C 220 -11.16 16.62 -5.80
C ASP C 220 -10.86 17.95 -6.49
N TYR C 221 -9.69 18.05 -7.10
CA TYR C 221 -9.22 19.28 -7.73
C TYR C 221 -9.71 19.32 -9.17
N GLU C 222 -10.43 20.38 -9.52
CA GLU C 222 -11.00 20.53 -10.84
C GLU C 222 -9.97 21.09 -11.81
N ILE C 223 -9.73 20.38 -12.91
CA ILE C 223 -8.83 20.86 -13.95
C ILE C 223 -9.58 21.53 -15.08
N MET C 224 -10.77 21.06 -15.42
CA MET C 224 -11.50 21.67 -16.53
C MET C 224 -12.99 21.58 -16.25
N HIS C 225 -13.72 22.60 -16.68
CA HIS C 225 -15.18 22.66 -16.53
C HIS C 225 -15.76 23.25 -17.81
N LEU C 226 -16.68 22.52 -18.43
CA LEU C 226 -17.30 22.93 -19.68
C LEU C 226 -18.81 23.01 -19.48
N ARG C 227 -19.41 24.09 -19.97
CA ARG C 227 -20.85 24.26 -19.96
C ARG C 227 -21.34 24.28 -21.39
N MET C 228 -22.37 23.51 -21.70
CA MET C 228 -22.81 23.35 -23.08
C MET C 228 -24.29 22.98 -23.07
N PRO C 229 -24.95 23.10 -24.22
CA PRO C 229 -26.39 22.80 -24.25
C PRO C 229 -26.69 21.33 -24.08
N GLY C 230 -27.90 21.07 -23.61
CA GLY C 230 -28.45 19.74 -23.59
C GLY C 230 -29.48 19.60 -24.71
N PRO C 231 -30.27 18.53 -24.66
CA PRO C 231 -30.17 17.49 -23.64
C PRO C 231 -29.19 16.37 -24.00
N LEU C 232 -28.96 15.51 -23.02
CA LEU C 232 -28.14 14.32 -23.12
C LEU C 232 -29.01 13.11 -23.44
N ILE C 233 -28.45 12.14 -24.13
CA ILE C 233 -29.10 10.85 -24.36
C ILE C 233 -28.61 9.92 -23.24
N GLN C 234 -29.49 9.60 -22.29
CA GLN C 234 -29.09 8.81 -21.14
C GLN C 234 -28.91 7.33 -21.50
N MET D 2 -21.26 60.14 -12.08
CA MET D 2 -22.25 60.04 -13.14
C MET D 2 -23.21 58.89 -12.88
N GLU D 3 -24.52 59.16 -12.96
CA GLU D 3 -25.54 58.13 -12.81
C GLU D 3 -26.24 57.88 -14.13
N LEU D 4 -26.66 56.63 -14.34
CA LEU D 4 -27.39 56.24 -15.54
C LEU D 4 -28.17 54.98 -15.24
N TYR D 5 -29.50 55.06 -15.38
CA TYR D 5 -30.33 53.91 -15.06
C TYR D 5 -30.03 53.45 -13.64
N ASN D 6 -29.61 52.20 -13.46
CA ASN D 6 -29.43 51.66 -12.12
C ASN D 6 -27.96 51.64 -11.68
N ILE D 7 -27.10 52.44 -12.31
CA ILE D 7 -25.66 52.38 -12.02
C ILE D 7 -25.10 53.77 -11.77
N LYS D 8 -23.89 53.78 -11.18
CA LYS D 8 -23.01 54.94 -11.07
C LYS D 8 -21.66 54.55 -11.63
N TYR D 9 -21.03 55.46 -12.36
CA TYR D 9 -19.77 55.12 -13.01
C TYR D 9 -18.84 56.32 -13.04
N ALA D 10 -17.58 56.04 -13.34
CA ALA D 10 -16.55 57.05 -13.48
C ALA D 10 -15.65 56.66 -14.65
N ILE D 11 -14.61 57.46 -14.89
CA ILE D 11 -13.70 57.24 -16.00
C ILE D 11 -12.28 57.25 -15.45
N ASP D 12 -11.49 56.25 -15.85
CA ASP D 12 -10.12 56.08 -15.38
C ASP D 12 -9.16 56.92 -16.22
N PRO D 13 -7.88 57.03 -15.82
CA PRO D 13 -6.92 57.76 -16.65
C PRO D 13 -6.72 57.18 -18.04
N THR D 14 -7.12 55.95 -18.30
CA THR D 14 -6.99 55.37 -19.62
C THR D 14 -8.27 55.48 -20.44
N ASN D 15 -9.19 56.35 -20.01
CA ASN D 15 -10.47 56.58 -20.70
C ASN D 15 -11.37 55.35 -20.67
N LYS D 16 -11.33 54.61 -19.57
CA LYS D 16 -12.10 53.40 -19.40
C LYS D 16 -13.20 53.68 -18.39
N ILE D 17 -14.41 53.22 -18.68
CA ILE D 17 -15.52 53.44 -17.76
C ILE D 17 -15.36 52.48 -16.58
N VAL D 18 -15.50 53.01 -15.37
CA VAL D 18 -15.39 52.25 -14.14
C VAL D 18 -16.76 52.22 -13.48
N ILE D 19 -17.30 51.02 -13.30
CA ILE D 19 -18.60 50.85 -12.65
C ILE D 19 -18.39 51.00 -11.14
N GLU D 20 -19.03 52.01 -10.55
CA GLU D 20 -18.89 52.33 -9.13
C GLU D 20 -19.99 51.67 -8.29
N GLN D 21 -21.24 51.76 -8.74
CA GLN D 21 -22.35 51.13 -8.03
C GLN D 21 -23.34 50.56 -9.03
N VAL D 22 -24.00 49.48 -8.63
CA VAL D 22 -25.14 48.94 -9.35
C VAL D 22 -26.25 48.73 -8.32
N ASP D 23 -27.42 49.31 -8.59
CA ASP D 23 -28.57 49.22 -7.68
C ASP D 23 -28.22 49.75 -6.28
N ASN D 24 -27.50 50.89 -6.23
CA ASN D 24 -27.15 51.56 -4.98
C ASN D 24 -26.26 50.71 -4.08
N VAL D 25 -25.56 49.74 -4.65
CA VAL D 25 -24.63 48.88 -3.92
C VAL D 25 -23.26 49.01 -4.56
N ASP D 26 -22.23 49.17 -3.73
CA ASP D 26 -20.87 49.31 -4.23
C ASP D 26 -20.50 48.10 -5.09
N ALA D 27 -19.88 48.37 -6.24
CA ALA D 27 -19.65 47.34 -7.24
C ALA D 27 -18.18 47.28 -7.60
N PHE D 28 -17.77 46.12 -8.10
CA PHE D 28 -16.43 45.90 -8.61
C PHE D 28 -16.58 45.27 -9.97
N VAL D 29 -16.12 45.96 -11.01
CA VAL D 29 -16.14 45.48 -12.39
C VAL D 29 -14.78 45.78 -12.98
N HIS D 30 -14.00 44.74 -13.23
CA HIS D 30 -12.60 44.85 -13.65
C HIS D 30 -12.46 44.22 -15.02
N ILE D 31 -12.20 45.04 -16.05
CA ILE D 31 -12.19 44.56 -17.43
C ILE D 31 -10.79 44.14 -17.83
N LEU D 32 -10.68 42.97 -18.43
CA LEU D 32 -9.44 42.40 -18.91
C LEU D 32 -9.41 42.49 -20.43
N GLU D 33 -8.22 42.74 -20.97
CA GLU D 33 -8.03 42.81 -22.41
C GLU D 33 -8.18 41.41 -23.02
N PRO D 34 -8.45 41.34 -24.33
CA PRO D 34 -8.59 40.01 -24.97
C PRO D 34 -7.35 39.16 -24.77
N GLY D 35 -7.56 37.97 -24.22
CA GLY D 35 -6.46 37.06 -23.98
C GLY D 35 -5.48 37.49 -22.91
N GLN D 36 -5.79 38.52 -22.13
CA GLN D 36 -4.85 38.99 -21.12
C GLN D 36 -4.74 37.98 -20.00
N GLU D 37 -3.54 37.84 -19.46
CA GLU D 37 -3.28 36.99 -18.31
C GLU D 37 -2.92 37.87 -17.12
N VAL D 38 -3.54 37.60 -15.97
CA VAL D 38 -3.27 38.33 -14.75
C VAL D 38 -3.16 37.36 -13.59
N PHE D 39 -2.45 37.78 -12.56
CA PHE D 39 -2.41 37.07 -11.29
C PHE D 39 -2.66 38.07 -10.17
N ASP D 40 -3.71 37.82 -9.38
CA ASP D 40 -4.07 38.61 -8.21
C ASP D 40 -5.08 37.80 -7.41
N GLU D 41 -4.67 37.27 -6.26
CA GLU D 41 -5.56 36.37 -5.53
C GLU D 41 -6.83 37.06 -5.04
N THR D 42 -6.83 38.39 -4.89
CA THR D 42 -8.02 39.11 -4.47
C THR D 42 -9.16 38.99 -5.48
N LEU D 43 -8.87 38.63 -6.73
CA LEU D 43 -9.89 38.54 -7.76
C LEU D 43 -10.74 37.27 -7.68
N SER D 44 -10.22 36.22 -7.05
CA SER D 44 -10.90 34.92 -7.15
C SER D 44 -12.24 34.88 -6.41
N GLN D 45 -12.47 35.84 -5.52
CA GLN D 45 -13.74 35.91 -4.78
C GLN D 45 -14.91 36.37 -5.65
N TYR D 46 -14.65 37.01 -6.79
CA TYR D 46 -15.68 37.58 -7.64
C TYR D 46 -16.10 36.64 -8.76
N HIS D 47 -17.15 37.03 -9.46
CA HIS D 47 -17.57 36.32 -10.66
C HIS D 47 -16.61 36.58 -11.80
N GLN D 48 -16.49 35.61 -12.70
CA GLN D 48 -15.68 35.78 -13.89
C GLN D 48 -16.43 35.27 -15.09
N PHE D 49 -16.53 36.12 -16.10
CA PHE D 49 -17.07 35.85 -17.42
C PHE D 49 -15.98 36.29 -18.37
N PRO D 50 -15.94 35.75 -19.60
CA PRO D 50 -14.84 36.09 -20.51
C PRO D 50 -14.62 37.59 -20.64
N GLY D 51 -13.46 38.05 -20.21
CA GLY D 51 -13.09 39.44 -20.32
C GLY D 51 -13.41 40.31 -19.13
N VAL D 52 -13.93 39.77 -18.03
CA VAL D 52 -14.32 40.63 -16.91
C VAL D 52 -14.24 39.85 -15.60
N VAL D 53 -13.78 40.54 -14.57
CA VAL D 53 -13.91 40.14 -13.17
C VAL D 53 -14.93 41.09 -12.54
N SER D 54 -16.02 40.55 -12.00
CA SER D 54 -17.17 41.37 -11.64
C SER D 54 -17.75 40.94 -10.30
N SER D 55 -18.14 41.92 -9.48
CA SER D 55 -18.88 41.58 -8.26
C SER D 55 -20.36 41.35 -8.51
N ILE D 56 -20.83 41.61 -9.72
CA ILE D 56 -22.25 41.49 -10.05
C ILE D 56 -22.40 40.50 -11.20
N ILE D 57 -23.46 39.70 -11.14
CA ILE D 57 -23.70 38.72 -12.18
C ILE D 57 -24.21 39.40 -13.43
N PHE D 58 -23.56 39.11 -14.55
CA PHE D 58 -24.06 39.52 -15.86
C PHE D 58 -24.96 38.41 -16.36
N PRO D 59 -26.27 38.62 -16.44
CA PRO D 59 -27.18 37.50 -16.62
C PRO D 59 -27.25 37.02 -18.06
N GLN D 60 -27.83 35.82 -18.22
CA GLN D 60 -28.00 35.23 -19.53
C GLN D 60 -28.91 36.10 -20.39
N LEU D 61 -28.48 36.32 -21.62
CA LEU D 61 -29.23 37.04 -22.64
C LEU D 61 -29.72 36.02 -23.67
N VAL D 62 -30.49 36.50 -24.64
CA VAL D 62 -31.00 35.66 -25.72
C VAL D 62 -30.52 36.25 -27.04
N LEU D 63 -30.16 35.38 -27.97
CA LEU D 63 -29.76 35.85 -29.29
C LEU D 63 -30.94 36.53 -29.96
N ASN D 64 -30.63 37.59 -30.74
CA ASN D 64 -31.58 38.42 -31.48
C ASN D 64 -32.40 39.36 -30.59
N THR D 65 -32.02 39.54 -29.34
CA THR D 65 -32.65 40.56 -28.52
C THR D 65 -31.89 41.88 -28.65
N ILE D 66 -32.51 42.94 -28.14
CA ILE D 66 -32.00 44.29 -28.29
C ILE D 66 -31.37 44.73 -26.98
N ILE D 67 -30.17 45.31 -27.06
CA ILE D 67 -29.50 45.86 -25.90
C ILE D 67 -29.18 47.34 -26.18
N SER D 68 -28.83 48.06 -25.10
CA SER D 68 -28.44 49.46 -25.18
C SER D 68 -27.07 49.66 -24.56
N VAL D 69 -26.24 50.49 -25.19
CA VAL D 69 -24.89 50.80 -24.71
C VAL D 69 -24.76 52.30 -24.57
N LEU D 70 -24.11 52.76 -23.50
CA LEU D 70 -23.93 54.20 -23.29
C LEU D 70 -22.86 54.73 -24.24
N SER D 71 -23.24 55.75 -25.02
CA SER D 71 -22.36 56.43 -25.97
C SER D 71 -21.73 57.67 -25.33
N GLU D 72 -20.72 58.20 -26.02
CA GLU D 72 -20.02 59.38 -25.52
C GLU D 72 -20.96 60.57 -25.34
N ASP D 73 -21.97 60.72 -26.20
CA ASP D 73 -22.85 61.87 -26.10
C ASP D 73 -23.97 61.61 -25.09
N GLY D 74 -23.71 60.77 -24.08
CA GLY D 74 -24.67 60.50 -23.03
C GLY D 74 -25.97 59.93 -23.56
N SER D 75 -25.95 59.45 -24.80
CA SER D 75 -27.10 58.86 -25.45
C SER D 75 -26.93 57.34 -25.50
N LEU D 76 -28.06 56.63 -25.42
CA LEU D 76 -28.06 55.18 -25.50
C LEU D 76 -28.28 54.75 -26.94
N LEU D 77 -27.39 53.90 -27.45
CA LEU D 77 -27.52 53.36 -28.79
C LEU D 77 -28.03 51.93 -28.70
N THR D 78 -29.07 51.64 -29.47
CA THR D 78 -29.72 50.35 -29.43
C THR D 78 -29.13 49.42 -30.48
N LEU D 79 -28.84 48.19 -30.06
CA LEU D 79 -28.17 47.21 -30.89
C LEU D 79 -28.85 45.86 -30.74
N LYS D 80 -28.81 45.09 -31.80
CA LYS D 80 -29.36 43.74 -31.85
C LYS D 80 -28.22 42.73 -31.75
N LEU D 81 -28.39 41.74 -30.89
CA LEU D 81 -27.39 40.70 -30.70
C LEU D 81 -27.56 39.63 -31.77
N GLU D 82 -26.96 39.89 -32.94
CA GLU D 82 -27.13 39.02 -34.11
C GLU D 82 -25.98 38.06 -34.34
N ASN D 83 -24.82 38.29 -33.74
CA ASN D 83 -23.64 37.51 -34.02
C ASN D 83 -23.14 36.83 -32.76
N THR D 84 -22.01 36.15 -32.91
CA THR D 84 -21.36 35.48 -31.81
C THR D 84 -19.89 35.84 -31.88
N CYS D 85 -19.19 35.68 -30.76
CA CYS D 85 -17.77 36.00 -30.74
C CYS D 85 -17.12 35.27 -29.57
N PHE D 86 -15.88 34.82 -29.78
CA PHE D 86 -15.11 34.10 -28.78
C PHE D 86 -14.09 35.04 -28.15
N ASN D 87 -14.08 35.08 -26.81
CA ASN D 87 -13.09 35.86 -26.07
C ASN D 87 -12.64 35.04 -24.87
N PHE D 88 -11.49 35.41 -24.31
CA PHE D 88 -10.99 34.68 -23.15
C PHE D 88 -10.04 35.56 -22.35
N HIS D 89 -9.73 35.08 -21.16
CA HIS D 89 -8.65 35.63 -20.37
C HIS D 89 -8.12 34.52 -19.48
N VAL D 90 -7.01 34.79 -18.83
CA VAL D 90 -6.45 33.90 -17.84
C VAL D 90 -6.30 34.71 -16.57
N CYS D 91 -6.95 34.26 -15.50
CA CYS D 91 -6.92 34.95 -14.22
C CYS D 91 -6.54 33.95 -13.15
N ASN D 92 -5.42 34.21 -12.46
CA ASN D 92 -4.89 33.31 -11.44
C ASN D 92 -4.73 31.90 -11.99
N LYS D 93 -4.07 31.81 -13.15
CA LYS D 93 -3.79 30.57 -13.85
C LYS D 93 -5.08 29.80 -14.18
N ARG D 94 -6.17 30.52 -14.42
CA ARG D 94 -7.43 29.91 -14.85
C ARG D 94 -7.89 30.56 -16.15
N PHE D 95 -7.86 29.76 -17.21
CA PHE D 95 -8.27 30.14 -18.57
C PHE D 95 -9.80 30.20 -18.63
N VAL D 96 -10.36 31.39 -18.76
CA VAL D 96 -11.81 31.61 -18.74
C VAL D 96 -12.23 32.05 -20.13
N PHE D 97 -13.15 31.30 -20.75
CA PHE D 97 -13.43 31.47 -22.17
C PHE D 97 -14.89 31.19 -22.47
N GLY D 98 -15.31 31.53 -23.67
CA GLY D 98 -16.64 31.21 -24.13
C GLY D 98 -17.02 32.02 -25.34
N ASN D 99 -18.09 31.56 -25.99
CA ASN D 99 -18.69 32.25 -27.12
C ASN D 99 -19.80 33.16 -26.64
N LEU D 100 -19.69 34.44 -26.95
CA LEU D 100 -20.55 35.48 -26.42
C LEU D 100 -21.47 36.03 -27.51
N PRO D 101 -22.68 36.44 -27.14
CA PRO D 101 -23.52 37.17 -28.10
C PRO D 101 -22.85 38.49 -28.44
N ALA D 102 -23.02 38.93 -29.68
CA ALA D 102 -22.30 40.12 -30.13
C ALA D 102 -23.18 40.95 -31.04
N ALA D 103 -22.99 42.25 -30.99
CA ALA D 103 -23.59 43.17 -31.94
C ALA D 103 -22.54 43.57 -32.97
N VAL D 104 -23.00 44.26 -34.01
CA VAL D 104 -22.14 44.71 -35.09
C VAL D 104 -22.26 46.23 -35.19
N VAL D 105 -21.11 46.90 -35.25
CA VAL D 105 -21.06 48.35 -35.33
C VAL D 105 -20.06 48.74 -36.40
N ASN D 106 -20.24 49.94 -36.94
CA ASN D 106 -19.30 50.47 -37.91
C ASN D 106 -18.21 51.24 -37.19
N ASN D 107 -17.26 51.79 -37.96
CA ASN D 107 -16.13 52.49 -37.34
C ASN D 107 -16.58 53.74 -36.60
N GLU D 108 -17.63 54.41 -37.07
CA GLU D 108 -18.12 55.59 -36.38
C GLU D 108 -18.72 55.24 -35.03
N THR D 109 -19.50 54.17 -34.97
CA THR D 109 -20.08 53.74 -33.70
C THR D 109 -19.01 53.25 -32.75
N LYS D 110 -18.01 52.53 -33.26
CA LYS D 110 -16.99 51.97 -32.39
C LYS D 110 -16.24 53.06 -31.61
N GLN D 111 -15.91 54.17 -32.28
CA GLN D 111 -15.08 55.16 -31.62
C GLN D 111 -15.79 55.94 -30.53
N LYS D 112 -17.13 55.94 -30.53
CA LYS D 112 -17.88 56.56 -29.45
C LYS D 112 -18.13 55.63 -28.28
N LEU D 113 -17.53 54.45 -28.29
CA LEU D 113 -17.75 53.46 -27.25
C LEU D 113 -16.46 53.33 -26.46
N ARG D 114 -16.55 53.51 -25.15
CA ARG D 114 -15.41 53.34 -24.28
C ARG D 114 -15.35 51.92 -23.77
N ILE D 115 -14.13 51.41 -23.60
CA ILE D 115 -13.91 50.12 -22.95
C ILE D 115 -14.50 50.25 -21.54
N GLY D 116 -15.61 49.59 -21.30
CA GLY D 116 -16.25 49.64 -20.00
C GLY D 116 -17.64 50.21 -20.05
N ALA D 117 -18.08 50.67 -21.21
CA ALA D 117 -19.39 51.29 -21.35
C ALA D 117 -20.46 50.34 -20.85
N PRO D 118 -21.37 50.79 -20.00
CA PRO D 118 -22.41 49.89 -19.48
C PRO D 118 -23.36 49.45 -20.58
N ILE D 119 -23.82 48.20 -20.49
CA ILE D 119 -24.76 47.64 -21.46
C ILE D 119 -26.04 47.27 -20.72
N PHE D 120 -27.16 47.70 -21.25
CA PHE D 120 -28.45 47.65 -20.57
C PHE D 120 -29.44 46.83 -21.38
N ALA D 121 -30.31 46.13 -20.66
CA ALA D 121 -31.49 45.51 -21.24
C ALA D 121 -32.66 46.00 -20.40
N GLY D 122 -33.57 46.73 -21.03
CA GLY D 122 -34.47 47.52 -20.24
C GLY D 122 -33.68 48.62 -19.57
N LYS D 123 -34.02 48.96 -18.34
CA LYS D 123 -33.26 49.96 -17.60
C LYS D 123 -32.39 49.31 -16.54
N LYS D 124 -31.76 48.19 -16.89
CA LYS D 124 -30.95 47.41 -15.97
C LYS D 124 -29.66 46.99 -16.64
N LEU D 125 -28.56 47.10 -15.89
CA LEU D 125 -27.26 46.69 -16.39
C LEU D 125 -27.23 45.18 -16.59
N VAL D 126 -26.76 44.74 -17.76
CA VAL D 126 -26.58 43.33 -18.05
C VAL D 126 -25.16 42.98 -18.47
N SER D 127 -24.31 43.95 -18.78
CA SER D 127 -22.95 43.69 -19.23
C SER D 127 -22.20 45.01 -19.31
N VAL D 128 -20.93 44.91 -19.71
CA VAL D 128 -20.09 46.07 -19.99
C VAL D 128 -19.32 45.79 -21.28
N VAL D 129 -18.93 46.86 -21.98
CA VAL D 129 -18.10 46.71 -23.17
C VAL D 129 -16.71 46.25 -22.74
N THR D 130 -16.24 45.16 -23.34
CA THR D 130 -14.95 44.59 -23.00
C THR D 130 -13.98 44.56 -24.17
N ALA D 131 -14.46 44.46 -25.41
CA ALA D 131 -13.55 44.31 -26.53
C ALA D 131 -14.26 44.61 -27.84
N PHE D 132 -13.46 44.85 -28.88
CA PHE D 132 -13.92 45.05 -30.26
C PHE D 132 -13.08 44.18 -31.18
N HIS D 133 -13.74 43.47 -32.09
CA HIS D 133 -13.07 42.65 -33.10
C HIS D 133 -13.46 43.12 -34.49
N ARG D 134 -12.46 43.39 -35.33
CA ARG D 134 -12.73 43.91 -36.66
C ARG D 134 -13.17 42.80 -37.60
N VAL D 135 -14.40 42.92 -38.11
CA VAL D 135 -14.88 42.00 -39.15
C VAL D 135 -14.30 42.38 -40.51
N GLY D 136 -14.05 43.66 -40.73
CA GLY D 136 -13.50 44.11 -41.99
C GLY D 136 -13.43 45.61 -42.00
N GLU D 137 -13.41 46.22 -43.18
CA GLU D 137 -13.46 47.66 -43.25
C GLU D 137 -14.84 48.14 -42.79
N ASN D 138 -14.84 49.12 -41.87
CA ASN D 138 -16.07 49.73 -41.37
C ASN D 138 -16.99 48.71 -40.71
N GLU D 139 -16.44 47.65 -40.13
CA GLU D 139 -17.27 46.68 -39.44
C GLU D 139 -16.51 46.08 -38.27
N TRP D 140 -17.17 46.05 -37.11
CA TRP D 140 -16.59 45.56 -35.87
C TRP D 140 -17.59 44.66 -35.18
N LEU D 141 -17.08 43.64 -34.49
CA LEU D 141 -17.89 42.78 -33.64
C LEU D 141 -17.76 43.22 -32.19
N LEU D 142 -18.88 43.36 -31.50
CA LEU D 142 -18.92 43.82 -30.11
C LEU D 142 -19.50 42.74 -29.21
N PRO D 143 -18.68 41.95 -28.53
CA PRO D 143 -19.21 40.92 -27.64
C PRO D 143 -19.88 41.52 -26.40
N VAL D 144 -20.93 40.87 -25.94
CA VAL D 144 -21.62 41.21 -24.71
C VAL D 144 -21.43 40.04 -23.75
N THR D 145 -20.45 40.15 -22.84
CA THR D 145 -20.09 39.02 -21.98
C THR D 145 -21.06 38.85 -20.82
N GLY D 146 -21.13 37.63 -20.31
CA GLY D 146 -22.04 37.29 -19.24
C GLY D 146 -22.23 35.79 -19.16
N ILE D 147 -23.27 35.40 -18.43
CA ILE D 147 -23.57 33.98 -18.30
C ILE D 147 -23.87 33.39 -19.66
N ARG D 148 -23.39 32.16 -19.87
CA ARG D 148 -23.46 31.45 -21.14
C ARG D 148 -24.88 31.51 -21.72
N GLU D 149 -24.98 32.07 -22.92
CA GLU D 149 -26.24 32.05 -23.62
C GLU D 149 -26.61 30.62 -24.01
N ALA D 150 -27.92 30.35 -24.03
CA ALA D 150 -28.41 28.96 -24.00
C ALA D 150 -27.83 28.09 -25.10
N SER D 151 -27.58 28.64 -26.28
CA SER D 151 -27.12 27.82 -27.39
C SER D 151 -25.60 27.78 -27.52
N GLN D 152 -24.89 28.50 -26.67
CA GLN D 152 -23.45 28.69 -26.81
C GLN D 152 -22.70 27.84 -25.78
N LEU D 153 -21.41 28.08 -25.64
CA LEU D 153 -20.59 27.35 -24.70
C LEU D 153 -19.77 28.34 -23.86
N SER D 154 -19.48 27.93 -22.63
CA SER D 154 -18.56 28.64 -21.75
C SER D 154 -17.81 27.61 -20.94
N GLY D 155 -16.73 28.04 -20.29
CA GLY D 155 -15.98 27.12 -19.45
C GLY D 155 -14.70 27.75 -18.93
N HIS D 156 -13.97 26.94 -18.17
CA HIS D 156 -12.66 27.34 -17.67
C HIS D 156 -11.80 26.09 -17.47
N MET D 157 -10.49 26.30 -17.39
CA MET D 157 -9.56 25.21 -17.10
C MET D 157 -8.27 25.78 -16.52
N LYS D 158 -7.66 25.02 -15.62
CA LYS D 158 -6.40 25.41 -14.97
C LYS D 158 -5.24 25.20 -15.93
N VAL D 159 -4.49 26.27 -16.20
CA VAL D 159 -3.37 26.25 -17.14
C VAL D 159 -2.11 26.72 -16.43
N LEU D 160 -1.18 25.79 -16.20
CA LEU D 160 0.06 26.12 -15.50
C LEU D 160 0.95 27.05 -16.30
N ASN D 161 0.93 26.96 -17.62
CA ASN D 161 1.87 27.70 -18.45
C ASN D 161 1.15 28.64 -19.41
N GLY D 162 0.02 29.16 -18.97
CA GLY D 162 -0.76 30.07 -19.76
C GLY D 162 -1.42 29.39 -20.93
N VAL D 163 -1.94 30.22 -21.82
CA VAL D 163 -2.59 29.80 -23.05
C VAL D 163 -1.85 30.45 -24.20
N ARG D 164 -1.40 29.64 -25.14
CA ARG D 164 -0.68 30.16 -26.30
C ARG D 164 -1.63 30.20 -27.48
N VAL D 165 -1.52 31.26 -28.28
CA VAL D 165 -2.39 31.51 -29.43
C VAL D 165 -1.60 31.26 -30.71
N GLU D 166 -2.14 30.40 -31.57
CA GLU D 166 -1.48 30.00 -32.80
C GLU D 166 -2.49 30.10 -33.92
N LYS D 167 -2.11 30.71 -35.02
CA LYS D 167 -3.01 30.85 -36.16
C LYS D 167 -3.10 29.53 -36.89
N TRP D 168 -4.32 29.17 -37.29
CA TRP D 168 -4.60 27.87 -37.87
C TRP D 168 -4.56 27.98 -39.39
N ARG D 169 -3.57 27.35 -40.00
CA ARG D 169 -3.33 27.46 -41.44
C ARG D 169 -4.27 26.53 -42.20
N PRO D 170 -4.63 26.89 -43.43
CA PRO D 170 -5.64 26.10 -44.15
C PRO D 170 -5.19 24.67 -44.41
N ASN D 171 -6.19 23.80 -44.60
CA ASN D 171 -6.04 22.37 -44.89
C ASN D 171 -5.38 21.59 -43.77
N MET D 172 -5.26 22.17 -42.57
CA MET D 172 -4.56 21.52 -41.47
C MET D 172 -5.53 20.89 -40.49
N SER D 173 -5.17 19.68 -40.03
CA SER D 173 -5.78 19.06 -38.87
C SER D 173 -4.97 19.40 -37.63
N VAL D 174 -5.57 19.15 -36.48
CA VAL D 174 -5.02 19.60 -35.20
C VAL D 174 -4.87 18.40 -34.28
N TYR D 175 -3.68 18.25 -33.71
CA TYR D 175 -3.46 17.35 -32.60
C TYR D 175 -2.54 18.04 -31.62
N GLY D 176 -2.99 18.21 -30.38
CA GLY D 176 -2.12 18.67 -29.32
C GLY D 176 -1.43 19.97 -29.64
N THR D 177 -0.10 19.89 -29.79
CA THR D 177 0.74 21.06 -30.02
C THR D 177 1.07 21.26 -31.49
N VAL D 178 0.59 20.40 -32.38
CA VAL D 178 0.97 20.46 -33.78
C VAL D 178 -0.27 20.57 -34.64
N GLN D 179 -0.11 21.18 -35.81
CA GLN D 179 -1.13 21.20 -36.85
C GLN D 179 -0.50 20.69 -38.15
N LEU D 180 -1.09 19.66 -38.73
CA LEU D 180 -0.51 18.96 -39.88
C LEU D 180 -1.64 18.50 -40.78
N PRO D 181 -1.31 18.04 -41.99
CA PRO D 181 -2.32 17.37 -42.82
C PRO D 181 -2.90 16.17 -42.07
N TYR D 182 -4.11 15.78 -42.47
CA TYR D 182 -4.82 14.74 -41.71
C TYR D 182 -4.00 13.45 -41.65
N ASP D 183 -3.40 13.06 -42.78
CA ASP D 183 -2.62 11.83 -42.81
C ASP D 183 -1.47 11.89 -41.81
N LYS D 184 -0.84 13.06 -41.69
CA LYS D 184 0.23 13.24 -40.71
C LYS D 184 -0.31 13.25 -39.30
N ILE D 185 -1.53 13.75 -39.10
CA ILE D 185 -2.08 13.88 -37.75
C ILE D 185 -2.48 12.50 -37.22
N LYS D 186 -3.14 11.69 -38.05
CA LYS D 186 -3.54 10.36 -37.60
C LYS D 186 -2.32 9.54 -37.19
N GLN D 187 -1.23 9.62 -37.97
CA GLN D 187 0.02 8.97 -37.60
C GLN D 187 0.59 9.56 -36.32
N HIS D 188 0.55 10.88 -36.20
CA HIS D 188 1.12 11.56 -35.04
C HIS D 188 0.42 11.12 -33.76
N ALA D 189 -0.92 11.10 -33.78
CA ALA D 189 -1.70 10.78 -32.59
C ALA D 189 -1.52 9.34 -32.15
N LEU D 190 -1.65 8.39 -33.08
CA LEU D 190 -1.53 6.97 -32.77
C LEU D 190 -0.15 6.57 -32.28
N GLU D 191 0.86 7.40 -32.46
CA GLU D 191 2.19 7.10 -31.96
C GLU D 191 2.50 7.86 -30.69
N GLN D 192 1.60 8.73 -30.22
CA GLN D 192 1.79 9.42 -28.94
C GLN D 192 1.24 8.64 -27.78
N GLU D 201 3.24 20.73 -19.43
CA GLU D 201 1.86 21.13 -19.53
C GLU D 201 1.71 22.31 -20.46
N SER D 202 0.66 22.30 -21.29
CA SER D 202 0.46 23.34 -22.28
C SER D 202 -1.02 23.44 -22.63
N CYS D 203 -1.42 24.63 -23.06
CA CYS D 203 -2.75 24.88 -23.62
C CYS D 203 -2.58 25.72 -24.86
N VAL D 204 -3.09 25.24 -25.99
CA VAL D 204 -2.95 25.90 -27.29
C VAL D 204 -4.33 26.21 -27.85
N LEU D 205 -4.47 27.41 -28.37
CA LEU D 205 -5.68 27.85 -29.03
C LEU D 205 -5.32 28.12 -30.49
N PHE D 206 -5.81 27.28 -31.40
CA PHE D 206 -5.65 27.53 -32.83
C PHE D 206 -6.90 28.21 -33.34
N TYR D 207 -6.73 29.25 -34.15
CA TYR D 207 -7.90 30.01 -34.56
C TYR D 207 -7.87 30.30 -36.05
N LYS D 208 -9.03 30.15 -36.69
CA LYS D 208 -9.32 30.75 -37.98
C LYS D 208 -10.61 31.54 -37.83
N ASP D 209 -11.03 32.21 -38.91
CA ASP D 209 -12.18 33.11 -38.82
C ASP D 209 -13.43 32.37 -38.38
N SER D 210 -13.62 31.14 -38.86
CA SER D 210 -14.85 30.42 -38.61
C SER D 210 -14.79 29.53 -37.37
N GLU D 211 -13.61 29.10 -36.95
CA GLU D 211 -13.53 28.01 -36.00
C GLU D 211 -12.34 28.20 -35.07
N ILE D 212 -12.47 27.67 -33.85
CA ILE D 212 -11.46 27.76 -32.80
C ILE D 212 -11.14 26.34 -32.38
N ARG D 213 -9.86 26.08 -32.07
CA ARG D 213 -9.43 24.79 -31.52
C ARG D 213 -8.66 25.03 -30.23
N ILE D 214 -9.04 24.34 -29.17
CA ILE D 214 -8.34 24.41 -27.90
C ILE D 214 -7.79 23.02 -27.61
N THR D 215 -6.51 22.93 -27.36
CA THR D 215 -5.89 21.69 -26.90
C THR D 215 -5.27 21.89 -25.52
N TYR D 216 -5.37 20.86 -24.68
CA TYR D 216 -4.70 20.81 -23.38
C TYR D 216 -3.74 19.63 -23.40
N ASN D 217 -2.45 19.90 -23.17
CA ASN D 217 -1.41 18.91 -23.41
C ASN D 217 -0.52 18.75 -22.20
N LYS D 218 0.03 17.55 -22.05
CA LYS D 218 1.18 17.30 -21.19
C LYS D 218 2.31 16.91 -22.14
N GLY D 219 3.14 17.89 -22.47
CA GLY D 219 4.15 17.67 -23.50
C GLY D 219 3.50 17.64 -24.87
N ASP D 220 3.87 16.66 -25.68
CA ASP D 220 3.31 16.50 -27.01
C ASP D 220 2.05 15.64 -27.01
N TYR D 221 1.71 15.08 -25.86
CA TYR D 221 0.59 14.17 -25.74
C TYR D 221 -0.66 15.00 -25.50
N GLU D 222 -1.65 14.84 -26.36
CA GLU D 222 -2.89 15.59 -26.30
C GLU D 222 -3.84 14.92 -25.31
N ILE D 223 -4.28 15.68 -24.31
CA ILE D 223 -5.23 15.20 -23.32
C ILE D 223 -6.64 15.65 -23.68
N MET D 224 -6.78 16.84 -24.25
CA MET D 224 -8.09 17.36 -24.60
C MET D 224 -8.02 18.23 -25.84
N HIS D 225 -9.08 18.15 -26.65
CA HIS D 225 -9.21 18.89 -27.91
C HIS D 225 -10.66 19.32 -28.02
N LEU D 226 -10.89 20.61 -28.17
CA LEU D 226 -12.23 21.19 -28.25
C LEU D 226 -12.36 21.92 -29.57
N ARG D 227 -13.47 21.70 -30.27
CA ARG D 227 -13.79 22.42 -31.50
C ARG D 227 -15.01 23.28 -31.25
N MET D 228 -14.94 24.55 -31.66
CA MET D 228 -15.99 25.50 -31.31
C MET D 228 -15.98 26.62 -32.33
N PRO D 229 -17.05 27.41 -32.42
CA PRO D 229 -17.11 28.46 -33.42
C PRO D 229 -16.14 29.59 -33.14
N GLY D 230 -15.82 30.31 -34.20
CA GLY D 230 -15.09 31.55 -34.08
C GLY D 230 -16.02 32.74 -34.24
N PRO D 231 -15.45 33.94 -34.44
CA PRO D 231 -14.00 34.13 -34.46
C PRO D 231 -13.43 34.45 -33.08
N LEU D 232 -12.11 34.47 -32.99
CA LEU D 232 -11.40 34.85 -31.78
C LEU D 232 -11.03 36.32 -31.86
N ILE D 233 -11.01 36.98 -30.71
CA ILE D 233 -10.55 38.35 -30.62
C ILE D 233 -9.06 38.33 -30.30
N GLN D 234 -8.25 38.72 -31.27
CA GLN D 234 -6.80 38.74 -31.06
C GLN D 234 -6.08 39.48 -32.16
N SER E 1 10.85 -56.29 1.30
CA SER E 1 11.07 -57.73 1.31
C SER E 1 11.26 -58.31 -0.10
N MET E 2 10.16 -58.57 -0.79
CA MET E 2 10.25 -59.01 -2.17
C MET E 2 10.87 -57.92 -3.04
N GLU E 3 11.60 -58.34 -4.07
CA GLU E 3 12.27 -57.44 -4.99
C GLU E 3 11.84 -57.73 -6.41
N LEU E 4 11.92 -56.70 -7.26
CA LEU E 4 11.54 -56.83 -8.66
C LEU E 4 12.17 -55.68 -9.43
N TYR E 5 13.03 -56.00 -10.40
CA TYR E 5 13.72 -54.99 -11.17
C TYR E 5 14.45 -54.03 -10.24
N ASN E 6 14.13 -52.73 -10.30
CA ASN E 6 14.86 -51.74 -9.53
C ASN E 6 14.14 -51.31 -8.26
N ILE E 7 13.19 -52.11 -7.76
CA ILE E 7 12.39 -51.74 -6.60
C ILE E 7 12.40 -52.88 -5.59
N LYS E 8 12.08 -52.53 -4.33
CA LYS E 8 11.78 -53.49 -3.27
C LYS E 8 10.46 -53.07 -2.64
N TYR E 9 9.58 -54.03 -2.36
CA TYR E 9 8.21 -53.71 -1.93
C TYR E 9 7.72 -54.67 -0.86
N ALA E 10 6.61 -54.30 -0.23
CA ALA E 10 5.90 -55.10 0.77
C ALA E 10 4.40 -54.91 0.57
N ILE E 11 3.59 -55.49 1.46
CA ILE E 11 2.14 -55.42 1.38
C ILE E 11 1.61 -54.99 2.75
N ASP E 12 0.69 -54.02 2.76
CA ASP E 12 0.11 -53.51 3.99
C ASP E 12 -1.06 -54.40 4.41
N PRO E 13 -1.61 -54.22 5.62
CA PRO E 13 -2.79 -54.99 6.03
C PRO E 13 -4.03 -54.81 5.16
N THR E 14 -4.11 -53.82 4.28
CA THR E 14 -5.27 -53.68 3.42
C THR E 14 -5.05 -54.24 2.03
N ASN E 15 -4.05 -55.11 1.85
CA ASN E 15 -3.72 -55.72 0.57
C ASN E 15 -3.25 -54.69 -0.45
N LYS E 16 -2.57 -53.66 0.04
CA LYS E 16 -2.06 -52.59 -0.78
C LYS E 16 -0.54 -52.69 -0.81
N ILE E 17 0.05 -52.50 -1.98
CA ILE E 17 1.50 -52.63 -2.11
C ILE E 17 2.17 -51.38 -1.56
N VAL E 18 3.22 -51.57 -0.76
CA VAL E 18 4.04 -50.47 -0.24
C VAL E 18 5.42 -50.58 -0.88
N ILE E 19 5.80 -49.56 -1.65
CA ILE E 19 7.11 -49.50 -2.27
C ILE E 19 8.11 -49.02 -1.24
N GLU E 20 9.09 -49.85 -0.92
CA GLU E 20 10.05 -49.55 0.13
C GLU E 20 11.33 -48.91 -0.42
N GLN E 21 11.80 -49.32 -1.59
CA GLN E 21 12.98 -48.71 -2.18
C GLN E 21 12.81 -48.67 -3.69
N VAL E 22 13.41 -47.65 -4.31
CA VAL E 22 13.56 -47.60 -5.76
C VAL E 22 15.01 -47.25 -6.03
N ASP E 23 15.69 -48.09 -6.83
CA ASP E 23 17.12 -47.95 -7.12
C ASP E 23 17.96 -47.99 -5.85
N ASN E 24 17.62 -48.89 -4.94
CA ASN E 24 18.36 -49.10 -3.69
C ASN E 24 18.38 -47.85 -2.83
N VAL E 25 17.41 -46.96 -3.03
CA VAL E 25 17.24 -45.75 -2.23
C VAL E 25 15.84 -45.81 -1.63
N ASP E 26 15.75 -45.53 -0.33
CA ASP E 26 14.47 -45.58 0.36
C ASP E 26 13.46 -44.64 -0.30
N ALA E 27 12.24 -45.13 -0.48
CA ALA E 27 11.23 -44.41 -1.24
C ALA E 27 9.97 -44.24 -0.40
N PHE E 28 9.19 -43.23 -0.77
CA PHE E 28 7.89 -42.97 -0.16
C PHE E 28 6.88 -42.88 -1.29
N VAL E 29 5.94 -43.80 -1.32
CA VAL E 29 4.89 -43.81 -2.34
C VAL E 29 3.57 -44.03 -1.63
N HIS E 30 2.74 -43.01 -1.58
CA HIS E 30 1.51 -42.99 -0.79
C HIS E 30 0.33 -42.80 -1.75
N ILE E 31 -0.51 -43.83 -1.88
CA ILE E 31 -1.59 -43.85 -2.85
C ILE E 31 -2.87 -43.30 -2.23
N LEU E 32 -3.52 -42.39 -2.94
CA LEU E 32 -4.79 -41.81 -2.52
C LEU E 32 -5.92 -42.38 -3.37
N GLU E 33 -7.07 -42.55 -2.74
CA GLU E 33 -8.23 -43.06 -3.46
C GLU E 33 -8.73 -41.99 -4.43
N PRO E 34 -9.53 -42.39 -5.43
CA PRO E 34 -10.07 -41.39 -6.38
C PRO E 34 -10.86 -40.30 -5.69
N GLY E 35 -10.43 -39.06 -5.90
CA GLY E 35 -11.07 -37.91 -5.28
C GLY E 35 -10.88 -37.78 -3.79
N GLN E 36 -9.99 -38.55 -3.16
CA GLN E 36 -9.85 -38.51 -1.71
C GLN E 36 -9.25 -37.19 -1.26
N GLU E 37 -9.72 -36.69 -0.13
CA GLU E 37 -9.22 -35.48 0.49
C GLU E 37 -8.47 -35.85 1.76
N VAL E 38 -7.20 -35.47 1.84
CA VAL E 38 -6.39 -35.69 3.02
C VAL E 38 -5.75 -34.39 3.46
N PHE E 39 -5.44 -34.31 4.75
CA PHE E 39 -4.64 -33.22 5.30
C PHE E 39 -3.52 -33.83 6.13
N ASP E 40 -2.28 -33.52 5.75
CA ASP E 40 -1.10 -33.99 6.48
C ASP E 40 0.06 -33.12 6.01
N GLU E 41 0.53 -32.24 6.89
CA GLU E 41 1.54 -31.27 6.47
C GLU E 41 2.82 -31.94 6.01
N THR E 42 3.11 -33.16 6.46
CA THR E 42 4.34 -33.85 6.09
C THR E 42 4.40 -34.23 4.61
N LEU E 43 3.26 -34.29 3.94
CA LEU E 43 3.18 -34.74 2.54
C LEU E 43 3.62 -33.68 1.53
N SER E 44 3.66 -32.40 1.90
CA SER E 44 3.90 -31.34 0.93
C SER E 44 5.31 -31.32 0.38
N GLN E 45 6.27 -31.97 1.06
CA GLN E 45 7.63 -32.04 0.56
C GLN E 45 7.77 -32.97 -0.64
N TYR E 46 6.81 -33.86 -0.86
CA TYR E 46 6.95 -34.86 -1.90
C TYR E 46 6.32 -34.41 -3.21
N HIS E 47 6.60 -35.17 -4.26
CA HIS E 47 5.96 -34.95 -5.55
C HIS E 47 4.51 -35.38 -5.48
N GLN E 48 3.66 -34.75 -6.28
CA GLN E 48 2.28 -35.17 -6.34
C GLN E 48 1.82 -35.25 -7.79
N PHE E 49 1.25 -36.39 -8.13
CA PHE E 49 0.57 -36.66 -9.38
C PHE E 49 -0.78 -37.20 -8.98
N PRO E 50 -1.81 -37.09 -9.85
CA PRO E 50 -3.15 -37.52 -9.44
C PRO E 50 -3.16 -38.93 -8.88
N GLY E 51 -3.57 -39.05 -7.62
CA GLY E 51 -3.71 -40.33 -6.95
C GLY E 51 -2.50 -40.80 -6.16
N VAL E 52 -1.43 -40.02 -6.11
CA VAL E 52 -0.21 -40.47 -5.44
C VAL E 52 0.56 -39.26 -4.89
N VAL E 53 1.10 -39.43 -3.69
CA VAL E 53 2.15 -38.58 -3.13
C VAL E 53 3.41 -39.44 -3.12
N SER E 54 4.45 -38.99 -3.81
CA SER E 54 5.58 -39.86 -4.07
C SER E 54 6.91 -39.14 -3.93
N SER E 55 7.89 -39.81 -3.32
CA SER E 55 9.27 -39.32 -3.30
C SER E 55 9.99 -39.61 -4.60
N ILE E 56 9.35 -40.35 -5.51
CA ILE E 56 9.93 -40.80 -6.76
C ILE E 56 9.16 -40.16 -7.90
N ILE E 57 9.87 -39.64 -8.88
CA ILE E 57 9.21 -39.02 -10.03
C ILE E 57 8.68 -40.12 -10.94
N PHE E 58 7.38 -40.08 -11.21
CA PHE E 58 6.78 -40.96 -12.19
C PHE E 58 6.85 -40.24 -13.52
N PRO E 59 7.67 -40.70 -14.46
CA PRO E 59 8.05 -39.90 -15.61
C PRO E 59 6.99 -39.86 -16.70
N GLN E 60 7.18 -38.92 -17.62
CA GLN E 60 6.29 -38.76 -18.76
C GLN E 60 6.33 -39.99 -19.66
N LEU E 61 5.16 -40.49 -20.02
CA LEU E 61 5.02 -41.60 -20.93
C LEU E 61 4.48 -41.08 -22.26
N VAL E 62 4.36 -41.98 -23.22
CA VAL E 62 3.79 -41.68 -24.53
C VAL E 62 2.59 -42.59 -24.73
N LEU E 63 1.52 -42.03 -25.26
CA LEU E 63 0.33 -42.83 -25.50
C LEU E 63 0.59 -43.90 -26.56
N ASN E 64 -0.02 -45.07 -26.35
CA ASN E 64 0.06 -46.29 -27.15
C ASN E 64 1.35 -47.07 -26.94
N THR E 65 2.14 -46.74 -25.93
CA THR E 65 3.31 -47.53 -25.57
C THR E 65 2.94 -48.63 -24.58
N ILE E 66 3.86 -49.56 -24.38
CA ILE E 66 3.61 -50.76 -23.58
C ILE E 66 4.26 -50.62 -22.22
N ILE E 67 3.51 -50.94 -21.18
CA ILE E 67 4.00 -50.98 -19.82
C ILE E 67 3.75 -52.38 -19.28
N SER E 68 4.37 -52.69 -18.14
CA SER E 68 4.20 -53.96 -17.45
C SER E 68 3.71 -53.70 -16.03
N VAL E 69 2.77 -54.53 -15.57
CA VAL E 69 2.21 -54.40 -14.23
C VAL E 69 2.42 -55.70 -13.47
N LEU E 70 2.81 -55.57 -12.20
CA LEU E 70 3.00 -56.73 -11.33
C LEU E 70 1.66 -57.30 -10.90
N SER E 71 1.47 -58.59 -11.17
CA SER E 71 0.25 -59.30 -10.80
C SER E 71 0.41 -59.93 -9.41
N GLU E 72 -0.71 -60.36 -8.83
CA GLU E 72 -0.65 -60.89 -7.47
C GLU E 72 0.09 -62.21 -7.39
N ASP E 73 0.26 -62.93 -8.52
CA ASP E 73 1.00 -64.19 -8.53
C ASP E 73 2.46 -63.99 -8.90
N GLY E 74 2.94 -62.75 -8.92
CA GLY E 74 4.32 -62.45 -9.20
C GLY E 74 4.64 -62.26 -10.67
N SER E 75 3.74 -62.63 -11.58
CA SER E 75 4.00 -62.45 -13.00
C SER E 75 3.83 -60.99 -13.41
N LEU E 76 4.36 -60.67 -14.57
CA LEU E 76 4.25 -59.32 -15.13
C LEU E 76 3.30 -59.34 -16.33
N LEU E 77 2.32 -58.45 -16.31
CA LEU E 77 1.35 -58.31 -17.39
C LEU E 77 1.68 -57.09 -18.24
N THR E 78 1.74 -57.29 -19.55
CA THR E 78 2.08 -56.23 -20.50
C THR E 78 0.81 -55.60 -21.06
N LEU E 79 0.75 -54.28 -21.03
CA LEU E 79 -0.44 -53.53 -21.41
C LEU E 79 -0.02 -52.34 -22.26
N LYS E 80 -0.93 -51.91 -23.11
CA LYS E 80 -0.71 -50.78 -24.01
C LYS E 80 -1.51 -49.57 -23.51
N LEU E 81 -0.86 -48.42 -23.43
CA LEU E 81 -1.52 -47.19 -22.96
C LEU E 81 -2.25 -46.53 -24.12
N GLU E 82 -3.43 -47.07 -24.41
CA GLU E 82 -4.21 -46.69 -25.58
C GLU E 82 -5.39 -45.78 -25.25
N ASN E 83 -5.73 -45.61 -23.97
CA ASN E 83 -6.85 -44.80 -23.54
C ASN E 83 -6.38 -43.69 -22.62
N THR E 84 -7.35 -42.90 -22.14
CA THR E 84 -7.10 -41.79 -21.23
C THR E 84 -8.16 -41.84 -20.13
N CYS E 85 -7.86 -41.22 -18.99
CA CYS E 85 -8.77 -41.21 -17.86
C CYS E 85 -8.45 -40.03 -16.97
N PHE E 86 -9.48 -39.45 -16.36
CA PHE E 86 -9.31 -38.32 -15.46
C PHE E 86 -9.41 -38.79 -14.01
N ASN E 87 -8.40 -38.45 -13.21
CA ASN E 87 -8.42 -38.73 -11.78
C ASN E 87 -7.92 -37.50 -11.04
N PHE E 88 -8.18 -37.48 -9.74
CA PHE E 88 -7.75 -36.36 -8.93
C PHE E 88 -7.66 -36.78 -7.47
N HIS E 89 -7.09 -35.88 -6.67
CA HIS E 89 -7.17 -35.95 -5.22
C HIS E 89 -7.06 -34.52 -4.70
N VAL E 90 -7.29 -34.36 -3.40
CA VAL E 90 -7.07 -33.10 -2.72
C VAL E 90 -6.13 -33.37 -1.55
N CYS E 91 -4.98 -32.71 -1.54
CA CYS E 91 -3.99 -32.90 -0.49
C CYS E 91 -3.57 -31.55 0.07
N ASN E 92 -3.82 -31.34 1.36
CA ASN E 92 -3.55 -30.08 2.04
C ASN E 92 -4.17 -28.93 1.27
N LYS E 93 -5.45 -29.12 0.96
CA LYS E 93 -6.30 -28.13 0.29
C LYS E 93 -5.76 -27.76 -1.09
N ARG E 94 -5.04 -28.66 -1.74
CA ARG E 94 -4.61 -28.45 -3.12
C ARG E 94 -5.16 -29.57 -3.99
N PHE E 95 -6.07 -29.19 -4.89
CA PHE E 95 -6.73 -30.05 -5.85
C PHE E 95 -5.74 -30.41 -6.95
N VAL E 96 -5.33 -31.67 -7.01
CA VAL E 96 -4.33 -32.14 -7.97
C VAL E 96 -5.05 -33.06 -8.96
N PHE E 97 -4.98 -32.73 -10.23
CA PHE E 97 -5.82 -33.41 -11.21
C PHE E 97 -5.08 -33.51 -12.55
N GLY E 98 -5.64 -34.30 -13.44
CA GLY E 98 -5.08 -34.40 -14.77
C GLY E 98 -5.67 -35.57 -15.51
N ASN E 99 -5.44 -35.54 -16.83
CA ASN E 99 -5.83 -36.61 -17.72
C ASN E 99 -4.64 -37.56 -17.91
N LEU E 100 -4.83 -38.83 -17.57
CA LEU E 100 -3.75 -39.80 -17.49
C LEU E 100 -3.85 -40.85 -18.59
N PRO E 101 -2.72 -41.39 -19.06
CA PRO E 101 -2.78 -42.56 -19.94
C PRO E 101 -3.38 -43.73 -19.16
N ALA E 102 -4.12 -44.56 -19.87
CA ALA E 102 -4.81 -45.66 -19.21
C ALA E 102 -4.83 -46.87 -20.13
N ALA E 103 -4.79 -48.04 -19.51
CA ALA E 103 -4.99 -49.31 -20.19
C ALA E 103 -6.42 -49.80 -19.93
N VAL E 104 -6.79 -50.85 -20.65
CA VAL E 104 -8.10 -51.49 -20.53
C VAL E 104 -7.88 -52.94 -20.13
N VAL E 105 -8.60 -53.40 -19.10
CA VAL E 105 -8.48 -54.76 -18.59
C VAL E 105 -9.87 -55.32 -18.35
N ASN E 106 -9.97 -56.64 -18.35
CA ASN E 106 -11.23 -57.32 -18.06
C ASN E 106 -11.31 -57.64 -16.56
N ASN E 107 -12.43 -58.23 -16.14
CA ASN E 107 -12.64 -58.48 -14.72
C ASN E 107 -11.60 -59.43 -14.16
N GLU E 108 -11.22 -60.44 -14.94
CA GLU E 108 -10.20 -61.37 -14.46
C GLU E 108 -8.91 -60.64 -14.14
N THR E 109 -8.45 -59.79 -15.06
CA THR E 109 -7.19 -59.09 -14.88
C THR E 109 -7.26 -58.10 -13.72
N LYS E 110 -8.37 -57.37 -13.59
CA LYS E 110 -8.49 -56.38 -12.54
C LYS E 110 -8.35 -57.00 -11.15
N GLN E 111 -8.87 -58.21 -10.98
CA GLN E 111 -8.83 -58.86 -9.66
C GLN E 111 -7.44 -59.34 -9.29
N LYS E 112 -6.53 -59.49 -10.26
CA LYS E 112 -5.16 -59.86 -9.99
C LYS E 112 -4.28 -58.65 -9.71
N LEU E 113 -4.84 -57.45 -9.63
CA LEU E 113 -4.06 -56.24 -9.46
C LEU E 113 -4.36 -55.61 -8.10
N ARG E 114 -3.32 -55.40 -7.31
CA ARG E 114 -3.46 -54.72 -6.03
C ARG E 114 -3.24 -53.24 -6.23
N ILE E 115 -3.96 -52.44 -5.43
CA ILE E 115 -3.76 -51.01 -5.38
C ILE E 115 -2.34 -50.75 -4.93
N GLY E 116 -1.50 -50.27 -5.83
CA GLY E 116 -0.11 -50.00 -5.51
C GLY E 116 0.86 -50.82 -6.31
N ALA E 117 0.36 -51.75 -7.13
CA ALA E 117 1.21 -52.62 -7.91
C ALA E 117 2.15 -51.79 -8.77
N PRO E 118 3.44 -52.09 -8.80
CA PRO E 118 4.37 -51.29 -9.59
C PRO E 118 4.13 -51.42 -11.09
N ILE E 119 4.39 -50.33 -11.80
CA ILE E 119 4.23 -50.26 -13.24
C ILE E 119 5.59 -49.93 -13.85
N PHE E 120 5.98 -50.72 -14.85
CA PHE E 120 7.34 -50.68 -15.40
C PHE E 120 7.30 -50.33 -16.88
N ALA E 121 8.29 -49.56 -17.32
CA ALA E 121 8.58 -49.38 -18.73
C ALA E 121 10.08 -49.53 -18.90
N GLY E 122 10.50 -50.54 -19.65
CA GLY E 122 11.91 -50.86 -19.73
C GLY E 122 12.52 -51.38 -18.44
N LYS E 123 11.78 -52.18 -17.69
CA LYS E 123 12.20 -52.74 -16.41
C LYS E 123 12.53 -51.67 -15.38
N LYS E 124 12.22 -50.41 -15.68
CA LYS E 124 12.32 -49.30 -14.75
C LYS E 124 10.94 -48.92 -14.25
N LEU E 125 10.84 -48.60 -12.97
CA LEU E 125 9.56 -48.18 -12.42
C LEU E 125 9.14 -46.85 -13.06
N VAL E 126 7.90 -46.79 -13.54
CA VAL E 126 7.37 -45.54 -14.10
C VAL E 126 6.11 -45.06 -13.41
N SER E 127 5.43 -45.90 -12.64
CA SER E 127 4.16 -45.50 -12.01
C SER E 127 3.76 -46.63 -11.05
N VAL E 128 2.60 -46.44 -10.41
CA VAL E 128 1.97 -47.47 -9.58
C VAL E 128 0.48 -47.46 -9.89
N VAL E 129 -0.16 -48.61 -9.64
CA VAL E 129 -1.61 -48.70 -9.75
C VAL E 129 -2.25 -47.85 -8.65
N THR E 130 -3.12 -46.94 -9.05
CA THR E 130 -3.79 -46.04 -8.12
C THR E 130 -5.30 -46.20 -8.08
N ALA E 131 -5.94 -46.59 -9.19
CA ALA E 131 -7.38 -46.61 -9.27
C ALA E 131 -7.83 -47.49 -10.43
N PHE E 132 -9.11 -47.87 -10.39
CA PHE E 132 -9.79 -48.65 -11.42
C PHE E 132 -11.11 -47.97 -11.76
N HIS E 133 -11.38 -47.81 -13.06
CA HIS E 133 -12.64 -47.24 -13.54
C HIS E 133 -13.37 -48.26 -14.42
N ARG E 134 -14.60 -48.59 -14.05
CA ARG E 134 -15.40 -49.55 -14.81
C ARG E 134 -16.05 -48.85 -16.00
N VAL E 135 -15.67 -49.28 -17.20
CA VAL E 135 -16.28 -48.74 -18.42
C VAL E 135 -17.47 -49.60 -18.87
N GLY E 136 -17.52 -50.86 -18.48
CA GLY E 136 -18.67 -51.67 -18.81
C GLY E 136 -18.64 -52.99 -18.06
N GLU E 137 -19.42 -53.94 -18.56
CA GLU E 137 -19.29 -55.31 -18.11
C GLU E 137 -17.95 -55.86 -18.57
N ASN E 138 -17.17 -56.37 -17.62
CA ASN E 138 -15.90 -57.04 -17.91
C ASN E 138 -14.92 -56.10 -18.62
N GLU E 139 -14.93 -54.82 -18.26
CA GLU E 139 -14.02 -53.86 -18.89
C GLU E 139 -13.73 -52.74 -17.91
N TRP E 140 -12.44 -52.53 -17.61
CA TRP E 140 -12.00 -51.54 -16.64
C TRP E 140 -10.91 -50.67 -17.25
N LEU E 141 -10.89 -49.39 -16.89
CA LEU E 141 -9.80 -48.50 -17.26
C LEU E 141 -8.82 -48.36 -16.09
N LEU E 142 -7.54 -48.49 -16.39
CA LEU E 142 -6.47 -48.46 -15.40
C LEU E 142 -5.58 -47.25 -15.64
N PRO E 143 -5.77 -46.16 -14.88
CA PRO E 143 -4.91 -44.99 -15.08
C PRO E 143 -3.47 -45.26 -14.68
N VAL E 144 -2.55 -44.71 -15.45
CA VAL E 144 -1.12 -44.76 -15.16
C VAL E 144 -0.70 -43.32 -14.86
N THR E 145 -0.65 -42.98 -13.57
CA THR E 145 -0.39 -41.61 -13.16
C THR E 145 1.09 -41.27 -13.23
N GLY E 146 1.36 -39.99 -13.42
CA GLY E 146 2.72 -39.50 -13.55
C GLY E 146 2.72 -38.12 -14.14
N ILE E 147 3.91 -37.71 -14.59
CA ILE E 147 4.06 -36.42 -15.25
C ILE E 147 3.22 -36.38 -16.52
N ARG E 148 2.58 -35.23 -16.74
CA ARG E 148 1.64 -35.02 -17.83
C ARG E 148 2.16 -35.52 -19.18
N GLU E 149 1.38 -36.40 -19.81
CA GLU E 149 1.67 -36.85 -21.16
C GLU E 149 1.56 -35.66 -22.11
N ALA E 150 2.38 -35.69 -23.16
CA ALA E 150 2.57 -34.50 -23.98
C ALA E 150 1.25 -33.95 -24.52
N SER E 151 0.29 -34.82 -24.80
CA SER E 151 -0.95 -34.42 -25.45
C SER E 151 -2.10 -34.13 -24.50
N GLN E 152 -1.94 -34.38 -23.21
CA GLN E 152 -3.03 -34.21 -22.24
C GLN E 152 -2.75 -33.00 -21.36
N LEU E 153 -3.50 -32.90 -20.27
CA LEU E 153 -3.36 -31.78 -19.36
C LEU E 153 -3.29 -32.26 -17.91
N SER E 154 -2.61 -31.46 -17.10
CA SER E 154 -2.55 -31.66 -15.67
C SER E 154 -2.60 -30.30 -15.01
N GLY E 155 -2.78 -30.27 -13.70
CA GLY E 155 -2.77 -29.01 -12.99
C GLY E 155 -3.12 -29.18 -11.53
N HIS E 156 -3.12 -28.04 -10.83
CA HIS E 156 -3.54 -28.00 -9.44
C HIS E 156 -4.15 -26.63 -9.16
N MET E 157 -4.92 -26.55 -8.07
CA MET E 157 -5.45 -25.27 -7.63
C MET E 157 -5.85 -25.35 -6.17
N LYS E 158 -5.65 -24.26 -5.44
CA LYS E 158 -5.98 -24.20 -4.04
C LYS E 158 -7.48 -24.09 -3.88
N VAL E 159 -8.07 -24.99 -3.12
CA VAL E 159 -9.52 -25.08 -2.94
C VAL E 159 -9.83 -24.92 -1.46
N LEU E 160 -10.48 -23.81 -1.12
CA LEU E 160 -10.74 -23.50 0.27
C LEU E 160 -11.72 -24.48 0.92
N ASN E 161 -12.70 -24.96 0.16
CA ASN E 161 -13.74 -25.83 0.69
C ASN E 161 -13.82 -27.16 -0.04
N GLY E 162 -12.67 -27.69 -0.44
CA GLY E 162 -12.66 -28.96 -1.13
C GLY E 162 -13.18 -28.86 -2.55
N VAL E 163 -13.48 -30.03 -3.10
CA VAL E 163 -14.01 -30.18 -4.44
C VAL E 163 -15.33 -30.93 -4.35
N ARG E 164 -16.35 -30.38 -4.98
CA ARG E 164 -17.67 -31.00 -5.05
C ARG E 164 -17.84 -31.64 -6.42
N VAL E 165 -18.35 -32.85 -6.46
CA VAL E 165 -18.54 -33.57 -7.73
C VAL E 165 -20.02 -33.68 -8.00
N GLU E 166 -20.42 -33.32 -9.21
CA GLU E 166 -21.81 -33.31 -9.61
C GLU E 166 -22.00 -34.03 -10.92
N LYS E 167 -23.02 -34.89 -10.99
CA LYS E 167 -23.35 -35.52 -12.24
C LYS E 167 -23.96 -34.49 -13.19
N TRP E 168 -23.37 -34.40 -14.38
CA TRP E 168 -23.77 -33.45 -15.42
C TRP E 168 -24.98 -34.00 -16.18
N ARG E 169 -26.09 -33.24 -16.20
CA ARG E 169 -27.35 -33.70 -16.80
C ARG E 169 -27.36 -33.56 -18.32
N PRO E 170 -28.11 -34.43 -19.01
CA PRO E 170 -27.85 -34.70 -20.45
C PRO E 170 -27.86 -33.52 -21.40
N ASN E 171 -28.68 -32.48 -21.20
CA ASN E 171 -28.79 -31.40 -22.17
C ASN E 171 -28.39 -30.04 -21.60
N MET E 172 -27.61 -30.05 -20.53
CA MET E 172 -27.33 -28.86 -19.76
C MET E 172 -26.01 -28.22 -20.17
N SER E 173 -26.00 -26.90 -20.20
CA SER E 173 -24.78 -26.10 -20.21
C SER E 173 -24.41 -25.79 -18.76
N VAL E 174 -23.18 -25.31 -18.56
CA VAL E 174 -22.61 -25.17 -17.24
C VAL E 174 -22.14 -23.73 -17.04
N TYR E 175 -22.53 -23.13 -15.92
CA TYR E 175 -21.88 -21.91 -15.44
C TYR E 175 -21.79 -22.01 -13.93
N GLY E 176 -20.57 -21.88 -13.40
CA GLY E 176 -20.39 -21.78 -11.96
C GLY E 176 -21.02 -22.92 -11.21
N THR E 177 -22.06 -22.63 -10.43
CA THR E 177 -22.73 -23.60 -9.58
C THR E 177 -24.00 -24.18 -10.19
N VAL E 178 -24.39 -23.79 -11.41
CA VAL E 178 -25.68 -24.20 -11.95
C VAL E 178 -25.52 -24.91 -13.30
N GLN E 179 -26.52 -25.73 -13.63
CA GLN E 179 -26.69 -26.31 -14.97
C GLN E 179 -28.07 -25.96 -15.51
N LEU E 180 -28.12 -25.36 -16.69
CA LEU E 180 -29.38 -24.91 -17.28
C LEU E 180 -29.30 -25.08 -18.78
N PRO E 181 -30.43 -24.97 -19.48
CA PRO E 181 -30.38 -24.87 -20.95
C PRO E 181 -29.58 -23.65 -21.35
N TYR E 182 -29.06 -23.67 -22.58
CA TYR E 182 -28.11 -22.63 -22.97
C TYR E 182 -28.72 -21.23 -22.87
N ASP E 183 -29.92 -21.05 -23.40
CA ASP E 183 -30.53 -19.73 -23.34
C ASP E 183 -30.69 -19.27 -21.91
N LYS E 184 -30.92 -20.23 -21.01
CA LYS E 184 -31.11 -19.91 -19.61
C LYS E 184 -29.79 -19.62 -18.89
N ILE E 185 -28.73 -20.40 -19.12
CA ILE E 185 -27.47 -20.03 -18.49
C ILE E 185 -26.95 -18.73 -19.08
N LYS E 186 -27.13 -18.51 -20.39
CA LYS E 186 -26.70 -17.25 -20.98
C LYS E 186 -27.32 -16.08 -20.24
N GLN E 187 -28.60 -16.19 -19.89
CA GLN E 187 -29.24 -15.18 -19.05
C GLN E 187 -28.65 -15.18 -17.64
N HIS E 188 -28.42 -16.36 -17.07
CA HIS E 188 -27.91 -16.45 -15.70
C HIS E 188 -26.54 -15.80 -15.58
N ALA E 189 -25.66 -16.09 -16.55
CA ALA E 189 -24.28 -15.59 -16.54
C ALA E 189 -24.25 -14.07 -16.66
N LEU E 190 -25.02 -13.53 -17.61
CA LEU E 190 -25.09 -12.09 -17.81
C LEU E 190 -25.75 -11.38 -16.64
N GLU E 191 -26.45 -12.12 -15.77
CA GLU E 191 -27.05 -11.55 -14.56
C GLU E 191 -26.06 -11.47 -13.42
N GLN E 192 -25.06 -12.35 -13.42
CA GLN E 192 -24.24 -12.57 -12.25
C GLN E 192 -23.44 -11.33 -11.92
N GLU E 193 -23.42 -10.98 -10.64
CA GLU E 193 -22.62 -9.87 -10.14
C GLU E 193 -21.81 -10.37 -8.96
N ASN E 194 -20.75 -9.64 -8.66
CA ASN E 194 -19.86 -9.99 -7.56
C ASN E 194 -20.49 -9.56 -6.24
N LYS E 195 -21.55 -10.28 -5.88
CA LYS E 195 -22.29 -9.97 -4.68
C LYS E 195 -21.87 -10.87 -3.53
N ALA E 199 -17.41 -14.17 -0.97
CA ALA E 199 -18.51 -15.13 -0.90
C ALA E 199 -17.97 -16.51 -0.63
N LEU E 200 -18.89 -17.48 -0.49
CA LEU E 200 -18.51 -18.86 -0.19
C LEU E 200 -17.83 -19.49 -1.38
N GLU E 201 -16.53 -19.72 -1.28
CA GLU E 201 -15.78 -20.33 -2.37
C GLU E 201 -16.19 -21.78 -2.57
N SER E 202 -16.18 -22.21 -3.83
CA SER E 202 -16.51 -23.58 -4.19
C SER E 202 -15.70 -24.00 -5.40
N CYS E 203 -15.55 -25.30 -5.53
CA CYS E 203 -14.98 -25.92 -6.72
C CYS E 203 -15.89 -27.10 -7.06
N VAL E 204 -16.41 -27.12 -8.29
CA VAL E 204 -17.33 -28.16 -8.72
C VAL E 204 -16.76 -28.85 -9.96
N LEU E 205 -16.85 -30.17 -9.98
CA LEU E 205 -16.44 -31.01 -11.10
C LEU E 205 -17.69 -31.70 -11.62
N PHE E 206 -18.14 -31.32 -12.83
CA PHE E 206 -19.29 -31.96 -13.46
C PHE E 206 -18.80 -33.02 -14.43
N TYR E 207 -19.46 -34.17 -14.45
CA TYR E 207 -18.92 -35.27 -15.25
C TYR E 207 -19.97 -36.01 -16.06
N LYS E 208 -19.59 -36.34 -17.30
CA LYS E 208 -20.25 -37.33 -18.12
C LYS E 208 -19.24 -38.39 -18.57
N ASP E 209 -19.73 -39.32 -19.39
CA ASP E 209 -18.89 -40.39 -19.91
C ASP E 209 -17.71 -39.84 -20.70
N SER E 210 -17.94 -38.75 -21.43
CA SER E 210 -16.96 -38.24 -22.37
C SER E 210 -16.26 -36.99 -21.90
N GLU E 211 -16.84 -36.23 -20.99
CA GLU E 211 -16.37 -34.88 -20.72
C GLU E 211 -16.48 -34.53 -19.25
N ILE E 212 -15.55 -33.70 -18.80
CA ILE E 212 -15.46 -33.21 -17.43
C ILE E 212 -15.38 -31.69 -17.46
N ARG E 213 -16.05 -31.06 -16.52
CA ARG E 213 -15.99 -29.61 -16.34
C ARG E 213 -15.66 -29.25 -14.90
N ILE E 214 -14.74 -28.33 -14.75
CA ILE E 214 -14.33 -27.80 -13.46
C ILE E 214 -14.69 -26.33 -13.44
N THR E 215 -15.43 -25.90 -12.42
CA THR E 215 -15.69 -24.49 -12.19
C THR E 215 -15.10 -24.10 -10.84
N TYR E 216 -14.57 -22.88 -10.79
CA TYR E 216 -14.06 -22.27 -9.58
C TYR E 216 -14.88 -21.02 -9.33
N ASN E 217 -15.57 -20.96 -8.19
CA ASN E 217 -16.60 -19.96 -7.96
C ASN E 217 -16.43 -19.27 -6.61
N LYS E 218 -16.95 -18.05 -6.53
CA LYS E 218 -17.10 -17.30 -5.29
C LYS E 218 -18.58 -17.00 -5.14
N GLY E 219 -19.27 -17.74 -4.28
CA GLY E 219 -20.73 -17.70 -4.30
C GLY E 219 -21.23 -18.29 -5.59
N ASP E 220 -22.13 -17.58 -6.26
CA ASP E 220 -22.67 -17.99 -7.54
C ASP E 220 -21.85 -17.47 -8.71
N TYR E 221 -20.82 -16.66 -8.45
CA TYR E 221 -20.02 -16.03 -9.47
C TYR E 221 -18.89 -16.96 -9.91
N GLU E 222 -18.88 -17.28 -11.21
CA GLU E 222 -17.90 -18.18 -11.78
C GLU E 222 -16.63 -17.42 -12.11
N ILE E 223 -15.51 -17.88 -11.54
CA ILE E 223 -14.22 -17.28 -11.80
C ILE E 223 -13.52 -18.06 -12.89
N MET E 224 -13.72 -19.37 -12.93
CA MET E 224 -13.04 -20.18 -13.93
C MET E 224 -13.91 -21.37 -14.32
N HIS E 225 -13.82 -21.75 -15.59
CA HIS E 225 -14.54 -22.89 -16.14
C HIS E 225 -13.62 -23.61 -17.11
N LEU E 226 -13.36 -24.89 -16.85
CA LEU E 226 -12.44 -25.68 -17.65
C LEU E 226 -13.18 -26.87 -18.22
N ARG E 227 -13.01 -27.10 -19.52
CA ARG E 227 -13.60 -28.25 -20.19
C ARG E 227 -12.49 -29.19 -20.65
N MET E 228 -12.61 -30.46 -20.32
CA MET E 228 -11.52 -31.39 -20.56
C MET E 228 -12.11 -32.78 -20.74
N PRO E 229 -11.34 -33.71 -21.29
CA PRO E 229 -11.90 -35.03 -21.57
C PRO E 229 -12.25 -35.81 -20.31
N GLY E 230 -13.20 -36.71 -20.46
CA GLY E 230 -13.51 -37.70 -19.46
C GLY E 230 -12.99 -39.07 -19.87
N PRO E 231 -13.40 -40.12 -19.16
CA PRO E 231 -14.29 -40.00 -18.01
C PRO E 231 -13.55 -39.76 -16.69
N LEU E 232 -14.36 -39.52 -15.66
CA LEU E 232 -13.90 -39.35 -14.29
C LEU E 232 -13.97 -40.70 -13.57
N ILE E 233 -13.06 -40.90 -12.63
CA ILE E 233 -13.07 -42.12 -11.83
C ILE E 233 -13.90 -41.88 -10.59
N GLN E 234 -14.83 -42.79 -10.33
CA GLN E 234 -15.70 -42.77 -9.17
C GLN E 234 -14.92 -42.69 -7.85
N SER F 1 -23.64 -8.65 -51.34
CA SER F 1 -22.80 -9.71 -50.78
C SER F 1 -22.76 -10.93 -51.69
N MET F 2 -21.95 -11.92 -51.33
CA MET F 2 -21.77 -13.11 -52.14
C MET F 2 -22.28 -14.34 -51.41
N GLU F 3 -22.74 -15.30 -52.20
CA GLU F 3 -23.33 -16.55 -51.73
C GLU F 3 -22.33 -17.69 -51.91
N LEU F 4 -22.12 -18.47 -50.85
CA LEU F 4 -21.27 -19.67 -50.93
C LEU F 4 -21.77 -20.69 -49.94
N TYR F 5 -22.14 -21.87 -50.43
CA TYR F 5 -22.68 -22.92 -49.57
C TYR F 5 -23.84 -22.37 -48.77
N ASN F 6 -23.78 -22.43 -47.44
CA ASN F 6 -24.90 -22.04 -46.61
C ASN F 6 -24.73 -20.65 -46.00
N ILE F 7 -23.87 -19.80 -46.57
CA ILE F 7 -23.58 -18.49 -46.00
C ILE F 7 -23.63 -17.41 -47.07
N LYS F 8 -23.72 -16.16 -46.60
CA LYS F 8 -23.47 -14.95 -47.38
C LYS F 8 -22.44 -14.13 -46.64
N TYR F 9 -21.50 -13.53 -47.38
CA TYR F 9 -20.39 -12.83 -46.76
C TYR F 9 -20.05 -11.57 -47.54
N ALA F 10 -19.22 -10.73 -46.93
CA ALA F 10 -18.71 -9.52 -47.52
C ALA F 10 -17.25 -9.37 -47.13
N ILE F 11 -16.64 -8.24 -47.51
CA ILE F 11 -15.23 -8.00 -47.24
C ILE F 11 -15.09 -6.65 -46.56
N ASP F 12 -14.24 -6.61 -45.54
CA ASP F 12 -13.98 -5.45 -44.71
C ASP F 12 -13.09 -4.47 -45.45
N PRO F 13 -13.02 -3.22 -44.99
CA PRO F 13 -11.98 -2.31 -45.47
C PRO F 13 -10.60 -2.78 -45.09
N THR F 14 -10.50 -3.73 -44.17
CA THR F 14 -9.25 -4.33 -43.75
C THR F 14 -8.99 -5.64 -44.46
N ASN F 15 -9.70 -5.92 -45.55
CA ASN F 15 -9.53 -7.16 -46.31
C ASN F 15 -9.89 -8.38 -45.48
N LYS F 16 -10.85 -8.23 -44.60
CA LYS F 16 -11.29 -9.30 -43.73
C LYS F 16 -12.70 -9.70 -44.14
N ILE F 17 -12.97 -10.99 -44.13
CA ILE F 17 -14.29 -11.49 -44.52
C ILE F 17 -15.29 -11.27 -43.41
N VAL F 18 -16.48 -10.76 -43.77
CA VAL F 18 -17.59 -10.52 -42.85
C VAL F 18 -18.72 -11.48 -43.20
N ILE F 19 -19.06 -12.37 -42.27
CA ILE F 19 -20.18 -13.28 -42.49
C ILE F 19 -21.46 -12.50 -42.24
N GLU F 20 -22.35 -12.47 -43.23
CA GLU F 20 -23.60 -11.73 -43.15
C GLU F 20 -24.79 -12.61 -42.77
N GLN F 21 -24.86 -13.82 -43.31
CA GLN F 21 -25.95 -14.76 -43.04
C GLN F 21 -25.38 -16.16 -42.99
N VAL F 22 -25.97 -17.01 -42.15
CA VAL F 22 -25.70 -18.44 -42.14
C VAL F 22 -27.05 -19.12 -42.17
N ASP F 23 -27.28 -19.97 -43.17
CA ASP F 23 -28.57 -20.64 -43.34
C ASP F 23 -29.73 -19.64 -43.42
N ASN F 24 -29.50 -18.51 -44.12
CA ASN F 24 -30.50 -17.46 -44.35
C ASN F 24 -30.95 -16.77 -43.07
N VAL F 25 -30.07 -16.79 -42.07
CA VAL F 25 -30.30 -16.12 -40.80
C VAL F 25 -29.24 -15.07 -40.66
N ASP F 26 -29.66 -13.88 -40.33
CA ASP F 26 -28.70 -12.81 -40.14
C ASP F 26 -27.70 -13.21 -39.08
N ALA F 27 -26.41 -12.98 -39.36
CA ALA F 27 -25.33 -13.49 -38.53
C ALA F 27 -24.38 -12.39 -38.08
N PHE F 28 -23.67 -12.69 -36.99
CA PHE F 28 -22.60 -11.86 -36.45
C PHE F 28 -21.39 -12.75 -36.22
N VAL F 29 -20.29 -12.47 -36.90
CA VAL F 29 -19.04 -13.21 -36.70
C VAL F 29 -17.90 -12.19 -36.67
N HIS F 30 -17.28 -12.01 -35.49
CA HIS F 30 -16.29 -10.97 -35.27
C HIS F 30 -14.96 -11.62 -34.84
N ILE F 31 -13.93 -11.47 -35.67
CA ILE F 31 -12.64 -12.13 -35.47
C ILE F 31 -11.72 -11.22 -34.67
N LEU F 32 -11.06 -11.80 -33.66
CA LEU F 32 -10.08 -11.14 -32.82
C LEU F 32 -8.67 -11.62 -33.12
N GLU F 33 -7.70 -10.72 -33.01
CA GLU F 33 -6.30 -11.09 -33.23
C GLU F 33 -5.82 -12.00 -32.10
N PRO F 34 -4.74 -12.77 -32.34
CA PRO F 34 -4.24 -13.65 -31.28
C PRO F 34 -3.91 -12.89 -30.01
N GLY F 35 -4.49 -13.34 -28.90
CA GLY F 35 -4.26 -12.69 -27.63
C GLY F 35 -4.87 -11.31 -27.48
N GLN F 36 -5.72 -10.89 -28.41
CA GLN F 36 -6.26 -9.53 -28.34
C GLN F 36 -7.19 -9.38 -27.15
N GLU F 37 -7.15 -8.20 -26.54
CA GLU F 37 -8.04 -7.82 -25.45
C GLU F 37 -8.96 -6.71 -25.92
N VAL F 38 -10.26 -6.92 -25.76
CA VAL F 38 -11.29 -5.96 -26.17
C VAL F 38 -12.31 -5.84 -25.07
N PHE F 39 -13.00 -4.70 -25.03
CA PHE F 39 -14.13 -4.51 -24.14
C PHE F 39 -15.29 -3.93 -24.93
N ASP F 40 -16.41 -4.65 -24.95
CA ASP F 40 -17.63 -4.24 -25.63
C ASP F 40 -18.73 -5.10 -25.05
N GLU F 41 -19.61 -4.51 -24.24
CA GLU F 41 -20.62 -5.31 -23.57
C GLU F 41 -21.59 -5.99 -24.55
N THR F 42 -21.77 -5.43 -25.75
CA THR F 42 -22.63 -6.04 -26.76
C THR F 42 -22.09 -7.39 -27.24
N LEU F 43 -20.80 -7.67 -27.03
CA LEU F 43 -20.26 -8.97 -27.46
C LEU F 43 -20.65 -10.11 -26.54
N SER F 44 -21.05 -9.83 -25.30
CA SER F 44 -21.25 -10.90 -24.32
C SER F 44 -22.46 -11.76 -24.64
N GLN F 45 -23.41 -11.28 -25.44
CA GLN F 45 -24.60 -12.04 -25.79
C GLN F 45 -24.32 -13.17 -26.77
N TYR F 46 -23.19 -13.13 -27.47
CA TYR F 46 -22.89 -14.09 -28.52
C TYR F 46 -22.01 -15.23 -28.00
N HIS F 47 -21.85 -16.25 -28.83
CA HIS F 47 -20.94 -17.34 -28.51
C HIS F 47 -19.51 -16.84 -28.58
N GLN F 48 -18.63 -17.45 -27.80
CA GLN F 48 -17.22 -17.12 -27.86
C GLN F 48 -16.39 -18.38 -27.90
N PHE F 49 -15.53 -18.47 -28.90
CA PHE F 49 -14.50 -19.47 -29.09
C PHE F 49 -13.20 -18.70 -29.28
N PRO F 50 -12.04 -19.33 -28.99
CA PRO F 50 -10.77 -18.58 -29.08
C PRO F 50 -10.58 -17.93 -30.45
N GLY F 51 -10.50 -16.61 -30.46
CA GLY F 51 -10.27 -15.87 -31.69
C GLY F 51 -11.52 -15.39 -32.39
N VAL F 52 -12.71 -15.61 -31.85
CA VAL F 52 -13.93 -15.21 -32.54
C VAL F 52 -15.04 -14.97 -31.52
N VAL F 53 -15.83 -13.94 -31.77
CA VAL F 53 -17.13 -13.74 -31.16
C VAL F 53 -18.16 -13.99 -32.26
N SER F 54 -19.05 -14.95 -32.06
CA SER F 54 -19.88 -15.43 -33.15
C SER F 54 -21.31 -15.61 -32.68
N SER F 55 -22.26 -15.25 -33.56
CA SER F 55 -23.66 -15.52 -33.29
C SER F 55 -24.05 -16.95 -33.64
N ILE F 56 -23.17 -17.69 -34.27
CA ILE F 56 -23.47 -19.04 -34.71
C ILE F 56 -22.44 -20.00 -34.09
N ILE F 57 -22.92 -21.20 -33.79
CA ILE F 57 -22.08 -22.23 -33.19
C ILE F 57 -21.10 -22.77 -34.23
N PHE F 58 -19.82 -22.74 -33.89
CA PHE F 58 -18.81 -23.45 -34.65
C PHE F 58 -18.73 -24.84 -34.05
N PRO F 59 -19.16 -25.88 -34.74
CA PRO F 59 -19.39 -27.16 -34.09
C PRO F 59 -18.10 -27.94 -33.84
N GLN F 60 -18.22 -28.95 -32.99
CA GLN F 60 -17.09 -29.81 -32.68
C GLN F 60 -16.63 -30.55 -33.92
N LEU F 61 -15.33 -30.56 -34.13
CA LEU F 61 -14.71 -31.30 -35.22
C LEU F 61 -13.99 -32.50 -34.64
N VAL F 62 -13.43 -33.30 -35.53
CA VAL F 62 -12.62 -34.46 -35.17
C VAL F 62 -11.26 -34.28 -35.80
N LEU F 63 -10.21 -34.62 -35.06
CA LEU F 63 -8.86 -34.53 -35.61
C LEU F 63 -8.70 -35.50 -36.77
N ASN F 64 -7.91 -35.08 -37.76
CA ASN F 64 -7.58 -35.81 -38.98
C ASN F 64 -8.74 -35.87 -39.97
N THR F 65 -9.79 -35.08 -39.76
CA THR F 65 -10.84 -34.94 -40.75
C THR F 65 -10.47 -33.82 -41.72
N ILE F 66 -11.24 -33.75 -42.81
CA ILE F 66 -10.98 -32.82 -43.91
C ILE F 66 -11.98 -31.67 -43.85
N ILE F 67 -11.49 -30.45 -44.00
CA ILE F 67 -12.31 -29.25 -44.10
C ILE F 67 -11.95 -28.51 -45.39
N SER F 68 -12.77 -27.53 -45.74
CA SER F 68 -12.53 -26.65 -46.89
C SER F 68 -12.50 -25.19 -46.45
N VAL F 69 -11.57 -24.42 -47.00
CA VAL F 69 -11.42 -23.01 -46.69
C VAL F 69 -11.55 -22.21 -47.98
N LEU F 70 -12.26 -21.09 -47.92
CA LEU F 70 -12.45 -20.22 -49.08
C LEU F 70 -11.19 -19.43 -49.37
N SER F 71 -10.69 -19.53 -50.59
CA SER F 71 -9.48 -18.83 -51.03
C SER F 71 -9.77 -17.46 -51.63
N GLY F 74 -11.21 -17.35 -55.50
CA GLY F 74 -12.52 -17.76 -55.04
C GLY F 74 -12.72 -19.27 -55.11
N SER F 75 -11.61 -20.00 -55.09
CA SER F 75 -11.63 -21.45 -55.01
C SER F 75 -11.70 -21.92 -53.56
N LEU F 76 -12.02 -23.20 -53.37
CA LEU F 76 -12.08 -23.83 -52.07
C LEU F 76 -10.86 -24.73 -51.89
N LEU F 77 -10.14 -24.53 -50.81
CA LEU F 77 -8.95 -25.31 -50.50
C LEU F 77 -9.24 -26.36 -49.42
N THR F 78 -8.91 -27.62 -49.70
CA THR F 78 -9.16 -28.73 -48.78
C THR F 78 -7.92 -28.98 -47.94
N LEU F 79 -8.10 -29.08 -46.64
CA LEU F 79 -7.00 -29.25 -45.71
C LEU F 79 -7.38 -30.30 -44.68
N LYS F 80 -6.35 -30.98 -44.16
CA LYS F 80 -6.52 -32.01 -43.15
C LYS F 80 -6.17 -31.43 -41.79
N LEU F 81 -7.03 -31.67 -40.80
CA LEU F 81 -6.81 -31.16 -39.45
C LEU F 81 -5.88 -32.12 -38.71
N GLU F 82 -4.57 -31.92 -38.91
CA GLU F 82 -3.57 -32.84 -38.41
C GLU F 82 -2.86 -32.39 -37.14
N ASN F 83 -2.92 -31.11 -36.81
CA ASN F 83 -2.18 -30.60 -35.69
C ASN F 83 -3.13 -29.95 -34.69
N THR F 84 -2.56 -29.37 -33.65
CA THR F 84 -3.32 -28.62 -32.66
C THR F 84 -2.54 -27.34 -32.40
N CYS F 85 -3.24 -26.37 -31.83
CA CYS F 85 -2.62 -25.07 -31.57
C CYS F 85 -3.40 -24.39 -30.45
N PHE F 86 -2.67 -23.62 -29.63
CA PHE F 86 -3.28 -22.89 -28.54
C PHE F 86 -3.43 -21.42 -28.94
N ASN F 87 -4.64 -20.89 -28.81
CA ASN F 87 -4.90 -19.48 -29.04
C ASN F 87 -5.83 -18.99 -27.96
N PHE F 88 -5.91 -17.66 -27.82
CA PHE F 88 -6.77 -17.09 -26.80
C PHE F 88 -7.12 -15.66 -27.17
N HIS F 89 -8.09 -15.11 -26.46
CA HIS F 89 -8.39 -13.70 -26.50
C HIS F 89 -8.95 -13.33 -25.13
N VAL F 90 -9.12 -12.03 -24.90
CA VAL F 90 -9.78 -11.52 -23.71
C VAL F 90 -10.90 -10.60 -24.16
N CYS F 91 -12.14 -10.94 -23.81
CA CYS F 91 -13.30 -10.15 -24.17
C CYS F 91 -14.10 -9.87 -22.92
N ASN F 92 -14.30 -8.58 -22.62
CA ASN F 92 -15.02 -8.13 -21.43
C ASN F 92 -14.44 -8.76 -20.17
N LYS F 93 -13.10 -8.67 -20.08
CA LYS F 93 -12.32 -9.17 -18.95
C LYS F 93 -12.52 -10.67 -18.75
N ARG F 94 -12.81 -11.39 -19.82
CA ARG F 94 -12.91 -12.85 -19.77
C ARG F 94 -11.88 -13.44 -20.72
N PHE F 95 -10.92 -14.15 -20.13
CA PHE F 95 -9.84 -14.87 -20.82
C PHE F 95 -10.41 -16.14 -21.46
N VAL F 96 -10.51 -16.16 -22.78
CA VAL F 96 -11.12 -17.28 -23.52
C VAL F 96 -10.01 -18.00 -24.29
N PHE F 97 -9.85 -19.29 -24.07
CA PHE F 97 -8.67 -19.99 -24.54
C PHE F 97 -8.98 -21.43 -24.89
N GLY F 98 -8.01 -22.08 -25.53
CA GLY F 98 -8.11 -23.50 -25.80
C GLY F 98 -7.14 -23.92 -26.88
N ASN F 99 -6.96 -25.24 -26.96
CA ASN F 99 -6.19 -25.86 -28.04
C ASN F 99 -7.16 -26.28 -29.14
N LEU F 100 -6.89 -25.82 -30.34
CA LEU F 100 -7.78 -25.96 -31.47
C LEU F 100 -7.19 -26.93 -32.49
N PRO F 101 -8.02 -27.69 -33.19
CA PRO F 101 -7.50 -28.54 -34.28
C PRO F 101 -6.83 -27.66 -35.31
N ALA F 102 -5.83 -28.19 -35.97
CA ALA F 102 -5.07 -27.33 -36.85
C ALA F 102 -4.66 -28.07 -38.11
N ALA F 103 -4.67 -27.33 -39.21
CA ALA F 103 -4.08 -27.76 -40.46
C ALA F 103 -2.73 -27.05 -40.65
N VAL F 104 -1.97 -27.52 -41.64
CA VAL F 104 -0.67 -26.94 -41.95
C VAL F 104 -0.69 -26.51 -43.42
N VAL F 105 -0.23 -25.28 -43.68
CA VAL F 105 -0.21 -24.72 -45.02
C VAL F 105 1.16 -24.09 -45.24
N ASN F 106 1.55 -23.94 -46.50
CA ASN F 106 2.84 -23.34 -46.81
C ASN F 106 2.68 -21.82 -46.93
N ASN F 107 3.80 -21.13 -47.14
CA ASN F 107 3.76 -19.67 -47.17
C ASN F 107 2.94 -19.17 -48.35
N GLU F 108 3.00 -19.87 -49.48
CA GLU F 108 2.24 -19.46 -50.65
C GLU F 108 0.74 -19.53 -50.39
N THR F 109 0.29 -20.58 -49.69
CA THR F 109 -1.13 -20.74 -49.42
C THR F 109 -1.62 -19.75 -48.37
N LYS F 110 -0.81 -19.50 -47.34
CA LYS F 110 -1.21 -18.59 -46.26
C LYS F 110 -1.57 -17.22 -46.80
N GLN F 111 -0.87 -16.80 -47.85
CA GLN F 111 -1.11 -15.49 -48.44
C GLN F 111 -2.41 -15.42 -49.22
N LYS F 112 -2.97 -16.58 -49.63
CA LYS F 112 -4.26 -16.60 -50.30
C LYS F 112 -5.44 -16.69 -49.35
N LEU F 113 -5.23 -16.63 -48.05
CA LEU F 113 -6.31 -16.77 -47.09
C LEU F 113 -6.52 -15.46 -46.36
N ARG F 114 -7.75 -14.98 -46.36
CA ARG F 114 -8.10 -13.77 -45.64
C ARG F 114 -8.51 -14.13 -44.22
N ILE F 115 -8.20 -13.23 -43.29
CA ILE F 115 -8.69 -13.34 -41.93
C ILE F 115 -10.20 -13.30 -42.05
N GLY F 116 -10.86 -14.41 -41.75
CA GLY F 116 -12.31 -14.44 -41.80
C GLY F 116 -12.86 -15.40 -42.82
N ALA F 117 -11.98 -16.03 -43.61
CA ALA F 117 -12.41 -16.94 -44.66
C ALA F 117 -13.28 -18.03 -44.08
N PRO F 118 -14.43 -18.31 -44.68
CA PRO F 118 -15.29 -19.35 -44.11
C PRO F 118 -14.64 -20.71 -44.23
N ILE F 119 -14.85 -21.56 -43.22
CA ILE F 119 -14.32 -22.91 -43.21
C ILE F 119 -15.51 -23.87 -43.16
N PHE F 120 -15.47 -24.87 -44.03
CA PHE F 120 -16.60 -25.75 -44.30
C PHE F 120 -16.20 -27.20 -44.01
N ALA F 121 -17.15 -27.96 -43.49
CA ALA F 121 -17.04 -29.41 -43.36
C ALA F 121 -18.29 -29.96 -44.00
N GLY F 122 -18.11 -30.79 -45.03
CA GLY F 122 -19.21 -31.03 -45.92
C GLY F 122 -19.43 -29.73 -46.66
N LYS F 123 -20.69 -29.30 -46.78
CA LYS F 123 -20.99 -28.01 -47.40
C LYS F 123 -21.67 -27.07 -46.42
N LYS F 124 -21.29 -27.18 -45.15
CA LYS F 124 -21.82 -26.36 -44.08
C LYS F 124 -20.68 -25.64 -43.39
N LEU F 125 -20.93 -24.38 -43.04
CA LEU F 125 -19.94 -23.57 -42.33
C LEU F 125 -19.69 -24.17 -40.95
N VAL F 126 -18.41 -24.38 -40.61
CA VAL F 126 -18.05 -24.89 -39.29
C VAL F 126 -17.08 -23.99 -38.54
N SER F 127 -16.48 -23.00 -39.19
CA SER F 127 -15.47 -22.15 -38.55
C SER F 127 -15.15 -20.98 -39.48
N VAL F 128 -14.23 -20.12 -39.02
CA VAL F 128 -13.64 -19.07 -39.84
C VAL F 128 -12.14 -18.98 -39.56
N VAL F 129 -11.40 -18.47 -40.54
CA VAL F 129 -9.97 -18.23 -40.39
C VAL F 129 -9.76 -17.12 -39.37
N THR F 130 -8.98 -17.41 -38.33
CA THR F 130 -8.75 -16.44 -37.27
C THR F 130 -7.31 -16.03 -37.09
N ALA F 131 -6.35 -16.91 -37.38
CA ALA F 131 -4.96 -16.62 -37.07
C ALA F 131 -4.04 -17.53 -37.86
N PHE F 132 -2.75 -17.15 -37.89
CA PHE F 132 -1.69 -17.95 -38.49
C PHE F 132 -0.53 -18.04 -37.50
N HIS F 133 0.01 -19.25 -37.33
CA HIS F 133 1.17 -19.47 -36.50
C HIS F 133 2.26 -20.12 -37.35
N ARG F 134 3.41 -19.47 -37.46
CA ARG F 134 4.49 -20.01 -38.28
C ARG F 134 5.15 -21.22 -37.62
N GLU F 139 5.99 -22.80 -43.72
CA GLU F 139 5.17 -23.68 -42.88
C GLU F 139 4.38 -22.86 -41.87
N TRP F 140 3.06 -22.95 -41.95
CA TRP F 140 2.18 -22.24 -41.04
C TRP F 140 1.12 -23.19 -40.51
N LEU F 141 0.71 -22.96 -39.27
CA LEU F 141 -0.43 -23.64 -38.67
C LEU F 141 -1.65 -22.76 -38.79
N LEU F 142 -2.77 -23.38 -39.14
CA LEU F 142 -4.06 -22.72 -39.32
C LEU F 142 -5.05 -23.18 -38.28
N PRO F 143 -5.26 -22.42 -37.20
CA PRO F 143 -6.27 -22.81 -36.22
C PRO F 143 -7.68 -22.73 -36.78
N VAL F 144 -8.48 -23.76 -36.48
CA VAL F 144 -9.90 -23.85 -36.82
C VAL F 144 -10.64 -23.81 -35.49
N THR F 145 -11.06 -22.62 -35.06
CA THR F 145 -11.66 -22.47 -33.75
C THR F 145 -13.11 -22.95 -33.75
N GLY F 146 -13.57 -23.34 -32.58
CA GLY F 146 -14.91 -23.87 -32.44
C GLY F 146 -15.02 -24.61 -31.13
N ILE F 147 -16.11 -25.38 -31.01
CA ILE F 147 -16.33 -26.16 -29.80
C ILE F 147 -15.20 -27.15 -29.60
N ARG F 148 -14.77 -27.28 -28.34
CA ARG F 148 -13.64 -28.10 -27.95
C ARG F 148 -13.68 -29.49 -28.58
N GLU F 149 -12.60 -29.84 -29.28
CA GLU F 149 -12.44 -31.20 -29.79
C GLU F 149 -12.29 -32.14 -28.61
N ALA F 150 -12.82 -33.35 -28.77
CA ALA F 150 -13.01 -34.26 -27.63
C ALA F 150 -11.73 -34.50 -26.83
N SER F 151 -10.57 -34.51 -27.49
CA SER F 151 -9.30 -34.84 -26.84
C SER F 151 -8.55 -33.62 -26.33
N GLN F 152 -9.07 -32.41 -26.58
CA GLN F 152 -8.37 -31.17 -26.33
C GLN F 152 -8.94 -30.47 -25.09
N LEU F 153 -8.57 -29.20 -24.93
CA LEU F 153 -9.01 -28.38 -23.82
C LEU F 153 -9.60 -27.08 -24.32
N SER F 154 -10.60 -26.57 -23.58
CA SER F 154 -11.12 -25.24 -23.76
C SER F 154 -11.48 -24.69 -22.39
N GLY F 155 -11.66 -23.39 -22.30
CA GLY F 155 -12.09 -22.83 -21.04
C GLY F 155 -12.11 -21.32 -21.10
N HIS F 156 -12.52 -20.74 -19.96
CA HIS F 156 -12.47 -19.30 -19.78
C HIS F 156 -12.29 -18.99 -18.31
N MET F 157 -11.85 -17.77 -18.02
CA MET F 157 -11.77 -17.35 -16.63
C MET F 157 -11.71 -15.83 -16.54
N LYS F 158 -12.35 -15.30 -15.50
CA LYS F 158 -12.45 -13.86 -15.28
C LYS F 158 -11.10 -13.31 -14.82
N VAL F 159 -10.57 -12.34 -15.56
CA VAL F 159 -9.25 -11.78 -15.29
C VAL F 159 -9.40 -10.27 -15.12
N LEU F 160 -9.20 -9.79 -13.89
CA LEU F 160 -9.34 -8.37 -13.59
C LEU F 160 -8.28 -7.53 -14.28
N ASN F 161 -7.08 -8.07 -14.43
CA ASN F 161 -5.96 -7.29 -14.94
C ASN F 161 -5.41 -7.89 -16.24
N GLY F 162 -6.28 -8.45 -17.04
CA GLY F 162 -5.84 -9.02 -18.29
C GLY F 162 -5.03 -10.29 -18.09
N VAL F 163 -4.36 -10.67 -19.16
CA VAL F 163 -3.50 -11.85 -19.20
C VAL F 163 -2.10 -11.40 -19.60
N ARG F 164 -1.09 -11.82 -18.84
CA ARG F 164 0.29 -11.53 -19.15
C ARG F 164 0.90 -12.76 -19.81
N VAL F 165 1.65 -12.55 -20.89
CA VAL F 165 2.29 -13.63 -21.63
C VAL F 165 3.78 -13.54 -21.40
N GLU F 166 4.39 -14.64 -20.96
CA GLU F 166 5.79 -14.68 -20.60
C GLU F 166 6.46 -15.88 -21.27
N LYS F 167 7.59 -15.62 -21.93
CA LYS F 167 8.39 -16.70 -22.48
C LYS F 167 8.95 -17.56 -21.35
N TRP F 168 8.82 -18.87 -21.50
CA TRP F 168 9.19 -19.83 -20.47
C TRP F 168 10.65 -20.24 -20.69
N ARG F 169 11.51 -19.92 -19.72
CA ARG F 169 12.94 -20.13 -19.90
C ARG F 169 13.31 -21.59 -19.65
N PRO F 170 14.28 -22.13 -20.40
CA PRO F 170 14.56 -23.56 -20.34
C PRO F 170 14.95 -24.02 -18.94
N ASN F 171 14.58 -25.25 -18.63
CA ASN F 171 14.91 -25.94 -17.38
C ASN F 171 14.22 -25.33 -16.16
N MET F 172 13.21 -24.48 -16.35
CA MET F 172 12.56 -23.78 -15.25
C MET F 172 11.26 -24.46 -14.87
N SER F 173 11.01 -24.54 -13.56
CA SER F 173 9.70 -24.87 -13.03
C SER F 173 8.93 -23.58 -12.78
N VAL F 174 7.63 -23.70 -12.57
CA VAL F 174 6.71 -22.56 -12.54
C VAL F 174 5.91 -22.57 -11.25
N TYR F 175 5.88 -21.42 -10.56
CA TYR F 175 4.91 -21.20 -9.48
C TYR F 175 4.43 -19.76 -9.54
N GLY F 176 3.12 -19.58 -9.63
CA GLY F 176 2.52 -18.25 -9.53
C GLY F 176 3.06 -17.26 -10.55
N THR F 177 3.75 -16.23 -10.09
CA THR F 177 4.28 -15.21 -10.97
C THR F 177 5.74 -15.42 -11.35
N VAL F 178 6.37 -16.49 -10.88
CA VAL F 178 7.81 -16.69 -11.07
C VAL F 178 8.09 -18.03 -11.75
N GLN F 179 9.25 -18.10 -12.40
CA GLN F 179 9.80 -19.36 -12.88
C GLN F 179 11.19 -19.51 -12.29
N LEU F 180 11.45 -20.66 -11.68
CA LEU F 180 12.70 -20.86 -10.98
C LEU F 180 13.12 -22.32 -11.13
N PRO F 181 14.36 -22.67 -10.80
CA PRO F 181 14.71 -24.09 -10.74
C PRO F 181 13.82 -24.80 -9.74
N TYR F 182 13.72 -26.13 -9.90
CA TYR F 182 12.78 -26.88 -9.08
C TYR F 182 13.08 -26.70 -7.59
N ASP F 183 14.35 -26.74 -7.20
CA ASP F 183 14.66 -26.57 -5.78
C ASP F 183 14.15 -25.24 -5.27
N LYS F 184 14.31 -24.18 -6.06
CA LYS F 184 13.81 -22.87 -5.65
C LYS F 184 12.29 -22.84 -5.63
N ILE F 185 11.65 -23.51 -6.59
CA ILE F 185 10.20 -23.40 -6.73
C ILE F 185 9.48 -24.12 -5.59
N LYS F 186 10.04 -25.24 -5.13
CA LYS F 186 9.40 -26.01 -4.06
C LYS F 186 9.39 -25.24 -2.74
N GLN F 187 10.51 -24.61 -2.40
CA GLN F 187 10.53 -23.82 -1.16
C GLN F 187 9.69 -22.56 -1.29
N HIS F 188 9.72 -21.94 -2.47
CA HIS F 188 8.94 -20.73 -2.69
C HIS F 188 7.46 -20.99 -2.48
N ALA F 189 6.97 -22.13 -2.97
CA ALA F 189 5.56 -22.46 -2.82
C ALA F 189 5.19 -22.66 -1.36
N LEU F 190 6.00 -23.44 -0.64
CA LEU F 190 5.78 -23.71 0.77
C LEU F 190 5.99 -22.48 1.64
N GLU F 191 6.61 -21.43 1.08
CA GLU F 191 6.83 -20.17 1.79
C GLU F 191 5.64 -19.22 1.70
N GLN F 192 4.84 -19.31 0.65
CA GLN F 192 3.73 -18.36 0.43
C GLN F 192 2.64 -18.48 1.49
N LEU F 200 -2.88 -8.47 -5.30
CA LEU F 200 -3.18 -7.98 -6.63
C LEU F 200 -3.27 -9.11 -7.66
N GLU F 201 -4.43 -9.19 -8.31
CA GLU F 201 -4.76 -10.33 -9.15
C GLU F 201 -3.97 -10.32 -10.45
N SER F 202 -3.66 -11.51 -10.95
CA SER F 202 -2.92 -11.65 -12.19
C SER F 202 -3.25 -12.97 -12.85
N CYS F 203 -3.04 -13.01 -14.16
CA CYS F 203 -3.05 -14.25 -14.93
C CYS F 203 -1.84 -14.20 -15.85
N VAL F 204 -1.00 -15.22 -15.77
CA VAL F 204 0.23 -15.29 -16.55
C VAL F 204 0.21 -16.55 -17.40
N LEU F 205 0.61 -16.41 -18.66
CA LEU F 205 0.72 -17.52 -19.58
C LEU F 205 2.20 -17.66 -19.93
N PHE F 206 2.80 -18.77 -19.49
CA PHE F 206 4.17 -19.11 -19.81
C PHE F 206 4.19 -20.05 -21.00
N TYR F 207 5.05 -19.78 -21.96
CA TYR F 207 5.00 -20.58 -23.17
C TYR F 207 6.38 -21.01 -23.64
N LYS F 208 6.46 -22.28 -24.01
CA LYS F 208 7.51 -22.85 -24.84
C LYS F 208 6.82 -23.47 -26.04
N ASP F 209 7.61 -24.00 -26.97
CA ASP F 209 7.00 -24.57 -28.17
C ASP F 209 6.06 -25.70 -27.80
N SER F 210 6.54 -26.67 -27.03
CA SER F 210 5.76 -27.87 -26.76
C SER F 210 4.70 -27.69 -25.68
N GLU F 211 4.84 -26.71 -24.78
CA GLU F 211 4.05 -26.70 -23.55
C GLU F 211 3.70 -25.27 -23.14
N ILE F 212 2.52 -25.12 -22.52
CA ILE F 212 1.97 -23.84 -22.10
C ILE F 212 1.65 -23.94 -20.61
N ARG F 213 1.91 -22.88 -19.85
CA ARG F 213 1.54 -22.84 -18.44
C ARG F 213 0.66 -21.63 -18.19
N ILE F 214 -0.46 -21.84 -17.52
CA ILE F 214 -1.34 -20.78 -17.10
C ILE F 214 -1.43 -20.79 -15.58
N THR F 215 -1.15 -19.65 -14.96
CA THR F 215 -1.31 -19.49 -13.53
C THR F 215 -2.31 -18.37 -13.23
N TYR F 216 -3.11 -18.56 -12.19
CA TYR F 216 -4.01 -17.55 -11.67
C TYR F 216 -3.57 -17.21 -10.25
N ASN F 217 -3.25 -15.94 -10.01
CA ASN F 217 -2.55 -15.52 -8.80
C ASN F 217 -3.23 -14.35 -8.10
N LYS F 218 -3.14 -14.34 -6.77
CA LYS F 218 -3.48 -13.16 -5.99
C LYS F 218 -2.20 -12.69 -5.30
N GLY F 219 -1.70 -11.53 -5.70
CA GLY F 219 -0.37 -11.13 -5.27
C GLY F 219 0.63 -12.13 -5.81
N ASP F 220 1.48 -12.63 -4.91
CA ASP F 220 2.46 -13.65 -5.25
C ASP F 220 1.95 -15.06 -5.03
N TYR F 221 0.75 -15.22 -4.48
CA TYR F 221 0.21 -16.52 -4.10
C TYR F 221 -0.51 -17.15 -5.29
N GLU F 222 -0.11 -18.36 -5.65
CA GLU F 222 -0.68 -19.06 -6.79
C GLU F 222 -1.98 -19.75 -6.39
N ILE F 223 -3.07 -19.42 -7.07
CA ILE F 223 -4.34 -20.07 -6.81
C ILE F 223 -4.55 -21.21 -7.78
N MET F 224 -4.05 -21.09 -9.01
CA MET F 224 -4.27 -22.14 -10.00
C MET F 224 -3.06 -22.24 -10.91
N HIS F 225 -2.75 -23.46 -11.34
CA HIS F 225 -1.65 -23.71 -12.25
C HIS F 225 -2.08 -24.81 -13.23
N LEU F 226 -2.05 -24.51 -14.52
CA LEU F 226 -2.52 -25.43 -15.54
C LEU F 226 -1.40 -25.74 -16.53
N ARG F 227 -1.22 -27.02 -16.86
CA ARG F 227 -0.25 -27.46 -17.84
C ARG F 227 -0.98 -28.05 -19.04
N MET F 228 -0.60 -27.63 -20.24
CA MET F 228 -1.33 -28.01 -21.44
C MET F 228 -0.36 -27.97 -22.60
N PRO F 229 -0.74 -28.54 -23.73
CA PRO F 229 0.16 -28.52 -24.89
C PRO F 229 0.33 -27.13 -25.50
N GLY F 230 1.45 -26.97 -26.20
CA GLY F 230 1.66 -25.82 -27.03
C GLY F 230 1.44 -26.19 -28.49
N PRO F 231 1.83 -25.29 -29.43
CA PRO F 231 2.41 -23.98 -29.18
C PRO F 231 1.37 -22.89 -29.05
N LEU F 232 1.81 -21.72 -28.67
CA LEU F 232 0.98 -20.52 -28.59
C LEU F 232 1.12 -19.72 -29.87
N ILE F 233 0.04 -19.03 -30.24
CA ILE F 233 0.09 -18.11 -31.37
C ILE F 233 0.42 -16.73 -30.85
N SER G 1 57.13 51.94 18.18
CA SER G 1 55.72 52.27 18.02
C SER G 1 55.10 52.80 19.33
N MET G 2 53.90 53.34 19.23
CA MET G 2 53.29 54.04 20.35
C MET G 2 52.04 53.33 20.85
N GLU G 3 51.76 53.57 22.14
CA GLU G 3 50.60 53.07 22.86
C GLU G 3 49.55 54.17 22.96
N LEU G 4 48.28 53.82 22.81
CA LEU G 4 47.23 54.78 23.14
C LEU G 4 45.97 53.98 23.44
N TYR G 5 45.43 54.14 24.64
CA TYR G 5 44.26 53.38 25.08
C TYR G 5 44.53 51.90 24.91
N ASN G 6 43.69 51.19 24.16
CA ASN G 6 43.81 49.74 24.05
C ASN G 6 44.50 49.29 22.76
N ILE G 7 45.28 50.18 22.12
CA ILE G 7 45.91 49.89 20.83
C ILE G 7 47.39 50.23 20.87
N LYS G 8 48.11 49.70 19.89
CA LYS G 8 49.47 50.10 19.56
C LYS G 8 49.49 50.43 18.09
N TYR G 9 50.20 51.47 17.69
CA TYR G 9 50.16 51.89 16.30
C TYR G 9 51.53 52.39 15.85
N ALA G 10 51.67 52.54 14.54
CA ALA G 10 52.86 53.08 13.93
C ALA G 10 52.43 53.94 12.74
N ILE G 11 53.40 54.42 11.97
CA ILE G 11 53.14 55.30 10.84
C ILE G 11 53.89 54.75 9.62
N ASP G 12 53.21 54.66 8.49
CA ASP G 12 53.80 54.14 7.25
C ASP G 12 54.54 55.25 6.51
N PRO G 13 55.27 54.91 5.45
CA PRO G 13 55.93 55.95 4.64
C PRO G 13 54.99 56.96 3.99
N THR G 14 53.69 56.70 3.91
CA THR G 14 52.76 57.67 3.33
C THR G 14 52.05 58.50 4.38
N ASN G 15 52.57 58.55 5.61
CA ASN G 15 51.98 59.31 6.71
C ASN G 15 50.62 58.76 7.12
N LYS G 16 50.45 57.44 7.03
CA LYS G 16 49.22 56.76 7.37
C LYS G 16 49.43 55.95 8.64
N ILE G 17 48.44 55.95 9.52
CA ILE G 17 48.54 55.23 10.79
C ILE G 17 48.35 53.74 10.55
N VAL G 18 49.23 52.93 11.14
CA VAL G 18 49.18 51.47 11.05
C VAL G 18 48.83 50.92 12.42
N ILE G 19 47.69 50.27 12.53
CA ILE G 19 47.30 49.64 13.80
C ILE G 19 48.01 48.30 13.90
N GLU G 20 48.86 48.15 14.91
CA GLU G 20 49.61 46.91 15.05
C GLU G 20 49.04 45.96 16.11
N GLN G 21 48.41 46.48 17.16
CA GLN G 21 47.74 45.63 18.13
C GLN G 21 46.49 46.32 18.66
N VAL G 22 45.48 45.52 18.97
CA VAL G 22 44.30 46.00 19.68
C VAL G 22 44.05 45.02 20.81
N ASP G 23 43.99 45.53 22.05
CA ASP G 23 43.83 44.71 23.25
C ASP G 23 44.95 43.66 23.38
N ASN G 24 46.19 44.05 23.07
CA ASN G 24 47.36 43.18 23.19
C ASN G 24 47.30 41.97 22.27
N VAL G 25 46.54 42.06 21.19
CA VAL G 25 46.47 41.02 20.16
C VAL G 25 46.87 41.65 18.84
N ASP G 26 47.75 40.97 18.09
CA ASP G 26 48.19 41.51 16.80
C ASP G 26 46.99 41.72 15.90
N ALA G 27 46.97 42.87 15.23
CA ALA G 27 45.80 43.28 14.47
C ALA G 27 46.17 43.56 13.02
N PHE G 28 45.15 43.49 12.17
CA PHE G 28 45.31 43.82 10.76
C PHE G 28 44.21 44.81 10.41
N VAL G 29 44.60 46.03 10.06
CA VAL G 29 43.65 47.08 9.68
C VAL G 29 44.23 47.76 8.44
N HIS G 30 43.58 47.55 7.29
CA HIS G 30 44.07 47.95 5.97
C HIS G 30 43.07 48.93 5.38
N ILE G 31 43.48 50.19 5.22
CA ILE G 31 42.58 51.26 4.79
C ILE G 31 42.60 51.39 3.27
N LEU G 32 41.41 51.45 2.67
CA LEU G 32 41.25 51.66 1.24
C LEU G 32 40.71 53.06 0.96
N GLU G 33 41.19 53.67 -0.12
CA GLU G 33 40.74 55.00 -0.48
C GLU G 33 39.28 54.93 -0.93
N PRO G 34 38.57 56.05 -0.95
CA PRO G 34 37.15 56.04 -1.37
C PRO G 34 36.97 55.48 -2.77
N GLY G 35 36.13 54.46 -2.88
CA GLY G 35 35.88 53.83 -4.16
C GLY G 35 37.03 53.05 -4.74
N GLN G 36 38.09 52.80 -3.98
CA GLN G 36 39.25 52.09 -4.50
C GLN G 36 38.91 50.62 -4.77
N GLU G 37 39.44 50.09 -5.86
CA GLU G 37 39.26 48.68 -6.21
C GLU G 37 40.60 47.98 -6.11
N VAL G 38 40.61 46.86 -5.37
CA VAL G 38 41.81 46.07 -5.14
C VAL G 38 41.48 44.60 -5.35
N PHE G 39 42.52 43.83 -5.66
CA PHE G 39 42.46 42.38 -5.71
C PHE G 39 43.61 41.82 -4.89
N ASP G 40 43.29 41.01 -3.88
CA ASP G 40 44.28 40.34 -3.05
C ASP G 40 43.52 39.25 -2.30
N GLU G 41 43.80 38.00 -2.64
CA GLU G 41 43.03 36.89 -2.07
C GLU G 41 43.15 36.82 -0.56
N THR G 42 44.28 37.29 -0.01
CA THR G 42 44.51 37.24 1.43
C THR G 42 43.54 38.12 2.22
N LEU G 43 42.91 39.10 1.57
CA LEU G 43 42.04 40.02 2.30
C LEU G 43 40.66 39.44 2.62
N SER G 44 40.21 38.43 1.89
CA SER G 44 38.83 37.95 2.04
C SER G 44 38.56 37.25 3.36
N GLN G 45 39.60 36.86 4.09
CA GLN G 45 39.44 36.24 5.40
C GLN G 45 39.06 37.23 6.49
N TYR G 46 39.27 38.54 6.26
CA TYR G 46 39.05 39.53 7.29
C TYR G 46 37.67 40.15 7.19
N HIS G 47 37.30 40.93 8.21
CA HIS G 47 36.06 41.69 8.17
C HIS G 47 36.21 42.83 7.17
N GLN G 48 35.10 43.22 6.56
CA GLN G 48 35.13 44.36 5.66
C GLN G 48 33.97 45.28 5.94
N PHE G 49 34.29 46.55 6.12
CA PHE G 49 33.35 47.65 6.22
C PHE G 49 33.82 48.67 5.21
N PRO G 50 32.93 49.57 4.74
CA PRO G 50 33.34 50.50 3.68
C PRO G 50 34.63 51.26 4.00
N GLY G 51 35.65 51.06 3.18
CA GLY G 51 36.91 51.72 3.34
C GLY G 51 37.95 51.00 4.17
N VAL G 52 37.67 49.79 4.63
CA VAL G 52 38.62 49.09 5.50
C VAL G 52 38.43 47.59 5.36
N VAL G 53 39.56 46.88 5.35
CA VAL G 53 39.64 45.45 5.57
C VAL G 53 40.30 45.28 6.93
N SER G 54 39.62 44.62 7.87
CA SER G 54 40.03 44.67 9.26
C SER G 54 39.96 43.31 9.91
N SER G 55 40.96 43.01 10.76
CA SER G 55 40.94 41.80 11.57
C SER G 55 40.11 41.98 12.83
N ILE G 56 39.68 43.18 13.10
CA ILE G 56 38.95 43.50 14.32
C ILE G 56 37.60 44.08 13.92
N ILE G 57 36.56 43.71 14.66
CA ILE G 57 35.22 44.22 14.36
C ILE G 57 35.12 45.67 14.80
N PHE G 58 34.73 46.54 13.88
CA PHE G 58 34.39 47.90 14.23
C PHE G 58 32.90 47.93 14.57
N PRO G 59 32.53 48.11 15.83
CA PRO G 59 31.17 47.81 16.26
C PRO G 59 30.18 48.92 15.91
N GLN G 60 28.89 48.56 16.03
CA GLN G 60 27.80 49.48 15.77
C GLN G 60 27.82 50.67 16.72
N LEU G 61 27.66 51.85 16.15
CA LEU G 61 27.56 53.09 16.90
C LEU G 61 26.12 53.60 16.85
N VAL G 62 25.88 54.70 17.55
CA VAL G 62 24.58 55.36 17.58
C VAL G 62 24.78 56.78 17.10
N LEU G 63 23.84 57.27 16.30
CA LEU G 63 23.94 58.62 15.78
C LEU G 63 23.85 59.63 16.92
N ASN G 64 24.62 60.71 16.81
CA ASN G 64 24.74 61.79 17.79
C ASN G 64 25.52 61.41 19.04
N THR G 65 26.23 60.29 19.03
CA THR G 65 27.14 59.99 20.13
C THR G 65 28.50 60.61 19.87
N ILE G 66 29.33 60.62 20.92
CA ILE G 66 30.62 61.30 20.92
C ILE G 66 31.73 60.28 20.78
N ILE G 67 32.67 60.56 19.88
CA ILE G 67 33.84 59.74 19.67
C ILE G 67 35.08 60.61 19.86
N SER G 68 36.24 59.96 19.98
CA SER G 68 37.52 60.64 20.09
C SER G 68 38.43 60.17 18.97
N VAL G 69 39.17 61.10 18.37
CA VAL G 69 40.09 60.80 17.29
C VAL G 69 41.48 61.30 17.68
N LEU G 70 42.49 60.50 17.39
CA LEU G 70 43.86 60.87 17.69
C LEU G 70 44.34 61.93 16.70
N SER G 71 44.78 63.07 17.21
CA SER G 71 45.26 64.17 16.39
C SER G 71 46.77 64.07 16.17
N GLU G 72 47.26 64.85 15.19
CA GLU G 72 48.65 64.75 14.77
C GLU G 72 49.63 65.11 15.89
N ASP G 73 49.16 65.64 17.01
CA ASP G 73 50.03 65.98 18.12
C ASP G 73 49.72 65.17 19.38
N GLY G 74 49.35 63.91 19.22
CA GLY G 74 49.16 63.01 20.33
C GLY G 74 48.01 63.39 21.24
N SER G 75 47.20 64.33 20.81
CA SER G 75 46.02 64.76 21.53
C SER G 75 44.78 64.14 20.92
N LEU G 76 43.72 64.08 21.72
CA LEU G 76 42.48 63.42 21.34
C LEU G 76 41.41 64.48 21.14
N LEU G 77 40.76 64.43 19.97
CA LEU G 77 39.68 65.34 19.63
C LEU G 77 38.34 64.66 19.76
N THR G 78 37.44 65.31 20.47
CA THR G 78 36.11 64.75 20.70
C THR G 78 35.15 65.30 19.65
N LEU G 79 34.40 64.41 19.03
CA LEU G 79 33.50 64.77 17.94
C LEU G 79 32.19 64.04 18.13
N LYS G 80 31.12 64.67 17.66
CA LYS G 80 29.77 64.12 17.74
C LYS G 80 29.37 63.60 16.36
N LEU G 81 28.86 62.38 16.32
CA LEU G 81 28.44 61.76 15.05
C LEU G 81 27.01 62.18 14.71
N GLU G 82 26.89 63.37 14.12
CA GLU G 82 25.57 63.93 13.83
C GLU G 82 25.16 63.84 12.37
N ASN G 83 26.07 63.52 11.46
CA ASN G 83 25.76 63.47 10.03
C ASN G 83 25.99 62.07 9.50
N THR G 84 25.74 61.89 8.20
CA THR G 84 25.99 60.63 7.53
C THR G 84 26.58 60.93 6.15
N CYS G 85 27.21 59.91 5.57
CA CYS G 85 27.71 60.01 4.21
C CYS G 85 27.95 58.60 3.71
N PHE G 86 27.90 58.46 2.38
CA PHE G 86 28.06 57.18 1.71
C PHE G 86 29.50 56.99 1.26
N ASN G 87 30.07 55.83 1.55
CA ASN G 87 31.38 55.47 1.06
C ASN G 87 31.38 54.01 0.63
N PHE G 88 32.39 53.63 -0.17
CA PHE G 88 32.48 52.26 -0.66
C PHE G 88 33.90 51.92 -1.07
N HIS G 89 34.11 50.64 -1.32
CA HIS G 89 35.28 50.14 -2.02
C HIS G 89 34.87 48.86 -2.73
N VAL G 90 35.77 48.35 -3.58
CA VAL G 90 35.59 47.05 -4.20
C VAL G 90 36.82 46.21 -3.89
N CYS G 91 36.61 45.06 -3.25
CA CYS G 91 37.71 44.18 -2.88
C CYS G 91 37.39 42.77 -3.36
N ASN G 92 38.26 42.24 -4.22
CA ASN G 92 38.06 40.92 -4.82
C ASN G 92 36.69 40.80 -5.49
N LYS G 93 36.37 41.81 -6.30
CA LYS G 93 35.10 41.91 -7.01
C LYS G 93 33.91 41.89 -6.07
N ARG G 94 34.07 42.33 -4.83
CA ARG G 94 32.98 42.47 -3.88
C ARG G 94 32.83 43.95 -3.56
N PHE G 95 31.75 44.54 -4.04
CA PHE G 95 31.40 45.94 -3.83
C PHE G 95 30.86 46.10 -2.41
N VAL G 96 31.62 46.74 -1.53
CA VAL G 96 31.24 46.89 -0.11
C VAL G 96 30.90 48.36 0.10
N PHE G 97 29.68 48.62 0.58
CA PHE G 97 29.18 49.99 0.60
C PHE G 97 28.24 50.19 1.79
N GLY G 98 27.94 51.44 2.06
CA GLY G 98 26.98 51.75 3.10
C GLY G 98 27.02 53.21 3.50
N ASN G 99 25.97 53.62 4.23
CA ASN G 99 25.88 54.96 4.77
C ASN G 99 26.44 54.95 6.19
N LEU G 100 27.44 55.78 6.44
CA LEU G 100 28.21 55.73 7.67
C LEU G 100 27.92 56.94 8.56
N PRO G 101 27.95 56.78 9.88
CA PRO G 101 27.89 57.96 10.75
C PRO G 101 29.11 58.81 10.49
N ALA G 102 28.95 60.12 10.57
CA ALA G 102 30.03 61.02 10.20
C ALA G 102 30.05 62.22 11.12
N ALA G 103 31.25 62.72 11.39
CA ALA G 103 31.42 63.99 12.07
C ALA G 103 31.76 65.06 11.06
N VAL G 104 31.74 66.31 11.50
CA VAL G 104 32.06 67.45 10.65
C VAL G 104 33.22 68.21 11.29
N VAL G 105 34.24 68.52 10.48
CA VAL G 105 35.43 69.22 10.95
C VAL G 105 35.76 70.32 9.96
N ASN G 106 36.50 71.32 10.43
CA ASN G 106 36.95 72.41 9.58
C ASN G 106 38.32 72.07 8.98
N ASN G 107 38.84 72.98 8.15
CA ASN G 107 40.10 72.71 7.44
C ASN G 107 41.24 72.50 8.41
N GLU G 108 41.34 73.32 9.45
CA GLU G 108 42.45 73.18 10.39
C GLU G 108 42.40 71.81 11.08
N THR G 109 41.21 71.37 11.48
CA THR G 109 41.08 70.06 12.12
C THR G 109 41.41 68.94 11.15
N LYS G 110 40.95 69.04 9.90
CA LYS G 110 41.20 67.99 8.92
C LYS G 110 42.69 67.78 8.71
N GLN G 111 43.48 68.85 8.68
CA GLN G 111 44.91 68.73 8.41
C GLN G 111 45.67 68.13 9.57
N LYS G 112 45.09 68.14 10.76
CA LYS G 112 45.68 67.48 11.91
C LYS G 112 45.28 66.01 12.00
N LEU G 113 44.54 65.50 11.03
CA LEU G 113 44.05 64.13 11.08
C LEU G 113 44.70 63.32 9.97
N ARG G 114 45.34 62.23 10.36
CA ARG G 114 45.94 61.35 9.38
C ARG G 114 44.95 60.26 9.00
N ILE G 115 45.03 59.83 7.73
CA ILE G 115 44.30 58.65 7.26
C ILE G 115 44.76 57.46 8.08
N GLY G 116 43.86 56.94 8.90
CA GLY G 116 44.17 55.79 9.71
C GLY G 116 44.09 56.07 11.18
N ALA G 117 43.88 57.33 11.55
CA ALA G 117 43.86 57.75 12.94
C ALA G 117 42.87 56.91 13.72
N PRO G 118 43.25 56.36 14.87
CA PRO G 118 42.30 55.52 15.62
C PRO G 118 41.15 56.36 16.16
N ILE G 119 39.97 55.77 16.18
CA ILE G 119 38.76 56.43 16.69
C ILE G 119 38.25 55.64 17.87
N PHE G 120 37.96 56.33 18.96
CA PHE G 120 37.69 55.72 20.25
C PHE G 120 36.30 56.07 20.74
N ALA G 121 35.63 55.09 21.34
CA ALA G 121 34.42 55.31 22.10
C ALA G 121 34.55 54.60 23.43
N GLY G 122 34.52 55.37 24.51
CA GLY G 122 34.83 54.82 25.82
C GLY G 122 36.26 54.37 26.01
N LYS G 123 37.22 55.10 25.43
CA LYS G 123 38.64 54.76 25.49
C LYS G 123 38.93 53.37 24.89
N LYS G 124 38.01 52.88 24.07
CA LYS G 124 38.16 51.64 23.32
C LYS G 124 38.07 51.97 21.84
N LEU G 125 38.90 51.31 21.04
CA LEU G 125 38.88 51.54 19.62
C LEU G 125 37.55 51.07 19.03
N VAL G 126 36.90 51.91 18.22
CA VAL G 126 35.69 51.52 17.51
C VAL G 126 35.79 51.70 16.00
N SER G 127 36.80 52.41 15.50
CA SER G 127 36.93 52.67 14.06
C SER G 127 38.29 53.33 13.82
N VAL G 128 38.57 53.62 12.54
CA VAL G 128 39.76 54.37 12.13
C VAL G 128 39.32 55.36 11.07
N VAL G 129 40.09 56.45 10.94
CA VAL G 129 39.86 57.43 9.89
C VAL G 129 40.16 56.82 8.54
N THR G 130 39.20 56.89 7.61
CA THR G 130 39.34 56.30 6.29
C THR G 130 39.28 57.30 5.15
N ALA G 131 38.56 58.41 5.29
CA ALA G 131 38.36 59.32 4.17
C ALA G 131 37.88 60.68 4.67
N PHE G 132 37.97 61.68 3.79
CA PHE G 132 37.46 63.02 4.04
C PHE G 132 36.62 63.49 2.85
N HIS G 133 35.41 64.01 3.14
CA HIS G 133 34.53 64.55 2.11
C HIS G 133 34.26 66.01 2.43
N ARG G 134 34.45 66.86 1.43
CA ARG G 134 34.35 68.29 1.64
C ARG G 134 32.94 68.79 1.30
N VAL G 135 32.34 69.50 2.24
CA VAL G 135 31.05 70.15 1.99
C VAL G 135 31.24 71.56 1.50
N GLY G 136 31.98 72.39 2.23
CA GLY G 136 32.16 73.78 1.86
C GLY G 136 33.63 74.18 1.84
N GLU G 137 33.87 75.46 2.10
CA GLU G 137 35.22 76.00 2.07
C GLU G 137 36.02 75.55 3.28
N ASN G 138 35.35 75.46 4.43
CA ASN G 138 35.99 75.13 5.71
C ASN G 138 35.22 74.01 6.39
N GLU G 139 34.65 73.10 5.59
CA GLU G 139 33.73 72.09 6.11
C GLU G 139 34.03 70.75 5.45
N TRP G 140 34.27 69.73 6.27
CA TRP G 140 34.54 68.38 5.80
C TRP G 140 33.68 67.38 6.55
N LEU G 141 33.28 66.32 5.86
CA LEU G 141 32.61 65.19 6.48
C LEU G 141 33.60 64.07 6.76
N LEU G 142 33.55 63.53 7.98
CA LEU G 142 34.48 62.49 8.41
C LEU G 142 33.70 61.21 8.72
N PRO G 143 33.67 60.24 7.79
CA PRO G 143 32.95 58.99 8.07
C PRO G 143 33.63 58.14 9.13
N VAL G 144 32.82 57.50 9.96
CA VAL G 144 33.29 56.55 10.97
C VAL G 144 32.74 55.19 10.55
N THR G 145 33.56 54.42 9.84
CA THR G 145 33.10 53.16 9.27
C THR G 145 33.06 52.05 10.31
N GLY G 146 32.18 51.09 10.08
CA GLY G 146 31.97 50.00 11.00
C GLY G 146 30.65 49.34 10.70
N ILE G 147 30.20 48.51 11.64
CA ILE G 147 28.93 47.83 11.48
C ILE G 147 27.80 48.85 11.39
N ARG G 148 26.87 48.59 10.48
CA ARG G 148 25.77 49.47 10.14
C ARG G 148 25.04 50.03 11.36
N GLU G 149 24.97 51.35 11.44
CA GLU G 149 24.16 52.00 12.47
C GLU G 149 22.69 51.66 12.24
N ALA G 150 21.93 51.58 13.34
CA ALA G 150 20.62 50.94 13.29
C ALA G 150 19.70 51.54 12.24
N SER G 151 19.81 52.84 11.98
CA SER G 151 18.91 53.54 11.08
C SER G 151 19.41 53.65 9.64
N GLN G 152 20.63 53.19 9.35
CA GLN G 152 21.22 53.31 8.01
C GLN G 152 21.24 51.96 7.31
N LEU G 153 21.93 51.90 6.19
CA LEU G 153 22.01 50.66 5.44
C LEU G 153 23.45 50.35 5.05
N SER G 154 23.72 49.07 4.92
CA SER G 154 24.99 48.57 4.41
C SER G 154 24.69 47.37 3.53
N GLY G 155 25.71 46.92 2.81
CA GLY G 155 25.53 45.75 1.99
C GLY G 155 26.75 45.51 1.15
N HIS G 156 26.68 44.45 0.35
CA HIS G 156 27.71 44.15 -0.62
C HIS G 156 27.08 43.43 -1.81
N MET G 157 27.80 43.43 -2.93
CA MET G 157 27.34 42.70 -4.08
C MET G 157 28.53 42.42 -5.00
N LYS G 158 28.48 41.25 -5.63
CA LYS G 158 29.54 40.83 -6.54
C LYS G 158 29.39 41.57 -7.86
N VAL G 159 30.46 42.26 -8.27
CA VAL G 159 30.46 43.10 -9.46
C VAL G 159 31.52 42.58 -10.42
N LEU G 160 31.07 42.03 -11.55
CA LEU G 160 31.98 41.42 -12.50
C LEU G 160 32.91 42.44 -13.13
N ASN G 161 32.45 43.67 -13.32
CA ASN G 161 33.23 44.69 -14.00
C ASN G 161 33.42 45.95 -13.15
N GLY G 162 33.55 45.79 -11.85
CA GLY G 162 33.74 46.95 -10.99
C GLY G 162 32.48 47.80 -10.86
N VAL G 163 32.68 49.00 -10.34
CA VAL G 163 31.62 49.98 -10.13
C VAL G 163 31.96 51.24 -10.92
N ARG G 164 31.02 51.68 -11.74
CA ARG G 164 31.16 52.88 -12.55
C ARG G 164 30.41 54.00 -11.84
N VAL G 165 31.07 55.11 -11.57
CA VAL G 165 30.46 56.23 -10.86
C VAL G 165 30.12 57.33 -11.85
N GLU G 166 28.88 57.82 -11.81
CA GLU G 166 28.36 58.79 -12.75
C GLU G 166 27.70 59.94 -12.01
N LYS G 167 27.94 61.16 -12.47
CA LYS G 167 27.31 62.32 -11.87
C LYS G 167 25.86 62.42 -12.32
N TRP G 168 24.97 62.52 -11.35
CA TRP G 168 23.54 62.46 -11.61
C TRP G 168 23.03 63.85 -12.00
N ARG G 169 22.51 63.97 -13.22
CA ARG G 169 22.13 65.26 -13.77
C ARG G 169 20.80 65.74 -13.18
N PRO G 170 20.59 67.08 -13.13
CA PRO G 170 19.54 67.65 -12.27
C PRO G 170 18.13 67.10 -12.39
N ASN G 171 17.50 67.17 -13.57
CA ASN G 171 16.09 66.82 -13.73
C ASN G 171 15.89 65.41 -14.23
N MET G 172 16.88 64.55 -14.07
CA MET G 172 16.87 63.24 -14.68
C MET G 172 16.37 62.15 -13.73
N SER G 173 15.59 61.23 -14.30
CA SER G 173 15.24 59.95 -13.71
C SER G 173 16.29 58.92 -14.13
N VAL G 174 16.30 57.77 -13.44
CA VAL G 174 17.36 56.76 -13.61
C VAL G 174 16.73 55.42 -13.94
N TYR G 175 17.22 54.78 -14.99
CA TYR G 175 16.93 53.37 -15.24
C TYR G 175 18.21 52.72 -15.73
N GLY G 176 18.65 51.66 -15.05
CA GLY G 176 19.75 50.89 -15.58
C GLY G 176 20.99 51.71 -15.87
N THR G 177 21.26 51.87 -17.17
CA THR G 177 22.45 52.57 -17.65
C THR G 177 22.20 54.01 -18.12
N VAL G 178 20.96 54.51 -18.07
CA VAL G 178 20.63 55.80 -18.68
C VAL G 178 19.98 56.73 -17.66
N GLN G 179 20.08 58.03 -17.94
CA GLN G 179 19.33 59.08 -17.25
C GLN G 179 18.49 59.84 -18.27
N LEU G 180 17.19 59.96 -18.01
CA LEU G 180 16.27 60.58 -18.97
C LEU G 180 15.19 61.32 -18.20
N PRO G 181 14.43 62.19 -18.87
CA PRO G 181 13.24 62.77 -18.25
C PRO G 181 12.26 61.64 -17.91
N TYR G 182 11.35 61.90 -16.97
CA TYR G 182 10.53 60.79 -16.47
C TYR G 182 9.74 60.13 -17.59
N ASP G 183 9.08 60.93 -18.44
CA ASP G 183 8.27 60.35 -19.49
C ASP G 183 9.12 59.51 -20.43
N LYS G 184 10.34 59.95 -20.70
CA LYS G 184 11.23 59.19 -21.57
C LYS G 184 11.78 57.95 -20.89
N ILE G 185 11.93 57.97 -19.57
CA ILE G 185 12.45 56.79 -18.88
C ILE G 185 11.35 55.74 -18.68
N LYS G 186 10.10 56.16 -18.49
CA LYS G 186 9.00 55.20 -18.50
C LYS G 186 8.91 54.48 -19.83
N GLN G 187 9.09 55.21 -20.93
CA GLN G 187 9.14 54.56 -22.23
C GLN G 187 10.33 53.63 -22.33
N HIS G 188 11.50 54.07 -21.84
CA HIS G 188 12.72 53.27 -21.94
C HIS G 188 12.59 51.97 -21.15
N ALA G 189 12.07 52.06 -19.93
CA ALA G 189 11.97 50.89 -19.05
C ALA G 189 10.99 49.85 -19.60
N LEU G 190 9.82 50.30 -20.04
CA LEU G 190 8.81 49.41 -20.58
C LEU G 190 9.24 48.76 -21.89
N GLU G 191 10.35 49.22 -22.47
CA GLU G 191 10.91 48.66 -23.71
C GLU G 191 11.70 47.39 -23.48
N GLN G 192 12.19 47.16 -22.26
CA GLN G 192 12.80 45.89 -21.81
C GLN G 192 13.66 45.20 -22.86
N LEU G 200 26.52 42.35 -21.18
CA LEU G 200 27.67 42.82 -20.42
C LEU G 200 27.28 43.45 -19.09
N GLU G 201 27.73 42.84 -18.02
CA GLU G 201 27.32 43.23 -16.67
C GLU G 201 27.92 44.58 -16.29
N SER G 202 27.13 45.37 -15.57
CA SER G 202 27.62 46.64 -15.09
C SER G 202 27.01 46.94 -13.72
N CYS G 203 27.70 47.79 -12.98
CA CYS G 203 27.18 48.38 -11.75
C CYS G 203 27.49 49.86 -11.82
N VAL G 204 26.47 50.71 -11.68
CA VAL G 204 26.63 52.16 -11.81
C VAL G 204 26.14 52.84 -10.55
N LEU G 205 26.90 53.82 -10.09
CA LEU G 205 26.56 54.62 -8.93
C LEU G 205 26.36 56.05 -9.42
N PHE G 206 25.12 56.53 -9.39
CA PHE G 206 24.82 57.91 -9.74
C PHE G 206 24.71 58.73 -8.47
N TYR G 207 25.29 59.93 -8.48
CA TYR G 207 25.31 60.70 -7.25
C TYR G 207 24.97 62.16 -7.48
N LYS G 208 24.16 62.69 -6.59
CA LYS G 208 24.05 64.12 -6.34
C LYS G 208 24.34 64.36 -4.87
N ASP G 209 24.37 65.63 -4.46
CA ASP G 209 24.80 65.95 -3.10
C ASP G 209 23.89 65.34 -2.05
N SER G 210 22.59 65.25 -2.32
CA SER G 210 21.65 64.72 -1.35
C SER G 210 21.41 63.22 -1.48
N GLU G 211 21.62 62.64 -2.65
CA GLU G 211 21.12 61.29 -2.90
C GLU G 211 22.06 60.50 -3.80
N ILE G 212 22.05 59.19 -3.61
CA ILE G 212 22.83 58.24 -4.38
C ILE G 212 21.90 57.18 -4.96
N ARG G 213 22.20 56.78 -6.20
CA ARG G 213 21.48 55.73 -6.90
C ARG G 213 22.47 54.65 -7.33
N ILE G 214 22.13 53.40 -7.08
CA ILE G 214 22.92 52.26 -7.54
C ILE G 214 22.05 51.42 -8.44
N THR G 215 22.52 51.13 -9.65
CA THR G 215 21.87 50.18 -10.53
C THR G 215 22.81 49.01 -10.83
N TYR G 216 22.23 47.83 -10.89
CA TYR G 216 22.92 46.60 -11.27
C TYR G 216 22.27 46.11 -12.56
N ASN G 217 23.05 45.98 -13.62
CA ASN G 217 22.50 45.79 -14.96
C ASN G 217 23.16 44.64 -15.70
N LYS G 218 22.40 44.05 -16.63
CA LYS G 218 22.93 43.15 -17.66
C LYS G 218 22.67 43.80 -19.01
N GLY G 219 23.72 44.27 -19.67
CA GLY G 219 23.52 45.08 -20.85
C GLY G 219 22.79 46.34 -20.46
N ASP G 220 21.73 46.66 -21.19
CA ASP G 220 20.88 47.82 -20.90
C ASP G 220 19.74 47.48 -19.96
N TYR G 221 19.62 46.22 -19.57
CA TYR G 221 18.53 45.74 -18.74
C TYR G 221 18.88 45.94 -17.26
N GLU G 222 18.02 46.67 -16.56
CA GLU G 222 18.20 46.95 -15.15
C GLU G 222 17.67 45.79 -14.33
N ILE G 223 18.52 45.20 -13.49
CA ILE G 223 18.14 44.13 -12.58
C ILE G 223 17.82 44.71 -11.20
N MET G 224 18.51 45.78 -10.82
CA MET G 224 18.32 46.34 -9.51
C MET G 224 18.50 47.84 -9.54
N HIS G 225 17.73 48.53 -8.71
CA HIS G 225 17.86 49.98 -8.55
C HIS G 225 17.67 50.29 -7.08
N LEU G 226 18.67 50.93 -6.48
CA LEU G 226 18.66 51.26 -5.06
C LEU G 226 18.77 52.77 -4.90
N ARG G 227 17.92 53.34 -4.05
CA ARG G 227 17.96 54.76 -3.73
C ARG G 227 18.29 54.92 -2.25
N MET G 228 19.28 55.75 -1.94
CA MET G 228 19.78 55.83 -0.57
C MET G 228 20.37 57.22 -0.37
N PRO G 229 20.57 57.64 0.88
CA PRO G 229 21.06 59.00 1.10
C PRO G 229 22.49 59.18 0.63
N GLY G 230 22.81 60.44 0.32
CA GLY G 230 24.16 60.87 0.05
C GLY G 230 24.71 61.64 1.25
N PRO G 231 25.83 62.36 1.06
CA PRO G 231 26.54 62.44 -0.21
C PRO G 231 27.54 61.31 -0.36
N LEU G 232 28.16 61.27 -1.53
CA LEU G 232 29.23 60.34 -1.83
C LEU G 232 30.57 60.99 -1.53
N ILE G 233 31.54 60.19 -1.10
CA ILE G 233 32.88 60.69 -0.87
C ILE G 233 33.71 60.51 -2.13
N SER H 1 -20.06 60.19 -6.35
CA SER H 1 -18.94 59.97 -5.45
C SER H 1 -18.94 61.00 -4.34
N MET H 2 -17.78 61.16 -3.72
CA MET H 2 -17.65 62.13 -2.65
C MET H 2 -16.32 62.85 -2.84
N GLU H 3 -16.20 63.98 -2.15
CA GLU H 3 -15.05 64.84 -2.34
C GLU H 3 -14.42 65.13 -0.99
N LEU H 4 -13.14 65.51 -1.02
CA LEU H 4 -12.44 65.98 0.16
C LEU H 4 -11.12 66.62 -0.27
N TYR H 5 -10.92 67.89 0.06
CA TYR H 5 -9.71 68.62 -0.34
C TYR H 5 -9.60 68.55 -1.85
N ASN H 6 -8.51 68.01 -2.40
CA ASN H 6 -8.27 68.04 -3.84
C ASN H 6 -8.60 66.71 -4.54
N ILE H 7 -9.40 65.85 -3.92
CA ILE H 7 -9.66 64.51 -4.44
C ILE H 7 -11.15 64.22 -4.49
N LYS H 8 -11.51 63.18 -5.24
CA LYS H 8 -12.83 62.57 -5.23
C LYS H 8 -12.65 61.08 -4.97
N TYR H 9 -13.50 60.50 -4.13
CA TYR H 9 -13.29 59.11 -3.76
C TYR H 9 -14.63 58.39 -3.66
N ALA H 10 -14.54 57.06 -3.63
CA ALA H 10 -15.68 56.18 -3.47
C ALA H 10 -15.26 55.01 -2.61
N ILE H 11 -16.13 54.02 -2.46
CA ILE H 11 -15.86 52.88 -1.59
C ILE H 11 -16.06 51.58 -2.36
N ASP H 12 -15.15 50.65 -2.14
CA ASP H 12 -15.04 49.35 -2.76
C ASP H 12 -16.04 48.39 -2.13
N PRO H 13 -16.37 47.29 -2.80
CA PRO H 13 -17.10 46.20 -2.13
C PRO H 13 -16.32 45.55 -1.01
N THR H 14 -15.02 45.80 -0.94
CA THR H 14 -14.18 45.30 0.14
C THR H 14 -13.93 46.33 1.24
N ASN H 15 -14.72 47.41 1.25
CA ASN H 15 -14.57 48.50 2.22
C ASN H 15 -13.25 49.22 2.06
N LYS H 16 -12.79 49.33 0.81
CA LYS H 16 -11.55 49.97 0.43
C LYS H 16 -11.90 51.28 -0.25
N ILE H 17 -11.16 52.33 0.05
CA ILE H 17 -11.41 53.61 -0.60
C ILE H 17 -10.86 53.54 -2.02
N VAL H 18 -11.65 54.02 -2.97
CA VAL H 18 -11.25 54.09 -4.38
C VAL H 18 -11.03 55.56 -4.69
N ILE H 19 -9.79 55.93 -5.01
CA ILE H 19 -9.48 57.30 -5.39
C ILE H 19 -9.91 57.45 -6.84
N GLU H 20 -10.82 58.37 -7.09
CA GLU H 20 -11.48 58.55 -8.37
C GLU H 20 -10.87 59.68 -9.18
N GLN H 21 -10.58 60.81 -8.53
CA GLN H 21 -9.96 61.95 -9.19
C GLN H 21 -9.02 62.63 -8.20
N VAL H 22 -7.95 63.21 -8.71
CA VAL H 22 -7.09 64.08 -7.93
C VAL H 22 -6.86 65.34 -8.75
N ASP H 23 -7.18 66.49 -8.15
CA ASP H 23 -7.07 67.79 -8.82
C ASP H 23 -7.94 67.83 -10.08
N ASN H 24 -9.15 67.28 -9.99
CA ASN H 24 -10.13 67.27 -11.08
C ASN H 24 -9.64 66.55 -12.31
N VAL H 25 -8.68 65.64 -12.14
CA VAL H 25 -8.15 64.79 -13.20
C VAL H 25 -8.37 63.36 -12.77
N ASP H 26 -8.87 62.53 -13.69
CA ASP H 26 -9.19 61.13 -13.39
C ASP H 26 -7.94 60.40 -12.89
N ALA H 27 -8.13 59.59 -11.84
CA ALA H 27 -7.02 58.97 -11.12
C ALA H 27 -7.19 57.46 -11.06
N PHE H 28 -6.06 56.79 -10.86
CA PHE H 28 -5.99 55.35 -10.64
C PHE H 28 -5.09 55.14 -9.43
N VAL H 29 -5.62 54.52 -8.37
CA VAL H 29 -4.86 54.22 -7.17
C VAL H 29 -5.21 52.81 -6.72
N HIS H 30 -4.25 51.88 -6.83
CA HIS H 30 -4.49 50.45 -6.58
C HIS H 30 -3.61 49.96 -5.44
N ILE H 31 -4.24 49.59 -4.32
CA ILE H 31 -3.53 49.22 -3.10
C ILE H 31 -3.24 47.73 -3.12
N LEU H 32 -2.00 47.37 -2.80
CA LEU H 32 -1.56 45.99 -2.70
C LEU H 32 -1.35 45.61 -1.24
N GLU H 33 -1.66 44.36 -0.90
CA GLU H 33 -1.46 43.87 0.45
C GLU H 33 0.03 43.76 0.74
N PRO H 34 0.42 43.75 2.02
CA PRO H 34 1.84 43.63 2.35
C PRO H 34 2.45 42.37 1.76
N GLY H 35 3.50 42.54 0.96
CA GLY H 35 4.16 41.43 0.32
C GLY H 35 3.39 40.75 -0.79
N GLN H 36 2.27 41.33 -1.23
CA GLN H 36 1.44 40.69 -2.24
C GLN H 36 2.15 40.68 -3.59
N GLU H 37 1.99 39.58 -4.33
CA GLU H 37 2.51 39.45 -5.67
C GLU H 37 1.35 39.45 -6.66
N VAL H 38 1.47 40.29 -7.68
CA VAL H 38 0.44 40.41 -8.70
C VAL H 38 1.11 40.51 -10.05
N PHE H 39 0.39 40.10 -11.09
CA PHE H 39 0.82 40.30 -12.47
C PHE H 39 -0.32 40.91 -13.28
N ASP H 40 -0.08 42.08 -13.86
CA ASP H 40 -1.04 42.76 -14.74
C ASP H 40 -0.24 43.83 -15.47
N GLU H 41 0.00 43.63 -16.77
CA GLU H 41 0.86 44.57 -17.49
C GLU H 41 0.27 45.97 -17.54
N THR H 42 -1.04 46.13 -17.33
CA THR H 42 -1.63 47.45 -17.27
C THR H 42 -1.07 48.27 -16.10
N LEU H 43 -0.52 47.61 -15.09
CA LEU H 43 0.00 48.32 -13.93
C LEU H 43 1.35 48.99 -14.18
N SER H 44 2.09 48.54 -15.20
CA SER H 44 3.47 49.01 -15.37
C SER H 44 3.54 50.46 -15.85
N GLN H 45 2.45 51.01 -16.38
CA GLN H 45 2.43 52.41 -16.83
C GLN H 45 2.38 53.41 -15.69
N TYR H 46 1.97 52.99 -14.51
CA TYR H 46 1.74 53.88 -13.39
C TYR H 46 2.96 53.95 -12.46
N HIS H 47 2.91 54.91 -11.54
CA HIS H 47 3.94 55.01 -10.51
C HIS H 47 3.78 53.86 -9.53
N GLN H 48 4.88 53.45 -8.92
CA GLN H 48 4.82 52.43 -7.90
C GLN H 48 5.68 52.83 -6.71
N PHE H 49 5.07 52.79 -5.55
CA PHE H 49 5.68 52.93 -4.23
C PHE H 49 5.23 51.73 -3.45
N PRO H 50 5.96 51.34 -2.42
CA PRO H 50 5.60 50.13 -1.68
C PRO H 50 4.15 50.12 -1.24
N GLY H 51 3.39 49.15 -1.73
CA GLY H 51 2.00 48.98 -1.35
C GLY H 51 0.98 49.64 -2.24
N VAL H 52 1.38 50.29 -3.33
CA VAL H 52 0.43 51.02 -4.16
C VAL H 52 0.95 51.10 -5.59
N VAL H 53 0.04 50.96 -6.55
CA VAL H 53 0.24 51.33 -7.94
C VAL H 53 -0.66 52.55 -8.17
N SER H 54 -0.06 53.67 -8.56
CA SER H 54 -0.78 54.94 -8.55
C SER H 54 -0.46 55.79 -9.77
N SER H 55 -1.49 56.43 -10.32
CA SER H 55 -1.32 57.42 -11.37
C SER H 55 -0.88 58.78 -10.83
N ILE H 56 -0.82 58.92 -9.52
CA ILE H 56 -0.58 60.17 -8.83
C ILE H 56 0.73 60.05 -8.06
N ILE H 57 1.54 61.10 -8.07
CA ILE H 57 2.79 61.11 -7.31
C ILE H 57 2.49 61.37 -5.84
N PHE H 58 2.91 60.46 -4.98
CA PHE H 58 2.86 60.68 -3.53
C PHE H 58 4.19 61.32 -3.14
N PRO H 59 4.21 62.58 -2.75
CA PRO H 59 5.49 63.31 -2.70
C PRO H 59 6.31 62.99 -1.46
N GLN H 60 7.57 63.41 -1.50
CA GLN H 60 8.48 63.18 -0.38
C GLN H 60 7.96 63.89 0.85
N LEU H 61 7.97 63.19 1.97
CA LEU H 61 7.59 63.73 3.25
C LEU H 61 8.82 63.88 4.12
N VAL H 62 8.63 64.44 5.30
CA VAL H 62 9.69 64.59 6.28
C VAL H 62 9.26 63.88 7.55
N LEU H 63 10.20 63.18 8.17
CA LEU H 63 9.93 62.54 9.44
C LEU H 63 9.67 63.61 10.50
N ASN H 64 8.77 63.29 11.43
CA ASN H 64 8.32 64.14 12.54
C ASN H 64 7.40 65.27 12.10
N THR H 65 6.91 65.24 10.86
CA THR H 65 5.87 66.15 10.43
C THR H 65 4.49 65.55 10.67
N ILE H 66 3.47 66.39 10.55
CA ILE H 66 2.10 66.03 10.87
C ILE H 66 1.33 65.80 9.58
N ILE H 67 0.58 64.71 9.53
CA ILE H 67 -0.29 64.40 8.42
C ILE H 67 -1.71 64.26 8.93
N SER H 68 -2.67 64.23 8.00
CA SER H 68 -4.08 64.02 8.28
C SER H 68 -4.58 62.82 7.49
N VAL H 69 -5.42 61.99 8.11
CA VAL H 69 -5.96 60.80 7.49
C VAL H 69 -7.48 60.88 7.54
N LEU H 70 -8.13 60.47 6.46
CA LEU H 70 -9.59 60.43 6.43
C LEU H 70 -10.10 59.27 7.28
N SER H 71 -10.99 59.60 8.21
CA SER H 71 -11.59 58.64 9.13
C SER H 71 -12.88 58.08 8.54
N GLU H 72 -13.36 57.00 9.15
CA GLU H 72 -14.67 56.47 8.80
C GLU H 72 -15.76 57.50 9.04
N ASP H 73 -15.55 58.39 10.02
CA ASP H 73 -16.49 59.44 10.38
C ASP H 73 -16.58 60.54 9.35
N GLY H 74 -15.87 60.44 8.22
CA GLY H 74 -15.67 61.58 7.36
C GLY H 74 -14.78 62.65 7.93
N SER H 75 -14.37 62.53 9.18
CA SER H 75 -13.49 63.50 9.82
C SER H 75 -12.03 63.18 9.52
N LEU H 76 -11.15 64.11 9.87
CA LEU H 76 -9.73 64.00 9.61
C LEU H 76 -8.98 63.75 10.91
N LEU H 77 -8.14 62.73 10.92
CA LEU H 77 -7.34 62.37 12.09
C LEU H 77 -5.92 62.88 11.86
N THR H 78 -5.38 63.62 12.83
CA THR H 78 -4.04 64.17 12.71
C THR H 78 -3.01 63.25 13.37
N LEU H 79 -1.94 62.96 12.64
CA LEU H 79 -0.94 62.01 13.10
C LEU H 79 0.46 62.54 12.79
N LYS H 80 1.42 62.14 13.63
CA LYS H 80 2.83 62.51 13.50
C LYS H 80 3.62 61.34 12.94
N LEU H 81 4.47 61.59 11.95
CA LEU H 81 5.31 60.57 11.34
C LEU H 81 6.55 60.39 12.21
N GLU H 82 6.45 59.54 13.23
CA GLU H 82 7.52 59.41 14.21
C GLU H 82 8.40 58.18 14.00
N ASN H 83 7.93 57.18 13.29
CA ASN H 83 8.64 55.92 13.09
C ASN H 83 8.85 55.64 11.61
N THR H 84 9.41 54.47 11.35
CA THR H 84 9.62 53.99 10.00
C THR H 84 9.18 52.54 9.96
N CYS H 85 8.96 52.04 8.74
CA CYS H 85 8.52 50.67 8.57
C CYS H 85 8.88 50.20 7.17
N PHE H 86 9.19 48.91 7.05
CA PHE H 86 9.51 48.31 5.77
C PHE H 86 8.30 47.56 5.25
N ASN H 87 7.91 47.86 4.01
CA ASN H 87 6.84 47.14 3.33
C ASN H 87 7.29 46.90 1.90
N PHE H 88 6.63 45.97 1.22
CA PHE H 88 7.02 45.68 -0.14
C PHE H 88 5.84 45.05 -0.89
N HIS H 89 5.99 44.94 -2.21
CA HIS H 89 5.11 44.15 -3.03
C HIS H 89 5.91 43.63 -4.22
N VAL H 90 5.31 42.72 -4.98
CA VAL H 90 5.90 42.30 -6.25
C VAL H 90 4.85 42.50 -7.34
N CYS H 91 5.16 43.35 -8.31
CA CYS H 91 4.24 43.69 -9.39
C CYS H 91 4.96 43.49 -10.72
N ASN H 92 4.43 42.60 -11.55
CA ASN H 92 5.03 42.24 -12.85
C ASN H 92 6.49 41.85 -12.67
N LYS H 93 6.72 40.95 -11.71
CA LYS H 93 8.02 40.36 -11.39
C LYS H 93 9.04 41.43 -11.02
N ARG H 94 8.57 42.53 -10.43
CA ARG H 94 9.42 43.59 -9.93
C ARG H 94 9.15 43.79 -8.45
N PHE H 95 10.15 43.48 -7.63
CA PHE H 95 10.16 43.61 -6.18
C PHE H 95 10.34 45.10 -5.83
N VAL H 96 9.28 45.76 -5.33
CA VAL H 96 9.31 47.18 -5.01
C VAL H 96 9.21 47.32 -3.49
N PHE H 97 10.19 47.99 -2.90
CA PHE H 97 10.35 47.93 -1.45
C PHE H 97 10.90 49.26 -0.95
N GLY H 98 10.89 49.41 0.36
CA GLY H 98 11.49 50.57 0.98
C GLY H 98 11.03 50.72 2.41
N ASN H 99 11.73 51.58 3.13
CA ASN H 99 11.37 51.96 4.49
C ASN H 99 10.54 53.25 4.43
N LEU H 100 9.36 53.20 4.99
CA LEU H 100 8.43 54.29 4.82
C LEU H 100 8.22 55.03 6.13
N PRO H 101 8.00 56.34 6.10
CA PRO H 101 7.60 57.04 7.32
C PRO H 101 6.28 56.47 7.82
N ALA H 102 6.14 56.40 9.14
CA ALA H 102 4.99 55.76 9.73
C ALA H 102 4.57 56.50 10.99
N ALA H 103 3.26 56.49 11.22
CA ALA H 103 2.66 56.98 12.45
C ALA H 103 2.32 55.80 13.34
N VAL H 104 1.93 56.09 14.58
CA VAL H 104 1.56 55.08 15.56
C VAL H 104 0.12 55.34 15.99
N VAL H 105 -0.71 54.31 15.96
CA VAL H 105 -2.11 54.43 16.32
C VAL H 105 -2.47 53.28 17.25
N ASN H 106 -3.52 53.50 18.05
CA ASN H 106 -3.99 52.44 18.92
C ASN H 106 -5.04 51.64 18.17
N ASN H 107 -5.56 50.58 18.81
CA ASN H 107 -6.54 49.74 18.14
C ASN H 107 -7.82 50.51 17.83
N GLU H 108 -8.18 51.48 18.67
CA GLU H 108 -9.38 52.27 18.42
C GLU H 108 -9.24 53.07 17.13
N THR H 109 -8.13 53.80 17.00
CA THR H 109 -7.88 54.57 15.79
C THR H 109 -7.74 53.66 14.57
N LYS H 110 -7.05 52.52 14.73
CA LYS H 110 -6.82 51.62 13.61
C LYS H 110 -8.11 51.14 12.98
N GLN H 111 -9.13 50.86 13.78
CA GLN H 111 -10.38 50.32 13.26
C GLN H 111 -11.21 51.34 12.49
N LYS H 112 -10.95 52.62 12.68
CA LYS H 112 -11.63 53.66 11.94
C LYS H 112 -10.98 53.98 10.60
N LEU H 113 -9.97 53.23 10.21
CA LEU H 113 -9.23 53.52 8.98
C LEU H 113 -9.47 52.43 7.96
N ARG H 114 -9.90 52.84 6.77
CA ARG H 114 -10.12 51.93 5.68
C ARG H 114 -8.83 51.80 4.89
N ILE H 115 -8.60 50.60 4.34
CA ILE H 115 -7.50 50.39 3.43
C ILE H 115 -7.78 51.31 2.26
N GLY H 116 -6.96 52.33 2.07
CA GLY H 116 -7.13 53.25 0.97
C GLY H 116 -7.45 54.65 1.40
N ALA H 117 -7.64 54.86 2.70
CA ALA H 117 -8.04 56.16 3.21
C ALA H 117 -7.04 57.22 2.76
N PRO H 118 -7.49 58.34 2.21
CA PRO H 118 -6.55 59.35 1.76
C PRO H 118 -5.77 59.96 2.92
N ILE H 119 -4.51 60.29 2.64
CA ILE H 119 -3.62 60.90 3.63
C ILE H 119 -3.21 62.26 3.11
N PHE H 120 -3.31 63.26 3.96
CA PHE H 120 -3.17 64.66 3.58
C PHE H 120 -2.05 65.31 4.37
N ALA H 121 -1.30 66.19 3.71
CA ALA H 121 -0.37 67.09 4.36
C ALA H 121 -0.69 68.46 3.79
N GLY H 122 -1.08 69.39 4.65
CA GLY H 122 -1.74 70.54 4.10
C GLY H 122 -3.10 70.10 3.58
N LYS H 123 -3.56 70.74 2.52
CA LYS H 123 -4.86 70.40 1.95
C LYS H 123 -4.72 69.51 0.72
N LYS H 124 -3.57 68.86 0.56
CA LYS H 124 -3.23 68.11 -0.64
C LYS H 124 -3.00 66.65 -0.31
N LEU H 125 -3.48 65.78 -1.18
CA LEU H 125 -3.26 64.35 -1.00
C LEU H 125 -1.77 64.05 -1.10
N VAL H 126 -1.24 63.29 -0.13
CA VAL H 126 0.17 62.90 -0.17
C VAL H 126 0.38 61.40 -0.15
N SER H 127 -0.65 60.60 0.17
CA SER H 127 -0.50 59.15 0.28
C SER H 127 -1.89 58.52 0.48
N VAL H 128 -1.90 57.20 0.63
CA VAL H 128 -3.11 56.46 0.99
C VAL H 128 -2.74 55.42 2.04
N VAL H 129 -3.71 55.04 2.87
CA VAL H 129 -3.50 53.96 3.83
C VAL H 129 -3.28 52.66 3.09
N THR H 130 -2.17 51.97 3.39
CA THR H 130 -1.86 50.74 2.69
C THR H 130 -1.79 49.50 3.58
N ALA H 131 -1.40 49.65 4.85
CA ALA H 131 -1.18 48.48 5.69
C ALA H 131 -1.17 48.89 7.16
N PHE H 132 -1.29 47.90 8.02
CA PHE H 132 -1.17 48.07 9.47
C PHE H 132 -0.21 47.01 9.98
N HIS H 133 0.72 47.41 10.84
CA HIS H 133 1.66 46.50 11.44
C HIS H 133 1.47 46.51 12.95
N ARG H 134 1.23 45.33 13.53
CA ARG H 134 1.04 45.23 14.96
C ARG H 134 2.37 45.38 15.68
N VAL H 135 2.47 46.40 16.52
CA VAL H 135 3.65 46.61 17.36
C VAL H 135 3.49 45.97 18.73
N GLY H 136 2.44 46.38 19.46
CA GLY H 136 2.17 45.83 20.77
C GLY H 136 0.71 45.45 20.91
N GLU H 137 0.19 45.54 22.13
CA GLU H 137 -1.19 45.12 22.37
C GLU H 137 -2.17 46.15 21.83
N ASN H 138 -1.93 47.43 22.12
CA ASN H 138 -2.79 48.53 21.71
C ASN H 138 -2.03 49.53 20.85
N GLU H 139 -1.10 49.02 20.04
CA GLU H 139 -0.25 49.87 19.20
C GLU H 139 -0.16 49.27 17.81
N TRP H 140 -0.36 50.10 16.80
CA TRP H 140 -0.19 49.73 15.40
C TRP H 140 0.71 50.77 14.74
N LEU H 141 1.50 50.32 13.78
CA LEU H 141 2.29 51.21 12.93
C LEU H 141 1.55 51.44 11.61
N LEU H 142 1.48 52.69 11.19
CA LEU H 142 0.77 53.09 9.98
C LEU H 142 1.74 53.63 8.94
N PRO H 143 2.18 52.82 7.99
CA PRO H 143 3.11 53.32 6.98
C PRO H 143 2.43 54.31 6.04
N VAL H 144 3.18 55.34 5.68
CA VAL H 144 2.74 56.36 4.73
C VAL H 144 3.65 56.24 3.50
N THR H 145 3.21 55.49 2.50
CA THR H 145 4.07 55.19 1.36
C THR H 145 4.13 56.35 0.37
N GLY H 146 5.23 56.41 -0.36
CA GLY H 146 5.45 57.49 -1.31
C GLY H 146 6.92 57.55 -1.68
N ILE H 147 7.31 58.68 -2.27
CA ILE H 147 8.70 58.89 -2.63
C ILE H 147 9.57 58.83 -1.38
N ARG H 148 10.72 58.15 -1.51
CA ARG H 148 11.64 57.89 -0.41
C ARG H 148 11.94 59.14 0.44
N GLU H 149 11.69 59.05 1.75
CA GLU H 149 12.08 60.10 2.67
C GLU H 149 13.60 60.21 2.69
N ALA H 150 14.08 61.44 2.86
CA ALA H 150 15.49 61.75 2.57
C ALA H 150 16.45 60.82 3.31
N SER H 151 16.11 60.42 4.52
CA SER H 151 16.99 59.62 5.36
C SER H 151 16.78 58.13 5.19
N GLN H 152 15.84 57.72 4.33
CA GLN H 152 15.42 56.34 4.25
C GLN H 152 15.95 55.67 2.98
N LEU H 153 15.42 54.50 2.68
CA LEU H 153 15.78 53.70 1.52
C LEU H 153 14.53 53.34 0.73
N SER H 154 14.68 53.25 -0.59
CA SER H 154 13.67 52.70 -1.48
C SER H 154 14.38 51.98 -2.60
N GLY H 155 13.64 51.19 -3.36
CA GLY H 155 14.22 50.53 -4.50
C GLY H 155 13.28 49.56 -5.16
N HIS H 156 13.77 48.93 -6.21
CA HIS H 156 13.05 47.86 -6.87
C HIS H 156 14.06 46.87 -7.46
N MET H 157 13.58 45.67 -7.78
CA MET H 157 14.48 44.67 -8.32
C MET H 157 13.67 43.61 -9.07
N LYS H 158 14.20 43.15 -10.20
CA LYS H 158 13.52 42.14 -11.00
C LYS H 158 13.70 40.75 -10.39
N VAL H 159 12.60 40.08 -10.09
CA VAL H 159 12.62 38.78 -9.43
C VAL H 159 11.85 37.76 -10.29
N LEU H 160 12.57 36.84 -10.94
CA LEU H 160 11.90 35.85 -11.77
C LEU H 160 11.09 34.87 -10.94
N ASN H 161 11.50 34.62 -9.69
CA ASN H 161 10.86 33.62 -8.85
C ASN H 161 10.26 34.23 -7.59
N GLY H 162 9.79 35.47 -7.69
CA GLY H 162 9.19 36.11 -6.55
C GLY H 162 10.20 36.40 -5.45
N VAL H 163 9.66 36.72 -4.29
CA VAL H 163 10.42 37.01 -3.09
C VAL H 163 9.97 36.02 -2.03
N ARG H 164 10.92 35.40 -1.35
CA ARG H 164 10.62 34.47 -0.27
C ARG H 164 11.03 35.12 1.03
N VAL H 165 10.16 35.05 2.03
CA VAL H 165 10.36 35.71 3.32
C VAL H 165 10.62 34.65 4.37
N GLU H 166 11.69 34.85 5.13
CA GLU H 166 12.17 33.89 6.12
C GLU H 166 12.42 34.60 7.44
N LYS H 167 11.93 34.02 8.53
CA LYS H 167 12.22 34.55 9.85
C LYS H 167 13.70 34.40 10.13
N TRP H 168 14.32 35.48 10.60
CA TRP H 168 15.75 35.52 10.87
C TRP H 168 15.97 35.08 12.32
N ARG H 169 16.63 33.94 12.50
CA ARG H 169 16.82 33.34 13.82
C ARG H 169 18.00 33.97 14.55
N PRO H 170 17.94 34.03 15.88
CA PRO H 170 18.96 34.77 16.64
C PRO H 170 20.36 34.21 16.51
N ASN H 171 21.33 35.11 16.60
CA ASN H 171 22.77 34.83 16.57
C ASN H 171 23.26 34.34 15.22
N MET H 172 22.46 34.50 14.16
CA MET H 172 22.80 34.00 12.84
C MET H 172 23.33 35.10 11.94
N SER H 173 24.37 34.77 11.18
CA SER H 173 24.84 35.57 10.06
C SER H 173 24.15 35.07 8.80
N VAL H 174 24.25 35.86 7.73
CA VAL H 174 23.48 35.64 6.50
C VAL H 174 24.42 35.56 5.30
N TYR H 175 24.26 34.51 4.51
CA TYR H 175 24.85 34.48 3.17
C TYR H 175 23.84 33.85 2.24
N GLY H 176 23.50 34.56 1.17
CA GLY H 176 22.67 33.97 0.14
C GLY H 176 21.36 33.40 0.64
N THR H 177 21.22 32.09 0.54
CA THR H 177 19.99 31.42 0.93
C THR H 177 20.04 30.83 2.34
N VAL H 178 21.15 31.01 3.07
CA VAL H 178 21.31 30.36 4.36
C VAL H 178 21.60 31.39 5.45
N GLN H 179 21.22 31.03 6.67
CA GLN H 179 21.61 31.75 7.87
C GLN H 179 22.30 30.76 8.80
N LEU H 180 23.52 31.11 9.20
CA LEU H 180 24.36 30.20 9.98
C LEU H 180 25.19 31.05 10.93
N PRO H 181 25.85 30.42 11.91
CA PRO H 181 26.83 31.16 12.71
C PRO H 181 27.92 31.73 11.82
N TYR H 182 28.58 32.78 12.31
CA TYR H 182 29.53 33.52 11.47
C TYR H 182 30.64 32.61 10.98
N ASP H 183 31.17 31.75 11.85
CA ASP H 183 32.28 30.88 11.46
C ASP H 183 31.92 30.04 10.25
N LYS H 184 30.70 29.49 10.24
CA LYS H 184 30.26 28.71 9.09
C LYS H 184 29.89 29.58 7.91
N ILE H 185 29.38 30.79 8.16
CA ILE H 185 29.02 31.70 7.07
C ILE H 185 30.26 32.23 6.38
N LYS H 186 31.31 32.55 7.15
CA LYS H 186 32.55 32.98 6.53
C LYS H 186 33.16 31.88 5.68
N GLN H 187 33.11 30.64 6.17
CA GLN H 187 33.62 29.52 5.39
C GLN H 187 32.72 29.22 4.20
N HIS H 188 31.41 29.28 4.39
CA HIS H 188 30.46 28.95 3.33
C HIS H 188 30.61 29.87 2.13
N ALA H 189 30.80 31.17 2.39
CA ALA H 189 30.94 32.13 1.30
C ALA H 189 32.19 31.85 0.49
N LEU H 190 33.32 31.67 1.18
CA LEU H 190 34.58 31.37 0.51
C LEU H 190 34.57 30.01 -0.16
N GLU H 191 33.61 29.15 0.21
CA GLU H 191 33.44 27.86 -0.46
C GLU H 191 32.59 27.98 -1.71
N GLN H 192 31.63 28.91 -1.71
CA GLN H 192 30.64 28.98 -2.76
C GLN H 192 31.19 29.60 -4.05
N GLU H 193 30.71 29.08 -5.17
CA GLU H 193 31.14 29.50 -6.50
C GLU H 193 29.91 29.64 -7.38
N ASN H 194 30.09 30.26 -8.55
CA ASN H 194 29.01 30.45 -9.50
C ASN H 194 28.50 29.14 -10.05
N LYS H 195 27.30 28.72 -9.64
CA LYS H 195 26.71 27.48 -10.09
C LYS H 195 25.26 27.40 -9.65
N ALA H 199 22.05 27.56 -11.75
CA ALA H 199 21.86 28.95 -11.36
C ALA H 199 20.39 29.32 -11.35
N LEU H 200 19.66 28.76 -10.37
CA LEU H 200 18.25 29.07 -10.17
C LEU H 200 18.11 30.32 -9.31
N GLU H 201 17.66 31.41 -9.93
CA GLU H 201 17.63 32.72 -9.30
C GLU H 201 16.68 32.73 -8.10
N SER H 202 17.01 33.58 -7.12
CA SER H 202 16.22 33.66 -5.89
C SER H 202 16.37 35.05 -5.28
N CYS H 203 15.37 35.43 -4.50
CA CYS H 203 15.41 36.61 -3.64
C CYS H 203 14.84 36.21 -2.29
N VAL H 204 15.63 36.39 -1.24
CA VAL H 204 15.23 36.01 0.10
C VAL H 204 15.25 37.24 0.98
N LEU H 205 14.20 37.41 1.77
CA LEU H 205 14.08 38.48 2.73
C LEU H 205 14.04 37.86 4.13
N PHE H 206 15.11 38.03 4.90
CA PHE H 206 15.13 37.57 6.29
C PHE H 206 14.76 38.74 7.19
N TYR H 207 13.93 38.49 8.17
CA TYR H 207 13.45 39.59 8.99
C TYR H 207 13.56 39.27 10.47
N LYS H 208 14.06 40.25 11.21
CA LYS H 208 14.03 40.30 12.66
C LYS H 208 13.33 41.61 13.03
N ASP H 209 13.08 41.82 14.32
CA ASP H 209 12.28 42.99 14.71
C ASP H 209 12.98 44.28 14.33
N SER H 210 14.30 44.33 14.45
CA SER H 210 15.07 45.53 14.26
C SER H 210 15.65 45.68 12.85
N GLU H 211 15.85 44.57 12.14
CA GLU H 211 16.69 44.57 10.95
C GLU H 211 16.14 43.62 9.90
N ILE H 212 16.39 43.98 8.64
CA ILE H 212 15.92 43.25 7.47
C ILE H 212 17.15 42.90 6.63
N ARG H 213 17.16 41.72 6.02
CA ARG H 213 18.20 41.31 5.09
C ARG H 213 17.55 40.89 3.78
N ILE H 214 18.07 41.39 2.67
CA ILE H 214 17.64 40.96 1.34
C ILE H 214 18.85 40.38 0.62
N THR H 215 18.71 39.17 0.09
CA THR H 215 19.75 38.58 -0.74
C THR H 215 19.21 38.31 -2.15
N TYR H 216 20.06 38.48 -3.15
CA TYR H 216 19.77 38.16 -4.54
C TYR H 216 20.74 37.06 -4.97
N ASN H 217 20.21 35.91 -5.37
CA ASN H 217 21.01 34.70 -5.50
C ASN H 217 20.82 34.03 -6.86
N LYS H 218 21.82 33.25 -7.24
CA LYS H 218 21.74 32.33 -8.36
C LYS H 218 22.21 30.97 -7.85
N GLY H 219 21.28 30.07 -7.62
CA GLY H 219 21.60 28.85 -6.89
C GLY H 219 21.92 29.21 -5.46
N ASP H 220 23.04 28.70 -4.96
CA ASP H 220 23.53 28.98 -3.62
C ASP H 220 24.45 30.19 -3.57
N TYR H 221 24.77 30.76 -4.73
CA TYR H 221 25.75 31.83 -4.83
C TYR H 221 25.10 33.18 -4.60
N GLU H 222 25.60 33.91 -3.62
CA GLU H 222 25.03 35.20 -3.26
C GLU H 222 25.60 36.27 -4.18
N ILE H 223 24.72 36.96 -4.90
CA ILE H 223 25.12 38.04 -5.79
C ILE H 223 24.97 39.36 -5.07
N MET H 224 23.99 39.46 -4.20
CA MET H 224 23.70 40.73 -3.56
C MET H 224 23.22 40.52 -2.14
N HIS H 225 23.62 41.41 -1.23
CA HIS H 225 23.22 41.32 0.18
C HIS H 225 23.02 42.74 0.70
N LEU H 226 21.82 43.02 1.20
CA LEU H 226 21.47 44.34 1.69
C LEU H 226 20.99 44.25 3.13
N ARG H 227 21.51 45.13 3.98
CA ARG H 227 21.11 45.20 5.37
C ARG H 227 20.41 46.53 5.62
N MET H 228 19.28 46.51 6.31
CA MET H 228 18.40 47.67 6.42
C MET H 228 17.60 47.56 7.70
N PRO H 229 17.01 48.67 8.16
CA PRO H 229 16.16 48.64 9.36
C PRO H 229 14.84 47.92 9.14
N GLY H 230 14.28 47.43 10.24
CA GLY H 230 12.94 46.89 10.24
C GLY H 230 11.97 47.85 10.88
N PRO H 231 10.79 47.35 11.23
CA PRO H 231 10.37 45.97 11.01
C PRO H 231 9.70 45.78 9.64
N LEU H 232 9.43 44.52 9.32
CA LEU H 232 8.69 44.13 8.12
C LEU H 232 7.22 43.95 8.48
N ILE H 233 6.34 44.26 7.52
CA ILE H 233 4.90 44.04 7.68
C ILE H 233 4.54 42.66 7.13
N GLN H 234 3.70 41.95 7.84
CA GLN H 234 3.21 40.67 7.35
C GLN H 234 1.91 40.85 6.59
N PRO H 235 1.54 39.90 5.72
CA PRO H 235 0.35 40.20 4.90
C PRO H 235 -0.96 40.07 5.66
N MET I 2 -59.83 -45.86 -18.22
CA MET I 2 -60.66 -44.96 -19.01
C MET I 2 -59.89 -43.68 -19.33
N GLU I 3 -60.41 -42.90 -20.28
CA GLU I 3 -59.79 -41.68 -20.74
C GLU I 3 -60.74 -40.51 -20.52
N LEU I 4 -60.17 -39.33 -20.32
CA LEU I 4 -60.93 -38.08 -20.36
C LEU I 4 -59.94 -36.95 -20.58
N TYR I 5 -60.11 -36.18 -21.65
CA TYR I 5 -59.21 -35.09 -22.01
C TYR I 5 -57.80 -35.65 -22.16
N ASN I 6 -56.80 -35.15 -21.42
CA ASN I 6 -55.42 -35.53 -21.61
C ASN I 6 -54.94 -36.55 -20.59
N ILE I 7 -55.85 -37.27 -19.94
CA ILE I 7 -55.47 -38.18 -18.86
C ILE I 7 -56.07 -39.54 -19.14
N LYS I 8 -55.52 -40.55 -18.48
CA LYS I 8 -56.11 -41.88 -18.41
C LYS I 8 -56.18 -42.25 -16.95
N TYR I 9 -57.28 -42.87 -16.52
CA TYR I 9 -57.53 -43.09 -15.09
C TYR I 9 -58.18 -44.43 -14.85
N ALA I 10 -58.18 -44.83 -13.56
CA ALA I 10 -58.79 -46.07 -13.09
C ALA I 10 -59.42 -45.80 -11.73
N ILE I 11 -59.92 -46.85 -11.08
CA ILE I 11 -60.64 -46.74 -9.82
C ILE I 11 -60.06 -47.73 -8.82
N ASP I 12 -59.90 -47.27 -7.57
CA ASP I 12 -59.32 -48.02 -6.46
C ASP I 12 -60.31 -49.01 -5.84
N PRO I 13 -59.81 -49.97 -5.06
CA PRO I 13 -60.71 -50.77 -4.21
C PRO I 13 -61.38 -49.92 -3.14
N THR I 14 -60.86 -48.73 -2.87
CA THR I 14 -61.48 -47.77 -1.96
C THR I 14 -62.31 -46.74 -2.67
N ASN I 15 -62.64 -46.97 -3.94
CA ASN I 15 -63.46 -46.04 -4.73
C ASN I 15 -62.72 -44.72 -4.96
N LYS I 16 -61.40 -44.81 -5.12
CA LYS I 16 -60.55 -43.65 -5.35
C LYS I 16 -60.08 -43.67 -6.79
N ILE I 17 -60.06 -42.51 -7.44
CA ILE I 17 -59.56 -42.45 -8.80
C ILE I 17 -58.03 -42.44 -8.78
N VAL I 18 -57.41 -43.26 -9.63
CA VAL I 18 -55.96 -43.30 -9.79
C VAL I 18 -55.64 -42.79 -11.19
N ILE I 19 -54.83 -41.73 -11.26
CA ILE I 19 -54.42 -41.16 -12.55
C ILE I 19 -53.29 -42.02 -13.09
N GLU I 20 -53.51 -42.66 -14.24
CA GLU I 20 -52.55 -43.60 -14.80
C GLU I 20 -51.53 -42.92 -15.70
N GLN I 21 -51.93 -41.89 -16.44
CA GLN I 21 -51.01 -41.19 -17.31
C GLN I 21 -51.61 -39.82 -17.63
N VAL I 22 -50.73 -38.85 -17.85
CA VAL I 22 -51.12 -37.53 -18.31
C VAL I 22 -50.28 -37.18 -19.51
N ASP I 23 -50.93 -36.77 -20.60
CA ASP I 23 -50.26 -36.48 -21.87
C ASP I 23 -49.51 -37.71 -22.40
N ASN I 24 -50.10 -38.89 -22.25
CA ASN I 24 -49.54 -40.15 -22.70
C ASN I 24 -48.22 -40.46 -22.04
N VAL I 25 -47.98 -39.90 -20.86
CA VAL I 25 -46.78 -40.17 -20.08
C VAL I 25 -47.24 -40.73 -18.75
N ASP I 26 -46.62 -41.84 -18.34
CA ASP I 26 -47.03 -42.50 -17.10
C ASP I 26 -46.94 -41.54 -15.93
N ALA I 27 -47.97 -41.57 -15.08
CA ALA I 27 -48.14 -40.60 -14.00
C ALA I 27 -48.27 -41.30 -12.67
N PHE I 28 -47.94 -40.56 -11.62
CA PHE I 28 -48.10 -41.00 -10.24
C PHE I 28 -48.83 -39.88 -9.51
N VAL I 29 -50.00 -40.19 -8.99
CA VAL I 29 -50.80 -39.24 -8.21
C VAL I 29 -51.32 -39.98 -6.98
N HIS I 30 -50.79 -39.61 -5.81
CA HIS I 30 -51.05 -40.30 -4.55
C HIS I 30 -51.73 -39.30 -3.62
N ILE I 31 -52.98 -39.56 -3.27
CA ILE I 31 -53.78 -38.62 -2.49
C ILE I 31 -53.59 -38.92 -1.02
N LEU I 32 -53.32 -37.88 -0.24
CA LEU I 32 -53.21 -38.00 1.21
C LEU I 32 -54.40 -37.34 1.87
N GLU I 33 -54.88 -37.94 2.95
CA GLU I 33 -56.00 -37.39 3.67
C GLU I 33 -55.58 -36.12 4.39
N PRO I 34 -56.55 -35.27 4.77
CA PRO I 34 -56.22 -34.02 5.47
C PRO I 34 -55.40 -34.29 6.73
N GLY I 35 -54.23 -33.67 6.81
CA GLY I 35 -53.42 -33.84 8.00
C GLY I 35 -52.77 -35.19 8.21
N GLN I 36 -52.77 -36.06 7.20
CA GLN I 36 -52.27 -37.43 7.36
C GLN I 36 -50.77 -37.45 7.52
N GLU I 37 -50.28 -38.33 8.39
CA GLU I 37 -48.85 -38.56 8.51
C GLU I 37 -48.47 -39.88 7.83
N VAL I 38 -47.51 -39.81 6.91
CA VAL I 38 -46.97 -40.97 6.22
C VAL I 38 -45.46 -40.87 6.19
N PHE I 39 -44.81 -42.03 6.08
CA PHE I 39 -43.38 -42.12 5.83
C PHE I 39 -43.14 -43.12 4.71
N ASP I 40 -42.53 -42.68 3.62
CA ASP I 40 -42.20 -43.54 2.48
C ASP I 40 -41.18 -42.78 1.66
N GLU I 41 -39.91 -43.20 1.73
CA GLU I 41 -38.85 -42.43 1.08
C GLU I 41 -39.05 -42.35 -0.43
N THR I 42 -39.83 -43.26 -1.02
CA THR I 42 -40.13 -43.24 -2.45
C THR I 42 -40.95 -42.01 -2.86
N LEU I 43 -41.63 -41.36 -1.92
CA LEU I 43 -42.46 -40.20 -2.23
C LEU I 43 -41.65 -38.91 -2.42
N SER I 44 -40.44 -38.82 -1.86
CA SER I 44 -39.72 -37.54 -1.86
C SER I 44 -39.23 -37.12 -3.25
N GLN I 45 -39.17 -38.05 -4.22
CA GLN I 45 -38.74 -37.70 -5.57
C GLN I 45 -39.79 -36.91 -6.33
N TYR I 46 -41.05 -36.94 -5.90
CA TYR I 46 -42.16 -36.33 -6.62
C TYR I 46 -42.47 -34.92 -6.12
N HIS I 47 -43.33 -34.24 -6.87
CA HIS I 47 -43.84 -32.96 -6.43
C HIS I 47 -44.80 -33.17 -5.27
N GLN I 48 -44.88 -32.18 -4.39
CA GLN I 48 -45.86 -32.25 -3.32
C GLN I 48 -46.59 -30.92 -3.18
N PHE I 49 -47.91 -31.00 -3.18
CA PHE I 49 -48.83 -29.91 -2.88
C PHE I 49 -49.75 -30.44 -1.79
N PRO I 50 -50.37 -29.55 -1.01
CA PRO I 50 -51.17 -30.03 0.12
C PRO I 50 -52.21 -31.08 -0.27
N GLY I 51 -52.07 -32.27 0.28
CA GLY I 51 -53.00 -33.35 0.04
C GLY I 51 -52.65 -34.32 -1.07
N VAL I 52 -51.51 -34.15 -1.74
CA VAL I 52 -51.19 -35.02 -2.86
C VAL I 52 -49.67 -35.07 -3.04
N VAL I 53 -49.19 -36.26 -3.38
CA VAL I 53 -47.84 -36.47 -3.91
C VAL I 53 -48.03 -36.80 -5.39
N SER I 54 -47.45 -35.99 -6.26
CA SER I 54 -47.79 -36.05 -7.67
C SER I 54 -46.55 -35.96 -8.53
N SER I 55 -46.49 -36.79 -9.59
CA SER I 55 -45.44 -36.68 -10.60
C SER I 55 -45.73 -35.61 -11.62
N ILE I 56 -46.91 -35.00 -11.58
CA ILE I 56 -47.36 -34.02 -12.55
C ILE I 56 -47.58 -32.71 -11.82
N ILE I 57 -47.16 -31.61 -12.43
CA ILE I 57 -47.35 -30.30 -11.81
C ILE I 57 -48.80 -29.88 -11.94
N PHE I 58 -49.42 -29.58 -10.79
CA PHE I 58 -50.74 -28.97 -10.76
C PHE I 58 -50.54 -27.46 -10.78
N PRO I 59 -50.89 -26.77 -11.87
CA PRO I 59 -50.44 -25.40 -12.08
C PRO I 59 -51.27 -24.38 -11.32
N GLN I 60 -50.72 -23.17 -11.26
CA GLN I 60 -51.36 -22.06 -10.60
C GLN I 60 -52.69 -21.73 -11.27
N LEU I 61 -53.73 -21.59 -10.46
CA LEU I 61 -55.06 -21.20 -10.91
C LEU I 61 -55.32 -19.78 -10.44
N VAL I 62 -56.48 -19.27 -10.81
CA VAL I 62 -56.92 -17.94 -10.39
C VAL I 62 -58.24 -18.07 -9.65
N LEU I 63 -58.39 -17.31 -8.58
CA LEU I 63 -59.65 -17.27 -7.88
C LEU I 63 -60.73 -16.64 -8.75
N ASN I 64 -61.93 -17.19 -8.67
CA ASN I 64 -63.14 -16.83 -9.39
C ASN I 64 -63.17 -17.27 -10.85
N THR I 65 -62.26 -18.13 -11.29
CA THR I 65 -62.39 -18.77 -12.60
C THR I 65 -63.16 -20.07 -12.45
N ILE I 66 -63.53 -20.66 -13.58
CA ILE I 66 -64.37 -21.86 -13.62
C ILE I 66 -63.50 -23.08 -13.93
N ILE I 67 -63.71 -24.14 -13.17
CA ILE I 67 -63.07 -25.42 -13.42
C ILE I 67 -64.15 -26.49 -13.60
N SER I 68 -63.74 -27.67 -14.08
CA SER I 68 -64.63 -28.80 -14.29
C SER I 68 -64.10 -30.02 -13.54
N VAL I 69 -65.00 -30.80 -12.95
CA VAL I 69 -64.65 -31.97 -12.15
C VAL I 69 -65.34 -33.20 -12.72
N LEU I 70 -64.62 -34.32 -12.76
CA LEU I 70 -65.18 -35.57 -13.22
C LEU I 70 -66.16 -36.13 -12.18
N SER I 71 -67.38 -36.41 -12.62
CA SER I 71 -68.45 -36.93 -11.78
C SER I 71 -68.43 -38.45 -11.74
N GLU I 72 -69.12 -39.01 -10.74
CA GLU I 72 -69.26 -40.45 -10.63
C GLU I 72 -69.88 -41.06 -11.87
N ASP I 73 -70.74 -40.33 -12.58
CA ASP I 73 -71.38 -40.85 -13.78
C ASP I 73 -70.64 -40.48 -15.06
N GLY I 74 -69.39 -40.03 -14.95
CA GLY I 74 -68.59 -39.73 -16.11
C GLY I 74 -68.80 -38.36 -16.71
N SER I 75 -69.81 -37.62 -16.28
CA SER I 75 -70.00 -36.28 -16.80
C SER I 75 -69.10 -35.29 -16.06
N LEU I 76 -68.99 -34.08 -16.62
CA LEU I 76 -68.15 -33.02 -16.06
C LEU I 76 -69.02 -31.99 -15.37
N LEU I 77 -68.68 -31.69 -14.12
CA LEU I 77 -69.40 -30.71 -13.31
C LEU I 77 -68.59 -29.43 -13.30
N THR I 78 -69.22 -28.30 -13.61
CA THR I 78 -68.53 -27.02 -13.64
C THR I 78 -68.69 -26.30 -12.32
N LEU I 79 -67.57 -25.82 -11.78
CA LEU I 79 -67.52 -25.18 -10.48
C LEU I 79 -66.64 -23.95 -10.56
N LYS I 80 -66.93 -22.96 -9.72
CA LYS I 80 -66.21 -21.71 -9.68
C LYS I 80 -65.32 -21.69 -8.44
N LEU I 81 -64.06 -21.29 -8.62
CA LEU I 81 -63.10 -21.22 -7.52
C LEU I 81 -63.25 -19.89 -6.81
N GLU I 82 -64.27 -19.78 -5.97
CA GLU I 82 -64.54 -18.50 -5.32
C GLU I 82 -64.19 -18.43 -3.84
N ASN I 83 -63.87 -19.56 -3.20
CA ASN I 83 -63.53 -19.60 -1.78
C ASN I 83 -62.10 -20.11 -1.60
N THR I 84 -61.67 -20.19 -0.34
CA THR I 84 -60.37 -20.73 0.01
C THR I 84 -60.51 -21.60 1.25
N CYS I 85 -59.51 -22.45 1.49
CA CYS I 85 -59.48 -23.22 2.73
C CYS I 85 -58.08 -23.79 2.92
N PHE I 86 -57.72 -24.05 4.17
CA PHE I 86 -56.40 -24.55 4.51
C PHE I 86 -56.37 -26.07 4.68
N ASN I 87 -55.42 -26.72 4.01
CA ASN I 87 -55.19 -28.16 4.15
C ASN I 87 -53.71 -28.42 4.29
N PHE I 88 -53.39 -29.61 4.80
CA PHE I 88 -51.99 -29.95 4.94
C PHE I 88 -51.82 -31.45 5.00
N HIS I 89 -50.56 -31.84 4.94
CA HIS I 89 -50.12 -33.17 5.28
C HIS I 89 -48.67 -33.03 5.72
N VAL I 90 -48.09 -34.12 6.16
CA VAL I 90 -46.67 -34.19 6.47
C VAL I 90 -46.21 -35.40 5.70
N CYS I 91 -45.13 -35.29 4.95
CA CYS I 91 -44.59 -36.42 4.23
C CYS I 91 -43.10 -36.53 4.51
N ASN I 92 -42.71 -37.67 5.08
CA ASN I 92 -41.35 -37.94 5.46
C ASN I 92 -40.82 -36.81 6.34
N LYS I 93 -41.59 -36.52 7.38
CA LYS I 93 -41.29 -35.48 8.35
C LYS I 93 -41.22 -34.09 7.72
N ARG I 94 -41.93 -33.88 6.62
CA ARG I 94 -42.05 -32.54 6.04
C ARG I 94 -43.51 -32.14 5.97
N PHE I 95 -43.83 -31.11 6.76
CA PHE I 95 -45.14 -30.46 6.87
C PHE I 95 -45.37 -29.61 5.61
N VAL I 96 -46.28 -30.03 4.74
CA VAL I 96 -46.55 -29.36 3.46
C VAL I 96 -47.95 -28.75 3.53
N PHE I 97 -48.07 -27.46 3.34
CA PHE I 97 -49.32 -26.80 3.68
C PHE I 97 -49.58 -25.60 2.77
N GLY I 98 -50.80 -25.08 2.87
CA GLY I 98 -51.15 -23.87 2.16
C GLY I 98 -52.64 -23.69 2.07
N ASN I 99 -53.03 -22.46 1.70
CA ASN I 99 -54.42 -22.12 1.43
C ASN I 99 -54.69 -22.29 -0.05
N LEU I 100 -55.67 -23.09 -0.38
CA LEU I 100 -55.99 -23.51 -1.73
C LEU I 100 -57.27 -22.86 -2.22
N PRO I 101 -57.40 -22.59 -3.51
CA PRO I 101 -58.69 -22.18 -4.06
C PRO I 101 -59.69 -23.30 -3.86
N ALA I 102 -60.94 -22.93 -3.66
CA ALA I 102 -61.96 -23.92 -3.35
C ALA I 102 -63.27 -23.54 -4.00
N ALA I 103 -64.02 -24.55 -4.38
CA ALA I 103 -65.40 -24.40 -4.79
C ALA I 103 -66.29 -24.79 -3.63
N VAL I 104 -67.58 -24.51 -3.75
CA VAL I 104 -68.57 -24.84 -2.72
C VAL I 104 -69.64 -25.70 -3.35
N VAL I 105 -69.96 -26.84 -2.70
CA VAL I 105 -70.92 -27.81 -3.22
C VAL I 105 -71.86 -28.27 -2.11
N ASN I 106 -73.03 -28.74 -2.53
CA ASN I 106 -74.01 -29.27 -1.61
C ASN I 106 -73.83 -30.80 -1.49
N ASN I 107 -74.68 -31.44 -0.69
CA ASN I 107 -74.50 -32.87 -0.35
C ASN I 107 -74.60 -33.77 -1.58
N GLU I 108 -75.66 -33.60 -2.36
CA GLU I 108 -75.85 -34.43 -3.55
C GLU I 108 -74.65 -34.30 -4.48
N THR I 109 -74.11 -33.09 -4.62
CA THR I 109 -72.95 -32.93 -5.48
C THR I 109 -71.70 -33.52 -4.86
N LYS I 110 -71.51 -33.34 -3.56
CA LYS I 110 -70.32 -33.90 -2.92
C LYS I 110 -70.30 -35.42 -3.05
N GLN I 111 -71.46 -36.06 -2.94
CA GLN I 111 -71.49 -37.51 -3.02
C GLN I 111 -71.24 -38.02 -4.43
N LYS I 112 -71.39 -37.19 -5.44
CA LYS I 112 -71.09 -37.62 -6.80
C LYS I 112 -69.60 -37.47 -7.11
N LEU I 113 -68.80 -37.07 -6.12
CA LEU I 113 -67.39 -36.81 -6.30
C LEU I 113 -66.57 -37.81 -5.51
N ARG I 114 -65.65 -38.48 -6.18
CA ARG I 114 -64.73 -39.39 -5.55
C ARG I 114 -63.43 -38.68 -5.19
N ILE I 115 -62.82 -39.08 -4.08
CA ILE I 115 -61.46 -38.63 -3.78
C ILE I 115 -60.55 -39.10 -4.89
N GLY I 116 -59.98 -38.14 -5.62
CA GLY I 116 -59.08 -38.42 -6.71
C GLY I 116 -59.63 -37.96 -8.04
N ALA I 117 -60.87 -37.48 -8.05
CA ALA I 117 -61.52 -37.08 -9.28
C ALA I 117 -60.69 -36.00 -10.00
N PRO I 118 -60.38 -36.19 -11.27
CA PRO I 118 -59.55 -35.21 -11.96
C PRO I 118 -60.28 -33.88 -12.14
N ILE I 119 -59.53 -32.79 -12.06
CA ILE I 119 -60.05 -31.44 -12.19
C ILE I 119 -59.37 -30.76 -13.37
N PHE I 120 -60.16 -30.15 -14.24
CA PHE I 120 -59.71 -29.68 -15.55
C PHE I 120 -59.92 -28.18 -15.66
N ALA I 121 -58.98 -27.50 -16.32
CA ALA I 121 -59.17 -26.12 -16.74
C ALA I 121 -58.69 -25.98 -18.17
N GLY I 122 -59.59 -25.65 -19.09
CA GLY I 122 -59.26 -25.64 -20.50
C GLY I 122 -58.92 -26.99 -21.06
N LYS I 123 -59.72 -28.01 -20.74
CA LYS I 123 -59.58 -29.36 -21.28
C LYS I 123 -58.26 -30.02 -20.87
N LYS I 124 -57.60 -29.48 -19.85
CA LYS I 124 -56.33 -30.01 -19.36
C LYS I 124 -56.40 -30.21 -17.86
N LEU I 125 -55.83 -31.31 -17.39
CA LEU I 125 -55.81 -31.60 -15.97
C LEU I 125 -55.01 -30.53 -15.23
N VAL I 126 -55.60 -29.98 -14.16
CA VAL I 126 -54.90 -29.01 -13.32
C VAL I 126 -54.84 -29.41 -11.85
N SER I 127 -55.59 -30.41 -11.41
CA SER I 127 -55.65 -30.79 -10.00
C SER I 127 -56.45 -32.09 -9.87
N VAL I 128 -56.62 -32.54 -8.63
CA VAL I 128 -57.48 -33.67 -8.30
C VAL I 128 -58.24 -33.36 -7.01
N VAL I 129 -59.40 -34.00 -6.85
CA VAL I 129 -60.14 -33.91 -5.60
C VAL I 129 -59.33 -34.60 -4.50
N THR I 130 -59.06 -33.86 -3.42
CA THR I 130 -58.28 -34.40 -2.30
C THR I 130 -59.04 -34.44 -0.99
N ALA I 131 -60.00 -33.54 -0.77
CA ALA I 131 -60.66 -33.44 0.52
C ALA I 131 -61.99 -32.71 0.39
N PHE I 132 -62.80 -32.85 1.44
CA PHE I 132 -64.07 -32.14 1.59
C PHE I 132 -64.13 -31.54 2.99
N HIS I 133 -64.53 -30.27 3.09
CA HIS I 133 -64.67 -29.61 4.37
C HIS I 133 -66.11 -29.18 4.57
N ARG I 134 -66.74 -29.68 5.63
CA ARG I 134 -68.14 -29.39 5.86
C ARG I 134 -68.31 -27.95 6.35
N VAL I 135 -69.01 -27.14 5.55
CA VAL I 135 -69.33 -25.77 5.92
C VAL I 135 -70.70 -25.67 6.59
N GLY I 136 -71.55 -26.67 6.42
CA GLY I 136 -72.87 -26.62 6.99
C GLY I 136 -73.61 -27.91 6.69
N GLU I 137 -74.92 -27.89 6.94
CA GLU I 137 -75.71 -29.09 6.79
C GLU I 137 -75.80 -29.53 5.34
N ASN I 138 -75.64 -28.60 4.40
CA ASN I 138 -75.72 -28.92 2.97
C ASN I 138 -74.66 -28.15 2.19
N GLU I 139 -73.55 -27.79 2.84
CA GLU I 139 -72.52 -26.98 2.21
C GLU I 139 -71.15 -27.58 2.51
N TRP I 140 -70.33 -27.70 1.47
CA TRP I 140 -69.00 -28.28 1.57
C TRP I 140 -68.01 -27.40 0.82
N LEU I 141 -66.80 -27.32 1.33
CA LEU I 141 -65.70 -26.67 0.63
C LEU I 141 -64.87 -27.73 -0.07
N LEU I 142 -64.55 -27.49 -1.33
CA LEU I 142 -63.79 -28.45 -2.14
C LEU I 142 -62.45 -27.82 -2.53
N PRO I 143 -61.37 -28.12 -1.82
CA PRO I 143 -60.07 -27.54 -2.20
C PRO I 143 -59.56 -28.07 -3.53
N VAL I 144 -58.96 -27.18 -4.29
CA VAL I 144 -58.33 -27.55 -5.54
C VAL I 144 -56.84 -27.31 -5.34
N THR I 145 -56.10 -28.36 -4.96
CA THR I 145 -54.70 -28.20 -4.59
C THR I 145 -53.82 -28.09 -5.84
N GLY I 146 -52.69 -27.43 -5.66
CA GLY I 146 -51.77 -27.17 -6.75
C GLY I 146 -50.83 -26.06 -6.34
N ILE I 147 -50.10 -25.53 -7.32
CA ILE I 147 -49.18 -24.44 -7.06
C ILE I 147 -49.92 -23.23 -6.53
N ARG I 148 -49.32 -22.58 -5.53
CA ARG I 148 -49.93 -21.48 -4.79
C ARG I 148 -50.58 -20.45 -5.71
N GLU I 149 -51.86 -20.20 -5.46
CA GLU I 149 -52.56 -19.11 -6.16
C GLU I 149 -51.93 -17.78 -5.75
N ALA I 150 -51.94 -16.84 -6.69
CA ALA I 150 -51.09 -15.66 -6.57
C ALA I 150 -51.29 -14.91 -5.25
N SER I 151 -52.51 -14.91 -4.73
CA SER I 151 -52.86 -14.14 -3.54
C SER I 151 -52.78 -14.96 -2.25
N GLN I 152 -52.52 -16.26 -2.34
CA GLN I 152 -52.56 -17.12 -1.17
C GLN I 152 -51.14 -17.47 -0.73
N LEU I 153 -51.03 -18.41 0.19
CA LEU I 153 -49.73 -18.82 0.70
C LEU I 153 -49.61 -20.33 0.64
N SER I 154 -48.38 -20.79 0.47
CA SER I 154 -48.04 -22.19 0.56
C SER I 154 -46.67 -22.28 1.21
N GLY I 155 -46.29 -23.47 1.64
CA GLY I 155 -44.98 -23.63 2.22
C GLY I 155 -44.79 -25.03 2.78
N HIS I 156 -43.61 -25.24 3.36
CA HIS I 156 -43.31 -26.47 4.06
C HIS I 156 -42.32 -26.20 5.19
N MET I 157 -42.23 -27.16 6.10
CA MET I 157 -41.23 -27.08 7.14
C MET I 157 -40.97 -28.48 7.68
N LYS I 158 -39.72 -28.73 8.04
CA LYS I 158 -39.32 -30.02 8.58
C LYS I 158 -39.80 -30.12 10.02
N VAL I 159 -40.56 -31.15 10.31
CA VAL I 159 -41.11 -31.36 11.64
C VAL I 159 -40.68 -32.74 12.10
N LEU I 160 -39.73 -32.77 13.04
CA LEU I 160 -39.20 -34.03 13.54
C LEU I 160 -40.25 -34.79 14.34
N ASN I 161 -41.15 -34.10 15.00
CA ASN I 161 -42.12 -34.73 15.88
C ASN I 161 -43.56 -34.52 15.40
N GLY I 162 -43.74 -34.44 14.08
CA GLY I 162 -45.05 -34.25 13.51
C GLY I 162 -45.59 -32.85 13.78
N VAL I 163 -46.89 -32.73 13.54
CA VAL I 163 -47.62 -31.47 13.78
C VAL I 163 -48.70 -31.76 14.80
N ARG I 164 -48.72 -30.95 15.86
CA ARG I 164 -49.76 -31.04 16.88
C ARG I 164 -50.88 -30.07 16.52
N VAL I 165 -52.07 -30.58 16.26
CA VAL I 165 -53.23 -29.77 15.92
C VAL I 165 -54.04 -29.55 17.19
N GLU I 166 -54.34 -28.29 17.48
CA GLU I 166 -54.98 -27.92 18.73
C GLU I 166 -56.11 -26.94 18.44
N LYS I 167 -57.29 -27.18 18.98
CA LYS I 167 -58.35 -26.21 18.79
C LYS I 167 -58.00 -24.94 19.55
N TRP I 168 -58.15 -23.81 18.86
CA TRP I 168 -57.82 -22.49 19.38
C TRP I 168 -59.03 -21.98 20.16
N ARG I 169 -58.85 -21.75 21.47
CA ARG I 169 -59.92 -21.37 22.37
C ARG I 169 -60.24 -19.89 22.25
N PRO I 170 -61.44 -19.47 22.64
CA PRO I 170 -61.74 -18.04 22.66
C PRO I 170 -60.91 -17.29 23.68
N ASN I 171 -60.63 -16.02 23.36
CA ASN I 171 -59.87 -15.07 24.17
C ASN I 171 -58.40 -15.44 24.36
N MET I 172 -57.88 -16.44 23.63
CA MET I 172 -56.52 -16.92 23.83
C MET I 172 -55.62 -16.35 22.72
N SER I 173 -54.46 -15.87 23.11
CA SER I 173 -53.37 -15.55 22.21
C SER I 173 -52.41 -16.73 22.17
N VAL I 174 -51.46 -16.70 21.24
CA VAL I 174 -50.59 -17.84 20.96
C VAL I 174 -49.12 -17.43 21.13
N TYR I 175 -48.37 -18.23 21.88
CA TYR I 175 -46.92 -18.18 21.84
C TYR I 175 -46.42 -19.62 21.89
N GLY I 176 -45.66 -20.01 20.90
CA GLY I 176 -45.01 -21.31 20.94
C GLY I 176 -45.97 -22.48 21.09
N THR I 177 -45.88 -23.19 22.22
CA THR I 177 -46.66 -24.38 22.48
C THR I 177 -47.93 -24.12 23.27
N VAL I 178 -48.19 -22.87 23.66
CA VAL I 178 -49.30 -22.55 24.56
C VAL I 178 -50.22 -21.50 23.95
N GLN I 179 -51.46 -21.55 24.40
CA GLN I 179 -52.40 -20.46 24.16
C GLN I 179 -52.87 -19.97 25.52
N LEU I 180 -52.69 -18.68 25.77
CA LEU I 180 -52.91 -18.06 27.07
C LEU I 180 -53.45 -16.66 26.86
N PRO I 181 -53.96 -15.98 27.88
CA PRO I 181 -54.36 -14.58 27.70
C PRO I 181 -53.17 -13.74 27.23
N TYR I 182 -53.50 -12.63 26.57
CA TYR I 182 -52.46 -11.79 25.96
C TYR I 182 -51.46 -11.28 26.99
N ASP I 183 -51.95 -10.80 28.14
CA ASP I 183 -51.03 -10.26 29.15
C ASP I 183 -50.03 -11.30 29.60
N LYS I 184 -50.46 -12.56 29.70
CA LYS I 184 -49.53 -13.62 30.04
C LYS I 184 -48.63 -13.95 28.86
N ILE I 185 -49.21 -14.08 27.66
CA ILE I 185 -48.42 -14.33 26.47
C ILE I 185 -47.34 -13.26 26.32
N LYS I 186 -47.72 -11.99 26.44
CA LYS I 186 -46.73 -10.92 26.33
C LYS I 186 -45.63 -11.07 27.36
N GLN I 187 -46.01 -11.36 28.60
CA GLN I 187 -44.99 -11.59 29.62
C GLN I 187 -44.19 -12.86 29.33
N HIS I 188 -44.87 -13.94 28.94
CA HIS I 188 -44.19 -15.21 28.70
C HIS I 188 -43.20 -15.10 27.55
N ALA I 189 -43.55 -14.37 26.49
CA ALA I 189 -42.65 -14.20 25.36
C ALA I 189 -41.37 -13.50 25.79
N LEU I 190 -41.53 -12.42 26.56
CA LEU I 190 -40.38 -11.71 27.11
C LEU I 190 -39.66 -12.54 28.16
N GLU I 191 -40.26 -13.63 28.65
CA GLU I 191 -39.60 -14.52 29.60
C GLU I 191 -38.67 -15.49 28.91
N GLN I 192 -38.97 -15.85 27.67
CA GLN I 192 -38.41 -17.04 27.06
C GLN I 192 -36.97 -16.82 26.62
N GLU I 193 -36.11 -17.75 27.02
CA GLU I 193 -34.75 -17.84 26.54
C GLU I 193 -34.64 -19.00 25.56
N ASN I 194 -33.71 -18.89 24.62
CA ASN I 194 -33.52 -19.95 23.65
C ASN I 194 -33.00 -21.21 24.31
N ASN I 198 -33.40 -30.05 27.92
CA ASN I 198 -33.72 -31.20 27.07
C ASN I 198 -34.78 -30.80 26.04
N ALA I 199 -34.56 -29.64 25.43
CA ALA I 199 -35.56 -29.01 24.59
C ALA I 199 -35.73 -29.79 23.29
N LEU I 200 -36.91 -30.36 23.09
CA LEU I 200 -37.30 -30.97 21.83
C LEU I 200 -37.93 -29.95 20.91
N GLU I 201 -37.81 -30.20 19.62
CA GLU I 201 -38.47 -29.36 18.63
C GLU I 201 -39.95 -29.72 18.51
N SER I 202 -40.74 -28.74 18.12
CA SER I 202 -42.19 -28.88 18.07
C SER I 202 -42.77 -28.04 16.94
N CYS I 203 -43.92 -28.47 16.43
CA CYS I 203 -44.75 -27.69 15.52
C CYS I 203 -46.18 -27.81 15.97
N VAL I 204 -46.84 -26.67 16.22
CA VAL I 204 -48.23 -26.66 16.67
C VAL I 204 -49.08 -25.85 15.69
N LEU I 205 -50.23 -26.40 15.34
CA LEU I 205 -51.21 -25.76 14.47
C LEU I 205 -52.47 -25.52 15.29
N PHE I 206 -52.76 -24.26 15.60
CA PHE I 206 -54.00 -23.91 16.28
C PHE I 206 -55.00 -23.46 15.23
N TYR I 207 -56.26 -23.86 15.38
CA TYR I 207 -57.23 -23.54 14.35
C TYR I 207 -58.51 -22.97 14.96
N LYS I 208 -59.02 -21.96 14.27
CA LYS I 208 -60.33 -21.38 14.44
C LYS I 208 -61.01 -21.44 13.07
N ASP I 209 -62.33 -21.25 13.04
CA ASP I 209 -63.04 -21.34 11.76
C ASP I 209 -62.53 -20.32 10.75
N SER I 210 -62.06 -19.17 11.22
CA SER I 210 -61.60 -18.08 10.36
C SER I 210 -60.09 -18.02 10.19
N GLU I 211 -59.32 -18.54 11.13
CA GLU I 211 -57.88 -18.28 11.18
C GLU I 211 -57.13 -19.48 11.72
N ILE I 212 -55.89 -19.65 11.23
CA ILE I 212 -55.01 -20.74 11.63
C ILE I 212 -53.66 -20.17 12.06
N ARG I 213 -53.06 -20.74 13.09
CA ARG I 213 -51.73 -20.36 13.53
C ARG I 213 -50.82 -21.55 13.64
N ILE I 214 -49.62 -21.41 13.10
CA ILE I 214 -48.58 -22.42 13.16
C ILE I 214 -47.42 -21.84 13.92
N THR I 215 -46.94 -22.54 14.94
CA THR I 215 -45.70 -22.17 15.60
C THR I 215 -44.68 -23.29 15.46
N TYR I 216 -43.42 -22.90 15.30
CA TYR I 216 -42.29 -23.82 15.28
C TYR I 216 -41.40 -23.51 16.48
N ASN I 217 -41.15 -24.50 17.32
CA ASN I 217 -40.57 -24.28 18.64
C ASN I 217 -39.36 -25.19 18.87
N LYS I 218 -38.48 -24.72 19.76
CA LYS I 218 -37.39 -25.50 20.31
C LYS I 218 -37.65 -25.54 21.81
N GLY I 219 -38.05 -26.70 22.33
CA GLY I 219 -38.56 -26.72 23.68
C GLY I 219 -39.77 -25.81 23.79
N ASP I 220 -39.74 -24.94 24.79
CA ASP I 220 -40.80 -23.97 25.04
C ASP I 220 -40.57 -22.66 24.30
N TYR I 221 -39.43 -22.52 23.65
CA TYR I 221 -39.04 -21.27 23.01
C TYR I 221 -39.58 -21.21 21.59
N GLU I 222 -40.34 -20.15 21.30
CA GLU I 222 -40.96 -19.97 20.00
C GLU I 222 -39.95 -19.40 19.01
N ILE I 223 -39.75 -20.11 17.92
CA ILE I 223 -38.85 -19.68 16.85
C ILE I 223 -39.61 -18.96 15.74
N MET I 224 -40.83 -19.38 15.45
CA MET I 224 -41.61 -18.80 14.38
C MET I 224 -43.09 -18.86 14.73
N HIS I 225 -43.84 -17.86 14.29
CA HIS I 225 -45.27 -17.79 14.52
C HIS I 225 -45.91 -17.24 13.25
N LEU I 226 -46.83 -18.01 12.66
CA LEU I 226 -47.47 -17.66 11.40
C LEU I 226 -48.99 -17.65 11.58
N ARG I 227 -49.63 -16.58 11.12
CA ARG I 227 -51.08 -16.40 11.15
C ARG I 227 -51.60 -16.38 9.72
N MET I 228 -52.67 -17.13 9.45
CA MET I 228 -53.12 -17.35 8.08
C MET I 228 -54.62 -17.60 8.07
N PRO I 229 -55.26 -17.49 6.90
CA PRO I 229 -56.71 -17.71 6.85
C PRO I 229 -57.06 -19.17 7.05
N GLY I 230 -58.27 -19.38 7.56
CA GLY I 230 -58.87 -20.69 7.61
C GLY I 230 -59.93 -20.83 6.54
N PRO I 231 -60.74 -21.89 6.62
CA PRO I 231 -60.67 -22.90 7.67
C PRO I 231 -59.71 -24.06 7.39
N LEU I 232 -59.56 -24.91 8.39
CA LEU I 232 -58.80 -26.15 8.27
C LEU I 232 -59.76 -27.28 7.90
N ILE I 233 -59.25 -28.25 7.17
CA ILE I 233 -60.05 -29.43 6.85
C ILE I 233 -59.80 -30.49 7.91
N SER J 1 -50.22 17.90 20.25
CA SER J 1 -50.75 19.24 20.48
C SER J 1 -51.90 19.54 19.53
N MET J 2 -51.81 19.03 18.31
CA MET J 2 -52.89 19.15 17.34
C MET J 2 -53.82 17.96 17.48
N GLU J 3 -55.12 18.21 17.31
CA GLU J 3 -56.16 17.25 17.64
C GLU J 3 -57.00 16.99 16.40
N LEU J 4 -57.12 15.71 16.01
CA LEU J 4 -57.91 15.30 14.85
C LEU J 4 -58.59 13.98 15.19
N TYR J 5 -59.92 13.97 15.12
CA TYR J 5 -60.72 12.79 15.45
C TYR J 5 -60.37 12.38 16.88
N ASN J 6 -59.93 11.14 17.12
CA ASN J 6 -59.71 10.65 18.47
C ASN J 6 -58.25 10.67 18.90
N ILE J 7 -57.40 11.49 18.25
CA ILE J 7 -55.97 11.49 18.50
C ILE J 7 -55.47 12.91 18.74
N LYS J 8 -54.26 12.98 19.29
CA LYS J 8 -53.44 14.19 19.32
C LYS J 8 -52.11 13.85 18.70
N TYR J 9 -51.56 14.77 17.91
CA TYR J 9 -50.33 14.48 17.19
C TYR J 9 -49.45 15.71 17.11
N ALA J 10 -48.19 15.49 16.80
CA ALA J 10 -47.20 16.56 16.63
C ALA J 10 -46.29 16.17 15.47
N ILE J 11 -45.24 16.94 15.25
CA ILE J 11 -44.37 16.74 14.10
C ILE J 11 -42.93 16.65 14.60
N ASP J 12 -42.19 15.71 14.02
CA ASP J 12 -40.81 15.35 14.29
C ASP J 12 -39.89 16.38 13.64
N PRO J 13 -38.64 16.51 14.10
CA PRO J 13 -37.66 17.33 13.36
C PRO J 13 -37.37 16.81 11.98
N THR J 14 -37.75 15.56 11.69
CA THR J 14 -37.60 14.91 10.40
C THR J 14 -38.88 14.91 9.57
N ASN J 15 -39.83 15.77 9.93
CA ASN J 15 -41.09 15.93 9.25
C ASN J 15 -41.99 14.69 9.39
N LYS J 16 -41.93 14.00 10.52
CA LYS J 16 -42.76 12.84 10.80
C LYS J 16 -43.78 13.13 11.89
N ILE J 17 -44.95 12.60 11.70
CA ILE J 17 -46.00 12.75 12.68
C ILE J 17 -45.72 11.86 13.88
N VAL J 18 -45.87 12.44 15.06
CA VAL J 18 -45.73 11.78 16.36
C VAL J 18 -47.13 11.68 16.95
N ILE J 19 -47.64 10.48 17.12
CA ILE J 19 -48.95 10.28 17.75
C ILE J 19 -48.76 10.40 19.25
N GLU J 20 -49.32 11.45 19.84
CA GLU J 20 -49.14 11.73 21.27
C GLU J 20 -50.19 11.04 22.13
N GLN J 21 -51.47 11.17 21.77
CA GLN J 21 -52.53 10.54 22.53
C GLN J 21 -53.53 9.92 21.56
N VAL J 22 -54.13 8.81 21.98
CA VAL J 22 -55.27 8.21 21.27
C VAL J 22 -56.34 7.92 22.31
N ASP J 23 -57.55 8.45 22.07
CA ASP J 23 -58.67 8.33 23.00
C ASP J 23 -58.32 8.91 24.38
N ASN J 24 -57.61 10.04 24.39
CA ASN J 24 -57.22 10.74 25.62
C ASN J 24 -56.31 9.91 26.52
N VAL J 25 -55.60 8.95 25.96
CA VAL J 25 -54.63 8.14 26.70
C VAL J 25 -53.29 8.30 26.00
N ASP J 26 -52.24 8.55 26.78
CA ASP J 26 -50.91 8.76 26.20
C ASP J 26 -50.51 7.56 25.35
N ALA J 27 -49.91 7.83 24.19
CA ALA J 27 -49.64 6.81 23.19
C ALA J 27 -48.17 6.80 22.81
N PHE J 28 -47.73 5.65 22.29
CA PHE J 28 -46.40 5.49 21.74
C PHE J 28 -46.55 4.86 20.38
N VAL J 29 -46.11 5.56 19.34
CA VAL J 29 -46.15 5.07 17.96
C VAL J 29 -44.81 5.39 17.31
N HIS J 30 -44.00 4.35 17.05
CA HIS J 30 -42.64 4.50 16.53
C HIS J 30 -42.56 3.81 15.18
N ILE J 31 -42.32 4.57 14.13
CA ILE J 31 -42.34 4.06 12.77
C ILE J 31 -40.96 3.57 12.38
N LEU J 32 -40.89 2.38 11.80
CA LEU J 32 -39.65 1.81 11.30
C LEU J 32 -39.60 1.85 9.78
N GLU J 33 -38.40 2.08 9.24
CA GLU J 33 -38.20 2.09 7.81
C GLU J 33 -38.37 0.68 7.25
N PRO J 34 -38.65 0.55 5.95
CA PRO J 34 -38.79 -0.79 5.36
C PRO J 34 -37.53 -1.62 5.54
N GLY J 35 -37.69 -2.79 6.14
CA GLY J 35 -36.56 -3.69 6.36
C GLY J 35 -35.55 -3.23 7.39
N GLN J 36 -35.85 -2.19 8.15
CA GLN J 36 -34.89 -1.68 9.12
C GLN J 36 -34.76 -2.66 10.28
N GLU J 37 -33.53 -2.79 10.79
CA GLU J 37 -33.27 -3.51 12.02
C GLU J 37 -32.85 -2.55 13.11
N VAL J 38 -33.48 -2.67 14.27
CA VAL J 38 -33.19 -1.87 15.45
C VAL J 38 -33.02 -2.81 16.63
N PHE J 39 -32.27 -2.36 17.62
CA PHE J 39 -32.19 -3.05 18.89
C PHE J 39 -32.47 -2.04 20.00
N ASP J 40 -33.53 -2.28 20.77
CA ASP J 40 -33.90 -1.40 21.87
C ASP J 40 -34.86 -2.20 22.74
N GLU J 41 -34.40 -2.62 23.92
CA GLU J 41 -35.19 -3.50 24.74
C GLU J 41 -36.51 -2.86 25.19
N THR J 42 -36.57 -1.53 25.23
CA THR J 42 -37.78 -0.82 25.61
C THR J 42 -38.92 -1.04 24.63
N LEU J 43 -38.62 -1.44 23.38
CA LEU J 43 -39.65 -1.63 22.36
C LEU J 43 -40.43 -2.92 22.50
N SER J 44 -39.91 -3.91 23.23
CA SER J 44 -40.56 -5.21 23.24
C SER J 44 -41.88 -5.24 24.02
N GLN J 45 -42.11 -4.27 24.90
CA GLN J 45 -43.36 -4.25 25.67
C GLN J 45 -44.57 -3.84 24.84
N TYR J 46 -44.38 -3.22 23.68
CA TYR J 46 -45.45 -2.66 22.87
C TYR J 46 -45.90 -3.63 21.79
N HIS J 47 -47.02 -3.31 21.15
CA HIS J 47 -47.47 -4.10 20.01
C HIS J 47 -46.54 -3.85 18.83
N GLN J 48 -46.44 -4.84 17.95
CA GLN J 48 -45.67 -4.67 16.72
C GLN J 48 -46.45 -5.19 15.54
N PHE J 49 -46.55 -4.35 14.51
CA PHE J 49 -47.08 -4.69 13.20
C PHE J 49 -46.01 -4.25 12.22
N PRO J 50 -45.97 -4.83 11.01
CA PRO J 50 -44.88 -4.50 10.08
C PRO J 50 -44.71 -3.00 9.87
N GLY J 51 -43.55 -2.47 10.26
CA GLY J 51 -43.24 -1.07 10.10
C GLY J 51 -43.57 -0.16 11.26
N VAL J 52 -44.05 -0.70 12.38
CA VAL J 52 -44.45 0.18 13.48
C VAL J 52 -44.34 -0.59 14.79
N VAL J 53 -43.85 0.10 15.82
CA VAL J 53 -43.95 -0.31 17.22
C VAL J 53 -44.97 0.63 17.85
N SER J 54 -46.05 0.08 18.36
CA SER J 54 -47.17 0.94 18.75
C SER J 54 -47.77 0.48 20.07
N SER J 55 -48.11 1.45 20.92
CA SER J 55 -48.84 1.15 22.14
C SER J 55 -50.33 0.95 21.90
N ILE J 56 -50.79 1.21 20.69
CA ILE J 56 -52.20 1.13 20.38
C ILE J 56 -52.40 0.10 19.28
N ILE J 57 -53.45 -0.68 19.41
CA ILE J 57 -53.75 -1.73 18.44
C ILE J 57 -54.29 -1.09 17.18
N PHE J 58 -53.66 -1.38 16.05
CA PHE J 58 -54.18 -1.01 14.75
C PHE J 58 -55.06 -2.14 14.29
N PRO J 59 -56.38 -1.96 14.25
CA PRO J 59 -57.29 -3.09 14.13
C PRO J 59 -57.40 -3.62 12.71
N GLN J 60 -57.98 -4.81 12.62
CA GLN J 60 -58.19 -5.48 11.34
C GLN J 60 -59.10 -4.66 10.45
N LEU J 61 -58.68 -4.47 9.22
CA LEU J 61 -59.44 -3.80 8.19
C LEU J 61 -59.92 -4.81 7.18
N VAL J 62 -60.71 -4.35 6.23
CA VAL J 62 -61.20 -5.20 5.15
C VAL J 62 -60.75 -4.57 3.84
N LEU J 63 -60.32 -5.41 2.92
CA LEU J 63 -59.96 -4.94 1.60
C LEU J 63 -61.19 -4.39 0.89
N ASN J 64 -60.98 -3.34 0.09
CA ASN J 64 -61.94 -2.60 -0.71
C ASN J 64 -62.82 -1.67 0.11
N THR J 65 -62.51 -1.47 1.39
CA THR J 65 -63.18 -0.45 2.17
C THR J 65 -62.41 0.86 2.06
N ILE J 66 -63.02 1.93 2.58
CA ILE J 66 -62.50 3.28 2.44
C ILE J 66 -61.86 3.71 3.75
N ILE J 67 -60.67 4.28 3.66
CA ILE J 67 -59.97 4.89 4.78
C ILE J 67 -59.67 6.34 4.42
N SER J 68 -59.30 7.13 5.43
CA SER J 68 -58.90 8.52 5.23
C SER J 68 -57.54 8.76 5.88
N VAL J 69 -56.69 9.54 5.22
CA VAL J 69 -55.35 9.86 5.71
C VAL J 69 -55.20 11.36 5.81
N LEU J 70 -54.60 11.83 6.89
CA LEU J 70 -54.35 13.26 7.08
C LEU J 70 -53.21 13.71 6.17
N SER J 71 -53.49 14.70 5.33
CA SER J 71 -52.56 15.25 4.35
C SER J 71 -51.82 16.48 4.89
N GLU J 72 -50.69 16.79 4.25
CA GLU J 72 -49.88 17.94 4.66
C GLU J 72 -50.65 19.25 4.57
N ASP J 73 -51.69 19.32 3.74
CA ASP J 73 -52.56 20.48 3.64
C ASP J 73 -53.68 20.45 4.66
N GLY J 74 -53.47 19.79 5.80
CA GLY J 74 -54.47 19.72 6.85
C GLY J 74 -55.74 18.99 6.49
N SER J 75 -55.90 18.56 5.24
CA SER J 75 -57.11 17.93 4.76
C SER J 75 -57.03 16.41 4.90
N LEU J 76 -58.20 15.77 4.87
CA LEU J 76 -58.32 14.33 4.84
C LEU J 76 -58.51 13.87 3.39
N LEU J 77 -57.69 12.92 2.96
CA LEU J 77 -57.80 12.31 1.65
C LEU J 77 -58.39 10.91 1.79
N THR J 78 -59.44 10.62 1.05
CA THR J 78 -60.11 9.32 1.14
C THR J 78 -59.56 8.36 0.08
N LEU J 79 -59.24 7.15 0.52
CA LEU J 79 -58.62 6.15 -0.34
C LEU J 79 -59.27 4.81 -0.09
N LYS J 80 -59.23 3.96 -1.13
CA LYS J 80 -59.80 2.63 -1.10
C LYS J 80 -58.70 1.61 -0.96
N LEU J 81 -58.89 0.62 -0.07
CA LEU J 81 -57.90 -0.43 0.13
C LEU J 81 -58.10 -1.53 -0.91
N GLU J 82 -57.51 -1.32 -2.10
CA GLU J 82 -57.68 -2.24 -3.22
C GLU J 82 -56.51 -3.17 -3.47
N ASN J 83 -55.34 -2.89 -2.92
CA ASN J 83 -54.14 -3.67 -3.18
C ASN J 83 -53.58 -4.25 -1.89
N THR J 84 -52.45 -4.93 -2.02
CA THR J 84 -51.70 -5.46 -0.90
C THR J 84 -50.23 -5.17 -1.14
N CYS J 85 -49.45 -5.28 -0.07
CA CYS J 85 -48.03 -5.00 -0.13
C CYS J 85 -47.34 -5.75 1.00
N PHE J 86 -46.14 -6.24 0.75
CA PHE J 86 -45.37 -6.94 1.78
C PHE J 86 -44.35 -6.00 2.38
N ASN J 87 -44.35 -5.91 3.72
CA ASN J 87 -43.35 -5.14 4.43
C ASN J 87 -42.90 -5.91 5.67
N PHE J 88 -41.76 -5.49 6.22
CA PHE J 88 -41.24 -6.14 7.41
C PHE J 88 -40.29 -5.19 8.12
N HIS J 89 -39.90 -5.60 9.32
CA HIS J 89 -38.78 -5.02 10.01
C HIS J 89 -38.19 -6.09 10.90
N VAL J 90 -37.07 -5.77 11.52
CA VAL J 90 -36.45 -6.60 12.55
C VAL J 90 -36.28 -5.74 13.79
N CYS J 91 -36.90 -6.15 14.89
CA CYS J 91 -36.81 -5.42 16.15
C CYS J 91 -36.42 -6.39 17.25
N ASN J 92 -35.25 -6.14 17.86
CA ASN J 92 -34.71 -7.00 18.91
C ASN J 92 -34.65 -8.45 18.46
N LYS J 93 -34.06 -8.66 17.29
CA LYS J 93 -33.82 -9.98 16.71
C LYS J 93 -35.10 -10.69 16.31
N ARG J 94 -36.21 -9.98 16.17
CA ARG J 94 -37.48 -10.59 15.79
C ARG J 94 -37.96 -9.98 14.48
N PHE J 95 -37.98 -10.81 13.45
CA PHE J 95 -38.43 -10.50 12.11
C PHE J 95 -39.95 -10.43 12.12
N VAL J 96 -40.51 -9.23 11.93
CA VAL J 96 -41.95 -8.99 11.96
C VAL J 96 -42.37 -8.61 10.54
N PHE J 97 -43.33 -9.34 9.99
CA PHE J 97 -43.61 -9.23 8.56
C PHE J 97 -45.09 -9.47 8.27
N GLY J 98 -45.49 -9.17 7.04
CA GLY J 98 -46.84 -9.47 6.62
C GLY J 98 -47.22 -8.74 5.35
N ASN J 99 -48.31 -9.22 4.76
CA ASN J 99 -48.95 -8.56 3.62
C ASN J 99 -50.04 -7.65 4.15
N LEU J 100 -49.96 -6.39 3.79
CA LEU J 100 -50.80 -5.36 4.32
C LEU J 100 -51.77 -4.85 3.25
N PRO J 101 -52.99 -4.48 3.62
CA PRO J 101 -53.85 -3.78 2.67
C PRO J 101 -53.20 -2.46 2.28
N ALA J 102 -53.39 -2.06 1.03
CA ALA J 102 -52.70 -0.90 0.51
C ALA J 102 -53.61 -0.12 -0.42
N ALA J 103 -53.42 1.19 -0.40
CA ALA J 103 -54.04 2.09 -1.35
C ALA J 103 -53.02 2.47 -2.41
N VAL J 104 -53.50 3.19 -3.43
CA VAL J 104 -52.66 3.64 -4.54
C VAL J 104 -52.78 5.15 -4.62
N VAL J 105 -51.64 5.83 -4.76
CA VAL J 105 -51.58 7.28 -4.86
C VAL J 105 -50.67 7.63 -6.02
N ASN J 106 -50.87 8.82 -6.58
CA ASN J 106 -50.01 9.28 -7.65
C ASN J 106 -48.83 10.02 -7.03
N ASN J 107 -47.91 10.47 -7.88
CA ASN J 107 -46.69 11.08 -7.37
C ASN J 107 -47.00 12.35 -6.58
N GLU J 108 -48.03 13.09 -7.00
CA GLU J 108 -48.38 14.34 -6.31
C GLU J 108 -48.95 14.05 -4.93
N THR J 109 -49.84 13.07 -4.83
CA THR J 109 -50.45 12.73 -3.55
C THR J 109 -49.42 12.21 -2.56
N LYS J 110 -48.49 11.38 -3.02
CA LYS J 110 -47.50 10.82 -2.10
C LYS J 110 -46.72 11.91 -1.38
N GLN J 111 -46.38 12.98 -2.11
CA GLN J 111 -45.56 14.03 -1.53
C GLN J 111 -46.31 14.87 -0.51
N LYS J 112 -47.64 14.81 -0.50
CA LYS J 112 -48.42 15.50 0.50
C LYS J 112 -48.61 14.68 1.77
N LEU J 113 -47.99 13.51 1.84
CA LEU J 113 -48.20 12.59 2.96
C LEU J 113 -46.91 12.47 3.75
N ARG J 114 -47.01 12.68 5.06
CA ARG J 114 -45.87 12.55 5.93
C ARG J 114 -45.79 11.13 6.48
N ILE J 115 -44.56 10.63 6.64
CA ILE J 115 -44.34 9.34 7.29
C ILE J 115 -44.90 9.44 8.70
N GLY J 116 -46.00 8.75 8.95
CA GLY J 116 -46.60 8.80 10.28
C GLY J 116 -47.99 9.37 10.26
N ALA J 117 -48.45 9.83 9.11
CA ALA J 117 -49.76 10.46 8.98
C ALA J 117 -50.85 9.52 9.50
N PRO J 118 -51.74 9.99 10.37
CA PRO J 118 -52.76 9.09 10.92
C PRO J 118 -53.74 8.67 9.83
N ILE J 119 -54.19 7.41 9.93
CA ILE J 119 -55.15 6.83 9.01
C ILE J 119 -56.38 6.43 9.80
N PHE J 120 -57.55 6.82 9.32
CA PHE J 120 -58.79 6.74 10.05
C PHE J 120 -59.79 5.88 9.28
N ALA J 121 -60.62 5.16 10.02
CA ALA J 121 -61.78 4.47 9.48
C ALA J 121 -62.95 4.90 10.34
N GLY J 122 -63.94 5.55 9.72
CA GLY J 122 -64.86 6.34 10.50
C GLY J 122 -64.09 7.54 11.04
N LYS J 123 -64.36 7.89 12.29
CA LYS J 123 -63.64 8.97 12.93
C LYS J 123 -62.66 8.47 13.98
N LYS J 124 -62.10 7.28 13.75
CA LYS J 124 -61.22 6.59 14.69
C LYS J 124 -59.94 6.15 13.99
N LEU J 125 -58.83 6.32 14.70
CA LEU J 125 -57.53 5.94 14.17
C LEU J 125 -57.46 4.42 13.98
N VAL J 126 -56.99 3.98 12.81
CA VAL J 126 -56.81 2.56 12.53
C VAL J 126 -55.40 2.20 12.11
N SER J 127 -54.54 3.17 11.76
CA SER J 127 -53.18 2.88 11.30
C SER J 127 -52.43 4.18 11.17
N VAL J 128 -51.18 4.08 10.72
CA VAL J 128 -50.35 5.25 10.37
C VAL J 128 -49.62 4.95 9.07
N VAL J 129 -49.27 6.01 8.35
CA VAL J 129 -48.43 5.88 7.16
C VAL J 129 -47.04 5.43 7.60
N THR J 130 -46.57 4.33 7.03
CA THR J 130 -45.26 3.78 7.38
C THR J 130 -44.29 3.72 6.23
N ALA J 131 -44.77 3.57 4.99
CA ALA J 131 -43.89 3.38 3.84
C ALA J 131 -44.64 3.65 2.55
N PHE J 132 -43.87 3.83 1.48
CA PHE J 132 -44.37 4.00 0.11
C PHE J 132 -43.59 3.06 -0.80
N HIS J 133 -44.31 2.36 -1.68
CA HIS J 133 -43.69 1.48 -2.67
C HIS J 133 -44.04 1.95 -4.07
N ARG J 134 -43.02 2.27 -4.87
CA ARG J 134 -43.24 2.75 -6.22
C ARG J 134 -43.62 1.60 -7.14
N VAL J 135 -44.82 1.67 -7.72
CA VAL J 135 -45.25 0.70 -8.70
C VAL J 135 -45.25 1.36 -10.06
N ASN J 138 -45.69 7.47 -11.74
CA ASN J 138 -46.74 8.29 -11.16
C ASN J 138 -47.70 7.40 -10.37
N GLU J 139 -47.17 6.34 -9.76
CA GLU J 139 -48.00 5.42 -9.00
C GLU J 139 -47.20 4.87 -7.83
N TRP J 140 -47.81 4.87 -6.65
CA TRP J 140 -47.20 4.39 -5.41
C TRP J 140 -48.20 3.53 -4.67
N LEU J 141 -47.69 2.51 -3.98
CA LEU J 141 -48.50 1.72 -3.07
C LEU J 141 -48.32 2.23 -1.65
N LEU J 142 -49.42 2.41 -0.94
CA LEU J 142 -49.41 2.95 0.42
C LEU J 142 -49.92 1.86 1.37
N PRO J 143 -49.04 1.11 2.02
CA PRO J 143 -49.51 0.06 2.94
C PRO J 143 -50.16 0.65 4.18
N VAL J 144 -51.21 -0.01 4.64
CA VAL J 144 -51.92 0.35 5.86
C VAL J 144 -51.69 -0.81 6.82
N THR J 145 -50.69 -0.67 7.70
CA THR J 145 -50.31 -1.77 8.57
C THR J 145 -51.23 -1.89 9.78
N GLY J 146 -51.29 -3.10 10.32
CA GLY J 146 -52.17 -3.37 11.43
C GLY J 146 -52.36 -4.86 11.54
N ILE J 147 -53.37 -5.23 12.33
CA ILE J 147 -53.69 -6.64 12.50
C ILE J 147 -54.04 -7.25 11.15
N ARG J 148 -53.55 -8.47 10.93
CA ARG J 148 -53.69 -9.17 9.66
C ARG J 148 -55.12 -9.09 9.09
N GLU J 149 -55.23 -8.63 7.84
CA GLU J 149 -56.50 -8.65 7.14
C GLU J 149 -56.93 -10.09 6.94
N ALA J 150 -58.24 -10.32 6.94
CA ALA J 150 -58.77 -11.69 7.07
C ALA J 150 -58.19 -12.65 6.04
N SER J 151 -57.93 -12.18 4.83
CA SER J 151 -57.47 -13.00 3.73
C SER J 151 -55.95 -13.02 3.60
N GLN J 152 -55.24 -12.31 4.47
CA GLN J 152 -53.81 -12.06 4.30
C GLN J 152 -53.01 -12.93 5.27
N LEU J 153 -51.71 -12.66 5.37
CA LEU J 153 -50.84 -13.38 6.28
C LEU J 153 -50.01 -12.39 7.07
N SER J 154 -49.70 -12.76 8.31
CA SER J 154 -48.78 -12.02 9.16
C SER J 154 -47.98 -13.04 9.95
N GLY J 155 -46.90 -12.58 10.57
CA GLY J 155 -46.13 -13.48 11.40
C GLY J 155 -44.87 -12.83 11.88
N HIS J 156 -44.13 -13.60 12.68
CA HIS J 156 -42.82 -13.17 13.15
C HIS J 156 -41.93 -14.40 13.34
N MET J 157 -40.63 -14.15 13.43
CA MET J 157 -39.72 -15.23 13.75
C MET J 157 -38.43 -14.65 14.30
N LYS J 158 -37.83 -15.39 15.21
CA LYS J 158 -36.57 -14.98 15.80
C LYS J 158 -35.45 -15.22 14.79
N VAL J 159 -34.71 -14.16 14.47
CA VAL J 159 -33.61 -14.23 13.53
C VAL J 159 -32.38 -13.74 14.28
N LEU J 160 -31.51 -14.67 14.67
CA LEU J 160 -30.33 -14.28 15.43
C LEU J 160 -29.38 -13.47 14.58
N ASN J 161 -29.36 -13.72 13.27
CA ASN J 161 -28.40 -13.11 12.38
C ASN J 161 -29.10 -12.25 11.34
N GLY J 162 -30.20 -11.64 11.72
CA GLY J 162 -30.95 -10.76 10.85
C GLY J 162 -31.65 -11.49 9.71
N VAL J 163 -32.07 -10.67 8.76
CA VAL J 163 -32.72 -11.11 7.54
C VAL J 163 -31.89 -10.58 6.37
N ARG J 164 -31.31 -11.48 5.60
CA ARG J 164 -30.57 -11.13 4.40
C ARG J 164 -31.51 -11.24 3.21
N VAL J 165 -31.65 -10.16 2.46
CA VAL J 165 -32.64 -10.06 1.39
C VAL J 165 -31.91 -10.27 0.06
N GLU J 166 -32.45 -11.14 -0.77
CA GLU J 166 -31.80 -11.53 -2.01
C GLU J 166 -32.78 -11.35 -3.15
N LYS J 167 -32.35 -10.69 -4.21
CA LYS J 167 -33.17 -10.59 -5.40
C LYS J 167 -33.35 -11.98 -6.00
N TRP J 168 -34.58 -12.33 -6.34
CA TRP J 168 -34.90 -13.67 -6.80
C TRP J 168 -34.77 -13.67 -8.32
N ARG J 169 -33.80 -14.42 -8.83
CA ARG J 169 -33.46 -14.47 -10.24
C ARG J 169 -34.38 -15.39 -11.03
N PRO J 170 -34.55 -15.14 -12.33
CA PRO J 170 -35.42 -15.99 -13.13
C PRO J 170 -34.88 -17.41 -13.29
N ASN J 171 -35.80 -18.35 -13.47
CA ASN J 171 -35.58 -19.78 -13.68
C ASN J 171 -35.06 -20.49 -12.43
N MET J 172 -35.02 -19.82 -11.28
CA MET J 172 -34.44 -20.39 -10.08
C MET J 172 -35.53 -20.86 -9.12
N SER J 173 -35.35 -22.05 -8.56
CA SER J 173 -36.09 -22.53 -7.41
C SER J 173 -35.30 -22.22 -6.16
N VAL J 174 -35.93 -22.38 -4.99
CA VAL J 174 -35.37 -21.94 -3.73
C VAL J 174 -35.30 -23.13 -2.78
N TYR J 175 -34.12 -23.34 -2.20
CA TYR J 175 -33.99 -24.22 -1.04
C TYR J 175 -33.03 -23.53 -0.09
N GLY J 176 -33.49 -23.29 1.12
CA GLY J 176 -32.62 -22.80 2.17
C GLY J 176 -31.94 -21.50 1.82
N THR J 177 -30.62 -21.53 1.72
CA THR J 177 -29.83 -20.33 1.50
C THR J 177 -29.51 -20.08 0.03
N VAL J 178 -29.96 -20.96 -0.86
CA VAL J 178 -29.58 -20.91 -2.27
C VAL J 178 -30.80 -20.85 -3.16
N GLN J 179 -30.61 -20.27 -4.33
CA GLN J 179 -31.56 -20.36 -5.43
C GLN J 179 -30.82 -21.02 -6.59
N LEU J 180 -31.38 -22.12 -7.09
CA LEU J 180 -30.73 -22.95 -8.09
C LEU J 180 -31.82 -23.50 -8.98
N PRO J 181 -31.47 -24.11 -10.11
CA PRO J 181 -32.48 -24.78 -10.93
C PRO J 181 -33.19 -25.89 -10.16
N TYR J 182 -34.40 -26.21 -10.61
CA TYR J 182 -35.23 -27.15 -9.86
C TYR J 182 -34.58 -28.51 -9.72
N ASP J 183 -33.99 -29.05 -10.80
CA ASP J 183 -33.40 -30.37 -10.73
C ASP J 183 -32.26 -30.43 -9.72
N LYS J 184 -31.53 -29.33 -9.56
CA LYS J 184 -30.48 -29.26 -8.57
C LYS J 184 -31.08 -29.13 -7.17
N ILE J 185 -32.03 -28.21 -7.01
CA ILE J 185 -32.69 -28.01 -5.71
C ILE J 185 -33.34 -29.31 -5.24
N LYS J 186 -34.00 -30.03 -6.14
CA LYS J 186 -34.61 -31.29 -5.76
C LYS J 186 -33.58 -32.29 -5.26
N GLN J 187 -32.46 -32.44 -5.95
CA GLN J 187 -31.43 -33.34 -5.45
C GLN J 187 -30.81 -32.81 -4.17
N HIS J 188 -30.55 -31.50 -4.11
CA HIS J 188 -29.96 -30.89 -2.92
C HIS J 188 -30.84 -31.09 -1.69
N ALA J 189 -32.14 -30.94 -1.86
CA ALA J 189 -33.07 -31.13 -0.74
C ALA J 189 -33.00 -32.57 -0.25
N LEU J 190 -33.00 -33.52 -1.18
CA LEU J 190 -32.83 -34.93 -0.84
C LEU J 190 -31.43 -35.21 -0.33
N GLU J 191 -30.50 -34.29 -0.56
CA GLU J 191 -29.12 -34.40 -0.08
C GLU J 191 -29.02 -33.95 1.36
N GLN J 192 -29.84 -32.97 1.74
CA GLN J 192 -29.55 -32.16 2.91
C GLN J 192 -29.79 -32.89 4.20
N GLU J 193 -28.80 -32.78 5.09
CA GLU J 193 -28.87 -33.30 6.44
C GLU J 193 -28.63 -32.17 7.41
N ASN J 194 -29.29 -32.24 8.56
CA ASN J 194 -29.07 -31.24 9.60
C ASN J 194 -27.76 -31.56 10.33
N LYS J 195 -26.65 -31.34 9.62
CA LYS J 195 -25.33 -31.56 10.20
C LYS J 195 -24.26 -30.72 9.51
N THR J 196 -24.55 -29.44 9.29
CA THR J 196 -23.55 -28.53 8.78
C THR J 196 -22.51 -28.24 9.87
N PRO J 197 -21.22 -28.32 9.58
CA PRO J 197 -20.21 -28.04 10.61
C PRO J 197 -20.25 -26.57 11.00
N ASN J 198 -20.28 -26.31 12.30
CA ASN J 198 -20.34 -24.94 12.80
C ASN J 198 -21.53 -24.21 12.16
N ALA J 199 -22.67 -24.90 12.10
CA ALA J 199 -23.84 -24.39 11.41
C ALA J 199 -24.46 -23.23 12.17
N LEU J 200 -24.63 -22.11 11.48
CA LEU J 200 -25.29 -20.94 12.03
C LEU J 200 -26.71 -20.86 11.50
N GLU J 201 -27.60 -20.32 12.32
CA GLU J 201 -28.96 -20.12 11.85
C GLU J 201 -29.00 -18.97 10.84
N SER J 202 -29.97 -19.05 9.94
CA SER J 202 -30.13 -18.07 8.88
C SER J 202 -31.61 -17.89 8.58
N CYS J 203 -31.93 -16.72 8.04
CA CYS J 203 -33.24 -16.43 7.48
C CYS J 203 -33.01 -15.73 6.17
N VAL J 204 -33.60 -16.22 5.08
CA VAL J 204 -33.42 -15.59 3.78
C VAL J 204 -34.77 -15.19 3.19
N LEU J 205 -34.82 -13.98 2.63
CA LEU J 205 -35.98 -13.46 1.93
C LEU J 205 -35.60 -13.25 0.48
N PHE J 206 -36.16 -14.06 -0.43
CA PHE J 206 -35.99 -13.85 -1.86
C PHE J 206 -37.20 -13.12 -2.40
N TYR J 207 -36.99 -12.16 -3.29
CA TYR J 207 -38.12 -11.34 -3.73
C TYR J 207 -38.16 -11.17 -5.24
N LYS J 208 -39.36 -11.29 -5.76
CA LYS J 208 -39.77 -10.91 -7.10
C LYS J 208 -40.91 -9.91 -6.98
N ASP J 209 -41.25 -9.27 -8.10
CA ASP J 209 -42.35 -8.31 -8.11
C ASP J 209 -43.68 -8.96 -7.73
N SER J 210 -43.85 -10.25 -8.02
CA SER J 210 -45.11 -10.94 -7.77
C SER J 210 -45.09 -11.80 -6.51
N GLU J 211 -43.92 -12.26 -6.06
CA GLU J 211 -43.85 -13.31 -5.05
C GLU J 211 -42.65 -13.08 -4.12
N ILE J 212 -42.78 -13.54 -2.88
CA ILE J 212 -41.76 -13.43 -1.84
C ILE J 212 -41.52 -14.84 -1.31
N ARG J 213 -40.27 -15.18 -0.99
CA ARG J 213 -39.92 -16.46 -0.39
C ARG J 213 -39.15 -16.22 0.90
N ILE J 214 -39.54 -16.87 1.98
CA ILE J 214 -38.79 -16.79 3.23
C ILE J 214 -38.33 -18.20 3.60
N THR J 215 -37.04 -18.37 3.84
CA THR J 215 -36.53 -19.63 4.38
C THR J 215 -35.87 -19.40 5.74
N TYR J 216 -36.04 -20.37 6.63
CA TYR J 216 -35.39 -20.39 7.93
C TYR J 216 -34.47 -21.60 7.98
N ASN J 217 -33.19 -21.38 8.21
CA ASN J 217 -32.17 -22.40 8.00
C ASN J 217 -31.28 -22.57 9.22
N LYS J 218 -30.70 -23.76 9.34
CA LYS J 218 -29.66 -24.05 10.31
C LYS J 218 -28.44 -24.49 9.49
N GLY J 219 -27.50 -23.59 9.29
CA GLY J 219 -26.47 -23.84 8.30
C GLY J 219 -27.09 -23.93 6.92
N ASP J 220 -26.75 -24.97 6.18
CA ASP J 220 -27.28 -25.17 4.85
C ASP J 220 -28.61 -25.94 4.84
N TYR J 221 -29.05 -26.40 6.00
CA TYR J 221 -30.24 -27.24 6.12
C TYR J 221 -31.47 -26.34 6.24
N GLU J 222 -32.43 -26.53 5.34
CA GLU J 222 -33.65 -25.75 5.32
C GLU J 222 -34.65 -26.31 6.32
N ILE J 223 -35.07 -25.50 7.26
CA ILE J 223 -36.08 -25.89 8.23
C ILE J 223 -37.47 -25.46 7.79
N MET J 224 -37.59 -24.32 7.14
CA MET J 224 -38.89 -23.79 6.76
C MET J 224 -38.75 -23.04 5.45
N HIS J 225 -39.80 -23.11 4.63
CA HIS J 225 -39.86 -22.40 3.37
C HIS J 225 -41.28 -21.88 3.21
N LEU J 226 -41.43 -20.57 3.07
CA LEU J 226 -42.74 -19.93 2.99
C LEU J 226 -42.83 -19.15 1.69
N ARG J 227 -43.94 -19.32 0.97
CA ARG J 227 -44.21 -18.65 -0.30
C ARG J 227 -45.42 -17.73 -0.14
N MET J 228 -45.32 -16.50 -0.61
CA MET J 228 -46.31 -15.49 -0.32
C MET J 228 -46.35 -14.44 -1.41
N PRO J 229 -47.41 -13.65 -1.49
CA PRO J 229 -47.48 -12.62 -2.53
C PRO J 229 -46.51 -11.49 -2.28
N GLY J 230 -46.16 -10.80 -3.35
CA GLY J 230 -45.42 -9.57 -3.27
C GLY J 230 -46.32 -8.37 -3.49
N PRO J 231 -45.75 -7.19 -3.73
CA PRO J 231 -44.30 -6.97 -3.76
C PRO J 231 -43.69 -6.62 -2.41
N LEU J 232 -42.36 -6.55 -2.39
CA LEU J 232 -41.59 -6.10 -1.26
C LEU J 232 -41.31 -4.62 -1.43
N ILE J 233 -41.20 -3.90 -0.32
CA ILE J 233 -40.85 -2.49 -0.39
C ILE J 233 -39.35 -2.30 -0.29
N SER K 1 22.17 25.09 -72.05
CA SER K 1 21.59 23.98 -71.32
C SER K 1 21.51 22.73 -72.21
N MET K 2 22.23 21.68 -71.83
CA MET K 2 22.30 20.44 -72.56
C MET K 2 21.65 19.33 -71.74
N GLU K 3 21.04 18.37 -72.43
CA GLU K 3 20.50 17.16 -71.82
C GLU K 3 21.42 15.98 -72.14
N LEU K 4 21.60 15.09 -71.18
CA LEU K 4 22.38 13.88 -71.39
C LEU K 4 21.82 12.85 -70.43
N TYR K 5 21.33 11.74 -70.96
CA TYR K 5 20.69 10.69 -70.15
C TYR K 5 19.56 11.35 -69.37
N ASN K 6 19.52 11.27 -68.04
CA ASN K 6 18.39 11.75 -67.27
C ASN K 6 18.63 13.12 -66.61
N ILE K 7 19.58 13.91 -67.14
CA ILE K 7 19.95 15.19 -66.55
C ILE K 7 19.93 16.28 -67.60
N LYS K 8 19.90 17.53 -67.11
CA LYS K 8 20.15 18.72 -67.89
C LYS K 8 21.21 19.53 -67.16
N TYR K 9 22.15 20.10 -67.89
CA TYR K 9 23.27 20.77 -67.24
C TYR K 9 23.67 22.01 -68.03
N ALA K 10 24.51 22.83 -67.39
CA ALA K 10 25.07 24.03 -67.98
C ALA K 10 26.53 24.14 -67.55
N ILE K 11 27.19 25.23 -67.90
CA ILE K 11 28.61 25.40 -67.63
C ILE K 11 28.82 26.74 -66.93
N ASP K 12 29.68 26.73 -65.91
CA ASP K 12 30.01 27.88 -65.08
C ASP K 12 30.96 28.85 -65.76
N PRO K 13 31.07 30.07 -65.24
CA PRO K 13 32.18 30.94 -65.68
C PRO K 13 33.55 30.39 -65.33
N THR K 14 33.65 29.44 -64.40
CA THR K 14 34.91 28.81 -64.06
C THR K 14 35.09 27.45 -64.74
N ASN K 15 34.33 27.18 -65.80
CA ASN K 15 34.40 25.93 -66.55
C ASN K 15 33.95 24.74 -65.71
N LYS K 16 32.97 24.95 -64.84
CA LYS K 16 32.44 23.91 -63.97
C LYS K 16 31.03 23.55 -64.41
N ILE K 17 30.73 22.26 -64.41
CA ILE K 17 29.42 21.78 -64.85
C ILE K 17 28.38 22.09 -63.78
N VAL K 18 27.24 22.63 -64.21
CA VAL K 18 26.13 22.96 -63.34
C VAL K 18 24.96 22.06 -63.69
N ILE K 19 24.56 21.18 -62.77
CA ILE K 19 23.43 20.30 -63.02
C ILE K 19 22.13 21.07 -62.79
N GLU K 20 21.32 21.21 -63.84
CA GLU K 20 20.10 21.99 -63.74
C GLU K 20 18.89 21.15 -63.34
N GLN K 21 18.79 19.91 -63.80
CA GLN K 21 17.72 19.06 -63.30
C GLN K 21 18.09 17.61 -63.52
N VAL K 22 17.56 16.74 -62.67
CA VAL K 22 17.72 15.30 -62.80
C VAL K 22 16.34 14.67 -62.77
N ASP K 23 16.03 13.88 -63.80
CA ASP K 23 14.72 13.23 -63.97
C ASP K 23 13.58 14.25 -64.05
N ASN K 24 13.80 15.34 -64.78
CA ASN K 24 12.79 16.38 -64.99
C ASN K 24 12.38 17.07 -63.69
N VAL K 25 13.24 17.04 -62.68
CA VAL K 25 13.04 17.74 -61.43
C VAL K 25 14.21 18.67 -61.21
N ASP K 26 13.94 19.93 -60.90
CA ASP K 26 15.00 20.90 -60.69
C ASP K 26 15.94 20.40 -59.59
N ALA K 27 17.24 20.52 -59.82
CA ALA K 27 18.24 19.92 -58.95
C ALA K 27 19.22 20.97 -58.45
N PHE K 28 19.84 20.67 -57.31
CA PHE K 28 20.87 21.51 -56.74
C PHE K 28 22.06 20.62 -56.44
N VAL K 29 23.18 20.86 -57.13
CA VAL K 29 24.41 20.10 -56.95
C VAL K 29 25.53 21.11 -56.85
N HIS K 30 26.10 21.26 -55.67
CA HIS K 30 27.05 22.32 -55.34
C HIS K 30 28.37 21.66 -54.98
N ILE K 31 29.40 21.83 -55.82
CA ILE K 31 30.66 21.11 -55.66
C ILE K 31 31.63 21.95 -54.82
N LEU K 32 32.24 21.31 -53.82
CA LEU K 32 33.24 21.93 -52.97
C LEU K 32 34.63 21.38 -53.28
N GLU K 33 35.63 22.25 -53.18
CA GLU K 33 37.00 21.84 -53.41
C GLU K 33 37.45 20.93 -52.27
N PRO K 34 38.51 20.13 -52.49
CA PRO K 34 38.99 19.23 -51.42
C PRO K 34 39.35 19.95 -50.14
N GLY K 35 38.73 19.53 -49.04
CA GLY K 35 39.00 20.15 -47.76
C GLY K 35 38.49 21.56 -47.60
N GLN K 36 37.68 22.06 -48.53
CA GLN K 36 37.21 23.44 -48.46
C GLN K 36 36.25 23.61 -47.30
N GLU K 37 36.30 24.79 -46.68
CA GLU K 37 35.41 25.13 -45.57
C GLU K 37 34.51 26.29 -45.99
N VAL K 38 33.20 26.09 -45.84
CA VAL K 38 32.20 27.07 -46.22
C VAL K 38 31.22 27.24 -45.08
N PHE K 39 30.60 28.42 -45.04
CA PHE K 39 29.47 28.70 -44.16
C PHE K 39 28.36 29.29 -44.99
N ASP K 40 27.20 28.64 -45.00
CA ASP K 40 26.03 29.11 -45.71
C ASP K 40 24.85 28.33 -45.13
N GLU K 41 24.00 29.02 -44.39
CA GLU K 41 22.91 28.32 -43.70
C GLU K 41 21.96 27.64 -44.66
N THR K 42 21.86 28.12 -45.89
CA THR K 42 20.95 27.52 -46.87
C THR K 42 21.36 26.12 -47.26
N LEU K 43 22.63 25.74 -47.06
CA LEU K 43 23.11 24.44 -47.49
C LEU K 43 22.70 23.28 -46.59
N SER K 44 22.32 23.55 -45.34
CA SER K 44 22.09 22.47 -44.38
C SER K 44 20.85 21.64 -44.68
N GLN K 45 19.93 22.15 -45.51
CA GLN K 45 18.73 21.39 -45.87
C GLN K 45 19.01 20.25 -46.86
N TYR K 46 20.14 20.26 -47.55
CA TYR K 46 20.42 19.32 -48.62
C TYR K 46 21.23 18.11 -48.14
N HIS K 47 21.35 17.11 -49.01
CA HIS K 47 22.23 15.99 -48.71
C HIS K 47 23.66 16.46 -48.80
N GLN K 48 24.52 15.85 -48.00
CA GLN K 48 25.95 16.13 -48.07
C GLN K 48 26.73 14.83 -48.08
N PHE K 49 27.60 14.72 -49.06
CA PHE K 49 28.61 13.69 -49.16
C PHE K 49 29.93 14.41 -49.42
N PRO K 50 31.10 13.77 -49.14
CA PRO K 50 32.40 14.46 -49.29
C PRO K 50 32.55 15.13 -50.64
N GLY K 51 32.71 16.46 -50.63
CA GLY K 51 32.94 17.24 -51.81
C GLY K 51 31.70 17.79 -52.49
N VAL K 52 30.51 17.55 -51.95
CA VAL K 52 29.30 17.97 -52.63
C VAL K 52 28.19 18.21 -51.60
N VAL K 53 27.43 19.27 -51.83
CA VAL K 53 26.14 19.51 -51.22
C VAL K 53 25.11 19.33 -52.34
N SER K 54 24.18 18.41 -52.17
CA SER K 54 23.37 17.94 -53.29
C SER K 54 21.91 17.81 -52.90
N SER K 55 21.00 18.21 -53.81
CA SER K 55 19.58 17.96 -53.61
C SER K 55 19.17 16.56 -54.00
N ILE K 56 20.07 15.81 -54.62
CA ILE K 56 19.76 14.48 -55.14
C ILE K 56 20.69 13.50 -54.45
N ILE K 57 20.15 12.32 -54.12
CA ILE K 57 20.97 11.31 -53.47
C ILE K 57 21.91 10.69 -54.47
N PHE K 58 23.21 10.69 -54.15
CA PHE K 58 24.18 9.94 -54.93
C PHE K 58 24.28 8.55 -54.31
N PRO K 59 23.80 7.51 -54.97
CA PRO K 59 23.57 6.23 -54.30
C PRO K 59 24.84 5.41 -54.12
N GLN K 60 24.72 4.39 -53.28
CA GLN K 60 25.80 3.46 -53.00
C GLN K 60 26.21 2.72 -54.26
N LEU K 61 27.52 2.66 -54.49
CA LEU K 61 28.09 1.93 -55.60
C LEU K 61 28.79 0.68 -55.06
N VAL K 62 29.34 -0.10 -55.99
CA VAL K 62 30.12 -1.29 -55.66
C VAL K 62 31.49 -1.12 -56.27
N LEU K 63 32.52 -1.52 -55.52
CA LEU K 63 33.88 -1.44 -56.03
C LEU K 63 34.04 -2.37 -57.23
N ASN K 64 34.82 -1.92 -58.22
CA ASN K 64 35.12 -2.60 -59.48
C ASN K 64 33.96 -2.61 -60.47
N THR K 65 32.93 -1.81 -60.25
CA THR K 65 31.90 -1.67 -61.27
C THR K 65 32.28 -0.53 -62.23
N ILE K 66 31.56 -0.47 -63.35
CA ILE K 66 31.88 0.44 -64.44
C ILE K 66 30.93 1.62 -64.39
N ILE K 67 31.49 2.82 -64.51
CA ILE K 67 30.73 4.05 -64.56
C ILE K 67 31.09 4.77 -65.86
N SER K 68 30.29 5.78 -66.20
CA SER K 68 30.55 6.62 -67.36
C SER K 68 30.63 8.07 -66.91
N VAL K 69 31.57 8.83 -67.47
CA VAL K 69 31.75 10.23 -67.16
C VAL K 69 31.69 11.03 -68.44
N LEU K 70 31.01 12.18 -68.38
CA LEU K 70 30.87 13.06 -69.53
C LEU K 70 32.20 13.75 -69.83
N SER K 71 32.68 13.60 -71.05
CA SER K 71 33.92 14.25 -71.47
C SER K 71 33.61 15.62 -72.10
N LEU K 76 31.33 10.45 -73.55
CA LEU K 76 31.20 9.63 -72.34
C LEU K 76 32.36 8.65 -72.22
N LEU K 77 33.07 8.72 -71.10
CA LEU K 77 34.22 7.87 -70.83
C LEU K 77 33.87 6.79 -69.82
N THR K 78 34.17 5.54 -70.14
CA THR K 78 33.85 4.43 -69.26
C THR K 78 35.03 4.09 -68.36
N LEU K 79 34.78 3.99 -67.07
CA LEU K 79 35.83 3.80 -66.08
C LEU K 79 35.39 2.77 -65.06
N LYS K 80 36.38 2.07 -64.51
CA LYS K 80 36.16 1.04 -63.49
C LYS K 80 36.54 1.60 -62.12
N LEU K 81 35.68 1.37 -61.14
CA LEU K 81 35.92 1.86 -59.78
C LEU K 81 36.77 0.83 -59.04
N GLU K 82 38.09 0.88 -59.28
CA GLU K 82 38.97 -0.13 -58.72
C GLU K 82 39.80 0.34 -57.52
N ASN K 83 39.85 1.64 -57.27
CA ASN K 83 40.65 2.21 -56.18
C ASN K 83 39.76 2.95 -55.20
N THR K 84 40.38 3.52 -54.18
CA THR K 84 39.72 4.34 -53.19
C THR K 84 40.62 5.51 -52.84
N CYS K 85 40.03 6.56 -52.28
CA CYS K 85 40.78 7.69 -51.78
C CYS K 85 39.88 8.47 -50.84
N PHE K 86 40.52 9.19 -49.92
CA PHE K 86 39.84 9.96 -48.90
C PHE K 86 39.67 11.41 -49.34
N ASN K 87 38.45 11.93 -49.22
CA ASN K 87 38.19 13.34 -49.47
C ASN K 87 37.28 13.85 -48.37
N PHE K 88 37.21 15.18 -48.23
CA PHE K 88 36.36 15.77 -47.20
C PHE K 88 36.06 17.22 -47.54
N HIS K 89 35.14 17.79 -46.78
CA HIS K 89 34.93 19.23 -46.76
C HIS K 89 34.39 19.58 -45.37
N VAL K 90 34.29 20.87 -45.09
CA VAL K 90 33.64 21.34 -43.88
C VAL K 90 32.55 22.32 -44.29
N CYS K 91 31.31 22.02 -43.91
CA CYS K 91 30.17 22.86 -44.23
C CYS K 91 29.39 23.17 -42.96
N ASN K 92 29.28 24.46 -42.65
CA ASN K 92 28.61 24.92 -41.43
C ASN K 92 29.16 24.20 -40.20
N LYS K 93 30.49 24.25 -40.06
CA LYS K 93 31.22 23.62 -38.97
C LYS K 93 30.88 22.13 -38.87
N ARG K 94 30.58 21.48 -39.99
CA ARG K 94 30.36 20.03 -40.04
C ARG K 94 31.36 19.42 -41.01
N PHE K 95 32.29 18.67 -40.44
CA PHE K 95 33.35 17.97 -41.16
C PHE K 95 32.74 16.73 -41.80
N VAL K 96 32.64 16.72 -43.13
CA VAL K 96 32.00 15.62 -43.86
C VAL K 96 33.10 14.89 -44.62
N PHE K 97 33.28 13.60 -44.34
CA PHE K 97 34.45 12.90 -44.84
C PHE K 97 34.12 11.44 -45.12
N GLY K 98 35.03 10.78 -45.80
CA GLY K 98 34.88 9.36 -46.06
C GLY K 98 35.81 8.90 -47.16
N ASN K 99 35.93 7.58 -47.25
CA ASN K 99 36.71 6.96 -48.32
C ASN K 99 35.78 6.62 -49.47
N LEU K 100 36.10 7.11 -50.63
CA LEU K 100 35.24 7.07 -51.80
C LEU K 100 35.78 6.09 -52.83
N PRO K 101 34.92 5.41 -53.59
CA PRO K 101 35.41 4.64 -54.73
C PRO K 101 36.06 5.58 -55.71
N ALA K 102 37.11 5.11 -56.39
CA ALA K 102 37.85 5.99 -57.26
C ALA K 102 38.31 5.23 -58.50
N ALA K 103 38.34 5.94 -59.62
CA ALA K 103 38.96 5.47 -60.84
C ALA K 103 40.31 6.14 -61.01
N VAL K 104 41.08 5.63 -61.97
CA VAL K 104 42.42 6.13 -62.26
C VAL K 104 42.47 6.55 -63.72
N VAL K 105 43.00 7.75 -63.99
CA VAL K 105 43.08 8.30 -65.33
C VAL K 105 44.47 8.91 -65.54
N ASN K 106 44.86 8.99 -66.81
CA ASN K 106 46.14 9.61 -67.17
C ASN K 106 45.95 11.10 -67.40
N ASN K 107 47.06 11.80 -67.69
CA ASN K 107 47.01 13.25 -67.84
C ASN K 107 46.11 13.68 -68.98
N GLU K 108 46.18 12.98 -70.11
CA GLU K 108 45.34 13.36 -71.25
C GLU K 108 43.87 13.29 -70.85
N THR K 109 43.48 12.22 -70.17
CA THR K 109 42.09 12.06 -69.77
C THR K 109 41.68 13.08 -68.71
N LYS K 110 42.55 13.35 -67.74
CA LYS K 110 42.21 14.28 -66.67
C LYS K 110 41.84 15.66 -67.22
N GLN K 111 42.56 16.12 -68.23
CA GLN K 111 42.32 17.46 -68.75
C GLN K 111 41.03 17.55 -69.55
N LYS K 112 40.49 16.43 -69.99
CA LYS K 112 39.23 16.41 -70.70
C LYS K 112 38.02 16.31 -69.76
N LEU K 113 38.24 16.33 -68.45
CA LEU K 113 37.18 16.20 -67.46
C LEU K 113 37.04 17.50 -66.68
N ARG K 114 35.83 18.03 -66.65
CA ARG K 114 35.55 19.24 -65.88
C ARG K 114 35.08 18.89 -64.48
N ILE K 115 35.43 19.75 -63.52
CA ILE K 115 34.92 19.67 -62.16
C ILE K 115 33.40 19.79 -62.24
N GLY K 116 32.70 18.72 -61.92
CA GLY K 116 31.26 18.72 -61.92
C GLY K 116 30.67 17.79 -62.96
N ALA K 117 31.51 17.19 -63.80
CA ALA K 117 31.08 16.33 -64.88
C ALA K 117 30.21 15.20 -64.32
N PRO K 118 29.03 14.98 -64.88
CA PRO K 118 28.14 13.94 -64.35
C PRO K 118 28.73 12.55 -64.54
N ILE K 119 28.44 11.67 -63.58
CA ILE K 119 28.89 10.29 -63.61
C ILE K 119 27.66 9.39 -63.67
N PHE K 120 27.66 8.44 -64.57
CA PHE K 120 26.48 7.66 -64.85
C PHE K 120 26.76 6.19 -64.56
N ALA K 121 25.77 5.51 -64.01
CA ALA K 121 25.77 4.07 -63.89
C ALA K 121 24.43 3.58 -64.40
N GLY K 122 24.48 2.79 -65.47
CA GLY K 122 23.24 2.43 -66.15
C GLY K 122 22.55 3.60 -66.81
N LYS K 123 23.31 4.54 -67.35
CA LYS K 123 22.76 5.76 -67.96
C LYS K 123 21.88 6.54 -67.00
N LYS K 124 22.13 6.39 -65.69
CA LYS K 124 21.47 7.16 -64.65
C LYS K 124 22.55 7.87 -63.84
N LEU K 125 22.28 9.11 -63.46
CA LEU K 125 23.25 9.90 -62.70
C LEU K 125 23.48 9.26 -61.35
N VAL K 126 24.75 9.06 -60.97
CA VAL K 126 25.05 8.53 -59.64
C VAL K 126 26.02 9.40 -58.86
N SER K 127 26.72 10.33 -59.51
CA SER K 127 27.71 11.15 -58.85
C SER K 127 28.17 12.24 -59.81
N VAL K 128 29.06 13.10 -59.35
CA VAL K 128 29.68 14.12 -60.19
C VAL K 128 31.17 14.17 -59.87
N VAL K 129 31.96 14.63 -60.85
CA VAL K 129 33.38 14.82 -60.63
C VAL K 129 33.59 15.96 -59.63
N THR K 130 34.34 15.68 -58.56
CA THR K 130 34.58 16.64 -57.50
C THR K 130 36.04 17.01 -57.31
N ALA K 131 36.98 16.13 -57.63
CA ALA K 131 38.38 16.38 -57.33
C ALA K 131 39.29 15.48 -58.17
N PHE K 132 40.56 15.86 -58.23
CA PHE K 132 41.62 15.07 -58.85
C PHE K 132 42.81 14.99 -57.92
N HIS K 133 43.32 13.77 -57.69
CA HIS K 133 44.50 13.54 -56.87
C HIS K 133 45.55 12.82 -57.71
N ARG K 134 46.75 13.39 -57.79
CA ARG K 134 47.81 12.81 -58.60
C ARG K 134 48.60 11.79 -57.81
N VAL K 135 48.64 10.56 -58.32
CA VAL K 135 49.47 9.51 -57.75
C VAL K 135 50.84 9.47 -58.41
N GLY K 136 50.89 9.52 -59.73
CA GLY K 136 52.16 9.49 -60.43
C GLY K 136 52.35 10.66 -61.37
N GLU K 137 53.15 10.47 -62.42
CA GLU K 137 53.38 11.51 -63.41
C GLU K 137 52.33 11.52 -64.50
N ASN K 138 51.73 10.38 -64.79
CA ASN K 138 50.63 10.26 -65.75
C ASN K 138 49.47 9.52 -65.11
N GLU K 139 49.22 9.77 -63.82
CA GLU K 139 48.24 9.00 -63.08
C GLU K 139 47.50 9.91 -62.11
N TRP K 140 46.17 9.86 -62.13
CA TRP K 140 45.33 10.64 -61.24
C TRP K 140 44.26 9.75 -60.62
N LEU K 141 43.91 10.03 -59.38
CA LEU K 141 42.79 9.37 -58.73
C LEU K 141 41.55 10.22 -58.87
N LEU K 142 40.45 9.60 -59.26
CA LEU K 142 39.19 10.32 -59.50
C LEU K 142 38.14 9.79 -58.52
N PRO K 143 37.89 10.47 -57.40
CA PRO K 143 36.87 9.99 -56.46
C PRO K 143 35.47 10.09 -57.07
N VAL K 144 34.66 9.08 -56.78
CA VAL K 144 33.25 9.09 -57.15
C VAL K 144 32.48 9.22 -55.86
N THR K 145 32.14 10.43 -55.50
CA THR K 145 31.53 10.66 -54.22
C THR K 145 30.04 10.25 -54.24
N GLY K 146 29.56 9.83 -53.07
CA GLY K 146 28.19 9.36 -52.90
C GLY K 146 28.06 8.62 -51.58
N ILE K 147 26.94 7.92 -51.43
CA ILE K 147 26.70 7.15 -50.21
C ILE K 147 27.79 6.08 -50.02
N ARG K 148 28.23 5.93 -48.77
CA ARG K 148 29.34 5.06 -48.40
C ARG K 148 29.23 3.69 -49.05
N GLU K 149 30.28 3.31 -49.79
CA GLU K 149 30.38 1.95 -50.33
C GLU K 149 30.51 0.96 -49.18
N ALA K 150 29.94 -0.24 -49.39
CA ALA K 150 29.71 -1.16 -48.29
C ALA K 150 30.96 -1.46 -47.49
N SER K 151 32.12 -1.48 -48.14
CA SER K 151 33.37 -1.87 -47.49
C SER K 151 34.20 -0.72 -46.94
N GLN K 152 33.79 0.54 -47.16
CA GLN K 152 34.54 1.71 -46.70
C GLN K 152 33.85 2.39 -45.53
N LEU K 153 34.31 3.59 -45.20
CA LEU K 153 33.74 4.33 -44.10
C LEU K 153 33.41 5.76 -44.53
N SER K 154 32.40 6.31 -43.88
CA SER K 154 32.02 7.71 -44.02
C SER K 154 31.61 8.21 -42.64
N GLY K 155 31.47 9.51 -42.51
CA GLY K 155 31.01 10.07 -41.26
C GLY K 155 31.07 11.57 -41.29
N HIS K 156 30.65 12.16 -40.18
CA HIS K 156 30.74 13.60 -39.99
C HIS K 156 30.95 13.90 -38.51
N MET K 157 31.46 15.10 -38.24
CA MET K 157 31.59 15.53 -36.86
C MET K 157 31.68 17.05 -36.81
N LYS K 158 31.11 17.62 -35.76
CA LYS K 158 31.09 19.06 -35.58
C LYS K 158 32.46 19.56 -35.15
N VAL K 159 33.00 20.49 -35.92
CA VAL K 159 34.34 21.02 -35.71
C VAL K 159 34.21 22.49 -35.40
N LEU K 160 34.52 22.87 -34.15
CA LEU K 160 34.35 24.25 -33.71
C LEU K 160 35.33 25.18 -34.41
N ASN K 161 36.54 24.71 -34.69
CA ASN K 161 37.60 25.52 -35.27
C ASN K 161 38.14 24.92 -36.57
N GLY K 162 37.27 24.30 -37.36
CA GLY K 162 37.70 23.71 -38.61
C GLY K 162 38.52 22.44 -38.41
N VAL K 163 39.19 22.05 -39.48
CA VAL K 163 40.05 20.87 -39.51
C VAL K 163 41.45 21.30 -39.91
N ARG K 164 42.44 20.86 -39.14
CA ARG K 164 43.84 21.14 -39.39
C ARG K 164 44.44 19.91 -40.07
N VAL K 165 45.17 20.12 -41.17
CA VAL K 165 45.78 19.02 -41.92
C VAL K 165 47.29 19.08 -41.74
N GLU K 166 47.87 17.95 -41.35
CA GLU K 166 49.29 17.86 -41.02
C GLU K 166 49.91 16.69 -41.76
N LYS K 167 51.08 16.91 -42.33
CA LYS K 167 51.79 15.82 -42.96
C LYS K 167 52.36 14.89 -41.89
N TRP K 168 52.18 13.59 -42.11
CA TRP K 168 52.54 12.56 -41.14
C TRP K 168 53.96 12.08 -41.41
N ARG K 169 54.86 12.27 -40.43
CA ARG K 169 56.27 11.99 -40.60
C ARG K 169 56.56 10.49 -40.48
N PRO K 170 57.68 10.03 -41.07
CA PRO K 170 57.79 8.60 -41.42
C PRO K 170 57.72 7.62 -40.26
N ASN K 171 58.39 7.88 -39.14
CA ASN K 171 58.50 6.91 -38.06
C ASN K 171 57.67 7.30 -36.84
N MET K 172 56.67 8.14 -37.03
CA MET K 172 55.94 8.75 -35.92
C MET K 172 54.64 8.01 -35.61
N SER K 173 54.37 7.89 -34.32
CA SER K 173 53.07 7.55 -33.76
C SER K 173 52.31 8.85 -33.51
N VAL K 174 51.00 8.74 -33.30
CA VAL K 174 50.13 9.91 -33.24
C VAL K 174 49.34 9.89 -31.95
N TYR K 175 49.34 11.01 -31.23
CA TYR K 175 48.39 11.22 -30.14
C TYR K 175 47.92 12.66 -30.16
N GLY K 176 46.60 12.84 -30.22
CA GLY K 176 46.05 14.16 -30.06
C GLY K 176 46.63 15.14 -31.05
N THR K 177 47.39 16.10 -30.53
CA THR K 177 48.00 17.15 -31.34
C THR K 177 49.47 16.89 -31.67
N VAL K 178 50.05 15.78 -31.19
CA VAL K 178 51.48 15.56 -31.33
C VAL K 178 51.75 14.26 -32.06
N GLN K 179 52.90 14.20 -32.73
CA GLN K 179 53.45 12.96 -33.24
C GLN K 179 54.90 12.79 -32.76
N LEU K 180 55.19 11.63 -32.16
CA LEU K 180 56.45 11.30 -31.48
C LEU K 180 56.83 9.84 -31.69
N PRO K 181 58.05 9.43 -31.36
CA PRO K 181 58.38 8.00 -31.34
C PRO K 181 57.45 7.27 -30.38
N TYR K 182 57.29 5.97 -30.58
CA TYR K 182 56.27 5.24 -29.84
C TYR K 182 56.48 5.34 -28.33
N ASP K 183 57.69 5.09 -27.86
CA ASP K 183 57.92 5.12 -26.42
C ASP K 183 57.62 6.50 -25.86
N LYS K 184 58.01 7.54 -26.59
CA LYS K 184 57.71 8.91 -26.19
C LYS K 184 56.22 9.22 -26.29
N ILE K 185 55.52 8.59 -27.24
CA ILE K 185 54.07 8.81 -27.37
C ILE K 185 53.33 8.15 -26.22
N LYS K 186 53.70 6.92 -25.87
CA LYS K 186 53.12 6.26 -24.70
C LYS K 186 53.29 7.10 -23.45
N GLN K 187 54.46 7.71 -23.28
CA GLN K 187 54.66 8.59 -22.14
C GLN K 187 53.75 9.81 -22.22
N HIS K 188 53.61 10.40 -23.40
CA HIS K 188 52.80 11.61 -23.57
C HIS K 188 51.33 11.32 -23.28
N ALA K 189 50.81 10.20 -23.78
CA ALA K 189 49.40 9.85 -23.61
C ALA K 189 49.07 9.58 -22.15
N LEU K 190 49.91 8.80 -21.47
CA LEU K 190 49.70 8.50 -20.07
C LEU K 190 49.83 9.73 -19.18
N GLU K 191 50.36 10.83 -19.73
CA GLU K 191 50.54 12.08 -18.99
C GLU K 191 49.29 12.94 -18.95
N GLN K 192 48.47 12.93 -19.99
CA GLN K 192 47.30 13.82 -20.08
C GLN K 192 46.32 13.61 -18.94
N ALA K 199 40.80 23.06 -23.21
CA ALA K 199 40.91 24.42 -23.74
C ALA K 199 40.45 24.50 -25.18
N LEU K 200 41.39 24.82 -26.08
CA LEU K 200 41.05 25.03 -27.47
C LEU K 200 40.73 23.70 -28.14
N GLU K 201 39.53 23.58 -28.66
CA GLU K 201 39.15 22.40 -29.40
C GLU K 201 39.92 22.33 -30.72
N SER K 202 40.19 21.11 -31.15
CA SER K 202 40.97 20.90 -32.36
C SER K 202 40.45 19.68 -33.11
N CYS K 203 40.66 19.66 -34.43
CA CYS K 203 40.51 18.46 -35.23
C CYS K 203 41.70 18.46 -36.16
N VAL K 204 42.49 17.39 -36.16
CA VAL K 204 43.69 17.29 -36.97
C VAL K 204 43.59 16.05 -37.86
N LEU K 205 43.98 16.22 -39.11
CA LEU K 205 44.05 15.14 -40.08
C LEU K 205 45.51 14.96 -40.44
N PHE K 206 46.09 13.83 -40.02
CA PHE K 206 47.45 13.48 -40.40
C PHE K 206 47.40 12.53 -41.59
N TYR K 207 48.26 12.76 -42.58
CA TYR K 207 48.17 11.98 -43.80
C TYR K 207 49.51 11.44 -44.26
N LYS K 208 49.47 10.18 -44.70
CA LYS K 208 50.51 9.45 -45.40
C LYS K 208 49.96 9.00 -46.75
N ASP K 209 50.84 8.48 -47.60
CA ASP K 209 50.40 7.91 -48.87
C ASP K 209 49.33 6.86 -48.67
N SER K 210 49.55 5.96 -47.71
CA SER K 210 48.70 4.80 -47.47
C SER K 210 47.60 5.03 -46.43
N GLU K 211 47.77 5.98 -45.52
CA GLU K 211 46.94 6.03 -44.33
C GLU K 211 46.66 7.47 -43.90
N ILE K 212 45.50 7.65 -43.27
CA ILE K 212 45.05 8.92 -42.74
C ILE K 212 44.69 8.73 -41.28
N ARG K 213 44.99 9.73 -40.46
CA ARG K 213 44.67 9.73 -39.04
C ARG K 213 43.87 10.98 -38.72
N ILE K 214 42.77 10.82 -37.99
CA ILE K 214 41.98 11.95 -37.53
C ILE K 214 41.95 11.91 -36.01
N THR K 215 42.34 13.02 -35.38
CA THR K 215 42.18 13.17 -33.94
C THR K 215 41.25 14.35 -33.65
N TYR K 216 40.43 14.17 -32.62
CA TYR K 216 39.53 15.20 -32.12
C TYR K 216 39.98 15.51 -30.70
N ASN K 217 40.36 16.76 -30.44
CA ASN K 217 41.08 17.10 -29.22
C ASN K 217 40.45 18.28 -28.49
N LYS K 218 40.75 18.34 -27.20
CA LYS K 218 40.47 19.50 -26.36
C LYS K 218 41.78 19.90 -25.69
N GLY K 219 42.36 21.02 -26.13
CA GLY K 219 43.73 21.31 -25.73
C GLY K 219 44.63 20.23 -26.29
N ASP K 220 45.50 19.70 -25.43
CA ASP K 220 46.40 18.61 -25.80
C ASP K 220 45.79 17.23 -25.55
N TYR K 221 44.59 17.19 -24.99
CA TYR K 221 43.95 15.93 -24.61
C TYR K 221 43.19 15.37 -25.81
N GLU K 222 43.54 14.14 -26.18
CA GLU K 222 42.93 13.44 -27.29
C GLU K 222 41.64 12.78 -26.84
N ILE K 223 40.54 13.13 -27.49
CA ILE K 223 39.24 12.52 -27.21
C ILE K 223 38.98 11.39 -28.21
N MET K 224 39.47 11.53 -29.43
CA MET K 224 39.20 10.51 -30.42
C MET K 224 40.38 10.39 -31.37
N HIS K 225 40.62 9.17 -31.83
CA HIS K 225 41.67 8.90 -32.80
C HIS K 225 41.15 7.83 -33.75
N LEU K 226 41.15 8.15 -35.04
CA LEU K 226 40.64 7.27 -36.08
C LEU K 226 41.74 6.99 -37.09
N ARG K 227 41.91 5.73 -37.45
CA ARG K 227 42.86 5.30 -38.47
C ARG K 227 42.08 4.72 -39.64
N MET K 228 42.40 5.17 -40.85
CA MET K 228 41.61 4.82 -42.02
C MET K 228 42.50 4.88 -43.24
N PRO K 229 42.07 4.29 -44.36
CA PRO K 229 42.93 4.27 -45.54
C PRO K 229 43.10 5.65 -46.15
N GLY K 230 44.23 5.81 -46.84
CA GLY K 230 44.47 6.95 -47.68
C GLY K 230 44.34 6.59 -49.15
N PRO K 231 44.81 7.47 -50.04
CA PRO K 231 45.43 8.76 -49.69
C PRO K 231 44.42 9.88 -49.52
N LEU K 232 44.92 11.04 -49.12
CA LEU K 232 44.15 12.27 -49.02
C LEU K 232 44.28 13.05 -50.32
N ILE K 233 43.23 13.76 -50.68
CA ILE K 233 43.31 14.64 -51.85
C ILE K 233 43.71 16.06 -51.43
N SER L 1 55.35 -25.31 -18.52
CA SER L 1 54.49 -24.76 -19.53
C SER L 1 54.79 -25.45 -20.88
N MET L 2 54.28 -24.90 -21.97
CA MET L 2 54.45 -25.51 -23.28
C MET L 2 55.00 -24.51 -24.30
N GLU L 3 55.73 -25.01 -25.29
CA GLU L 3 56.32 -24.17 -26.33
C GLU L 3 55.74 -24.53 -27.69
N LEU L 4 55.85 -23.58 -28.62
CA LEU L 4 55.43 -23.77 -30.01
C LEU L 4 55.86 -22.56 -30.83
N TYR L 5 56.64 -22.79 -31.88
CA TYR L 5 57.16 -21.71 -32.72
C TYR L 5 57.95 -20.75 -31.82
N ASN L 6 57.63 -19.46 -31.77
CA ASN L 6 58.42 -18.50 -31.03
C ASN L 6 57.79 -18.12 -29.69
N ILE L 7 56.88 -18.93 -29.16
CA ILE L 7 56.13 -18.55 -27.97
C ILE L 7 56.18 -19.67 -26.94
N LYS L 8 55.83 -19.30 -25.71
CA LYS L 8 55.65 -20.18 -24.57
C LYS L 8 54.25 -19.91 -24.01
N TYR L 9 53.48 -20.96 -23.71
CA TYR L 9 52.10 -20.74 -23.30
C TYR L 9 51.68 -21.72 -22.22
N ALA L 10 50.59 -21.38 -21.54
CA ALA L 10 49.98 -22.22 -20.50
C ALA L 10 48.46 -22.09 -20.60
N ILE L 11 47.74 -22.67 -19.65
CA ILE L 11 46.28 -22.70 -19.69
C ILE L 11 45.70 -22.19 -18.38
N ASP L 12 44.69 -21.37 -18.47
CA ASP L 12 43.99 -20.73 -17.34
C ASP L 12 43.00 -21.69 -16.69
N PRO L 13 42.52 -21.36 -15.48
CA PRO L 13 41.37 -22.09 -14.94
C PRO L 13 40.08 -21.93 -15.73
N THR L 14 40.01 -20.94 -16.61
CA THR L 14 38.88 -20.73 -17.48
C THR L 14 39.08 -21.34 -18.86
N ASN L 15 40.08 -22.22 -19.01
CA ASN L 15 40.37 -22.87 -20.30
C ASN L 15 40.80 -21.87 -21.37
N LYS L 16 41.52 -20.83 -20.94
CA LYS L 16 42.05 -19.82 -21.82
C LYS L 16 43.56 -19.98 -21.86
N ILE L 17 44.15 -19.83 -23.04
CA ILE L 17 45.60 -19.92 -23.16
C ILE L 17 46.24 -18.65 -22.62
N VAL L 18 47.30 -18.83 -21.84
CA VAL L 18 48.06 -17.74 -21.25
C VAL L 18 49.39 -17.67 -22.00
N ILE L 19 49.62 -16.58 -22.70
CA ILE L 19 50.87 -16.37 -23.41
C ILE L 19 51.89 -15.91 -22.37
N GLU L 20 52.97 -16.68 -22.23
CA GLU L 20 53.92 -16.49 -21.16
C GLU L 20 55.21 -15.84 -21.63
N GLN L 21 55.69 -16.21 -22.80
CA GLN L 21 56.86 -15.61 -23.42
C GLN L 21 56.63 -15.55 -24.92
N VAL L 22 57.21 -14.53 -25.54
CA VAL L 22 57.32 -14.44 -26.99
C VAL L 22 58.75 -14.08 -27.31
N ASP L 23 59.39 -14.88 -28.17
CA ASP L 23 60.79 -14.69 -28.54
C ASP L 23 61.70 -14.71 -27.31
N ASN L 24 61.40 -15.62 -26.37
CA ASN L 24 62.18 -15.82 -25.15
C ASN L 24 62.23 -14.59 -24.26
N VAL L 25 61.25 -13.72 -24.38
CA VAL L 25 61.08 -12.54 -23.55
C VAL L 25 59.72 -12.63 -22.89
N ASP L 26 59.66 -12.34 -21.59
CA ASP L 26 58.42 -12.42 -20.84
C ASP L 26 57.34 -11.52 -21.44
N ALA L 27 56.13 -12.06 -21.55
CA ALA L 27 55.03 -11.43 -22.27
C ALA L 27 53.78 -11.36 -21.39
N PHE L 28 52.91 -10.43 -21.76
CA PHE L 28 51.60 -10.25 -21.15
C PHE L 28 50.59 -10.13 -22.26
N VAL L 29 49.61 -11.05 -22.30
CA VAL L 29 48.53 -11.04 -23.28
C VAL L 29 47.23 -11.33 -22.55
N HIS L 30 46.35 -10.33 -22.45
CA HIS L 30 45.11 -10.43 -21.68
C HIS L 30 43.91 -10.25 -22.60
N ILE L 31 43.10 -11.30 -22.73
CA ILE L 31 41.97 -11.31 -23.67
C ILE L 31 40.72 -10.79 -22.99
N LEU L 32 40.02 -9.89 -23.65
CA LEU L 32 38.77 -9.30 -23.19
C LEU L 32 37.60 -9.87 -23.99
N GLU L 33 36.45 -10.02 -23.34
CA GLU L 33 35.26 -10.51 -24.02
C GLU L 33 34.74 -9.44 -24.98
N PRO L 34 33.96 -9.83 -26.00
CA PRO L 34 33.43 -8.84 -26.94
C PRO L 34 32.62 -7.76 -26.23
N GLY L 35 33.02 -6.50 -26.44
CA GLY L 35 32.36 -5.38 -25.81
C GLY L 35 32.59 -5.25 -24.32
N GLN L 36 33.51 -6.02 -23.74
CA GLN L 36 33.72 -5.99 -22.31
C GLN L 36 34.33 -4.67 -21.87
N GLU L 37 33.92 -4.20 -20.70
CA GLU L 37 34.43 -2.99 -20.08
C GLU L 37 35.20 -3.36 -18.82
N VAL L 38 36.43 -2.90 -18.74
CA VAL L 38 37.30 -3.19 -17.60
C VAL L 38 37.99 -1.90 -17.20
N PHE L 39 38.38 -1.83 -15.93
CA PHE L 39 39.22 -0.74 -15.45
C PHE L 39 40.38 -1.35 -14.68
N ASP L 40 41.59 -1.06 -15.12
CA ASP L 40 42.80 -1.52 -14.45
C ASP L 40 43.92 -0.65 -14.98
N GLU L 41 44.45 0.23 -14.14
CA GLU L 41 45.46 1.19 -14.59
C GLU L 41 46.71 0.49 -15.12
N THR L 42 46.97 -0.73 -14.66
CA THR L 42 48.13 -1.47 -15.14
C THR L 42 48.04 -1.80 -16.62
N LEU L 43 46.83 -1.81 -17.20
CA LEU L 43 46.68 -2.18 -18.59
C LEU L 43 47.11 -1.09 -19.58
N SER L 44 47.19 0.17 -19.13
CA SER L 44 47.43 1.27 -20.06
C SER L 44 48.85 1.28 -20.61
N GLN L 45 49.80 0.62 -19.94
CA GLN L 45 51.18 0.57 -20.42
C GLN L 45 51.37 -0.34 -21.63
N TYR L 46 50.44 -1.26 -21.88
CA TYR L 46 50.57 -2.24 -22.94
C TYR L 46 49.87 -1.79 -24.22
N HIS L 47 50.09 -2.53 -25.30
CA HIS L 47 49.38 -2.29 -26.55
C HIS L 47 47.93 -2.72 -26.43
N GLN L 48 47.06 -2.08 -27.19
CA GLN L 48 45.66 -2.48 -27.23
C GLN L 48 45.16 -2.54 -28.67
N PHE L 49 44.60 -3.68 -29.01
CA PHE L 49 43.89 -3.95 -30.25
C PHE L 49 42.56 -4.53 -29.84
N PRO L 50 41.52 -4.44 -30.70
CA PRO L 50 40.19 -4.88 -30.29
C PRO L 50 40.19 -6.29 -29.72
N GLY L 51 39.81 -6.42 -28.46
CA GLY L 51 39.71 -7.70 -27.79
C GLY L 51 40.94 -8.15 -27.01
N VAL L 52 42.00 -7.34 -26.94
CA VAL L 52 43.22 -7.80 -26.30
C VAL L 52 44.03 -6.62 -25.77
N VAL L 53 44.61 -6.81 -24.59
CA VAL L 53 45.69 -5.97 -24.09
C VAL L 53 46.94 -6.83 -24.15
N SER L 54 47.95 -6.35 -24.88
CA SER L 54 49.07 -7.19 -25.22
C SER L 54 50.38 -6.42 -25.08
N SER L 55 51.38 -7.09 -24.53
CA SER L 55 52.75 -6.57 -24.46
C SER L 55 53.51 -6.77 -25.77
N ILE L 56 52.92 -7.46 -26.72
CA ILE L 56 53.56 -7.80 -27.99
C ILE L 56 52.74 -7.22 -29.12
N ILE L 57 53.41 -6.71 -30.14
CA ILE L 57 52.73 -6.15 -31.30
C ILE L 57 52.18 -7.28 -32.16
N PHE L 58 50.88 -7.25 -32.40
CA PHE L 58 50.25 -8.13 -33.36
C PHE L 58 50.31 -7.42 -34.70
N PRO L 59 51.09 -7.88 -35.66
CA PRO L 59 51.41 -7.05 -36.82
C PRO L 59 50.29 -7.01 -37.85
N GLN L 60 50.42 -6.03 -38.75
CA GLN L 60 49.44 -5.87 -39.81
C GLN L 60 49.41 -7.10 -40.70
N LEU L 61 48.22 -7.57 -40.98
CA LEU L 61 48.02 -8.70 -41.87
C LEU L 61 47.45 -8.22 -43.18
N VAL L 62 47.29 -9.14 -44.11
CA VAL L 62 46.72 -8.87 -45.42
C VAL L 62 45.49 -9.76 -45.58
N LEU L 63 44.44 -9.19 -46.15
CA LEU L 63 43.24 -9.94 -46.43
C LEU L 63 43.52 -11.00 -47.50
N ASN L 64 42.89 -12.17 -47.34
CA ASN L 64 42.98 -13.35 -48.21
C ASN L 64 44.29 -14.12 -48.05
N THR L 65 45.09 -13.82 -47.04
CA THR L 65 46.26 -14.63 -46.72
C THR L 65 45.89 -15.75 -45.74
N ILE L 66 46.83 -16.67 -45.55
CA ILE L 66 46.62 -17.87 -44.76
C ILE L 66 47.33 -17.71 -43.42
N ILE L 67 46.62 -18.03 -42.34
CA ILE L 67 47.17 -18.05 -41.01
C ILE L 67 46.96 -19.45 -40.44
N SER L 68 47.63 -19.72 -39.32
CA SER L 68 47.53 -20.98 -38.60
C SER L 68 47.12 -20.70 -37.16
N VAL L 69 46.26 -21.55 -36.61
CA VAL L 69 45.76 -21.41 -35.25
C VAL L 69 46.08 -22.67 -34.48
N LEU L 70 46.49 -22.51 -33.22
CA LEU L 70 46.75 -23.66 -32.37
C LEU L 70 45.44 -24.32 -31.95
N SER L 71 45.33 -25.63 -32.23
CA SER L 71 44.16 -26.42 -31.95
C SER L 71 44.24 -27.04 -30.56
N GLU L 72 43.10 -27.56 -30.10
CA GLU L 72 43.07 -28.31 -28.85
C GLU L 72 44.00 -29.52 -28.92
N ASP L 73 44.12 -30.13 -30.11
CA ASP L 73 44.98 -31.28 -30.35
C ASP L 73 46.47 -30.96 -30.34
N GLY L 74 46.86 -29.72 -30.10
CA GLY L 74 48.24 -29.32 -30.28
C GLY L 74 48.65 -29.11 -31.72
N SER L 75 47.78 -29.42 -32.67
CA SER L 75 48.06 -29.26 -34.09
C SER L 75 47.72 -27.84 -34.55
N LEU L 76 48.19 -27.52 -35.76
CA LEU L 76 47.96 -26.21 -36.37
C LEU L 76 46.85 -26.31 -37.41
N LEU L 77 45.85 -25.44 -37.29
CA LEU L 77 44.74 -25.39 -38.24
C LEU L 77 45.00 -24.21 -39.16
N THR L 78 44.99 -24.46 -40.47
CA THR L 78 45.28 -23.42 -41.46
C THR L 78 43.97 -22.83 -41.96
N LEU L 79 43.88 -21.51 -41.96
CA LEU L 79 42.65 -20.80 -42.28
C LEU L 79 42.98 -19.59 -43.15
N LYS L 80 42.01 -19.20 -43.97
CA LYS L 80 42.14 -18.06 -44.87
C LYS L 80 41.35 -16.87 -44.33
N LEU L 81 41.96 -15.69 -44.33
CA LEU L 81 41.30 -14.47 -43.88
C LEU L 81 40.44 -13.91 -45.01
N GLU L 82 39.22 -14.43 -45.11
CA GLU L 82 38.36 -14.05 -46.24
C GLU L 82 37.33 -13.00 -45.90
N ASN L 83 37.04 -12.78 -44.62
CA ASN L 83 35.99 -11.87 -44.18
C ASN L 83 36.55 -10.78 -43.27
N THR L 84 35.65 -9.95 -42.77
CA THR L 84 35.95 -8.90 -41.82
C THR L 84 34.91 -8.93 -40.72
N CYS L 85 35.24 -8.32 -39.60
CA CYS L 85 34.34 -8.32 -38.46
C CYS L 85 34.68 -7.12 -37.59
N PHE L 86 33.66 -6.54 -36.97
CA PHE L 86 33.85 -5.42 -36.06
C PHE L 86 33.77 -5.92 -34.64
N ASN L 87 34.80 -5.61 -33.85
CA ASN L 87 34.82 -5.93 -32.44
C ASN L 87 35.37 -4.73 -31.68
N PHE L 88 35.11 -4.70 -30.37
CA PHE L 88 35.57 -3.60 -29.56
C PHE L 88 35.66 -4.06 -28.11
N HIS L 89 36.26 -3.19 -27.29
CA HIS L 89 36.22 -3.30 -25.84
C HIS L 89 36.34 -1.88 -25.29
N VAL L 90 36.15 -1.74 -23.98
CA VAL L 90 36.42 -0.49 -23.30
C VAL L 90 37.39 -0.78 -22.16
N CYS L 91 38.57 -0.18 -22.20
CA CYS L 91 39.59 -0.40 -21.18
C CYS L 91 40.03 0.95 -20.64
N ASN L 92 39.86 1.16 -19.34
CA ASN L 92 40.17 2.42 -18.66
C ASN L 92 39.50 3.61 -19.33
N LYS L 93 38.19 3.44 -19.57
CA LYS L 93 37.31 4.44 -20.17
C LYS L 93 37.79 4.85 -21.56
N ARG L 94 38.39 3.93 -22.29
CA ARG L 94 38.82 4.14 -23.68
C ARG L 94 38.17 3.09 -24.55
N PHE L 95 37.30 3.52 -25.43
CA PHE L 95 36.60 2.68 -26.39
C PHE L 95 37.56 2.32 -27.52
N VAL L 96 38.00 1.06 -27.60
CA VAL L 96 38.98 0.60 -28.58
C VAL L 96 38.25 -0.35 -29.53
N PHE L 97 38.31 -0.05 -30.83
CA PHE L 97 37.43 -0.70 -31.80
C PHE L 97 38.14 -0.81 -33.15
N GLY L 98 37.53 -1.58 -34.04
CA GLY L 98 38.00 -1.68 -35.41
C GLY L 98 37.41 -2.87 -36.10
N ASN L 99 37.54 -2.86 -37.43
CA ASN L 99 37.16 -3.99 -38.27
C ASN L 99 38.39 -4.86 -38.50
N LEU L 100 38.27 -6.13 -38.16
CA LEU L 100 39.41 -7.02 -38.14
C LEU L 100 39.30 -8.06 -39.26
N PRO L 101 40.42 -8.48 -39.85
CA PRO L 101 40.35 -9.64 -40.75
C PRO L 101 39.89 -10.88 -39.99
N ALA L 102 39.12 -11.71 -40.66
CA ALA L 102 38.49 -12.83 -40.00
C ALA L 102 38.47 -14.04 -40.93
N ALA L 103 38.56 -15.20 -40.34
CA ALA L 103 38.36 -16.46 -41.02
C ALA L 103 36.96 -16.96 -40.72
N VAL L 104 36.56 -18.00 -41.43
CA VAL L 104 35.24 -18.61 -41.27
C VAL L 104 35.47 -20.06 -40.86
N VAL L 105 34.78 -20.50 -39.81
CA VAL L 105 34.92 -21.85 -39.30
C VAL L 105 33.55 -22.44 -39.01
N ASN L 106 33.48 -23.77 -39.00
CA ASN L 106 32.23 -24.43 -38.65
C ASN L 106 32.21 -24.70 -37.16
N ASN L 107 31.11 -25.26 -36.67
CA ASN L 107 30.97 -25.50 -35.24
C ASN L 107 31.99 -26.52 -34.74
N GLU L 108 32.34 -27.50 -35.57
CA GLU L 108 33.33 -28.48 -35.16
C GLU L 108 34.68 -27.83 -34.92
N THR L 109 35.16 -27.05 -35.89
CA THR L 109 36.42 -26.35 -35.73
C THR L 109 36.37 -25.37 -34.57
N LYS L 110 35.24 -24.66 -34.41
CA LYS L 110 35.14 -23.65 -33.36
C LYS L 110 35.36 -24.25 -31.97
N GLN L 111 34.85 -25.46 -31.74
CA GLN L 111 34.98 -26.07 -30.42
C GLN L 111 36.40 -26.55 -30.13
N LYS L 112 37.24 -26.68 -31.14
CA LYS L 112 38.64 -27.03 -30.94
C LYS L 112 39.53 -25.83 -30.65
N LEU L 113 38.94 -24.65 -30.50
CA LEU L 113 39.70 -23.41 -30.31
C LEU L 113 39.43 -22.84 -28.93
N ARG L 114 40.51 -22.58 -28.19
CA ARG L 114 40.42 -21.94 -26.89
C ARG L 114 40.51 -20.44 -27.08
N ILE L 115 39.89 -19.69 -26.16
CA ILE L 115 39.94 -18.23 -26.22
C ILE L 115 41.36 -17.67 -26.14
N GLY L 116 42.36 -18.49 -25.86
CA GLY L 116 43.69 -17.92 -25.88
C GLY L 116 44.54 -18.31 -27.08
N ALA L 117 43.97 -19.13 -27.96
CA ALA L 117 44.74 -19.86 -28.95
C ALA L 117 45.65 -18.95 -29.76
N PRO L 118 46.94 -19.24 -29.82
CA PRO L 118 47.86 -18.40 -30.59
C PRO L 118 47.58 -18.52 -32.09
N ILE L 119 47.79 -17.42 -32.79
CA ILE L 119 47.60 -17.36 -34.23
C ILE L 119 48.94 -16.99 -34.87
N PHE L 120 49.32 -17.76 -35.88
CA PHE L 120 50.63 -17.72 -36.50
C PHE L 120 50.48 -17.37 -37.97
N ALA L 121 51.41 -16.58 -38.49
CA ALA L 121 51.56 -16.37 -39.93
C ALA L 121 53.03 -16.62 -40.19
N GLY L 122 53.32 -17.59 -41.04
CA GLY L 122 54.66 -18.11 -41.03
C GLY L 122 54.84 -18.86 -39.73
N LYS L 123 56.02 -18.75 -39.14
CA LYS L 123 56.30 -19.44 -37.89
C LYS L 123 56.28 -18.50 -36.70
N LYS L 124 55.67 -17.33 -36.87
CA LYS L 124 55.69 -16.25 -35.88
C LYS L 124 54.27 -15.93 -35.43
N LEU L 125 54.14 -15.65 -34.14
CA LEU L 125 52.86 -15.24 -33.59
C LEU L 125 52.45 -13.91 -34.21
N VAL L 126 51.21 -13.84 -34.69
CA VAL L 126 50.67 -12.60 -35.24
C VAL L 126 49.42 -12.12 -34.52
N SER L 127 48.78 -12.96 -33.71
CA SER L 127 47.53 -12.62 -33.02
C SER L 127 47.17 -13.75 -32.08
N VAL L 128 46.02 -13.60 -31.43
CA VAL L 128 45.43 -14.66 -30.60
C VAL L 128 43.92 -14.71 -30.88
N VAL L 129 43.33 -15.87 -30.63
CA VAL L 129 41.88 -16.01 -30.74
C VAL L 129 41.22 -15.15 -29.66
N THR L 130 40.30 -14.28 -30.05
CA THR L 130 39.66 -13.39 -29.08
C THR L 130 38.16 -13.58 -28.96
N ALA L 131 37.48 -13.99 -30.03
CA ALA L 131 36.03 -14.05 -30.01
C ALA L 131 35.54 -14.92 -31.16
N PHE L 132 34.28 -15.34 -31.05
CA PHE L 132 33.60 -16.07 -32.10
C PHE L 132 32.26 -15.39 -32.36
N HIS L 133 31.93 -15.15 -33.62
CA HIS L 133 30.66 -14.56 -34.02
C HIS L 133 29.92 -15.53 -34.95
N ARG L 134 28.68 -15.85 -34.60
CA ARG L 134 27.92 -16.82 -35.37
C ARG L 134 27.26 -16.18 -36.57
N VAL L 135 27.48 -16.76 -37.75
CA VAL L 135 26.78 -16.32 -38.95
C VAL L 135 25.39 -16.95 -39.04
N GLY L 136 25.34 -18.27 -39.13
CA GLY L 136 24.08 -19.00 -39.11
C GLY L 136 24.24 -20.36 -38.48
N GLU L 139 28.14 -21.93 -39.04
CA GLU L 139 29.18 -21.01 -39.46
C GLU L 139 29.56 -20.04 -38.35
N TRP L 140 30.85 -19.80 -38.19
CA TRP L 140 31.35 -18.82 -37.25
C TRP L 140 32.43 -17.99 -37.94
N LEU L 141 32.47 -16.70 -37.62
CA LEU L 141 33.61 -15.86 -38.02
C LEU L 141 34.58 -15.74 -36.86
N LEU L 142 35.87 -15.88 -37.19
CA LEU L 142 36.96 -15.86 -36.22
C LEU L 142 37.79 -14.61 -36.49
N PRO L 143 37.59 -13.53 -35.75
CA PRO L 143 38.41 -12.33 -35.97
C PRO L 143 39.85 -12.55 -35.53
N VAL L 144 40.75 -11.97 -36.29
CA VAL L 144 42.18 -12.00 -36.01
C VAL L 144 42.57 -10.56 -35.70
N THR L 145 42.61 -10.21 -34.41
CA THR L 145 42.86 -8.82 -34.03
C THR L 145 44.34 -8.49 -34.15
N GLY L 146 44.61 -7.20 -34.31
CA GLY L 146 45.96 -6.72 -34.48
C GLY L 146 45.95 -5.33 -35.07
N ILE L 147 47.12 -4.92 -35.56
CA ILE L 147 47.24 -3.63 -36.21
C ILE L 147 46.33 -3.60 -37.44
N ARG L 148 45.66 -2.46 -37.63
CA ARG L 148 44.66 -2.27 -38.68
C ARG L 148 45.12 -2.76 -40.05
N GLU L 149 44.34 -3.65 -40.66
CA GLU L 149 44.59 -4.06 -42.04
C GLU L 149 44.42 -2.86 -42.95
N ALA L 150 45.23 -2.82 -44.02
CA ALA L 150 45.38 -1.60 -44.80
C ALA L 150 44.05 -1.05 -45.30
N SER L 151 43.12 -1.93 -45.64
CA SER L 151 41.85 -1.54 -46.25
C SER L 151 40.76 -1.30 -45.22
N GLN L 152 41.05 -1.53 -43.94
CA GLN L 152 40.07 -1.52 -42.88
C GLN L 152 40.22 -0.26 -42.03
N LEU L 153 39.54 -0.23 -40.90
CA LEU L 153 39.60 0.90 -39.99
C LEU L 153 39.85 0.41 -38.57
N SER L 154 40.52 1.25 -37.79
CA SER L 154 40.70 1.04 -36.35
C SER L 154 40.64 2.39 -35.65
N GLY L 155 40.53 2.35 -34.34
CA GLY L 155 40.56 3.60 -33.59
C GLY L 155 40.28 3.39 -32.12
N HIS L 156 40.29 4.51 -31.39
CA HIS L 156 39.93 4.51 -29.99
C HIS L 156 39.29 5.85 -29.66
N MET L 157 38.58 5.88 -28.52
CA MET L 157 37.92 7.12 -28.12
C MET L 157 37.65 7.10 -26.63
N LYS L 158 37.83 8.26 -25.98
CA LYS L 158 37.60 8.37 -24.55
C LYS L 158 36.11 8.46 -24.26
N VAL L 159 35.60 7.54 -23.44
CA VAL L 159 34.18 7.47 -23.14
C VAL L 159 33.98 7.49 -21.61
N LEU L 160 33.48 8.60 -21.10
CA LEU L 160 33.27 8.73 -19.65
C LEU L 160 32.15 7.82 -19.15
N ASN L 161 31.16 7.53 -19.99
CA ASN L 161 30.00 6.76 -19.57
C ASN L 161 29.87 5.45 -20.35
N GLY L 162 31.01 4.87 -20.73
CA GLY L 162 30.97 3.62 -21.45
C GLY L 162 30.41 3.79 -22.86
N VAL L 163 30.10 2.64 -23.46
CA VAL L 163 29.51 2.54 -24.78
C VAL L 163 28.18 1.81 -24.65
N ARG L 164 27.14 2.35 -25.29
CA ARG L 164 25.83 1.73 -25.29
C ARG L 164 25.59 1.12 -26.68
N VAL L 165 25.18 -0.14 -26.70
CA VAL L 165 24.92 -0.86 -27.95
C VAL L 165 23.41 -0.99 -28.15
N GLU L 166 22.94 -0.58 -29.33
CA GLU L 166 21.54 -0.53 -29.66
C GLU L 166 21.34 -1.20 -31.01
N LYS L 167 20.34 -2.07 -31.11
CA LYS L 167 20.04 -2.69 -32.39
C LYS L 167 19.43 -1.67 -33.32
N TRP L 168 19.90 -1.67 -34.57
CA TRP L 168 19.52 -0.66 -35.55
C TRP L 168 18.30 -1.18 -36.31
N ARG L 169 17.15 -0.50 -36.12
CA ARG L 169 15.88 -0.94 -36.67
C ARG L 169 15.74 -0.54 -38.14
N PRO L 170 14.95 -1.28 -38.91
CA PRO L 170 14.90 -1.06 -40.36
C PRO L 170 14.34 0.30 -40.75
N ASN L 171 14.81 0.79 -41.89
CA ASN L 171 14.38 2.04 -42.50
C ASN L 171 14.70 3.27 -41.66
N MET L 172 15.56 3.13 -40.64
CA MET L 172 15.85 4.23 -39.74
C MET L 172 17.15 4.92 -40.10
N SER L 173 17.12 6.26 -40.08
CA SER L 173 18.32 7.07 -40.10
C SER L 173 18.74 7.38 -38.67
N VAL L 174 19.97 7.88 -38.52
CA VAL L 174 20.62 8.00 -37.23
C VAL L 174 21.05 9.44 -37.00
N TYR L 175 20.69 9.98 -35.85
CA TYR L 175 21.31 11.20 -35.35
C TYR L 175 21.51 11.02 -33.86
N GLY L 176 22.75 11.11 -33.41
CA GLY L 176 23.03 11.12 -31.99
C GLY L 176 22.47 9.92 -31.26
N THR L 177 21.51 10.16 -30.38
CA THR L 177 20.93 9.13 -29.53
C THR L 177 19.67 8.50 -30.10
N VAL L 178 19.21 8.93 -31.27
CA VAL L 178 17.94 8.45 -31.80
C VAL L 178 18.13 7.84 -33.18
N GLN L 179 17.24 6.92 -33.51
CA GLN L 179 17.09 6.42 -34.87
C GLN L 179 15.65 6.64 -35.31
N LEU L 180 15.48 7.34 -36.42
CA LEU L 180 14.16 7.75 -36.90
C LEU L 180 14.18 7.72 -38.41
N PRO L 181 13.02 7.82 -39.04
CA PRO L 181 12.99 8.00 -40.50
C PRO L 181 13.74 9.27 -40.88
N TYR L 182 14.17 9.32 -42.15
CA TYR L 182 15.04 10.41 -42.60
C TYR L 182 14.40 11.78 -42.40
N ASP L 183 13.12 11.92 -42.74
CA ASP L 183 12.47 13.23 -42.64
C ASP L 183 12.53 13.75 -41.21
N LYS L 184 12.21 12.90 -40.24
CA LYS L 184 12.28 13.33 -38.84
C LYS L 184 13.72 13.54 -38.40
N ILE L 185 14.67 12.86 -39.02
CA ILE L 185 16.07 13.02 -38.65
C ILE L 185 16.62 14.35 -39.14
N LYS L 186 16.34 14.72 -40.39
CA LYS L 186 16.73 16.03 -40.87
C LYS L 186 16.16 17.14 -39.99
N GLN L 187 14.90 17.00 -39.58
CA GLN L 187 14.29 17.99 -38.69
C GLN L 187 14.92 17.96 -37.30
N HIS L 188 15.19 16.77 -36.76
CA HIS L 188 15.76 16.67 -35.41
C HIS L 188 17.13 17.32 -35.34
N ALA L 189 17.97 17.10 -36.35
CA ALA L 189 19.33 17.62 -36.35
C ALA L 189 19.34 19.15 -36.40
N LEU L 190 18.57 19.72 -37.32
CA LEU L 190 18.49 21.16 -37.53
C LEU L 190 17.88 21.91 -36.35
N GLU L 191 17.34 21.21 -35.35
CA GLU L 191 16.82 21.90 -34.16
C GLU L 191 17.97 22.22 -33.24
N LEU L 200 25.57 15.65 -20.52
CA LEU L 200 25.55 14.19 -20.41
C LEU L 200 26.16 13.53 -21.64
N GLU L 201 27.45 13.24 -21.54
CA GLU L 201 28.19 12.67 -22.66
C GLU L 201 27.79 11.22 -22.88
N SER L 202 27.80 10.79 -24.14
CA SER L 202 27.31 9.47 -24.49
C SER L 202 28.07 8.96 -25.71
N CYS L 203 28.14 7.64 -25.83
CA CYS L 203 28.63 6.97 -27.04
C CYS L 203 27.67 5.84 -27.34
N VAL L 204 27.10 5.85 -28.53
CA VAL L 204 26.11 4.85 -28.93
C VAL L 204 26.61 4.11 -30.16
N LEU L 205 26.48 2.80 -30.13
CA LEU L 205 26.80 1.94 -31.25
C LEU L 205 25.52 1.27 -31.70
N PHE L 206 25.01 1.64 -32.87
CA PHE L 206 23.86 1.02 -33.49
C PHE L 206 24.37 -0.02 -34.45
N TYR L 207 23.76 -1.19 -34.45
CA TYR L 207 24.30 -2.25 -35.26
C TYR L 207 23.22 -2.89 -36.12
N LYS L 208 23.59 -3.05 -37.38
CA LYS L 208 22.90 -3.83 -38.39
C LYS L 208 23.89 -4.87 -38.92
N ASP L 209 23.35 -5.93 -39.52
CA ASP L 209 24.21 -7.02 -39.93
C ASP L 209 25.29 -6.56 -40.89
N SER L 210 24.98 -5.62 -41.76
CA SER L 210 25.93 -5.12 -42.75
C SER L 210 26.69 -3.88 -42.32
N GLU L 211 26.16 -3.11 -41.37
CA GLU L 211 26.65 -1.77 -41.10
C GLU L 211 26.58 -1.44 -39.62
N ILE L 212 27.52 -0.60 -39.19
CA ILE L 212 27.68 -0.17 -37.81
C ILE L 212 27.65 1.35 -37.79
N ARG L 213 27.02 1.93 -36.77
CA ARG L 213 27.03 3.38 -36.59
C ARG L 213 27.54 3.66 -35.18
N ILE L 214 28.49 4.58 -35.07
CA ILE L 214 28.97 5.05 -33.78
C ILE L 214 28.68 6.55 -33.69
N THR L 215 28.00 6.98 -32.63
CA THR L 215 27.81 8.39 -32.37
C THR L 215 28.44 8.77 -31.03
N TYR L 216 29.00 9.98 -30.99
CA TYR L 216 29.55 10.57 -29.78
C TYR L 216 28.75 11.82 -29.48
N ASN L 217 28.12 11.87 -28.30
CA ASN L 217 27.10 12.85 -28.02
C ASN L 217 27.38 13.61 -26.73
N LYS L 218 26.76 14.78 -26.62
CA LYS L 218 26.73 15.57 -25.40
C LYS L 218 25.27 15.95 -25.16
N GLY L 219 24.62 15.24 -24.24
CA GLY L 219 23.17 15.34 -24.17
C GLY L 219 22.59 14.69 -25.40
N ASP L 220 21.68 15.41 -26.05
CA ASP L 220 21.04 14.99 -27.30
C ASP L 220 21.78 15.47 -28.54
N TYR L 221 22.83 16.26 -28.35
CA TYR L 221 23.55 16.90 -29.45
C TYR L 221 24.62 15.96 -29.98
N GLU L 222 24.55 15.67 -31.28
CA GLU L 222 25.49 14.75 -31.90
C GLU L 222 26.77 15.50 -32.27
N ILE L 223 27.90 15.05 -31.73
CA ILE L 223 29.19 15.66 -32.01
C ILE L 223 29.89 14.86 -33.11
N MET L 224 29.67 13.54 -33.14
CA MET L 224 30.34 12.73 -34.14
C MET L 224 29.42 11.60 -34.58
N HIS L 225 29.51 11.23 -35.85
CA HIS L 225 28.75 10.12 -36.41
C HIS L 225 29.66 9.38 -37.38
N LEU L 226 29.83 8.08 -37.16
CA LEU L 226 30.71 7.26 -37.97
C LEU L 226 29.94 6.07 -38.53
N ARG L 227 30.08 5.82 -39.83
CA ARG L 227 29.45 4.72 -40.54
C ARG L 227 30.52 3.74 -41.03
N MET L 228 30.30 2.46 -40.79
CA MET L 228 31.32 1.44 -41.00
C MET L 228 30.67 0.10 -41.27
N PRO L 229 31.40 -0.86 -41.82
CA PRO L 229 30.83 -2.17 -42.11
C PRO L 229 30.55 -2.96 -40.84
N GLY L 230 29.63 -3.91 -40.96
CA GLY L 230 29.42 -4.89 -39.93
C GLY L 230 30.01 -6.23 -40.32
N PRO L 231 29.68 -7.29 -39.58
CA PRO L 231 28.82 -7.22 -38.39
C PRO L 231 29.57 -6.97 -37.09
N LEU L 232 28.81 -6.75 -36.02
CA LEU L 232 29.29 -6.60 -34.67
C LEU L 232 29.22 -7.95 -33.96
N ILE L 233 30.15 -8.19 -33.04
CA ILE L 233 30.13 -9.42 -32.27
C ILE L 233 29.31 -9.21 -31.01
N GLN L 234 28.37 -10.14 -30.78
CA GLN L 234 27.27 -9.87 -29.86
C GLN L 234 27.70 -9.77 -28.39
N PRO L 235 28.39 -10.78 -27.80
CA PRO L 235 28.50 -10.82 -26.34
C PRO L 235 29.08 -9.57 -25.71
N SER M 1 -50.74 18.73 24.69
CA SER M 1 -49.38 19.03 25.11
C SER M 1 -49.34 20.20 26.08
N MET M 2 -48.32 20.22 26.92
CA MET M 2 -48.16 21.26 27.92
C MET M 2 -47.01 22.17 27.52
N GLU M 3 -46.91 23.29 28.23
CA GLU M 3 -46.00 24.37 27.89
C GLU M 3 -45.28 24.83 29.15
N LEU M 4 -43.99 25.13 29.02
CA LEU M 4 -43.22 25.68 30.14
C LEU M 4 -41.98 26.35 29.59
N TYR M 5 -41.84 27.65 29.85
CA TYR M 5 -40.71 28.42 29.37
C TYR M 5 -40.56 28.27 27.85
N ASN M 6 -39.42 27.78 27.39
CA ASN M 6 -39.15 27.72 25.96
C ASN M 6 -39.38 26.33 25.34
N ILE M 7 -40.15 25.46 26.02
CA ILE M 7 -40.36 24.09 25.56
C ILE M 7 -41.85 23.78 25.55
N LYS M 8 -42.21 22.74 24.79
CA LYS M 8 -43.53 22.12 24.84
C LYS M 8 -43.32 20.64 25.01
N TYR M 9 -44.11 20.00 25.88
CA TYR M 9 -43.85 18.61 26.22
C TYR M 9 -45.15 17.83 26.40
N ALA M 10 -45.00 16.51 26.43
CA ALA M 10 -46.09 15.56 26.66
C ALA M 10 -45.55 14.41 27.50
N ILE M 11 -46.37 13.38 27.72
CA ILE M 11 -45.98 12.23 28.54
C ILE M 11 -46.29 10.95 27.76
N ASP M 12 -45.35 10.02 27.74
CA ASP M 12 -45.51 8.76 27.03
C ASP M 12 -46.23 7.76 27.92
N PRO M 13 -46.65 6.61 27.36
CA PRO M 13 -47.28 5.57 28.19
C PRO M 13 -46.41 5.02 29.32
N THR M 14 -45.10 5.27 29.35
CA THR M 14 -44.26 4.80 30.44
C THR M 14 -43.99 5.86 31.48
N ASN M 15 -44.79 6.92 31.53
CA ASN M 15 -44.64 8.01 32.48
C ASN M 15 -43.35 8.78 32.24
N LYS M 16 -42.93 8.85 31.00
CA LYS M 16 -41.70 9.51 30.61
C LYS M 16 -42.07 10.75 29.80
N ILE M 17 -41.39 11.85 30.09
CA ILE M 17 -41.67 13.12 29.42
C ILE M 17 -41.08 13.11 28.03
N VAL M 18 -41.87 13.59 27.07
CA VAL M 18 -41.49 13.74 25.67
C VAL M 18 -41.39 15.23 25.38
N ILE M 19 -40.20 15.73 25.12
CA ILE M 19 -40.01 17.13 24.74
C ILE M 19 -40.33 17.26 23.27
N GLU M 20 -41.43 17.94 22.95
CA GLU M 20 -41.92 18.03 21.58
C GLU M 20 -41.34 19.22 20.82
N GLN M 21 -41.11 20.35 21.50
CA GLN M 21 -40.55 21.53 20.87
C GLN M 21 -39.64 22.23 21.85
N VAL M 22 -38.60 22.89 21.33
CA VAL M 22 -37.78 23.81 22.10
C VAL M 22 -37.65 25.08 21.27
N ASP M 23 -38.00 26.23 21.86
CA ASP M 23 -37.98 27.52 21.15
C ASP M 23 -38.87 27.50 19.91
N ASN M 24 -40.05 26.90 20.04
CA ASN M 24 -41.05 26.83 18.97
C ASN M 24 -40.52 26.09 17.76
N VAL M 25 -39.51 25.24 17.95
CA VAL M 25 -38.94 24.40 16.90
C VAL M 25 -39.08 22.95 17.35
N ASP M 26 -39.56 22.10 16.45
CA ASP M 26 -39.80 20.69 16.77
C ASP M 26 -38.51 20.04 17.24
N ALA M 27 -38.61 19.24 18.31
CA ALA M 27 -37.44 18.68 18.96
C ALA M 27 -37.52 17.16 19.04
N PHE M 28 -36.36 16.55 19.13
CA PHE M 28 -36.20 15.12 19.34
C PHE M 28 -35.29 14.93 20.53
N VAL M 29 -35.81 14.36 21.60
CA VAL M 29 -35.02 14.09 22.80
C VAL M 29 -35.35 12.68 23.24
N HIS M 30 -34.39 11.77 23.11
CA HIS M 30 -34.61 10.35 23.33
C HIS M 30 -33.71 9.88 24.46
N ILE M 31 -34.30 9.50 25.59
CA ILE M 31 -33.55 9.17 26.80
C ILE M 31 -33.24 7.68 26.81
N LEU M 32 -31.98 7.36 27.06
CA LEU M 32 -31.52 5.98 27.19
C LEU M 32 -31.26 5.68 28.65
N GLU M 33 -31.57 4.46 29.07
CA GLU M 33 -31.38 4.05 30.44
C GLU M 33 -29.89 3.91 30.74
N PRO M 34 -29.51 3.94 32.01
CA PRO M 34 -28.08 3.82 32.36
C PRO M 34 -27.45 2.54 31.81
N GLY M 35 -26.38 2.73 31.02
CA GLY M 35 -25.71 1.62 30.39
C GLY M 35 -26.47 0.93 29.28
N GLN M 36 -27.60 1.48 28.84
CA GLN M 36 -28.42 0.81 27.83
C GLN M 36 -27.69 0.80 26.49
N GLU M 37 -27.85 -0.30 25.77
CA GLU M 37 -27.30 -0.45 24.43
C GLU M 37 -28.45 -0.51 23.44
N VAL M 38 -28.42 0.37 22.45
CA VAL M 38 -29.41 0.41 21.39
C VAL M 38 -28.72 0.41 20.04
N PHE M 39 -29.45 -0.05 19.03
CA PHE M 39 -29.03 0.08 17.64
C PHE M 39 -30.19 0.65 16.84
N ASP M 40 -29.98 1.81 16.23
CA ASP M 40 -30.99 2.43 15.38
C ASP M 40 -30.25 3.47 14.54
N GLU M 41 -30.09 3.20 13.25
CA GLU M 41 -29.26 4.06 12.42
C GLU M 41 -29.78 5.49 12.33
N THR M 42 -31.08 5.71 12.53
CA THR M 42 -31.63 7.06 12.50
C THR M 42 -31.09 7.94 13.63
N LEU M 43 -30.56 7.36 14.70
CA LEU M 43 -30.10 8.16 15.83
C LEU M 43 -28.77 8.85 15.59
N SER M 44 -27.97 8.39 14.63
CA SER M 44 -26.61 8.90 14.48
C SER M 44 -26.55 10.34 14.00
N GLN M 45 -27.64 10.87 13.43
CA GLN M 45 -27.68 12.26 13.01
C GLN M 45 -27.80 13.25 14.16
N TYR M 46 -28.20 12.81 15.34
CA TYR M 46 -28.45 13.73 16.44
C TYR M 46 -27.23 13.85 17.36
N HIS M 47 -27.30 14.84 18.24
CA HIS M 47 -26.28 14.98 19.26
C HIS M 47 -26.43 13.87 20.28
N GLN M 48 -25.31 13.50 20.90
CA GLN M 48 -25.33 12.51 21.97
C GLN M 48 -24.50 12.97 23.14
N PHE M 49 -25.11 12.91 24.31
CA PHE M 49 -24.47 13.10 25.59
C PHE M 49 -24.87 11.89 26.41
N PRO M 50 -24.10 11.55 27.46
CA PRO M 50 -24.44 10.33 28.21
C PRO M 50 -25.89 10.30 28.66
N GLY M 51 -26.63 9.30 28.18
CA GLY M 51 -28.01 9.10 28.57
C GLY M 51 -29.06 9.73 27.68
N VAL M 52 -28.67 10.38 26.58
CA VAL M 52 -29.63 11.06 25.73
C VAL M 52 -29.12 11.13 24.30
N VAL M 53 -30.03 10.95 23.35
CA VAL M 53 -29.84 11.30 21.94
C VAL M 53 -30.73 12.50 21.66
N SER M 54 -30.15 13.62 21.25
CA SER M 54 -30.93 14.85 21.24
C SER M 54 -30.68 15.68 20.00
N SER M 55 -31.75 16.27 19.47
CA SER M 55 -31.63 17.27 18.42
C SER M 55 -31.27 18.62 18.97
N ILE M 56 -31.23 18.74 20.29
CA ILE M 56 -31.01 19.99 21.00
C ILE M 56 -29.70 19.88 21.76
N ILE M 57 -28.90 20.94 21.70
CA ILE M 57 -27.65 20.95 22.44
C ILE M 57 -27.96 21.21 23.90
N PHE M 58 -27.49 20.32 24.77
CA PHE M 58 -27.53 20.56 26.20
C PHE M 58 -26.22 21.23 26.56
N PRO M 59 -26.22 22.51 26.93
CA PRO M 59 -24.97 23.27 26.95
C PRO M 59 -24.14 23.00 28.19
N GLN M 60 -22.88 23.46 28.13
CA GLN M 60 -21.96 23.32 29.24
C GLN M 60 -22.44 24.08 30.47
N LEU M 61 -22.41 23.42 31.61
CA LEU M 61 -22.78 24.01 32.88
C LEU M 61 -21.53 24.24 33.71
N VAL M 62 -21.72 24.85 34.87
CA VAL M 62 -20.65 25.06 35.83
C VAL M 62 -21.06 24.40 37.13
N LEU M 63 -20.11 23.73 37.76
CA LEU M 63 -20.39 23.09 39.04
C LEU M 63 -20.69 24.15 40.10
N ASN M 64 -21.63 23.81 40.99
CA ASN M 64 -22.16 24.63 42.08
C ASN M 64 -23.13 25.70 41.61
N THR M 65 -23.61 25.63 40.37
CA THR M 65 -24.68 26.50 39.88
C THR M 65 -26.04 25.88 40.17
N ILE M 66 -27.08 26.70 39.99
CA ILE M 66 -28.45 26.33 40.34
C ILE M 66 -29.23 26.04 39.08
N ILE M 67 -29.95 24.93 39.07
CA ILE M 67 -30.85 24.58 37.99
C ILE M 67 -32.24 24.38 38.59
N SER M 68 -33.24 24.31 37.72
CA SER M 68 -34.62 24.02 38.11
C SER M 68 -35.10 22.79 37.36
N VAL M 69 -35.84 21.93 38.05
CA VAL M 69 -36.38 20.70 37.47
C VAL M 69 -37.89 20.71 37.62
N LEU M 70 -38.58 20.32 36.54
CA LEU M 70 -40.04 20.26 36.55
C LEU M 70 -40.53 19.05 37.35
N SER M 71 -41.39 19.29 38.32
CA SER M 71 -41.96 18.26 39.18
C SER M 71 -43.28 17.73 38.61
N GLU M 72 -43.70 16.58 39.15
CA GLU M 72 -44.92 15.94 38.66
C GLU M 72 -46.16 16.76 38.93
N ASP M 73 -46.11 17.72 39.85
CA ASP M 73 -47.25 18.59 40.14
C ASP M 73 -47.16 19.93 39.43
N GLY M 74 -46.24 20.07 38.48
CA GLY M 74 -46.08 21.29 37.73
C GLY M 74 -45.14 22.30 38.33
N SER M 75 -44.74 22.14 39.59
CA SER M 75 -43.86 23.12 40.19
C SER M 75 -42.43 22.92 39.71
N LEU M 76 -41.57 23.89 40.01
CA LEU M 76 -40.16 23.83 39.68
C LEU M 76 -39.35 23.74 40.96
N LEU M 77 -38.47 22.76 41.03
CA LEU M 77 -37.57 22.58 42.17
C LEU M 77 -36.19 23.07 41.79
N THR M 78 -35.61 23.90 42.64
CA THR M 78 -34.30 24.47 42.40
C THR M 78 -33.25 23.61 43.09
N LEU M 79 -32.20 23.28 42.35
CA LEU M 79 -31.16 22.37 42.83
C LEU M 79 -29.81 22.95 42.45
N LYS M 80 -28.80 22.64 43.24
CA LYS M 80 -27.45 23.11 43.04
C LYS M 80 -26.58 21.96 42.53
N LEU M 81 -25.79 22.19 41.49
CA LEU M 81 -24.93 21.15 40.90
C LEU M 81 -23.63 21.08 41.69
N GLU M 82 -23.70 20.39 42.83
CA GLU M 82 -22.59 20.32 43.78
C GLU M 82 -21.82 19.00 43.74
N ASN M 83 -22.34 17.99 43.03
CA ASN M 83 -21.74 16.66 42.95
C ASN M 83 -21.39 16.34 41.50
N THR M 84 -20.85 15.14 41.31
CA THR M 84 -20.50 14.62 40.00
C THR M 84 -20.97 13.17 39.93
N CYS M 85 -21.14 12.64 38.72
CA CYS M 85 -21.59 11.28 38.53
C CYS M 85 -21.18 10.79 37.15
N PHE M 86 -20.88 9.50 37.05
CA PHE M 86 -20.53 8.87 35.78
C PHE M 86 -21.72 8.09 35.24
N ASN M 87 -22.08 8.35 33.98
CA ASN M 87 -23.11 7.60 33.28
C ASN M 87 -22.64 7.32 31.87
N PHE M 88 -23.30 6.36 31.22
CA PHE M 88 -22.97 6.03 29.84
C PHE M 88 -24.15 5.35 29.16
N HIS M 89 -24.01 5.18 27.85
CA HIS M 89 -24.85 4.32 27.04
C HIS M 89 -24.02 3.83 25.87
N VAL M 90 -24.57 2.90 25.09
CA VAL M 90 -23.98 2.46 23.83
C VAL M 90 -25.02 2.63 22.73
N CYS M 91 -24.69 3.40 21.71
CA CYS M 91 -25.62 3.67 20.62
C CYS M 91 -24.93 3.43 19.28
N ASN M 92 -25.45 2.49 18.50
CA ASN M 92 -24.86 2.09 17.22
C ASN M 92 -23.38 1.77 17.41
N LYS M 93 -23.13 0.94 18.41
CA LYS M 93 -21.82 0.43 18.79
C LYS M 93 -20.85 1.55 19.16
N ARG M 94 -21.34 2.70 19.58
CA ARG M 94 -20.48 3.75 20.08
C ARG M 94 -20.81 4.02 21.54
N PHE M 95 -19.85 3.70 22.40
CA PHE M 95 -19.88 3.87 23.85
C PHE M 95 -19.69 5.34 24.18
N VAL M 96 -20.74 5.98 24.69
CA VAL M 96 -20.75 7.41 24.99
C VAL M 96 -20.78 7.58 26.49
N PHE M 97 -19.81 8.29 27.05
CA PHE M 97 -19.64 8.32 28.50
C PHE M 97 -19.12 9.68 28.95
N GLY M 98 -19.16 9.89 30.25
CA GLY M 98 -18.59 11.09 30.82
C GLY M 98 -19.06 11.30 32.24
N ASN M 99 -18.36 12.19 32.93
CA ASN M 99 -18.72 12.59 34.28
C ASN M 99 -19.56 13.86 34.24
N LEU M 100 -20.73 13.79 34.82
CA LEU M 100 -21.74 14.82 34.72
C LEU M 100 -21.94 15.55 36.05
N PRO M 101 -22.26 16.84 36.02
CA PRO M 101 -22.68 17.51 37.26
C PRO M 101 -23.96 16.86 37.75
N ALA M 102 -24.10 16.78 39.06
CA ALA M 102 -25.25 16.07 39.62
C ALA M 102 -25.72 16.79 40.87
N ALA M 103 -27.02 16.72 41.10
CA ALA M 103 -27.62 17.18 42.33
C ALA M 103 -27.89 15.99 43.25
N VAL M 104 -28.25 16.31 44.49
CA VAL M 104 -28.59 15.31 45.49
C VAL M 104 -30.01 15.60 45.96
N VAL M 105 -30.86 14.56 45.97
CA VAL M 105 -32.25 14.69 46.34
C VAL M 105 -32.59 13.55 47.29
N ASN M 106 -33.62 13.76 48.11
CA ASN M 106 -34.07 12.75 49.05
C ASN M 106 -35.13 11.86 48.40
N ASN M 107 -35.62 10.86 49.14
CA ASN M 107 -36.55 9.91 48.53
C ASN M 107 -37.83 10.59 48.08
N GLU M 108 -38.32 11.55 48.87
CA GLU M 108 -39.53 12.26 48.48
C GLU M 108 -39.38 12.93 47.13
N THR M 109 -38.27 13.65 46.96
CA THR M 109 -38.04 14.42 45.75
C THR M 109 -37.85 13.52 44.54
N LYS M 110 -37.13 12.40 44.71
CA LYS M 110 -36.91 11.51 43.58
C LYS M 110 -38.23 11.02 42.99
N GLN M 111 -39.20 10.74 43.86
CA GLN M 111 -40.47 10.19 43.39
C GLN M 111 -41.34 11.23 42.69
N LYS M 112 -41.07 12.51 42.88
CA LYS M 112 -41.77 13.54 42.15
C LYS M 112 -41.14 13.83 40.80
N LEU M 113 -40.12 13.07 40.42
CA LEU M 113 -39.37 13.34 39.20
C LEU M 113 -39.57 12.22 38.19
N ARG M 114 -40.01 12.59 36.99
CA ARG M 114 -40.13 11.64 35.90
C ARG M 114 -38.87 11.67 35.06
N ILE M 115 -38.49 10.50 34.55
CA ILE M 115 -37.42 10.37 33.56
C ILE M 115 -37.81 11.17 32.33
N GLY M 116 -37.09 12.25 32.07
CA GLY M 116 -37.37 13.11 30.93
C GLY M 116 -37.72 14.51 31.34
N ALA M 117 -37.87 14.74 32.63
CA ALA M 117 -38.27 16.04 33.16
C ALA M 117 -37.31 17.12 32.66
N PRO M 118 -37.80 18.24 32.16
CA PRO M 118 -36.90 19.28 31.66
C PRO M 118 -36.10 19.94 32.78
N ILE M 119 -34.86 20.31 32.47
CA ILE M 119 -33.98 20.98 33.41
C ILE M 119 -33.62 22.36 32.85
N PHE M 120 -33.76 23.38 33.69
CA PHE M 120 -33.65 24.76 33.25
C PHE M 120 -32.53 25.49 33.98
N ALA M 121 -31.84 26.35 33.24
CA ALA M 121 -30.93 27.33 33.83
C ALA M 121 -31.23 28.68 33.18
N GLY M 122 -31.67 29.64 33.98
CA GLY M 122 -32.16 30.89 33.43
C GLY M 122 -33.43 30.75 32.62
N LYS M 123 -34.37 29.92 33.07
CA LYS M 123 -35.63 29.65 32.39
C LYS M 123 -35.44 29.15 30.96
N LYS M 124 -34.24 28.72 30.60
CA LYS M 124 -33.97 28.10 29.32
C LYS M 124 -33.58 26.64 29.55
N LEU M 125 -34.06 25.76 28.70
CA LEU M 125 -33.76 24.34 28.86
C LEU M 125 -32.27 24.11 28.70
N VAL M 126 -31.68 23.37 29.64
CA VAL M 126 -30.27 23.00 29.55
C VAL M 126 -30.05 21.50 29.57
N SER M 127 -31.02 20.68 29.96
CA SER M 127 -30.81 19.25 30.07
C SER M 127 -32.16 18.59 30.35
N VAL M 128 -32.14 17.26 30.50
CA VAL M 128 -33.31 16.50 30.92
C VAL M 128 -32.87 15.47 31.95
N VAL M 129 -33.83 15.07 32.79
CA VAL M 129 -33.59 13.97 33.72
C VAL M 129 -33.42 12.68 32.94
N THR M 130 -32.32 11.98 33.18
CA THR M 130 -32.02 10.74 32.49
C THR M 130 -31.89 9.53 33.40
N ALA M 131 -31.48 9.71 34.66
CA ALA M 131 -31.19 8.58 35.52
C ALA M 131 -31.15 9.02 36.98
N PHE M 132 -31.25 8.04 37.88
CA PHE M 132 -31.13 8.24 39.33
C PHE M 132 -30.13 7.22 39.88
N HIS M 133 -29.23 7.68 40.73
CA HIS M 133 -28.26 6.79 41.40
C HIS M 133 -28.42 6.90 42.91
N ARG M 134 -28.59 5.75 43.56
CA ARG M 134 -28.80 5.72 45.01
C ARG M 134 -27.47 5.85 45.74
N VAL M 135 -27.36 6.88 46.57
CA VAL M 135 -26.21 7.04 47.45
C VAL M 135 -26.48 6.46 48.84
N GLY M 136 -27.73 6.32 49.23
CA GLY M 136 -28.09 5.67 50.47
C GLY M 136 -29.59 5.65 50.59
N GLU M 137 -30.08 5.34 51.79
CA GLU M 137 -31.49 5.61 52.05
C GLU M 137 -31.68 7.10 52.13
N ASN M 138 -32.68 7.60 51.40
CA ASN M 138 -33.07 9.01 51.39
C ASN M 138 -32.00 9.91 50.75
N GLU M 139 -31.20 9.39 49.81
CA GLU M 139 -30.22 10.23 49.14
C GLU M 139 -29.90 9.66 47.76
N TRP M 140 -30.14 10.46 46.73
CA TRP M 140 -29.97 10.07 45.33
C TRP M 140 -29.14 11.11 44.60
N LEU M 141 -28.34 10.65 43.63
CA LEU M 141 -27.66 11.55 42.70
C LEU M 141 -28.43 11.67 41.39
N LEU M 142 -28.61 12.91 40.95
CA LEU M 142 -29.37 13.23 39.75
C LEU M 142 -28.42 13.84 38.72
N PRO M 143 -27.93 13.06 37.75
CA PRO M 143 -27.02 13.61 36.75
C PRO M 143 -27.71 14.60 35.82
N VAL M 144 -26.98 15.63 35.45
CA VAL M 144 -27.44 16.63 34.50
C VAL M 144 -26.54 16.49 33.28
N THR M 145 -26.99 15.73 32.28
CA THR M 145 -26.16 15.42 31.12
C THR M 145 -26.11 16.59 30.15
N GLY M 146 -25.00 16.66 29.41
CA GLY M 146 -24.80 17.73 28.47
C GLY M 146 -23.33 17.81 28.10
N ILE M 147 -22.98 18.93 27.49
CA ILE M 147 -21.59 19.16 27.11
C ILE M 147 -20.72 19.19 28.37
N ARG M 148 -19.55 18.57 28.24
CA ARG M 148 -18.59 18.40 29.31
C ARG M 148 -18.34 19.72 30.05
N GLU M 149 -18.54 19.68 31.36
CA GLU M 149 -18.18 20.75 32.28
C GLU M 149 -16.65 20.91 32.24
N ALA M 150 -16.17 22.13 32.51
CA ALA M 150 -14.77 22.43 32.26
C ALA M 150 -13.83 21.48 33.00
N SER M 151 -14.23 21.04 34.20
CA SER M 151 -13.33 20.28 35.07
C SER M 151 -13.43 18.75 34.97
N GLN M 152 -14.40 18.17 34.27
CA GLN M 152 -14.52 16.71 34.23
C GLN M 152 -14.15 16.22 32.84
N LEU M 153 -14.55 15.01 32.51
CA LEU M 153 -14.21 14.42 31.22
C LEU M 153 -15.42 13.80 30.55
N SER M 154 -15.36 13.73 29.23
CA SER M 154 -16.34 13.02 28.42
C SER M 154 -15.60 12.35 27.28
N GLY M 155 -16.30 11.48 26.56
CA GLY M 155 -15.70 10.84 25.40
C GLY M 155 -16.64 9.81 24.81
N HIS M 156 -16.15 9.17 23.75
CA HIS M 156 -16.86 8.07 23.11
C HIS M 156 -15.84 7.09 22.54
N MET M 157 -16.30 5.88 22.26
CA MET M 157 -15.39 4.86 21.74
C MET M 157 -16.18 3.78 21.01
N LYS M 158 -15.66 3.31 19.88
CA LYS M 158 -16.31 2.25 19.12
C LYS M 158 -16.02 0.91 19.77
N VAL M 159 -17.07 0.17 20.12
CA VAL M 159 -16.94 -1.11 20.83
C VAL M 159 -17.66 -2.19 20.03
N LEU M 160 -16.90 -3.15 19.49
CA LEU M 160 -17.51 -4.20 18.68
C LEU M 160 -18.41 -5.12 19.50
N ASN M 161 -18.10 -5.34 20.77
CA ASN M 161 -18.84 -6.30 21.56
C ASN M 161 -19.47 -5.65 22.79
N GLY M 162 -19.91 -4.41 22.66
CA GLY M 162 -20.53 -3.77 23.79
C GLY M 162 -19.53 -3.41 24.89
N VAL M 163 -20.08 -3.10 26.05
CA VAL M 163 -19.34 -2.74 27.23
C VAL M 163 -19.70 -3.72 28.35
N ARG M 164 -18.71 -4.37 28.92
CA ARG M 164 -18.90 -5.26 30.05
C ARG M 164 -18.62 -4.48 31.33
N VAL M 165 -19.55 -4.53 32.29
CA VAL M 165 -19.39 -3.84 33.55
C VAL M 165 -19.09 -4.85 34.64
N GLU M 166 -18.05 -4.60 35.42
CA GLU M 166 -17.56 -5.51 36.44
C GLU M 166 -17.35 -4.78 37.75
N LYS M 167 -17.78 -5.39 38.84
CA LYS M 167 -17.54 -4.80 40.15
C LYS M 167 -16.06 -4.92 40.50
N TRP M 168 -15.46 -3.81 40.92
CA TRP M 168 -14.03 -3.75 41.20
C TRP M 168 -13.79 -4.24 42.63
N ARG M 169 -13.03 -5.34 42.76
CA ARG M 169 -12.85 -5.96 44.06
C ARG M 169 -11.82 -5.21 44.91
N PRO M 170 -12.01 -5.20 46.23
CA PRO M 170 -11.08 -4.46 47.10
C PRO M 170 -9.66 -4.99 47.00
N ASN M 171 -8.71 -4.07 47.12
CA ASN M 171 -7.27 -4.29 47.12
C ASN M 171 -6.74 -4.73 45.76
N MET M 172 -7.53 -4.59 44.71
CA MET M 172 -7.16 -5.09 43.39
C MET M 172 -6.66 -3.96 42.50
N SER M 173 -5.63 -4.25 41.72
CA SER M 173 -5.18 -3.46 40.58
C SER M 173 -5.84 -3.98 39.30
N VAL M 174 -5.76 -3.20 38.22
CA VAL M 174 -6.50 -3.51 37.00
C VAL M 174 -5.55 -3.56 35.80
N TYR M 175 -5.63 -4.64 35.03
CA TYR M 175 -5.04 -4.70 33.70
C TYR M 175 -5.98 -5.44 32.78
N GLY M 176 -6.35 -4.81 31.68
CA GLY M 176 -7.12 -5.50 30.66
C GLY M 176 -8.37 -6.13 31.20
N THR M 177 -8.43 -7.46 31.18
CA THR M 177 -9.59 -8.21 31.62
C THR M 177 -9.46 -8.79 33.04
N VAL M 178 -8.35 -8.56 33.75
CA VAL M 178 -8.16 -9.19 35.05
C VAL M 178 -7.95 -8.14 36.12
N GLN M 179 -8.29 -8.50 37.35
CA GLN M 179 -7.91 -7.72 38.52
C GLN M 179 -7.20 -8.62 39.52
N LEU M 180 -6.02 -8.17 39.95
CA LEU M 180 -5.10 -8.94 40.77
C LEU M 180 -4.37 -8.07 41.76
N PRO M 181 -3.67 -8.65 42.74
CA PRO M 181 -2.75 -7.85 43.56
C PRO M 181 -1.70 -7.23 42.65
N TYR M 182 -1.11 -6.12 43.11
CA TYR M 182 -0.22 -5.37 42.22
C TYR M 182 0.95 -6.21 41.72
N ASP M 183 1.61 -6.94 42.62
CA ASP M 183 2.78 -7.72 42.21
C ASP M 183 2.40 -8.75 41.17
N LYS M 184 1.24 -9.37 41.32
CA LYS M 184 0.78 -10.34 40.34
C LYS M 184 0.34 -9.66 39.05
N ILE M 185 -0.21 -8.46 39.14
CA ILE M 185 -0.63 -7.77 37.92
C ILE M 185 0.57 -7.22 37.19
N LYS M 186 1.60 -6.79 37.90
CA LYS M 186 2.83 -6.37 37.24
C LYS M 186 3.42 -7.53 36.43
N GLN M 187 3.41 -8.72 37.01
CA GLN M 187 3.88 -9.90 36.29
C GLN M 187 2.98 -10.21 35.11
N HIS M 188 1.67 -10.07 35.28
CA HIS M 188 0.72 -10.37 34.22
C HIS M 188 0.92 -9.47 33.02
N ALA M 189 1.08 -8.16 33.25
CA ALA M 189 1.24 -7.21 32.16
C ALA M 189 2.53 -7.46 31.38
N LEU M 190 3.64 -7.66 32.09
CA LEU M 190 4.93 -7.91 31.46
C LEU M 190 4.95 -9.24 30.72
N GLU M 191 3.99 -10.13 31.00
CA GLU M 191 3.85 -11.40 30.29
C GLU M 191 3.08 -11.26 28.99
N GLN M 192 2.20 -10.27 28.92
CA GLN M 192 1.20 -10.21 27.87
C GLN M 192 1.84 -10.03 26.51
N GLU M 193 1.31 -10.74 25.52
CA GLU M 193 1.76 -10.62 24.15
C GLU M 193 0.57 -10.35 23.23
N GLU M 201 -12.07 -8.97 21.12
CA GLU M 201 -12.11 -7.58 21.53
C GLU M 201 -13.15 -7.35 22.62
N SER M 202 -12.82 -6.47 23.57
CA SER M 202 -13.64 -6.24 24.74
C SER M 202 -13.50 -4.80 25.21
N CYS M 203 -14.52 -4.35 25.94
CA CYS M 203 -14.47 -3.11 26.68
C CYS M 203 -15.04 -3.42 28.06
N VAL M 204 -14.26 -3.15 29.11
CA VAL M 204 -14.67 -3.45 30.48
C VAL M 204 -14.66 -2.19 31.31
N LEU M 205 -15.71 -2.02 32.11
CA LEU M 205 -15.84 -0.89 33.03
C LEU M 205 -15.87 -1.45 34.44
N PHE M 206 -14.82 -1.20 35.22
CA PHE M 206 -14.78 -1.61 36.63
C PHE M 206 -15.17 -0.46 37.54
N TYR M 207 -15.98 -0.74 38.55
CA TYR M 207 -16.49 0.35 39.38
C TYR M 207 -16.45 0.02 40.86
N LYS M 208 -16.01 0.99 41.66
CA LYS M 208 -16.30 1.02 43.09
C LYS M 208 -16.86 2.39 43.45
N ASP M 209 -17.04 2.66 44.75
CA ASP M 209 -17.80 3.83 45.20
C ASP M 209 -17.23 5.13 44.63
N SER M 210 -15.91 5.22 44.57
CA SER M 210 -15.24 6.49 44.29
C SER M 210 -14.68 6.58 42.89
N GLU M 211 -14.42 5.46 42.24
CA GLU M 211 -13.58 5.43 41.05
C GLU M 211 -14.09 4.43 40.04
N ILE M 212 -13.83 4.74 38.77
CA ILE M 212 -14.22 3.92 37.62
C ILE M 212 -12.99 3.64 36.78
N ARG M 213 -12.90 2.43 36.24
CA ARG M 213 -11.83 2.03 35.35
C ARG M 213 -12.41 1.50 34.05
N ILE M 214 -11.89 1.97 32.93
CA ILE M 214 -12.28 1.48 31.62
C ILE M 214 -11.03 0.90 30.98
N THR M 215 -11.12 -0.35 30.51
CA THR M 215 -10.08 -0.95 29.70
C THR M 215 -10.65 -1.29 28.33
N TYR M 216 -9.83 -1.11 27.30
CA TYR M 216 -10.14 -1.50 25.94
C TYR M 216 -9.12 -2.56 25.55
N ASN M 217 -9.59 -3.75 25.20
CA ASN M 217 -8.70 -4.90 25.09
C ASN M 217 -8.93 -5.66 23.79
N LYS M 218 -7.88 -6.33 23.35
CA LYS M 218 -7.94 -7.31 22.26
C LYS M 218 -7.53 -8.66 22.84
N GLY M 219 -8.51 -9.53 23.05
CA GLY M 219 -8.24 -10.71 23.86
C GLY M 219 -7.89 -10.26 25.27
N ASP M 220 -6.79 -10.79 25.79
CA ASP M 220 -6.28 -10.44 27.11
C ASP M 220 -5.34 -9.25 27.09
N TYR M 221 -5.03 -8.74 25.90
CA TYR M 221 -4.07 -7.67 25.75
C TYR M 221 -4.76 -6.33 25.94
N GLU M 222 -4.28 -5.54 26.89
CA GLU M 222 -4.84 -4.25 27.22
C GLU M 222 -4.28 -3.20 26.27
N ILE M 223 -5.17 -2.52 25.55
CA ILE M 223 -4.80 -1.46 24.63
C ILE M 223 -4.94 -0.11 25.33
N MET M 224 -5.91 0.01 26.22
CA MET M 224 -6.17 1.28 26.88
C MET M 224 -6.69 1.04 28.29
N HIS M 225 -6.33 1.94 29.20
CA HIS M 225 -6.79 1.88 30.57
C HIS M 225 -7.04 3.31 31.03
N LEU M 226 -8.26 3.62 31.45
CA LEU M 226 -8.62 4.97 31.85
C LEU M 226 -9.10 4.93 33.30
N ARG M 227 -8.59 5.85 34.11
CA ARG M 227 -9.02 5.99 35.50
C ARG M 227 -9.73 7.32 35.69
N MET M 228 -10.94 7.27 36.25
CA MET M 228 -11.76 8.47 36.31
C MET M 228 -12.67 8.34 37.53
N PRO M 229 -13.27 9.46 37.96
CA PRO M 229 -14.07 9.42 39.19
C PRO M 229 -15.36 8.62 39.07
N GLY M 230 -15.81 8.15 40.22
CA GLY M 230 -17.13 7.56 40.32
C GLY M 230 -18.09 8.51 41.01
N PRO M 231 -19.27 7.99 41.39
CA PRO M 231 -19.67 6.61 41.15
C PRO M 231 -20.33 6.40 39.80
N LEU M 232 -20.57 5.14 39.49
CA LEU M 232 -21.27 4.70 38.29
C LEU M 232 -22.75 4.51 38.60
N ILE M 233 -23.60 4.76 37.61
CA ILE M 233 -25.04 4.50 37.76
C ILE M 233 -25.34 3.11 37.22
N SER N 1 26.11 11.15 49.32
CA SER N 1 24.78 11.68 49.07
C SER N 1 24.27 12.47 50.27
N MET N 2 23.21 13.23 50.07
CA MET N 2 22.64 14.04 51.13
C MET N 2 21.33 13.44 51.62
N GLU N 3 20.97 13.80 52.85
CA GLU N 3 19.79 13.28 53.52
C GLU N 3 18.80 14.41 53.76
N LEU N 4 17.53 14.17 53.45
CA LEU N 4 16.48 15.14 53.74
C LEU N 4 15.18 14.40 54.02
N TYR N 5 14.62 14.57 55.21
CA TYR N 5 13.39 13.89 55.60
C TYR N 5 13.63 12.39 55.44
N ASN N 6 12.83 11.67 54.64
CA ASN N 6 12.93 10.22 54.55
C ASN N 6 13.68 9.76 53.30
N ILE N 7 14.51 10.62 52.71
CA ILE N 7 15.19 10.28 51.47
C ILE N 7 16.68 10.59 51.55
N LYS N 8 17.43 10.00 50.63
CA LYS N 8 18.81 10.36 50.30
C LYS N 8 18.86 10.63 48.81
N TYR N 9 19.58 11.68 48.42
CA TYR N 9 19.57 12.08 47.02
C TYR N 9 20.96 12.54 46.61
N ALA N 10 21.14 12.69 45.30
CA ALA N 10 22.37 13.19 44.71
C ALA N 10 22.00 14.08 43.53
N ILE N 11 23.00 14.53 42.79
CA ILE N 11 22.81 15.46 41.70
C ILE N 11 23.48 14.94 40.45
N ASP N 12 22.77 15.03 39.33
CA ASP N 12 23.20 14.55 38.04
C ASP N 12 24.23 15.49 37.44
N PRO N 13 24.97 15.05 36.42
CA PRO N 13 25.77 15.98 35.63
C PRO N 13 24.90 16.99 34.89
N THR N 14 23.61 16.73 34.78
CA THR N 14 22.67 17.65 34.18
C THR N 14 21.95 18.51 35.21
N ASN N 15 22.45 18.53 36.44
CA ASN N 15 21.89 19.32 37.54
C ASN N 15 20.48 18.88 37.92
N LYS N 16 20.22 17.58 37.82
CA LYS N 16 18.95 17.00 38.19
C LYS N 16 19.14 16.23 39.47
N ILE N 17 18.15 16.27 40.34
CA ILE N 17 18.23 15.52 41.60
C ILE N 17 17.99 14.05 41.32
N VAL N 18 18.82 13.20 41.90
CA VAL N 18 18.72 11.74 41.81
C VAL N 18 18.33 11.21 43.17
N ILE N 19 17.15 10.61 43.27
CA ILE N 19 16.74 10.00 44.54
C ILE N 19 17.45 8.66 44.64
N GLU N 20 18.33 8.53 45.64
CA GLU N 20 19.09 7.30 45.83
C GLU N 20 18.42 6.33 46.81
N GLN N 21 17.76 6.84 47.85
CA GLN N 21 17.04 6.02 48.81
C GLN N 21 15.80 6.76 49.31
N VAL N 22 14.76 5.99 49.62
CA VAL N 22 13.55 6.46 50.29
C VAL N 22 13.23 5.49 51.41
N ASP N 23 13.15 5.99 52.64
CA ASP N 23 12.91 5.17 53.83
C ASP N 23 13.96 4.08 54.00
N ASN N 24 15.23 4.41 53.78
CA ASN N 24 16.35 3.50 53.98
C ASN N 24 16.29 2.27 53.08
N VAL N 25 15.60 2.40 51.95
CA VAL N 25 15.51 1.37 50.92
C VAL N 25 16.03 1.98 49.61
N ASP N 26 16.88 1.24 48.91
CA ASP N 26 17.45 1.73 47.66
C ASP N 26 16.36 2.05 46.64
N ALA N 27 16.49 3.20 45.97
CA ALA N 27 15.42 3.74 45.13
C ALA N 27 15.90 4.03 43.72
N PHE N 28 14.93 4.04 42.80
CA PHE N 28 15.14 4.46 41.42
C PHE N 28 14.03 5.41 41.03
N VAL N 29 14.40 6.64 40.67
CA VAL N 29 13.45 7.67 40.23
C VAL N 29 14.02 8.36 39.00
N HIS N 30 13.39 8.16 37.84
CA HIS N 30 13.87 8.63 36.55
C HIS N 30 12.86 9.61 35.95
N ILE N 31 13.26 10.87 35.80
CA ILE N 31 12.37 11.94 35.35
C ILE N 31 12.46 12.07 33.84
N LEU N 32 11.29 12.13 33.20
CA LEU N 32 11.16 12.29 31.75
C LEU N 32 10.66 13.69 31.43
N GLU N 33 11.14 14.25 30.31
CA GLU N 33 10.72 15.57 29.88
C GLU N 33 9.28 15.53 29.37
N PRO N 34 8.59 16.68 29.34
CA PRO N 34 7.21 16.69 28.86
C PRO N 34 7.09 16.12 27.45
N GLY N 35 6.24 15.11 27.32
CA GLY N 35 6.02 14.44 26.05
C GLY N 35 7.16 13.59 25.53
N GLN N 36 8.19 13.34 26.34
CA GLN N 36 9.34 12.60 25.86
C GLN N 36 8.96 11.16 25.62
N GLU N 37 9.49 10.58 24.54
CA GLU N 37 9.35 9.16 24.25
C GLU N 37 10.71 8.49 24.44
N VAL N 38 10.70 7.40 25.21
CA VAL N 38 11.89 6.62 25.51
C VAL N 38 11.56 5.16 25.33
N PHE N 39 12.58 4.37 25.05
CA PHE N 39 12.46 2.91 25.03
C PHE N 39 13.58 2.30 25.86
N ASP N 40 13.21 1.56 26.90
CA ASP N 40 14.14 0.86 27.78
C ASP N 40 13.30 -0.16 28.54
N GLU N 41 13.47 -1.43 28.22
CA GLU N 41 12.62 -2.45 28.83
C GLU N 41 12.79 -2.55 30.34
N THR N 42 13.95 -2.13 30.87
CA THR N 42 14.20 -2.17 32.30
C THR N 42 13.27 -1.20 33.05
N LEU N 43 12.71 -0.21 32.37
CA LEU N 43 11.82 0.72 33.03
C LEU N 43 10.44 0.14 33.30
N SER N 44 10.06 -0.94 32.61
CA SER N 44 8.69 -1.44 32.73
C SER N 44 8.41 -2.08 34.07
N GLN N 45 9.44 -2.47 34.82
CA GLN N 45 9.25 -3.07 36.14
C GLN N 45 8.86 -2.06 37.19
N TYR N 46 9.05 -0.78 36.94
CA TYR N 46 8.82 0.26 37.92
C TYR N 46 7.44 0.89 37.74
N HIS N 47 7.05 1.70 38.72
CA HIS N 47 5.83 2.48 38.62
C HIS N 47 6.01 3.58 37.61
N GLN N 48 4.92 3.99 36.97
CA GLN N 48 4.97 5.12 36.05
C GLN N 48 3.82 6.07 36.31
N PHE N 49 4.18 7.33 36.48
CA PHE N 49 3.24 8.43 36.55
C PHE N 49 3.70 9.45 35.52
N PRO N 50 2.82 10.33 35.05
CA PRO N 50 3.21 11.27 33.98
C PRO N 50 4.48 12.02 34.35
N GLY N 51 5.55 11.84 33.57
CA GLY N 51 6.78 12.55 33.82
C GLY N 51 7.80 11.83 34.70
N VAL N 52 7.54 10.60 35.12
CA VAL N 52 8.47 9.90 36.00
C VAL N 52 8.28 8.41 35.84
N VAL N 53 9.39 7.68 35.88
CA VAL N 53 9.41 6.24 36.12
C VAL N 53 10.01 6.08 37.51
N SER N 54 9.30 5.43 38.42
CA SER N 54 9.72 5.46 39.81
C SER N 54 9.59 4.09 40.46
N SER N 55 10.55 3.74 41.31
CA SER N 55 10.45 2.52 42.12
C SER N 55 9.59 2.72 43.35
N ILE N 56 9.17 3.94 43.64
CA ILE N 56 8.42 4.27 44.83
C ILE N 56 7.09 4.89 44.42
N ILE N 57 6.05 4.58 45.21
CA ILE N 57 4.72 5.11 44.95
C ILE N 57 4.67 6.59 45.32
N PHE N 58 4.26 7.41 44.37
CA PHE N 58 3.94 8.80 44.65
C PHE N 58 2.46 8.83 45.00
N PRO N 59 2.08 9.10 46.24
CA PRO N 59 0.71 8.81 46.67
C PRO N 59 -0.28 9.86 46.21
N GLN N 60 -1.55 9.49 46.31
CA GLN N 60 -2.63 10.40 45.97
C GLN N 60 -2.64 11.60 46.89
N LEU N 61 -2.74 12.77 46.29
CA LEU N 61 -2.84 14.02 47.02
C LEU N 61 -4.26 14.54 46.91
N VAL N 62 -4.51 15.66 47.57
CA VAL N 62 -5.79 16.35 47.53
C VAL N 62 -5.52 17.76 47.00
N LEU N 63 -6.41 18.23 46.15
CA LEU N 63 -6.30 19.60 45.67
C LEU N 63 -6.48 20.56 46.84
N ASN N 64 -5.72 21.66 46.81
CA ASN N 64 -5.69 22.73 47.81
C ASN N 64 -4.96 22.34 49.10
N THR N 65 -4.21 21.25 49.11
CA THR N 65 -3.33 20.96 50.23
C THR N 65 -1.97 21.63 50.02
N ILE N 66 -1.15 21.60 51.06
CA ILE N 66 0.13 22.28 51.06
C ILE N 66 1.23 21.23 50.93
N ILE N 67 2.18 21.49 50.03
CA ILE N 67 3.34 20.64 49.84
C ILE N 67 4.59 21.50 50.03
N SER N 68 5.74 20.84 50.16
CA SER N 68 7.04 21.48 50.27
C SER N 68 7.97 20.95 49.19
N VAL N 69 8.73 21.84 48.57
CA VAL N 69 9.68 21.49 47.52
C VAL N 69 11.07 21.95 47.94
N LEU N 70 12.06 21.09 47.74
CA LEU N 70 13.44 21.42 48.07
C LEU N 70 14.01 22.41 47.07
N SER N 71 14.50 23.54 47.57
CA SER N 71 15.12 24.58 46.76
C SER N 71 16.64 24.38 46.70
N GLU N 72 17.25 24.85 45.61
CA GLU N 72 18.70 24.83 45.50
C GLU N 72 19.38 25.63 46.60
N ASP N 73 18.61 26.46 47.31
CA ASP N 73 19.11 27.15 48.49
C ASP N 73 19.39 26.20 49.65
N GLY N 74 18.87 24.98 49.60
CA GLY N 74 18.87 24.09 50.74
C GLY N 74 17.62 24.19 51.59
N SER N 75 16.81 25.23 51.38
CA SER N 75 15.56 25.45 52.09
C SER N 75 14.41 24.71 51.41
N LEU N 76 13.30 24.60 52.14
CA LEU N 76 12.06 24.00 51.65
C LEU N 76 11.05 25.09 51.38
N LEU N 77 10.47 25.08 50.19
CA LEU N 77 9.44 26.05 49.82
C LEU N 77 8.08 25.40 49.89
N THR N 78 7.16 26.02 50.63
CA THR N 78 5.82 25.48 50.83
C THR N 78 4.88 26.05 49.78
N LEU N 79 4.11 25.18 49.14
CA LEU N 79 3.26 25.56 48.04
C LEU N 79 1.89 24.92 48.20
N LYS N 80 0.87 25.58 47.66
CA LYS N 80 -0.50 25.09 47.67
C LYS N 80 -0.86 24.55 46.29
N LEU N 81 -1.47 23.37 46.26
CA LEU N 81 -1.89 22.73 45.00
C LEU N 81 -3.26 23.28 44.59
N GLU N 82 -3.23 24.42 43.90
CA GLU N 82 -4.47 25.10 43.56
C GLU N 82 -4.94 24.84 42.15
N ASN N 83 -4.07 24.36 41.29
CA ASN N 83 -4.38 24.19 39.88
C ASN N 83 -4.20 22.74 39.46
N THR N 84 -4.41 22.50 38.17
CA THR N 84 -4.18 21.22 37.55
C THR N 84 -3.45 21.47 36.24
N CYS N 85 -2.83 20.42 35.73
CA CYS N 85 -2.09 20.54 34.48
C CYS N 85 -1.98 19.15 33.89
N PHE N 86 -2.00 19.09 32.56
CA PHE N 86 -1.91 17.83 31.84
C PHE N 86 -0.47 17.63 31.39
N ASN N 87 0.10 16.47 31.70
CA ASN N 87 1.41 16.10 31.21
C ASN N 87 1.36 14.64 30.79
N PHE N 88 2.37 14.23 30.02
CA PHE N 88 2.43 12.85 29.55
C PHE N 88 3.87 12.50 29.18
N HIS N 89 4.07 11.20 28.94
CA HIS N 89 5.27 10.69 28.31
C HIS N 89 4.88 9.41 27.59
N VAL N 90 5.82 8.87 26.81
CA VAL N 90 5.67 7.55 26.19
C VAL N 90 6.87 6.71 26.57
N CYS N 91 6.63 5.60 27.26
CA CYS N 91 7.70 4.72 27.71
C CYS N 91 7.38 3.30 27.25
N ASN N 92 8.27 2.73 26.45
CA ASN N 92 8.09 1.40 25.86
C ASN N 92 6.78 1.31 25.10
N LYS N 93 6.59 2.28 24.21
CA LYS N 93 5.39 2.43 23.39
C LYS N 93 4.12 2.48 24.24
N ARG N 94 4.23 2.95 25.47
CA ARG N 94 3.06 3.15 26.32
C ARG N 94 2.92 4.62 26.67
N PHE N 95 1.85 5.21 26.14
CA PHE N 95 1.46 6.60 26.33
C PHE N 95 0.87 6.75 27.73
N VAL N 96 1.61 7.40 28.65
CA VAL N 96 1.23 7.53 30.05
C VAL N 96 0.89 8.99 30.34
N PHE N 97 -0.34 9.26 30.81
CA PHE N 97 -0.82 10.63 30.82
C PHE N 97 -1.75 10.87 32.01
N GLY N 98 -2.07 12.13 32.21
CA GLY N 98 -3.06 12.51 33.20
C GLY N 98 -2.96 13.98 33.55
N ASN N 99 -4.02 14.46 34.19
CA ASN N 99 -4.06 15.79 34.76
C ASN N 99 -3.61 15.71 36.22
N LEU N 100 -2.62 16.49 36.56
CA LEU N 100 -1.90 16.44 37.81
C LEU N 100 -2.20 17.69 38.65
N PRO N 101 -2.24 17.58 39.97
CA PRO N 101 -2.32 18.79 40.79
C PRO N 101 -1.08 19.64 40.57
N ALA N 102 -1.26 20.95 40.63
CA ALA N 102 -0.17 21.85 40.31
C ALA N 102 -0.20 23.06 41.24
N ALA N 103 0.98 23.54 41.57
CA ALA N 103 1.15 24.80 42.27
C ALA N 103 1.54 25.87 41.26
N VAL N 104 1.57 27.12 41.72
CA VAL N 104 1.93 28.25 40.87
C VAL N 104 3.11 28.97 41.51
N VAL N 105 4.14 29.24 40.71
CA VAL N 105 5.35 29.90 41.17
C VAL N 105 5.70 30.99 40.17
N ASN N 106 6.45 31.99 40.65
CA ASN N 106 6.89 33.08 39.79
C ASN N 106 8.21 32.71 39.12
N ASN N 107 8.72 33.59 38.27
CA ASN N 107 9.92 33.27 37.52
C ASN N 107 11.13 33.09 38.45
N GLU N 108 11.24 33.93 39.47
CA GLU N 108 12.35 33.82 40.41
C GLU N 108 12.39 32.45 41.07
N THR N 109 11.24 31.95 41.50
CA THR N 109 11.17 30.67 42.17
C THR N 109 11.49 29.50 41.22
N LYS N 110 10.98 29.56 39.99
CA LYS N 110 11.17 28.48 39.03
C LYS N 110 12.65 28.20 38.79
N GLN N 111 13.47 29.25 38.79
CA GLN N 111 14.89 29.08 38.53
C GLN N 111 15.63 28.46 39.70
N LYS N 112 15.08 28.50 40.92
CA LYS N 112 15.70 27.85 42.05
C LYS N 112 15.30 26.39 42.21
N LEU N 113 14.53 25.84 41.29
CA LEU N 113 14.04 24.48 41.43
C LEU N 113 14.69 23.60 40.37
N ARG N 114 15.29 22.50 40.81
CA ARG N 114 15.90 21.56 39.90
C ARG N 114 14.88 20.55 39.42
N ILE N 115 15.05 20.11 38.19
CA ILE N 115 14.28 18.99 37.66
C ILE N 115 14.65 17.79 38.53
N GLY N 116 13.71 17.33 39.34
CA GLY N 116 13.96 16.17 40.19
C GLY N 116 13.89 16.48 41.66
N ALA N 117 13.72 17.75 42.02
CA ALA N 117 13.70 18.18 43.40
C ALA N 117 12.64 17.42 44.18
N PRO N 118 12.95 16.88 45.36
CA PRO N 118 11.96 16.12 46.09
C PRO N 118 10.80 17.01 46.56
N ILE N 119 9.60 16.44 46.54
CA ILE N 119 8.39 17.11 46.98
C ILE N 119 7.81 16.33 48.15
N PHE N 120 7.49 17.03 49.23
CA PHE N 120 7.13 16.45 50.51
C PHE N 120 5.72 16.88 50.90
N ALA N 121 5.01 15.99 51.55
CA ALA N 121 3.74 16.30 52.19
C ALA N 121 3.88 15.82 53.63
N GLY N 122 3.76 16.75 54.57
CA GLY N 122 4.24 16.48 55.91
C GLY N 122 5.75 16.44 55.81
N LYS N 123 6.37 15.33 56.21
CA LYS N 123 7.81 15.19 56.14
C LYS N 123 8.20 13.94 55.38
N LYS N 124 7.32 13.51 54.48
CA LYS N 124 7.49 12.30 53.68
C LYS N 124 7.45 12.67 52.20
N LEU N 125 8.30 12.02 51.42
CA LEU N 125 8.36 12.25 49.99
C LEU N 125 7.05 11.78 49.33
N VAL N 126 6.46 12.66 48.52
CA VAL N 126 5.24 12.33 47.79
C VAL N 126 5.38 12.50 46.29
N SER N 127 6.44 13.14 45.80
CA SER N 127 6.59 13.43 44.38
C SER N 127 7.99 14.00 44.14
N VAL N 128 8.26 14.31 42.87
CA VAL N 128 9.46 15.04 42.47
C VAL N 128 9.06 16.06 41.42
N VAL N 129 9.88 17.10 41.30
CA VAL N 129 9.69 18.11 40.27
C VAL N 129 9.96 17.47 38.91
N THR N 130 9.00 17.60 37.99
CA THR N 130 9.13 17.00 36.66
C THR N 130 9.11 18.01 35.53
N ALA N 131 8.40 19.11 35.66
CA ALA N 131 8.22 20.02 34.54
C ALA N 131 7.75 21.38 35.04
N PHE N 132 7.86 22.37 34.15
CA PHE N 132 7.36 23.72 34.36
C PHE N 132 6.56 24.13 33.14
N HIS N 133 5.38 24.71 33.35
CA HIS N 133 4.55 25.23 32.27
C HIS N 133 4.26 26.71 32.53
N ARG N 134 4.66 27.57 31.61
CA ARG N 134 4.46 29.01 31.79
C ARG N 134 3.00 29.41 31.71
N TRP N 140 4.42 30.45 36.40
CA TRP N 140 4.66 29.07 35.99
C TRP N 140 3.79 28.10 36.78
N LEU N 141 3.35 27.03 36.12
CA LEU N 141 2.66 25.93 36.78
C LEU N 141 3.66 24.82 37.09
N LEU N 142 3.58 24.27 38.29
CA LEU N 142 4.49 23.20 38.73
C LEU N 142 3.66 21.94 39.00
N PRO N 143 3.56 21.01 38.06
CA PRO N 143 2.78 19.79 38.30
C PRO N 143 3.43 18.89 39.35
N VAL N 144 2.59 18.27 40.17
CA VAL N 144 3.03 17.31 41.19
C VAL N 144 2.49 15.95 40.76
N THR N 145 3.34 15.15 40.09
CA THR N 145 2.88 13.90 39.53
C THR N 145 2.77 12.81 40.60
N GLY N 146 1.90 11.85 40.36
CA GLY N 146 1.66 10.80 41.31
C GLY N 146 0.34 10.14 40.97
N ILE N 147 -0.16 9.37 41.95
CA ILE N 147 -1.45 8.71 41.77
C ILE N 147 -2.55 9.73 41.54
N ARG N 148 -3.43 9.44 40.59
CA ARG N 148 -4.50 10.34 40.18
C ARG N 148 -5.25 10.93 41.35
N GLU N 149 -5.32 12.26 41.41
CA GLU N 149 -6.17 12.91 42.40
C GLU N 149 -7.61 12.56 42.10
N ALA N 150 -8.41 12.43 43.16
CA ALA N 150 -9.73 11.81 43.08
C ALA N 150 -10.62 12.44 42.01
N SER N 151 -10.48 13.74 41.76
CA SER N 151 -11.34 14.47 40.81
C SER N 151 -10.75 14.53 39.40
N GLN N 152 -9.57 13.99 39.18
CA GLN N 152 -8.83 14.16 37.95
C GLN N 152 -8.88 12.89 37.09
N LEU N 153 -8.02 12.83 36.08
CA LEU N 153 -7.93 11.71 35.17
C LEU N 153 -6.49 11.21 35.10
N SER N 154 -6.34 9.90 34.94
CA SER N 154 -5.05 9.32 34.60
C SER N 154 -5.31 8.13 33.69
N GLY N 155 -4.28 7.68 33.01
CA GLY N 155 -4.45 6.51 32.18
C GLY N 155 -3.21 6.23 31.37
N HIS N 156 -3.30 5.16 30.61
CA HIS N 156 -2.26 4.80 29.66
C HIS N 156 -2.90 4.07 28.49
N MET N 157 -2.17 4.01 27.39
CA MET N 157 -2.62 3.22 26.25
C MET N 157 -1.43 2.91 25.35
N LYS N 158 -1.47 1.75 24.73
CA LYS N 158 -0.40 1.29 23.85
C LYS N 158 -0.46 2.03 22.50
N VAL N 159 0.64 2.67 22.13
CA VAL N 159 0.72 3.48 20.90
C VAL N 159 1.84 2.94 20.01
N LEU N 160 1.46 2.35 18.88
CA LEU N 160 2.44 1.76 17.97
C LEU N 160 3.31 2.82 17.30
N ASN N 161 2.76 4.00 17.04
CA ASN N 161 3.49 5.03 16.31
C ASN N 161 3.68 6.27 17.17
N GLY N 162 3.82 6.07 18.47
CA GLY N 162 4.00 7.19 19.34
C GLY N 162 2.73 8.01 19.42
N VAL N 163 2.88 9.21 19.94
CA VAL N 163 1.80 10.18 20.07
C VAL N 163 2.19 11.41 19.27
N ARG N 164 1.22 11.99 18.58
CA ARG N 164 1.43 13.23 17.85
C ARG N 164 0.64 14.34 18.51
N VAL N 165 1.26 15.51 18.63
CA VAL N 165 0.66 16.67 19.29
C VAL N 165 0.32 17.71 18.24
N GLU N 166 -0.91 18.20 18.26
CA GLU N 166 -1.41 19.15 17.28
C GLU N 166 -2.07 20.32 17.99
N LYS N 167 -1.73 21.54 17.57
CA LYS N 167 -2.45 22.71 18.05
C LYS N 167 -3.89 22.63 17.57
N TRP N 168 -4.82 22.89 18.48
CA TRP N 168 -6.24 22.80 18.20
C TRP N 168 -6.73 24.21 17.83
N ARG N 169 -7.13 24.39 16.58
CA ARG N 169 -7.48 25.69 16.03
C ARG N 169 -8.92 26.07 16.40
N PRO N 170 -9.17 27.35 16.71
CA PRO N 170 -10.45 27.73 17.31
C PRO N 170 -11.64 27.41 16.41
N ASN N 171 -12.79 27.22 17.05
CA ASN N 171 -14.07 26.89 16.43
C ASN N 171 -14.08 25.53 15.74
N MET N 172 -13.09 24.67 15.98
CA MET N 172 -12.97 23.39 15.30
C MET N 172 -13.52 22.27 16.17
N SER N 173 -14.26 21.36 15.53
CA SER N 173 -14.60 20.07 16.11
C SER N 173 -13.55 19.05 15.69
N VAL N 174 -13.56 17.90 16.35
CA VAL N 174 -12.51 16.90 16.20
C VAL N 174 -13.12 15.56 15.85
N TYR N 175 -12.58 14.92 14.82
CA TYR N 175 -12.83 13.50 14.61
C TYR N 175 -11.54 12.88 14.13
N GLY N 176 -11.10 11.85 14.84
CA GLY N 176 -9.96 11.07 14.42
C GLY N 176 -8.71 11.87 14.19
N THR N 177 -8.25 11.94 12.94
CA THR N 177 -7.01 12.62 12.60
C THR N 177 -7.20 14.05 12.12
N VAL N 178 -8.44 14.54 12.04
CA VAL N 178 -8.71 15.85 11.48
C VAL N 178 -9.50 16.70 12.48
N GLN N 179 -9.37 18.01 12.33
CA GLN N 179 -10.21 18.98 13.02
C GLN N 179 -10.88 19.85 11.98
N LEU N 180 -12.21 19.93 12.04
CA LEU N 180 -13.01 20.58 11.01
C LEU N 180 -14.21 21.25 11.67
N PRO N 181 -14.91 22.10 10.95
CA PRO N 181 -16.19 22.61 11.46
C PRO N 181 -17.16 21.48 11.76
N TYR N 182 -18.13 21.76 12.64
CA TYR N 182 -19.05 20.71 13.07
C TYR N 182 -19.80 20.12 11.89
N ASP N 183 -20.24 20.96 10.94
CA ASP N 183 -20.97 20.44 9.80
C ASP N 183 -20.11 19.46 9.01
N LYS N 184 -18.86 19.83 8.73
CA LYS N 184 -17.95 18.92 8.04
C LYS N 184 -17.64 17.69 8.87
N ILE N 185 -17.60 17.81 10.20
CA ILE N 185 -17.16 16.72 11.07
C ILE N 185 -18.21 15.64 11.18
N LYS N 186 -19.47 16.03 11.36
CA LYS N 186 -20.56 15.05 11.41
C LYS N 186 -20.66 14.28 10.11
N GLN N 187 -20.50 14.98 8.98
CA GLN N 187 -20.52 14.32 7.68
C GLN N 187 -19.35 13.36 7.53
N HIS N 188 -18.18 13.79 7.98
CA HIS N 188 -16.97 12.99 7.83
C HIS N 188 -17.07 11.70 8.62
N ALA N 189 -17.60 11.78 9.84
CA ALA N 189 -17.70 10.59 10.70
C ALA N 189 -18.60 9.53 10.08
N LEU N 190 -19.78 9.94 9.61
CA LEU N 190 -20.72 9.00 9.01
C LEU N 190 -20.19 8.41 7.71
N GLU N 191 -19.15 9.02 7.15
CA GLU N 191 -18.47 8.52 5.96
C GLU N 191 -17.42 7.48 6.30
N GLN N 192 -16.90 7.48 7.52
CA GLN N 192 -15.73 6.70 7.85
C GLN N 192 -16.05 5.22 7.99
N GLU N 193 -15.11 4.39 7.54
CA GLU N 193 -15.19 2.95 7.72
C GLU N 193 -13.79 2.44 8.05
N ASN N 194 -13.75 1.24 8.61
CA ASN N 194 -12.47 0.64 8.98
C ASN N 194 -12.20 -0.63 8.19
N ALA N 199 -6.03 0.99 8.50
CA ALA N 199 -4.66 0.96 8.05
C ALA N 199 -3.69 1.28 9.19
N LEU N 200 -3.08 2.46 9.13
CA LEU N 200 -1.98 2.82 10.01
C LEU N 200 -2.48 3.40 11.32
N GLU N 201 -2.02 2.81 12.43
CA GLU N 201 -2.45 3.22 13.75
C GLU N 201 -1.92 4.60 14.10
N SER N 202 -2.70 5.33 14.90
CA SER N 202 -2.35 6.70 15.24
C SER N 202 -2.88 7.07 16.62
N CYS N 203 -2.18 8.00 17.27
CA CYS N 203 -2.67 8.66 18.47
C CYS N 203 -2.37 10.14 18.30
N VAL N 204 -3.40 10.98 18.41
CA VAL N 204 -3.27 12.42 18.24
C VAL N 204 -3.77 13.13 19.50
N LEU N 205 -3.03 14.13 19.93
CA LEU N 205 -3.39 14.99 21.05
C LEU N 205 -3.56 16.39 20.50
N PHE N 206 -4.81 16.89 20.49
CA PHE N 206 -5.08 18.27 20.12
C PHE N 206 -5.21 19.09 21.39
N TYR N 207 -4.58 20.26 21.40
CA TYR N 207 -4.57 21.05 22.62
C TYR N 207 -4.92 22.50 22.35
N LYS N 208 -5.77 23.04 23.22
CA LYS N 208 -6.00 24.46 23.40
C LYS N 208 -5.74 24.76 24.87
N ASP N 209 -5.75 26.05 25.19
CA ASP N 209 -5.41 26.46 26.56
C ASP N 209 -6.27 25.74 27.59
N SER N 210 -7.57 25.66 27.34
CA SER N 210 -8.52 25.16 28.31
C SER N 210 -8.81 23.67 28.18
N GLU N 211 -8.60 23.07 27.01
CA GLU N 211 -9.12 21.73 26.74
C GLU N 211 -8.13 20.93 25.90
N ILE N 212 -8.17 19.62 26.10
CA ILE N 212 -7.29 18.67 25.43
C ILE N 212 -8.19 17.64 24.76
N ARG N 213 -7.79 17.17 23.57
CA ARG N 213 -8.49 16.08 22.89
C ARG N 213 -7.49 14.99 22.56
N ILE N 214 -7.82 13.75 22.91
CA ILE N 214 -7.02 12.59 22.54
C ILE N 214 -7.87 11.69 21.67
N THR N 215 -7.37 11.35 20.49
CA THR N 215 -8.02 10.39 19.62
C THR N 215 -7.09 9.21 19.37
N TYR N 216 -7.66 8.01 19.29
CA TYR N 216 -6.95 6.80 18.93
C TYR N 216 -7.56 6.26 17.63
N ASN N 217 -6.72 6.12 16.59
CA ASN N 217 -7.18 5.93 15.22
C ASN N 217 -6.54 4.73 14.56
N LYS N 218 -7.29 4.09 13.66
CA LYS N 218 -6.74 3.12 12.72
C LYS N 218 -6.94 3.71 11.32
N GLY N 219 -5.87 4.24 10.75
CA GLY N 219 -6.01 4.99 9.53
C GLY N 219 -6.78 6.27 9.81
N ASP N 220 -7.81 6.53 9.01
CA ASP N 220 -8.67 7.68 9.19
C ASP N 220 -9.85 7.41 10.11
N TYR N 221 -10.03 6.16 10.54
CA TYR N 221 -11.19 5.75 11.33
C TYR N 221 -10.91 5.97 12.80
N GLU N 222 -11.76 6.73 13.47
CA GLU N 222 -11.58 7.06 14.88
C GLU N 222 -12.13 5.93 15.74
N ILE N 223 -11.29 5.38 16.61
CA ILE N 223 -11.71 4.33 17.53
C ILE N 223 -12.07 4.90 18.89
N MET N 224 -11.39 5.95 19.34
CA MET N 224 -11.70 6.51 20.63
C MET N 224 -11.41 8.01 20.61
N HIS N 225 -12.21 8.77 21.35
CA HIS N 225 -12.07 10.23 21.43
C HIS N 225 -12.31 10.65 22.87
N LEU N 226 -11.34 11.33 23.48
CA LEU N 226 -11.43 11.72 24.87
C LEU N 226 -11.26 13.23 25.00
N ARG N 227 -12.14 13.85 25.80
CA ARG N 227 -12.12 15.28 26.08
C ARG N 227 -11.78 15.49 27.54
N MET N 228 -10.85 16.39 27.81
CA MET N 228 -10.30 16.52 29.16
C MET N 228 -9.82 17.95 29.36
N PRO N 229 -9.60 18.36 30.60
CA PRO N 229 -9.12 19.72 30.84
C PRO N 229 -7.69 19.91 30.38
N GLY N 230 -7.37 21.16 30.09
CA GLY N 230 -5.99 21.54 29.84
C GLY N 230 -5.42 22.20 31.08
N PRO N 231 -4.27 22.88 30.93
CA PRO N 231 -3.53 22.94 29.69
C PRO N 231 -2.54 21.81 29.55
N LEU N 232 -1.92 21.72 28.40
CA LEU N 232 -0.85 20.78 28.12
C LEU N 232 0.48 21.46 28.39
N ILE N 233 1.48 20.68 28.81
CA ILE N 233 2.82 21.23 29.01
C ILE N 233 3.65 21.08 27.74
N SER O 1 58.01 -23.91 -17.49
CA SER O 1 58.31 -22.82 -16.57
C SER O 1 58.86 -23.34 -15.24
N MET O 2 59.16 -22.43 -14.31
CA MET O 2 59.81 -22.80 -13.07
C MET O 2 58.85 -23.45 -12.08
N GLU O 3 59.36 -24.41 -11.33
CA GLU O 3 58.60 -25.16 -10.33
C GLU O 3 59.28 -25.06 -8.98
N LEU O 4 58.49 -25.01 -7.91
CA LEU O 4 59.02 -24.87 -6.56
C LEU O 4 58.01 -25.41 -5.58
N TYR O 5 58.37 -26.43 -4.80
CA TYR O 5 57.43 -27.04 -3.87
C TYR O 5 56.20 -27.49 -4.66
N ASN O 6 54.99 -27.02 -4.33
CA ASN O 6 53.77 -27.51 -4.95
C ASN O 6 53.23 -26.58 -6.03
N ILE O 7 54.06 -25.69 -6.58
CA ILE O 7 53.60 -24.68 -7.52
C ILE O 7 54.47 -24.67 -8.76
N LYS O 8 53.94 -24.05 -9.81
CA LYS O 8 54.68 -23.65 -11.01
C LYS O 8 54.43 -22.18 -11.23
N TYR O 9 55.46 -21.43 -11.61
CA TYR O 9 55.31 -19.99 -11.74
C TYR O 9 56.12 -19.49 -12.93
N ALA O 10 55.86 -18.24 -13.32
CA ALA O 10 56.57 -17.57 -14.39
C ALA O 10 56.78 -16.12 -13.96
N ILE O 11 57.32 -15.29 -14.85
CA ILE O 11 57.61 -13.89 -14.54
C ILE O 11 57.00 -13.01 -15.63
N ASP O 12 56.35 -11.94 -15.19
CA ASP O 12 55.60 -10.94 -15.94
C ASP O 12 56.57 -9.98 -16.63
N PRO O 13 56.12 -9.21 -17.63
CA PRO O 13 56.98 -8.12 -18.14
C PRO O 13 57.30 -7.06 -17.11
N THR O 14 56.55 -7.01 -16.01
CA THR O 14 56.81 -6.08 -14.93
C THR O 14 57.61 -6.71 -13.81
N ASN O 15 58.26 -7.84 -14.07
CA ASN O 15 59.07 -8.56 -13.08
C ASN O 15 58.19 -9.09 -11.95
N LYS O 16 56.98 -9.50 -12.29
CA LYS O 16 56.03 -9.98 -11.31
C LYS O 16 55.88 -11.49 -11.47
N ILE O 17 55.86 -12.20 -10.35
CA ILE O 17 55.72 -13.64 -10.37
C ILE O 17 54.26 -13.96 -10.68
N VAL O 18 54.03 -14.87 -11.62
CA VAL O 18 52.69 -15.32 -11.95
C VAL O 18 52.60 -16.79 -11.55
N ILE O 19 51.67 -17.10 -10.66
CA ILE O 19 51.44 -18.48 -10.22
C ILE O 19 50.68 -19.20 -11.33
N GLU O 20 51.32 -20.19 -11.95
CA GLU O 20 50.76 -20.90 -13.09
C GLU O 20 49.84 -22.04 -12.65
N GLN O 21 50.28 -22.82 -11.68
CA GLN O 21 49.44 -23.88 -11.15
C GLN O 21 49.90 -24.22 -9.73
N VAL O 22 48.95 -24.70 -8.93
CA VAL O 22 49.22 -25.17 -7.58
C VAL O 22 48.65 -26.57 -7.44
N ASP O 23 49.49 -27.49 -6.98
CA ASP O 23 49.13 -28.91 -6.83
C ASP O 23 48.70 -29.51 -8.17
N ASN O 24 49.46 -29.18 -9.23
CA ASN O 24 49.25 -29.68 -10.58
C ASN O 24 47.90 -29.31 -11.17
N VAL O 25 47.27 -28.27 -10.65
CA VAL O 25 45.99 -27.78 -11.15
C VAL O 25 46.17 -26.33 -11.53
N ASP O 26 45.68 -25.95 -12.71
CA ASP O 26 45.84 -24.59 -13.21
C ASP O 26 45.27 -23.59 -12.21
N ALA O 27 46.01 -22.50 -11.98
CA ALA O 27 45.70 -21.54 -10.93
C ALA O 27 45.59 -20.14 -11.53
N PHE O 28 44.86 -19.29 -10.82
CA PHE O 28 44.73 -17.88 -11.17
C PHE O 28 45.04 -17.09 -9.91
N VAL O 29 46.09 -16.28 -9.96
CA VAL O 29 46.52 -15.44 -8.86
C VAL O 29 46.81 -14.07 -9.45
N HIS O 30 45.96 -13.09 -9.15
CA HIS O 30 45.99 -11.76 -9.76
C HIS O 30 46.27 -10.76 -8.66
N ILE O 31 47.46 -10.16 -8.68
CA ILE O 31 47.90 -9.27 -7.60
C ILE O 31 47.53 -7.83 -7.91
N LEU O 32 46.94 -7.17 -6.93
CA LEU O 32 46.54 -5.78 -7.01
C LEU O 32 47.44 -4.92 -6.13
N GLU O 33 47.69 -3.69 -6.58
CA GLU O 33 48.48 -2.74 -5.82
C GLU O 33 47.73 -2.32 -4.55
N PRO O 34 48.44 -1.80 -3.55
CA PRO O 34 47.76 -1.32 -2.34
C PRO O 34 46.72 -0.25 -2.63
N GLY O 35 45.48 -0.50 -2.23
CA GLY O 35 44.42 0.44 -2.47
C GLY O 35 43.99 0.58 -3.91
N GLN O 36 44.45 -0.30 -4.81
CA GLN O 36 44.10 -0.19 -6.21
C GLN O 36 42.64 -0.54 -6.42
N GLU O 37 42.00 0.16 -7.36
CA GLU O 37 40.63 -0.11 -7.75
C GLU O 37 40.61 -0.66 -9.17
N VAL O 38 39.86 -1.73 -9.38
CA VAL O 38 39.72 -2.35 -10.68
C VAL O 38 38.26 -2.71 -10.91
N PHE O 39 37.89 -2.79 -12.19
CA PHE O 39 36.58 -3.30 -12.59
C PHE O 39 36.81 -4.34 -13.67
N ASP O 40 36.34 -5.57 -13.43
CA ASP O 40 36.42 -6.67 -14.38
C ASP O 40 35.46 -7.75 -13.89
N GLU O 41 34.35 -7.94 -14.60
CA GLU O 41 33.32 -8.87 -14.13
C GLU O 41 33.82 -10.30 -14.02
N THR O 42 34.84 -10.67 -14.79
CA THR O 42 35.39 -12.02 -14.75
C THR O 42 36.05 -12.36 -13.41
N LEU O 43 36.42 -11.36 -12.61
CA LEU O 43 37.11 -11.59 -11.35
C LEU O 43 36.20 -12.03 -10.21
N SER O 44 34.90 -11.78 -10.30
CA SER O 44 34.04 -11.99 -9.14
C SER O 44 33.85 -13.46 -8.79
N GLN O 45 34.14 -14.36 -9.73
CA GLN O 45 34.01 -15.80 -9.48
C GLN O 45 35.10 -16.35 -8.57
N TYR O 46 36.22 -15.65 -8.42
CA TYR O 46 37.36 -16.13 -7.67
C TYR O 46 37.32 -15.63 -6.23
N HIS O 47 38.21 -16.18 -5.41
CA HIS O 47 38.38 -15.71 -4.04
C HIS O 47 39.07 -14.37 -4.01
N GLN O 48 38.77 -13.58 -2.99
CA GLN O 48 39.43 -12.30 -2.81
C GLN O 48 39.83 -12.12 -1.36
N PHE O 49 41.11 -11.80 -1.18
CA PHE O 49 41.73 -11.45 0.08
C PHE O 49 42.42 -10.13 -0.18
N PRO O 50 42.68 -9.32 0.86
CA PRO O 50 43.27 -8.00 0.62
C PRO O 50 44.52 -8.05 -0.24
N GLY O 51 44.44 -7.45 -1.42
CA GLY O 51 45.58 -7.38 -2.31
C GLY O 51 45.69 -8.47 -3.36
N VAL O 52 44.74 -9.40 -3.44
CA VAL O 52 44.84 -10.49 -4.40
C VAL O 52 43.45 -10.96 -4.79
N VAL O 53 43.28 -11.29 -6.06
CA VAL O 53 42.16 -12.05 -6.58
C VAL O 53 42.74 -13.42 -6.97
N SER O 54 42.22 -14.49 -6.36
CA SER O 54 42.92 -15.76 -6.40
C SER O 54 41.97 -16.93 -6.63
N SER O 55 42.41 -17.87 -7.46
CA SER O 55 41.69 -19.11 -7.66
C SER O 55 41.94 -20.12 -6.56
N ILE O 56 42.87 -19.82 -5.66
CA ILE O 56 43.29 -20.74 -4.61
C ILE O 56 43.08 -20.08 -3.26
N ILE O 57 42.64 -20.87 -2.29
CA ILE O 57 42.42 -20.36 -0.96
C ILE O 57 43.77 -20.13 -0.29
N PHE O 58 43.99 -18.91 0.18
CA PHE O 58 45.14 -18.63 1.03
C PHE O 58 44.71 -18.86 2.46
N PRO O 59 45.20 -19.89 3.14
CA PRO O 59 44.57 -20.34 4.38
C PRO O 59 44.93 -19.46 5.57
N GLN O 60 44.16 -19.64 6.63
CA GLN O 60 44.40 -18.93 7.88
C GLN O 60 45.74 -19.34 8.46
N LEU O 61 46.52 -18.35 8.85
CA LEU O 61 47.80 -18.54 9.52
C LEU O 61 47.65 -18.18 10.98
N VAL O 62 48.72 -18.35 11.74
CA VAL O 62 48.76 -17.98 13.15
C VAL O 62 49.91 -16.99 13.34
N LEU O 63 49.70 -15.99 14.17
CA LEU O 63 50.77 -15.04 14.43
C LEU O 63 51.92 -15.76 15.13
N ASN O 64 53.15 -15.35 14.80
CA ASN O 64 54.40 -15.90 15.33
C ASN O 64 54.76 -17.26 14.76
N THR O 65 54.11 -17.70 13.69
CA THR O 65 54.56 -18.89 12.98
C THR O 65 55.55 -18.48 11.91
N ILE O 66 56.24 -19.47 11.35
CA ILE O 66 57.33 -19.25 10.42
C ILE O 66 56.84 -19.55 9.00
N ILE O 67 57.15 -18.65 8.08
CA ILE O 67 56.82 -18.83 6.67
C ILE O 67 58.11 -18.74 5.84
N SER O 68 58.03 -19.18 4.59
CA SER O 68 59.13 -19.10 3.64
C SER O 68 58.68 -18.36 2.38
N VAL O 69 59.55 -17.51 1.85
CA VAL O 69 59.29 -16.74 0.64
C VAL O 69 60.41 -16.99 -0.36
N LEU O 70 60.06 -17.12 -1.64
CA LEU O 70 61.08 -17.30 -2.67
C LEU O 70 61.83 -16.00 -2.90
N SER O 71 63.15 -16.06 -2.76
CA SER O 71 64.02 -14.92 -2.97
C SER O 71 64.52 -14.87 -4.40
N GLU O 72 65.27 -13.81 -4.71
CA GLU O 72 65.81 -13.63 -6.05
C GLU O 72 66.69 -14.80 -6.47
N ASP O 73 67.45 -15.36 -5.53
CA ASP O 73 68.48 -16.36 -5.83
C ASP O 73 67.98 -17.79 -5.70
N GLY O 74 66.70 -18.01 -5.99
CA GLY O 74 66.17 -19.36 -5.89
C GLY O 74 66.22 -19.98 -4.53
N SER O 75 66.60 -19.22 -3.51
CA SER O 75 66.66 -19.69 -2.14
C SER O 75 65.39 -19.26 -1.41
N LEU O 76 65.06 -20.00 -0.36
CA LEU O 76 63.90 -19.71 0.46
C LEU O 76 64.30 -18.93 1.70
N LEU O 77 63.62 -17.82 1.94
CA LEU O 77 63.90 -16.95 3.07
C LEU O 77 62.88 -17.22 4.17
N THR O 78 63.38 -17.51 5.37
CA THR O 78 62.49 -17.84 6.48
C THR O 78 62.21 -16.60 7.31
N LEU O 79 60.93 -16.38 7.60
CA LEU O 79 60.50 -15.18 8.29
C LEU O 79 59.47 -15.55 9.33
N LYS O 80 59.42 -14.76 10.40
CA LYS O 80 58.46 -14.94 11.48
C LYS O 80 57.36 -13.90 11.31
N LEU O 81 56.11 -14.36 11.41
CA LEU O 81 54.96 -13.46 11.29
C LEU O 81 54.68 -12.85 12.65
N GLU O 82 55.42 -11.78 12.96
CA GLU O 82 55.34 -11.17 14.28
C GLU O 82 54.56 -9.86 14.31
N ASN O 83 54.27 -9.27 13.16
CA ASN O 83 53.59 -7.98 13.07
C ASN O 83 52.27 -8.12 12.32
N THR O 84 51.58 -7.00 12.15
CA THR O 84 50.38 -6.92 11.33
C THR O 84 50.42 -5.60 10.57
N CYS O 85 49.61 -5.53 9.51
CA CYS O 85 49.41 -4.27 8.80
C CYS O 85 48.16 -4.41 7.94
N PHE O 86 47.54 -3.26 7.68
CA PHE O 86 46.28 -3.15 6.97
C PHE O 86 46.51 -2.86 5.49
N ASN O 87 45.84 -3.63 4.64
CA ASN O 87 45.88 -3.43 3.19
C ASN O 87 44.46 -3.56 2.65
N PHE O 88 44.24 -3.02 1.45
CA PHE O 88 42.93 -3.11 0.84
C PHE O 88 43.05 -2.96 -0.67
N HIS O 89 41.94 -3.24 -1.34
CA HIS O 89 41.74 -2.92 -2.74
C HIS O 89 40.26 -2.75 -2.94
N VAL O 90 39.88 -2.27 -4.12
CA VAL O 90 38.48 -2.19 -4.52
C VAL O 90 38.36 -2.95 -5.83
N CYS O 91 37.51 -3.96 -5.85
CA CYS O 91 37.33 -4.78 -7.05
C CYS O 91 35.84 -4.86 -7.36
N ASN O 92 35.46 -4.42 -8.56
CA ASN O 92 34.06 -4.37 -8.99
C ASN O 92 33.20 -3.64 -7.96
N LYS O 93 33.66 -2.45 -7.58
CA LYS O 93 32.98 -1.60 -6.61
C LYS O 93 32.80 -2.30 -5.26
N ARG O 94 33.71 -3.20 -4.90
CA ARG O 94 33.69 -3.86 -3.60
C ARG O 94 35.03 -3.63 -2.89
N PHE O 95 34.96 -2.87 -1.80
CA PHE O 95 36.08 -2.52 -0.93
C PHE O 95 36.46 -3.74 -0.10
N VAL O 96 37.62 -4.34 -0.37
CA VAL O 96 38.07 -5.57 0.30
C VAL O 96 39.27 -5.20 1.17
N PHE O 97 39.20 -5.51 2.46
CA PHE O 97 40.18 -4.98 3.40
C PHE O 97 40.42 -5.95 4.56
N GLY O 98 41.44 -5.67 5.34
CA GLY O 98 41.69 -6.44 6.55
C GLY O 98 43.09 -6.22 7.08
N ASN O 99 43.29 -6.66 8.31
CA ASN O 99 44.60 -6.64 8.95
C ASN O 99 45.27 -7.99 8.76
N LEU O 100 46.45 -7.98 8.20
CA LEU O 100 47.14 -9.19 7.78
C LEU O 100 48.35 -9.47 8.66
N PRO O 101 48.69 -10.74 8.89
CA PRO O 101 49.97 -11.04 9.53
C PRO O 101 51.11 -10.58 8.63
N ALA O 102 52.18 -10.10 9.23
CA ALA O 102 53.25 -9.52 8.43
C ALA O 102 54.60 -9.86 9.04
N ALA O 103 55.59 -10.02 8.19
CA ALA O 103 56.97 -10.14 8.64
C ALA O 103 57.66 -8.80 8.45
N VAL O 104 58.87 -8.69 8.99
CA VAL O 104 59.65 -7.46 8.90
C VAL O 104 60.97 -7.79 8.22
N VAL O 105 61.33 -7.00 7.22
CA VAL O 105 62.56 -7.23 6.46
C VAL O 105 63.29 -5.92 6.29
N ASN O 106 64.61 -6.02 6.09
CA ASN O 106 65.45 -4.87 5.84
C ASN O 106 65.55 -4.63 4.33
N ASN O 107 66.32 -3.60 3.95
CA ASN O 107 66.42 -3.21 2.55
C ASN O 107 67.03 -4.32 1.70
N GLU O 108 68.05 -5.01 2.22
CA GLU O 108 68.68 -6.08 1.46
C GLU O 108 67.66 -7.16 1.13
N THR O 109 66.74 -7.44 2.04
CA THR O 109 65.78 -8.52 1.81
C THR O 109 64.66 -8.08 0.89
N LYS O 110 64.15 -6.86 1.08
CA LYS O 110 63.05 -6.39 0.27
C LYS O 110 63.42 -6.38 -1.21
N GLN O 111 64.65 -5.99 -1.53
CA GLN O 111 65.02 -5.86 -2.92
C GLN O 111 65.15 -7.20 -3.64
N LYS O 112 65.34 -8.29 -2.91
CA LYS O 112 65.39 -9.60 -3.52
C LYS O 112 64.04 -10.27 -3.64
N LEU O 113 62.96 -9.56 -3.32
CA LEU O 113 61.62 -10.11 -3.32
C LEU O 113 60.81 -9.45 -4.42
N ARG O 114 60.24 -10.26 -5.30
CA ARG O 114 59.37 -9.76 -6.35
C ARG O 114 57.92 -9.76 -5.89
N ILE O 115 57.16 -8.77 -6.39
CA ILE O 115 55.72 -8.76 -6.20
C ILE O 115 55.14 -10.01 -6.83
N GLY O 116 54.65 -10.91 -6.00
CA GLY O 116 54.06 -12.16 -6.45
C GLY O 116 54.80 -13.36 -5.94
N ALA O 117 55.93 -13.16 -5.25
CA ALA O 117 56.75 -14.26 -4.79
C ALA O 117 55.91 -15.20 -3.94
N PRO O 118 55.93 -16.49 -4.21
CA PRO O 118 55.11 -17.43 -3.45
C PRO O 118 55.57 -17.52 -1.99
N ILE O 119 54.61 -17.68 -1.09
CA ILE O 119 54.88 -17.79 0.34
C ILE O 119 54.43 -19.17 0.80
N PHE O 120 55.31 -19.86 1.51
CA PHE O 120 55.12 -21.25 1.86
C PHE O 120 55.10 -21.42 3.37
N ALA O 121 54.25 -22.34 3.84
CA ALA O 121 54.30 -22.80 5.21
C ALA O 121 54.29 -24.32 5.17
N GLY O 122 55.38 -24.93 5.62
CA GLY O 122 55.52 -26.37 5.44
C GLY O 122 55.62 -26.81 4.00
N LYS O 123 56.34 -26.05 3.17
CA LYS O 123 56.58 -26.45 1.78
C LYS O 123 55.28 -26.54 0.98
N LYS O 124 54.28 -25.77 1.40
CA LYS O 124 53.01 -25.63 0.69
C LYS O 124 52.66 -24.16 0.56
N LEU O 125 52.14 -23.80 -0.62
CA LEU O 125 51.79 -22.40 -0.87
C LEU O 125 50.65 -21.97 0.06
N VAL O 126 50.88 -20.87 0.78
CA VAL O 126 49.87 -20.29 1.66
C VAL O 126 49.56 -18.84 1.34
N SER O 127 50.37 -18.17 0.52
CA SER O 127 50.16 -16.76 0.20
C SER O 127 51.14 -16.36 -0.91
N VAL O 128 51.06 -15.10 -1.31
CA VAL O 128 52.00 -14.49 -2.24
C VAL O 128 52.35 -13.10 -1.73
N VAL O 129 53.55 -12.63 -2.10
CA VAL O 129 53.94 -11.26 -1.81
C VAL O 129 53.05 -10.31 -2.59
N THR O 130 52.42 -9.37 -1.89
CA THR O 130 51.52 -8.41 -2.51
C THR O 130 51.97 -6.97 -2.36
N ALA O 131 52.68 -6.61 -1.28
CA ALA O 131 52.99 -5.21 -1.03
C ALA O 131 54.13 -5.09 -0.04
N PHE O 132 54.71 -3.88 0.00
CA PHE O 132 55.74 -3.51 0.97
C PHE O 132 55.39 -2.16 1.58
N HIS O 133 55.47 -2.08 2.90
CA HIS O 133 55.22 -0.85 3.65
C HIS O 133 56.47 -0.50 4.45
N ARG O 134 56.96 0.73 4.26
CA ARG O 134 58.21 1.13 4.91
C ARG O 134 57.95 1.63 6.32
N VAL O 135 58.70 1.08 7.27
CA VAL O 135 58.61 1.48 8.67
C VAL O 135 59.68 2.51 9.03
N GLY O 136 60.91 2.29 8.61
CA GLY O 136 62.00 3.20 8.87
C GLY O 136 62.99 3.17 7.74
N GLU O 137 64.26 3.47 8.05
CA GLU O 137 65.28 3.50 7.02
C GLU O 137 65.53 2.12 6.43
N ASN O 138 65.72 1.12 7.29
CA ASN O 138 66.11 -0.21 6.89
C ASN O 138 65.08 -1.24 7.36
N GLU O 139 63.81 -0.89 7.25
CA GLU O 139 62.75 -1.70 7.84
C GLU O 139 61.48 -1.59 6.99
N TRP O 140 60.92 -2.75 6.64
CA TRP O 140 59.72 -2.84 5.83
C TRP O 140 58.77 -3.88 6.42
N LEU O 141 57.47 -3.62 6.32
CA LEU O 141 56.46 -4.60 6.68
C LEU O 141 56.00 -5.34 5.43
N LEU O 142 55.99 -6.67 5.51
CA LEU O 142 55.59 -7.52 4.38
C LEU O 142 54.35 -8.30 4.76
N PRO O 143 53.16 -7.84 4.39
CA PRO O 143 51.95 -8.57 4.76
C PRO O 143 51.82 -9.91 4.03
N VAL O 144 51.27 -10.89 4.75
CA VAL O 144 50.98 -12.20 4.19
C VAL O 144 49.45 -12.31 4.16
N THR O 145 48.87 -12.01 2.99
CA THR O 145 47.43 -11.95 2.86
C THR O 145 46.82 -13.33 2.78
N GLY O 146 45.56 -13.42 3.18
CA GLY O 146 44.86 -14.68 3.20
C GLY O 146 43.65 -14.59 4.09
N ILE O 147 43.10 -15.76 4.43
CA ILE O 147 41.94 -15.81 5.30
C ILE O 147 42.29 -15.17 6.64
N ARG O 148 41.33 -14.43 7.19
CA ARG O 148 41.51 -13.65 8.40
C ARG O 148 42.15 -14.48 9.51
N GLU O 149 43.30 -14.01 9.99
CA GLU O 149 43.93 -14.61 11.16
C GLU O 149 43.01 -14.41 12.36
N ALA O 150 43.02 -15.39 13.26
CA ALA O 150 41.98 -15.49 14.28
C ALA O 150 41.80 -14.21 15.09
N SER O 151 42.87 -13.46 15.34
CA SER O 151 42.78 -12.30 16.23
C SER O 151 42.54 -10.97 15.50
N GLN O 152 42.54 -10.96 14.18
CA GLN O 152 42.40 -9.74 13.40
C GLN O 152 41.01 -9.63 12.78
N LEU O 153 40.85 -8.70 11.87
CA LEU O 153 39.57 -8.49 11.21
C LEU O 153 39.76 -8.46 9.70
N SER O 154 38.71 -8.86 8.99
CA SER O 154 38.65 -8.73 7.54
C SER O 154 37.21 -8.36 7.19
N GLY O 155 37.00 -7.91 5.96
CA GLY O 155 35.65 -7.60 5.54
C GLY O 155 35.62 -7.00 4.16
N HIS O 156 34.40 -6.69 3.72
CA HIS O 156 34.18 -6.00 2.46
C HIS O 156 32.90 -5.18 2.55
N MET O 157 32.78 -4.20 1.65
CA MET O 157 31.54 -3.44 1.53
C MET O 157 31.48 -2.82 0.15
N LYS O 158 30.26 -2.72 -0.37
CA LYS O 158 30.03 -2.16 -1.70
C LYS O 158 30.16 -0.65 -1.63
N VAL O 159 31.05 -0.09 -2.45
CA VAL O 159 31.35 1.34 -2.44
C VAL O 159 31.10 1.90 -3.84
N LEU O 160 30.06 2.73 -3.96
CA LEU O 160 29.68 3.28 -5.24
C LEU O 160 30.71 4.26 -5.78
N ASN O 161 31.39 4.97 -4.90
CA ASN O 161 32.29 6.04 -5.32
C ASN O 161 33.72 5.76 -4.89
N GLY O 162 34.09 4.49 -4.82
CA GLY O 162 35.42 4.12 -4.41
C GLY O 162 35.63 4.39 -2.94
N VAL O 163 36.90 4.34 -2.54
CA VAL O 163 37.34 4.61 -1.19
C VAL O 163 38.34 5.75 -1.22
N ARG O 164 38.13 6.74 -0.37
CA ARG O 164 38.99 7.92 -0.32
C ARG O 164 39.86 7.80 0.91
N VAL O 165 41.17 7.87 0.73
CA VAL O 165 42.12 7.77 1.83
C VAL O 165 42.56 9.18 2.22
N GLU O 166 42.47 9.49 3.51
CA GLU O 166 42.79 10.81 4.02
C GLU O 166 43.73 10.66 5.20
N LYS O 167 44.75 11.51 5.25
CA LYS O 167 45.67 11.47 6.37
C LYS O 167 44.95 11.97 7.63
N TRP O 168 45.26 11.36 8.76
CA TRP O 168 44.57 11.61 10.01
C TRP O 168 45.47 12.45 10.91
N ARG O 169 45.02 13.65 11.25
CA ARG O 169 45.80 14.63 12.00
C ARG O 169 45.80 14.29 13.50
N PRO O 170 46.83 14.73 14.23
CA PRO O 170 47.16 14.07 15.50
C PRO O 170 46.17 14.28 16.63
N ASN O 171 45.33 15.31 16.59
CA ASN O 171 44.39 15.60 17.68
C ASN O 171 42.94 15.53 17.22
N MET O 172 42.67 14.92 16.08
CA MET O 172 41.35 14.98 15.46
C MET O 172 40.51 13.77 15.79
N SER O 173 39.23 14.02 16.07
CA SER O 173 38.22 12.98 16.10
C SER O 173 37.61 12.86 14.72
N VAL O 174 36.87 11.78 14.50
CA VAL O 174 36.37 11.42 13.17
C VAL O 174 34.86 11.27 13.23
N TYR O 175 34.17 11.96 12.32
CA TYR O 175 32.77 11.69 12.03
C TYR O 175 32.60 11.78 10.53
N GLY O 176 32.14 10.71 9.92
CA GLY O 176 31.79 10.72 8.51
C GLY O 176 32.92 11.15 7.61
N THR O 177 32.75 12.31 6.97
CA THR O 177 33.70 12.84 6.00
C THR O 177 34.64 13.88 6.59
N VAL O 178 34.53 14.20 7.88
CA VAL O 178 35.32 15.26 8.47
C VAL O 178 36.10 14.73 9.66
N GLN O 179 37.23 15.37 9.94
CA GLN O 179 37.97 15.19 11.18
C GLN O 179 38.15 16.54 11.84
N LEU O 180 37.74 16.64 13.11
CA LEU O 180 37.72 17.89 13.84
C LEU O 180 38.04 17.59 15.30
N PRO O 181 38.27 18.61 16.11
CA PRO O 181 38.35 18.37 17.56
C PRO O 181 37.08 17.75 18.09
N TYR O 182 37.21 17.06 19.23
CA TYR O 182 36.08 16.29 19.74
C TYR O 182 34.87 17.15 20.02
N ASP O 183 35.07 18.32 20.64
CA ASP O 183 33.95 19.19 20.98
C ASP O 183 33.18 19.62 19.73
N LYS O 184 33.90 19.86 18.64
CA LYS O 184 33.26 20.23 17.38
C LYS O 184 32.64 19.04 16.67
N ILE O 185 33.08 17.83 16.98
CA ILE O 185 32.59 16.64 16.27
C ILE O 185 31.31 16.11 16.91
N LYS O 186 31.25 16.08 18.24
CA LYS O 186 30.02 15.71 18.93
C LYS O 186 28.88 16.60 18.46
N GLN O 187 29.15 17.90 18.32
CA GLN O 187 28.16 18.83 17.80
C GLN O 187 27.85 18.55 16.33
N HIS O 188 28.89 18.25 15.54
CA HIS O 188 28.69 17.97 14.12
C HIS O 188 27.79 16.77 13.92
N ALA O 189 28.00 15.72 14.73
CA ALA O 189 27.24 14.47 14.59
C ALA O 189 25.77 14.69 14.92
N LEU O 190 25.47 15.37 16.02
CA LEU O 190 24.11 15.63 16.42
C LEU O 190 23.36 16.52 15.44
N GLU O 191 24.07 17.11 14.48
CA GLU O 191 23.47 17.99 13.50
C GLU O 191 22.82 17.21 12.34
N GLN O 192 23.44 16.11 11.92
CA GLN O 192 23.05 15.45 10.67
C GLN O 192 21.79 14.59 10.77
N GLU O 201 26.91 9.10 -1.71
CA GLU O 201 27.58 7.96 -1.11
C GLU O 201 29.09 8.13 -1.10
N SER O 202 29.72 7.75 0.00
CA SER O 202 31.16 7.91 0.15
C SER O 202 31.68 6.85 1.11
N CYS O 203 32.96 6.54 0.96
CA CYS O 203 33.72 5.74 1.92
C CYS O 203 35.05 6.42 2.13
N VAL O 204 35.38 6.71 3.39
CA VAL O 204 36.61 7.42 3.74
C VAL O 204 37.43 6.56 4.67
N LEU O 205 38.74 6.52 4.41
CA LEU O 205 39.71 5.83 5.24
C LEU O 205 40.67 6.88 5.78
N PHE O 206 40.61 7.15 7.08
CA PHE O 206 41.60 8.01 7.72
C PHE O 206 42.66 7.13 8.35
N TYR O 207 43.92 7.52 8.20
CA TYR O 207 44.99 6.64 8.67
C TYR O 207 46.00 7.38 9.52
N LYS O 208 46.42 6.70 10.58
CA LYS O 208 47.54 7.04 11.43
C LYS O 208 48.52 5.88 11.39
N ASP O 209 49.71 6.09 11.95
CA ASP O 209 50.68 5.00 12.05
C ASP O 209 50.15 3.87 12.93
N SER O 210 49.32 4.19 13.92
CA SER O 210 48.81 3.20 14.85
C SER O 210 47.40 2.76 14.56
N GLU O 211 46.61 3.59 13.87
CA GLU O 211 45.18 3.34 13.83
C GLU O 211 44.60 3.78 12.49
N ILE O 212 43.55 3.09 12.08
CA ILE O 212 42.82 3.37 10.85
C ILE O 212 41.35 3.54 11.19
N ARG O 213 40.69 4.49 10.51
CA ARG O 213 39.25 4.62 10.62
C ARG O 213 38.60 4.63 9.26
N ILE O 214 37.56 3.83 9.13
CA ILE O 214 36.77 3.71 7.92
C ILE O 214 35.39 4.25 8.21
N THR O 215 34.92 5.19 7.42
CA THR O 215 33.55 5.64 7.51
C THR O 215 32.83 5.37 6.19
N TYR O 216 31.55 5.02 6.29
CA TYR O 216 30.67 4.84 5.15
C TYR O 216 29.57 5.89 5.27
N ASN O 217 29.45 6.75 4.26
CA ASN O 217 28.65 7.96 4.37
C ASN O 217 27.64 8.09 3.24
N LYS O 218 26.46 8.61 3.55
CA LYS O 218 25.50 9.10 2.58
C LYS O 218 25.56 10.62 2.69
N GLY O 219 26.36 11.25 1.84
CA GLY O 219 26.55 12.68 1.96
C GLY O 219 27.42 12.96 3.16
N ASP O 220 26.98 13.90 3.99
CA ASP O 220 27.70 14.24 5.21
C ASP O 220 27.25 13.40 6.39
N TYR O 221 26.22 12.59 6.21
CA TYR O 221 25.64 11.81 7.28
C TYR O 221 26.41 10.50 7.38
N GLU O 222 26.97 10.24 8.55
CA GLU O 222 27.77 9.05 8.80
C GLU O 222 26.88 7.87 9.14
N ILE O 223 27.00 6.80 8.35
CA ILE O 223 26.25 5.57 8.57
C ILE O 223 27.11 4.54 9.29
N MET O 224 28.41 4.54 9.03
CA MET O 224 29.26 3.55 9.67
C MET O 224 30.62 4.15 9.96
N HIS O 225 31.21 3.74 11.09
CA HIS O 225 32.52 4.20 11.52
C HIS O 225 33.23 3.00 12.16
N LEU O 226 34.41 2.67 11.64
CA LEU O 226 35.18 1.52 12.13
C LEU O 226 36.55 1.99 12.59
N ARG O 227 36.97 1.54 13.78
CA ARG O 227 38.29 1.81 14.31
C ARG O 227 39.04 0.48 14.37
N MET O 228 40.27 0.48 13.87
CA MET O 228 41.02 -0.76 13.72
C MET O 228 42.51 -0.43 13.73
N PRO O 229 43.37 -1.42 13.96
CA PRO O 229 44.81 -1.12 14.04
C PRO O 229 45.40 -0.73 12.69
N GLY O 230 46.50 0.01 12.77
CA GLY O 230 47.32 0.29 11.62
C GLY O 230 48.56 -0.58 11.63
N PRO O 231 49.54 -0.25 10.77
CA PRO O 231 49.43 0.85 9.82
C PRO O 231 48.81 0.42 8.51
N LEU O 232 48.56 1.41 7.67
CA LEU O 232 48.08 1.20 6.33
C LEU O 232 49.27 1.14 5.40
N ILE O 233 49.14 0.37 4.34
CA ILE O 233 50.17 0.32 3.30
C ILE O 233 49.81 1.40 2.30
N GLN O 234 50.57 2.48 2.31
CA GLN O 234 50.14 3.71 1.67
C GLN O 234 49.95 3.50 0.18
N PRO O 235 48.79 3.89 -0.39
CA PRO O 235 48.52 3.79 -1.83
C PRO O 235 49.33 4.78 -2.64
N SER P 1 25.41 6.86 49.74
CA SER P 1 26.62 6.76 48.93
C SER P 1 27.78 6.25 49.76
N MET P 2 28.79 5.71 49.09
CA MET P 2 30.05 5.42 49.74
C MET P 2 31.15 5.54 48.71
N GLU P 3 32.39 5.58 49.19
CA GLU P 3 33.53 5.87 48.35
C GLU P 3 34.47 4.67 48.29
N LEU P 4 35.35 4.70 47.30
CA LEU P 4 36.44 3.75 47.15
C LEU P 4 37.32 4.38 46.08
N TYR P 5 38.59 4.63 46.39
CA TYR P 5 39.52 5.31 45.49
C TYR P 5 38.94 6.67 45.12
N ASN P 6 38.76 7.00 43.85
CA ASN P 6 38.34 8.33 43.43
C ASN P 6 36.86 8.42 43.08
N ILE P 7 36.03 7.50 43.58
CA ILE P 7 34.63 7.43 43.17
C ILE P 7 33.72 7.44 44.40
N LYS P 8 32.45 7.72 44.16
CA LYS P 8 31.35 7.56 45.11
C LYS P 8 30.31 6.68 44.43
N TYR P 9 29.74 5.73 45.16
CA TYR P 9 28.80 4.82 44.53
C TYR P 9 27.65 4.50 45.46
N ALA P 10 26.59 3.95 44.87
CA ALA P 10 25.42 3.50 45.59
C ALA P 10 24.91 2.23 44.91
N ILE P 11 23.78 1.72 45.37
CA ILE P 11 23.21 0.49 44.86
C ILE P 11 21.75 0.77 44.51
N ASP P 12 21.33 0.33 43.33
CA ASP P 12 19.97 0.56 42.85
C ASP P 12 19.02 -0.54 43.35
N PRO P 13 17.71 -0.38 43.13
CA PRO P 13 16.78 -1.46 43.51
C PRO P 13 16.99 -2.78 42.80
N THR P 14 17.73 -2.82 41.70
CA THR P 14 18.02 -4.06 40.99
C THR P 14 19.39 -4.63 41.29
N ASN P 15 20.01 -4.21 42.40
CA ASN P 15 21.33 -4.69 42.83
C ASN P 15 22.43 -4.30 41.85
N LYS P 16 22.30 -3.13 41.24
CA LYS P 16 23.24 -2.60 40.28
C LYS P 16 23.96 -1.39 40.88
N ILE P 17 25.27 -1.29 40.64
CA ILE P 17 26.06 -0.19 41.19
C ILE P 17 25.79 1.09 40.41
N VAL P 18 25.61 2.19 41.14
CA VAL P 18 25.37 3.50 40.56
C VAL P 18 26.62 4.34 40.84
N ILE P 19 27.35 4.72 39.80
CA ILE P 19 28.50 5.59 39.99
C ILE P 19 27.99 7.03 40.06
N GLU P 20 28.21 7.69 41.18
CA GLU P 20 27.60 9.00 41.38
C GLU P 20 28.60 10.15 41.24
N GLN P 21 29.82 9.99 41.71
CA GLN P 21 30.88 10.94 41.42
C GLN P 21 32.15 10.20 41.08
N VAL P 22 32.96 10.79 40.20
CA VAL P 22 34.31 10.34 39.96
C VAL P 22 35.22 11.56 40.05
N ASP P 23 36.25 11.48 40.88
CA ASP P 23 37.14 12.61 41.15
C ASP P 23 36.34 13.80 41.68
N ASN P 24 35.39 13.53 42.56
CA ASN P 24 34.59 14.55 43.23
C ASN P 24 33.76 15.39 42.26
N VAL P 25 33.46 14.86 41.09
CA VAL P 25 32.62 15.51 40.09
C VAL P 25 31.45 14.58 39.78
N ASP P 26 30.24 15.13 39.73
CA ASP P 26 29.05 14.34 39.48
C ASP P 26 29.19 13.55 38.18
N ALA P 27 28.77 12.29 38.21
CA ALA P 27 29.01 11.37 37.12
C ALA P 27 27.68 10.77 36.65
N PHE P 28 27.69 10.29 35.40
CA PHE P 28 26.58 9.55 34.82
C PHE P 28 27.15 8.30 34.19
N VAL P 29 26.78 7.13 34.71
CA VAL P 29 27.23 5.84 34.17
C VAL P 29 26.00 4.96 34.07
N HIS P 30 25.58 4.67 32.85
CA HIS P 30 24.31 3.99 32.59
C HIS P 30 24.64 2.68 31.88
N ILE P 31 24.43 1.55 32.58
CA ILE P 31 24.85 0.24 32.07
C ILE P 31 23.71 -0.37 31.28
N LEU P 32 24.03 -0.87 30.08
CA LEU P 32 23.06 -1.53 29.23
C LEU P 32 23.35 -3.03 29.22
N GLU P 33 22.30 -3.84 29.15
CA GLU P 33 22.47 -5.28 29.10
C GLU P 33 23.07 -5.66 27.75
N PRO P 34 23.65 -6.86 27.65
CA PRO P 34 24.24 -7.29 26.36
C PRO P 34 23.22 -7.29 25.22
N GLY P 35 23.57 -6.57 24.16
CA GLY P 35 22.70 -6.46 23.00
C GLY P 35 21.45 -5.65 23.21
N GLN P 36 21.33 -4.92 24.32
CA GLN P 36 20.11 -4.18 24.60
C GLN P 36 19.95 -3.02 23.65
N GLU P 37 18.70 -2.75 23.27
CA GLU P 37 18.34 -1.60 22.46
C GLU P 37 17.51 -0.62 23.28
N VAL P 38 17.87 0.65 23.22
CA VAL P 38 17.21 1.71 23.97
C VAL P 38 17.07 2.92 23.08
N PHE P 39 16.09 3.75 23.42
CA PHE P 39 15.92 5.06 22.79
C PHE P 39 15.72 6.10 23.88
N ASP P 40 16.62 7.09 23.93
CA ASP P 40 16.52 8.19 24.89
C ASP P 40 17.46 9.27 24.35
N GLU P 41 16.89 10.36 23.84
CA GLU P 41 17.72 11.38 23.22
C GLU P 41 18.68 12.04 24.20
N THR P 42 18.37 12.03 25.50
CA THR P 42 19.27 12.65 26.47
C THR P 42 20.61 11.93 26.58
N LEU P 43 20.69 10.66 26.16
CA LEU P 43 21.92 9.89 26.26
C LEU P 43 22.96 10.27 25.20
N SER P 44 22.54 10.88 24.09
CA SER P 44 23.45 11.08 22.97
C SER P 44 24.55 12.09 23.27
N GLN P 45 24.39 12.93 24.31
CA GLN P 45 25.43 13.87 24.68
C GLN P 45 26.63 13.21 25.35
N TYR P 46 26.47 11.99 25.87
CA TYR P 46 27.51 11.32 26.64
C TYR P 46 28.38 10.41 25.77
N HIS P 47 29.45 9.89 26.38
CA HIS P 47 30.28 8.89 25.73
C HIS P 47 29.57 7.56 25.68
N GLN P 48 29.88 6.77 24.66
CA GLN P 48 29.33 5.42 24.57
C GLN P 48 30.41 4.44 24.20
N PHE P 49 30.55 3.40 25.00
CA PHE P 49 31.41 2.25 24.78
C PHE P 49 30.49 1.05 24.91
N PRO P 50 30.85 -0.08 24.31
CA PRO P 50 29.93 -1.24 24.33
C PRO P 50 29.45 -1.59 25.73
N GLY P 51 28.15 -1.50 25.93
CA GLY P 51 27.56 -1.84 27.20
C GLY P 51 27.38 -0.72 28.19
N VAL P 52 27.72 0.52 27.82
CA VAL P 52 27.64 1.62 28.79
C VAL P 52 27.45 2.94 28.04
N VAL P 53 26.61 3.80 28.60
CA VAL P 53 26.55 5.23 28.28
C VAL P 53 27.13 5.95 29.50
N SER P 54 28.19 6.73 29.28
CA SER P 54 28.98 7.25 30.40
C SER P 54 29.36 8.70 30.17
N SER P 55 29.33 9.50 31.24
CA SER P 55 29.83 10.87 31.19
C SER P 55 31.33 10.93 31.37
N ILE P 56 31.96 9.81 31.67
CA ILE P 56 33.38 9.72 31.97
C ILE P 56 34.03 8.77 30.98
N ILE P 57 35.21 9.13 30.52
CA ILE P 57 35.92 8.30 29.54
C ILE P 57 36.54 7.09 30.23
N PHE P 58 36.22 5.90 29.72
CA PHE P 58 36.88 4.68 30.16
C PHE P 58 38.09 4.48 29.25
N PRO P 59 39.30 4.65 29.75
CA PRO P 59 40.45 4.81 28.87
C PRO P 59 40.95 3.48 28.31
N GLN P 60 41.78 3.62 27.27
CA GLN P 60 42.38 2.47 26.63
C GLN P 60 43.24 1.69 27.60
N LEU P 61 43.05 0.38 27.64
CA LEU P 61 43.85 -0.49 28.48
C LEU P 61 44.79 -1.28 27.59
N VAL P 62 45.63 -2.09 28.21
CA VAL P 62 46.53 -2.95 27.47
C VAL P 62 46.25 -4.37 27.89
N LEU P 63 46.32 -5.29 26.94
CA LEU P 63 46.15 -6.70 27.26
C LEU P 63 47.30 -7.15 28.15
N ASN P 64 46.98 -8.06 29.08
CA ASN P 64 47.88 -8.62 30.08
C ASN P 64 48.21 -7.67 31.21
N THR P 65 47.50 -6.56 31.34
CA THR P 65 47.66 -5.74 32.54
C THR P 65 46.71 -6.25 33.61
N ILE P 66 46.92 -5.77 34.83
CA ILE P 66 46.19 -6.24 35.99
C ILE P 66 45.15 -5.19 36.35
N ILE P 67 43.92 -5.64 36.61
CA ILE P 67 42.87 -4.74 37.05
C ILE P 67 42.36 -5.22 38.39
N SER P 68 41.61 -4.34 39.07
CA SER P 68 40.95 -4.63 40.34
C SER P 68 39.47 -4.33 40.22
N VAL P 69 38.64 -5.19 40.81
CA VAL P 69 37.18 -5.04 40.75
C VAL P 69 36.64 -4.98 42.17
N LEU P 70 35.65 -4.10 42.40
CA LEU P 70 35.01 -4.02 43.70
C LEU P 70 34.10 -5.21 43.91
N SER P 71 34.30 -5.92 45.03
CA SER P 71 33.52 -7.09 45.37
C SER P 71 32.31 -6.73 46.23
N GLU P 72 31.35 -7.64 46.25
CA GLU P 72 30.15 -7.45 47.05
C GLU P 72 30.48 -7.26 48.51
N ASP P 73 31.51 -7.96 49.02
CA ASP P 73 31.92 -7.83 50.41
C ASP P 73 32.87 -6.68 50.63
N GLY P 74 33.05 -5.81 49.64
CA GLY P 74 33.83 -4.61 49.80
C GLY P 74 35.30 -4.72 49.44
N SER P 75 35.81 -5.94 49.27
CA SER P 75 37.21 -6.10 48.96
C SER P 75 37.45 -5.87 47.47
N LEU P 76 38.72 -5.80 47.09
CA LEU P 76 39.13 -5.65 45.71
C LEU P 76 39.67 -6.98 45.20
N LEU P 77 39.15 -7.43 44.06
CA LEU P 77 39.61 -8.65 43.42
C LEU P 77 40.52 -8.27 42.26
N THR P 78 41.72 -8.83 42.24
CA THR P 78 42.70 -8.51 41.22
C THR P 78 42.61 -9.54 40.10
N LEU P 79 42.55 -9.05 38.87
CA LEU P 79 42.35 -9.90 37.71
C LEU P 79 43.27 -9.48 36.59
N LYS P 80 43.64 -10.45 35.77
CA LYS P 80 44.51 -10.22 34.62
C LYS P 80 43.67 -10.23 33.35
N LEU P 81 43.89 -9.24 32.50
CA LEU P 81 43.17 -9.09 31.23
C LEU P 81 43.86 -9.96 30.19
N GLU P 82 43.50 -11.25 30.17
CA GLU P 82 44.17 -12.21 29.30
C GLU P 82 43.33 -12.59 28.07
N ASN P 83 42.05 -12.25 28.05
CA ASN P 83 41.13 -12.67 27.00
C ASN P 83 40.58 -11.47 26.26
N THR P 84 39.65 -11.76 25.34
CA THR P 84 38.89 -10.76 24.63
C THR P 84 37.45 -11.22 24.60
N CYS P 85 36.54 -10.27 24.37
CA CYS P 85 35.11 -10.58 24.33
C CYS P 85 34.42 -9.49 23.52
N PHE P 86 33.42 -9.89 22.75
CA PHE P 86 32.63 -8.98 21.93
C PHE P 86 31.31 -8.68 22.61
N ASN P 87 31.00 -7.39 22.75
CA ASN P 87 29.71 -6.96 23.28
C ASN P 87 29.21 -5.78 22.45
N PHE P 88 27.92 -5.50 22.56
CA PHE P 88 27.34 -4.38 21.85
C PHE P 88 26.07 -3.92 22.56
N HIS P 89 25.57 -2.78 22.11
CA HIS P 89 24.24 -2.31 22.42
C HIS P 89 23.76 -1.48 21.24
N VAL P 90 22.49 -1.10 21.25
CA VAL P 90 21.98 -0.16 20.26
C VAL P 90 21.34 0.99 21.03
N CYS P 91 21.85 2.20 20.83
CA CYS P 91 21.36 3.37 21.54
C CYS P 91 21.01 4.45 20.54
N ASN P 92 19.74 4.89 20.56
CA ASN P 92 19.24 5.88 19.61
C ASN P 92 19.54 5.46 18.18
N LYS P 93 19.15 4.22 17.87
CA LYS P 93 19.38 3.57 16.58
C LYS P 93 20.85 3.60 16.17
N ARG P 94 21.76 3.59 17.15
CA ARG P 94 23.19 3.49 16.86
C ARG P 94 23.75 2.25 17.53
N PHE P 95 24.15 1.30 16.69
CA PHE P 95 24.75 0.02 17.05
C PHE P 95 26.20 0.25 17.47
N VAL P 96 26.51 0.09 18.75
CA VAL P 96 27.83 0.37 19.30
C VAL P 96 28.45 -0.95 19.71
N PHE P 97 29.64 -1.26 19.17
CA PHE P 97 30.18 -2.60 19.32
C PHE P 97 31.70 -2.56 19.40
N GLY P 98 32.27 -3.69 19.74
CA GLY P 98 33.71 -3.85 19.74
C GLY P 98 34.12 -5.06 20.55
N ASN P 99 35.38 -5.45 20.38
CA ASN P 99 35.99 -6.51 21.16
C ASN P 99 36.74 -5.90 22.33
N LEU P 100 36.42 -6.37 23.53
CA LEU P 100 36.93 -5.77 24.75
C LEU P 100 37.93 -6.69 25.45
N PRO P 101 38.94 -6.14 26.12
CA PRO P 101 39.78 -6.99 26.97
C PRO P 101 38.94 -7.61 28.06
N ALA P 102 39.30 -8.84 28.44
CA ALA P 102 38.47 -9.58 29.36
C ALA P 102 39.30 -10.38 30.35
N ALA P 103 38.78 -10.51 31.55
CA ALA P 103 39.31 -11.40 32.56
C ALA P 103 38.43 -12.64 32.63
N VAL P 104 38.88 -13.64 33.40
CA VAL P 104 38.17 -14.89 33.58
C VAL P 104 37.92 -15.09 35.07
N VAL P 105 36.69 -15.49 35.42
CA VAL P 105 36.32 -15.74 36.81
C VAL P 105 35.55 -17.04 36.88
N ASN P 106 35.57 -17.67 38.06
CA ASN P 106 34.78 -18.87 38.28
C ASN P 106 33.41 -18.48 38.81
N ASN P 107 32.54 -19.47 39.04
CA ASN P 107 31.18 -19.15 39.43
C ASN P 107 31.16 -18.44 40.77
N GLU P 108 32.01 -18.87 41.71
CA GLU P 108 32.06 -18.22 43.00
C GLU P 108 32.40 -16.74 42.85
N THR P 109 33.39 -16.41 42.03
CA THR P 109 33.78 -15.01 41.85
C THR P 109 32.70 -14.23 41.11
N LYS P 110 32.09 -14.83 40.09
CA LYS P 110 31.07 -14.13 39.32
C LYS P 110 29.93 -13.68 40.21
N GLN P 111 29.57 -14.51 41.19
CA GLN P 111 28.42 -14.19 42.05
C GLN P 111 28.73 -13.06 43.02
N LYS P 112 29.99 -12.75 43.27
CA LYS P 112 30.36 -11.61 44.08
C LYS P 112 30.49 -10.32 43.28
N LEU P 113 30.14 -10.36 42.01
CA LEU P 113 30.32 -9.20 41.15
C LEU P 113 28.95 -8.63 40.79
N ARG P 114 28.76 -7.37 41.08
CA ARG P 114 27.53 -6.69 40.77
C ARG P 114 27.64 -6.07 39.38
N ILE P 115 26.51 -6.05 38.67
CA ILE P 115 26.45 -5.30 37.43
C ILE P 115 26.73 -3.86 37.79
N GLY P 116 27.87 -3.34 37.37
CA GLY P 116 28.23 -1.97 37.63
C GLY P 116 29.44 -1.81 38.50
N ALA P 117 29.98 -2.90 39.02
CA ALA P 117 31.10 -2.83 39.95
C ALA P 117 32.23 -2.05 39.32
N PRO P 118 32.78 -1.05 40.00
CA PRO P 118 33.83 -0.24 39.38
C PRO P 118 35.09 -1.05 39.16
N ILE P 119 35.80 -0.73 38.08
CA ILE P 119 37.05 -1.40 37.75
C ILE P 119 38.17 -0.37 37.78
N PHE P 120 39.26 -0.71 38.46
CA PHE P 120 40.30 0.22 38.81
C PHE P 120 41.60 -0.19 38.14
N ALA P 121 42.41 0.80 37.79
CA ALA P 121 43.78 0.62 37.34
C ALA P 121 44.65 1.52 38.19
N GLY P 122 45.61 0.92 38.89
CA GLY P 122 46.28 1.62 39.96
C GLY P 122 45.24 1.82 41.03
N LYS P 123 44.85 3.06 41.28
CA LYS P 123 43.81 3.35 42.24
C LYS P 123 42.78 4.28 41.62
N LYS P 124 42.52 4.09 40.33
CA LYS P 124 41.70 5.01 39.56
C LYS P 124 40.72 4.23 38.69
N LEU P 125 39.48 4.72 38.62
CA LEU P 125 38.44 4.06 37.84
C LEU P 125 38.80 4.05 36.37
N VAL P 126 38.71 2.88 35.74
CA VAL P 126 38.94 2.76 34.31
C VAL P 126 37.78 2.12 33.55
N SER P 127 36.81 1.52 34.24
CA SER P 127 35.68 0.83 33.61
C SER P 127 34.69 0.43 34.70
N VAL P 128 33.61 -0.23 34.29
CA VAL P 128 32.64 -0.83 35.20
C VAL P 128 32.27 -2.21 34.66
N VAL P 129 31.82 -3.09 35.56
CA VAL P 129 31.30 -4.40 35.15
C VAL P 129 30.01 -4.20 34.37
N THR P 130 29.95 -4.76 33.16
CA THR P 130 28.79 -4.59 32.30
C THR P 130 28.08 -5.89 31.96
N ALA P 131 28.80 -7.01 31.90
CA ALA P 131 28.19 -8.26 31.43
C ALA P 131 29.03 -9.45 31.89
N PHE P 132 28.40 -10.62 31.84
CA PHE P 132 29.05 -11.89 32.13
C PHE P 132 28.75 -12.85 30.99
N HIS P 133 29.77 -13.53 30.48
CA HIS P 133 29.61 -14.50 29.41
C HIS P 133 30.12 -15.85 29.89
N ARG P 134 29.24 -16.85 29.93
CA ARG P 134 29.64 -18.16 30.41
C ARG P 134 30.49 -18.88 29.35
N VAL P 135 31.74 -19.18 29.71
CA VAL P 135 32.59 -20.01 28.87
C VAL P 135 32.18 -21.47 28.99
N GLY P 136 32.22 -21.98 30.20
CA GLY P 136 31.76 -23.33 30.49
C GLY P 136 31.39 -23.39 31.95
N GLU P 137 31.48 -24.58 32.53
CA GLU P 137 31.12 -24.75 33.93
C GLU P 137 32.11 -24.02 34.82
N ASN P 138 31.59 -23.17 35.70
CA ASN P 138 32.41 -22.35 36.61
C ASN P 138 33.46 -21.53 35.86
N GLU P 139 33.10 -21.06 34.67
CA GLU P 139 34.02 -20.27 33.86
C GLU P 139 33.24 -19.17 33.17
N TRP P 140 33.61 -17.93 33.43
CA TRP P 140 32.94 -16.77 32.88
C TRP P 140 33.97 -15.82 32.28
N LEU P 141 33.58 -15.15 31.20
CA LEU P 141 34.37 -14.07 30.62
C LEU P 141 33.84 -12.72 31.10
N LEU P 142 34.74 -11.84 31.53
CA LEU P 142 34.39 -10.54 32.09
C LEU P 142 34.91 -9.41 31.22
N PRO P 143 34.11 -8.86 30.32
CA PRO P 143 34.60 -7.75 29.48
C PRO P 143 34.84 -6.49 30.29
N VAL P 144 35.89 -5.77 29.93
CA VAL P 144 36.21 -4.48 30.53
C VAL P 144 36.05 -3.45 29.42
N THR P 145 34.89 -2.79 29.36
CA THR P 145 34.61 -1.88 28.25
C THR P 145 35.34 -0.54 28.43
N GLY P 146 35.58 0.10 27.31
CA GLY P 146 36.31 1.36 27.29
C GLY P 146 36.78 1.63 25.88
N ILE P 147 37.70 2.59 25.78
CA ILE P 147 38.29 2.94 24.48
C ILE P 147 39.00 1.72 23.90
N ARG P 148 38.86 1.55 22.58
CA ARG P 148 39.37 0.40 21.86
C ARG P 148 40.81 0.08 22.22
N GLU P 149 41.06 -1.15 22.67
CA GLU P 149 42.43 -1.58 22.93
C GLU P 149 43.19 -1.57 21.61
N ALA P 150 44.49 -1.26 21.71
CA ALA P 150 45.27 -0.92 20.51
C ALA P 150 45.20 -2.01 19.45
N SER P 151 45.15 -3.26 19.87
CA SER P 151 45.16 -4.38 18.93
C SER P 151 43.76 -4.83 18.55
N GLN P 152 42.74 -4.19 19.12
CA GLN P 152 41.37 -4.65 19.00
C GLN P 152 40.63 -3.76 18.00
N LEU P 153 39.32 -3.93 17.90
CA LEU P 153 38.52 -3.13 17.01
C LEU P 153 37.29 -2.62 17.74
N SER P 154 36.83 -1.43 17.33
CA SER P 154 35.58 -0.87 17.80
C SER P 154 34.91 -0.16 16.62
N GLY P 155 33.65 0.19 16.81
CA GLY P 155 32.94 0.94 15.79
C GLY P 155 31.48 1.13 16.16
N HIS P 156 30.78 1.82 15.27
CA HIS P 156 29.34 1.98 15.42
C HIS P 156 28.71 2.16 14.04
N MET P 157 27.39 1.98 13.98
CA MET P 157 26.68 2.27 12.74
C MET P 157 25.19 2.45 12.98
N LYS P 158 24.58 3.32 12.17
CA LYS P 158 23.16 3.62 12.27
C LYS P 158 22.34 2.47 11.69
N VAL P 159 21.46 1.91 12.51
CA VAL P 159 20.66 0.75 12.16
C VAL P 159 19.18 1.13 12.31
N LEU P 160 18.48 1.24 11.18
CA LEU P 160 17.09 1.64 11.24
C LEU P 160 16.21 0.56 11.87
N ASN P 161 16.57 -0.71 11.70
CA ASN P 161 15.72 -1.81 12.12
C ASN P 161 16.41 -2.69 13.17
N GLY P 162 17.21 -2.07 14.03
CA GLY P 162 17.90 -2.79 15.08
C GLY P 162 18.97 -3.71 14.51
N VAL P 163 19.44 -4.57 15.39
CA VAL P 163 20.41 -5.60 15.07
C VAL P 163 19.80 -6.95 15.43
N ARG P 164 19.86 -7.90 14.50
CA ARG P 164 19.28 -9.22 14.71
C ARG P 164 20.41 -10.24 14.78
N VAL P 165 20.41 -11.02 15.85
CA VAL P 165 21.49 -11.94 16.17
C VAL P 165 21.07 -13.35 15.76
N GLU P 166 21.94 -14.04 15.03
CA GLU P 166 21.65 -15.35 14.46
C GLU P 166 22.79 -16.31 14.80
N LYS P 167 22.44 -17.49 15.30
CA LYS P 167 23.44 -18.52 15.52
C LYS P 167 24.02 -18.96 14.20
N TRP P 168 25.35 -19.00 14.12
CA TRP P 168 26.04 -19.32 12.88
C TRP P 168 26.29 -20.83 12.86
N ARG P 169 25.67 -21.50 11.91
CA ARG P 169 25.69 -22.95 11.78
C ARG P 169 26.96 -23.44 11.11
N PRO P 170 27.37 -24.68 11.40
CA PRO P 170 28.64 -25.18 10.84
C PRO P 170 28.60 -25.29 9.33
N ASN P 171 29.77 -25.11 8.72
CA ASN P 171 30.01 -25.24 7.29
C ASN P 171 29.29 -24.18 6.47
N MET P 172 28.81 -23.12 7.10
CA MET P 172 28.03 -22.10 6.42
C MET P 172 28.93 -20.92 6.09
N SER P 173 28.80 -20.42 4.88
CA SER P 173 29.33 -19.11 4.52
C SER P 173 28.24 -18.09 4.72
N VAL P 174 28.61 -16.83 4.70
CA VAL P 174 27.72 -15.74 5.08
C VAL P 174 27.62 -14.77 3.92
N TYR P 175 26.40 -14.47 3.52
CA TYR P 175 26.15 -13.32 2.66
C TYR P 175 24.88 -12.66 3.16
N GLY P 176 24.98 -11.39 3.51
CA GLY P 176 23.81 -10.59 3.82
C GLY P 176 22.92 -11.19 4.88
N THR P 177 21.71 -11.58 4.47
CA THR P 177 20.71 -12.12 5.36
C THR P 177 20.69 -13.64 5.41
N VAL P 178 21.56 -14.32 4.67
CA VAL P 178 21.51 -15.77 4.57
C VAL P 178 22.86 -16.36 4.91
N GLN P 179 22.83 -17.60 5.42
CA GLN P 179 24.02 -18.42 5.59
C GLN P 179 23.81 -19.75 4.87
N LEU P 180 24.73 -20.10 3.98
CA LEU P 180 24.57 -21.25 3.11
C LEU P 180 25.92 -21.87 2.86
N PRO P 181 25.98 -23.05 2.26
CA PRO P 181 27.26 -23.58 1.77
C PRO P 181 27.89 -22.60 0.77
N TYR P 182 29.22 -22.70 0.63
CA TYR P 182 29.95 -21.67 -0.12
C TYR P 182 29.46 -21.57 -1.55
N ASP P 183 29.25 -22.70 -2.22
CA ASP P 183 28.85 -22.68 -3.63
C ASP P 183 27.53 -21.94 -3.82
N LYS P 184 26.57 -22.18 -2.93
CA LYS P 184 25.32 -21.44 -2.94
C LYS P 184 25.53 -19.97 -2.61
N ILE P 185 26.50 -19.68 -1.75
CA ILE P 185 26.76 -18.29 -1.35
C ILE P 185 27.35 -17.51 -2.51
N LYS P 186 28.30 -18.10 -3.24
CA LYS P 186 28.91 -17.42 -4.36
C LYS P 186 27.87 -17.14 -5.44
N GLN P 187 27.01 -18.13 -5.72
CA GLN P 187 25.92 -17.94 -6.66
C GLN P 187 24.90 -16.94 -6.15
N HIS P 188 24.59 -17.00 -4.85
CA HIS P 188 23.62 -16.06 -4.27
C HIS P 188 24.11 -14.62 -4.37
N ALA P 189 25.39 -14.38 -4.09
CA ALA P 189 25.92 -13.03 -4.07
C ALA P 189 25.83 -12.38 -5.45
N LEU P 190 26.29 -13.10 -6.47
CA LEU P 190 26.20 -12.62 -7.84
C LEU P 190 24.76 -12.58 -8.35
N GLU P 191 23.80 -13.17 -7.62
CA GLU P 191 22.40 -13.10 -8.02
C GLU P 191 21.80 -11.75 -7.67
N GLN P 192 22.10 -11.25 -6.48
CA GLN P 192 21.61 -9.95 -6.04
C GLN P 192 22.29 -8.84 -6.83
N ALA P 199 14.55 -3.28 -0.11
CA ALA P 199 13.87 -2.14 0.48
C ALA P 199 14.08 -2.03 1.99
N LEU P 200 13.65 -3.05 2.76
CA LEU P 200 13.84 -2.98 4.21
C LEU P 200 15.32 -3.05 4.54
N GLU P 201 15.77 -2.14 5.39
CA GLU P 201 17.12 -2.17 5.93
C GLU P 201 17.22 -3.20 7.04
N SER P 202 18.38 -3.86 7.13
CA SER P 202 18.62 -4.80 8.20
C SER P 202 20.09 -4.81 8.59
N CYS P 203 20.33 -5.26 9.83
CA CYS P 203 21.65 -5.57 10.36
C CYS P 203 21.58 -6.91 11.05
N VAL P 204 22.46 -7.83 10.65
CA VAL P 204 22.48 -9.18 11.20
C VAL P 204 23.85 -9.46 11.79
N LEU P 205 23.84 -10.04 12.99
CA LEU P 205 25.05 -10.46 13.68
C LEU P 205 25.00 -11.98 13.81
N PHE P 206 25.84 -12.68 13.08
CA PHE P 206 25.95 -14.12 13.21
C PHE P 206 27.08 -14.45 14.17
N TYR P 207 26.86 -15.44 15.03
CA TYR P 207 27.88 -15.72 16.03
C TYR P 207 28.19 -17.20 16.12
N LYS P 208 29.49 -17.46 16.23
CA LYS P 208 30.11 -18.72 16.57
C LYS P 208 30.93 -18.47 17.83
N ASP P 209 31.37 -19.55 18.47
CA ASP P 209 32.26 -19.38 19.63
C ASP P 209 33.51 -18.59 19.26
N SER P 210 34.07 -18.84 18.08
CA SER P 210 35.35 -18.30 17.68
C SER P 210 35.26 -17.03 16.84
N GLU P 211 34.15 -16.79 16.15
CA GLU P 211 34.12 -15.76 15.14
C GLU P 211 32.73 -15.14 15.09
N ILE P 212 32.69 -13.86 14.72
CA ILE P 212 31.45 -13.10 14.61
C ILE P 212 31.39 -12.50 13.21
N ARG P 213 30.17 -12.45 12.65
CA ARG P 213 29.95 -11.83 11.34
C ARG P 213 28.86 -10.78 11.47
N ILE P 214 29.12 -9.59 10.94
CA ILE P 214 28.15 -8.51 10.90
C ILE P 214 27.89 -8.16 9.45
N THR P 215 26.62 -8.15 9.04
CA THR P 215 26.23 -7.68 7.71
C THR P 215 25.29 -6.49 7.83
N TYR P 216 25.40 -5.56 6.88
CA TYR P 216 24.50 -4.43 6.74
C TYR P 216 23.82 -4.56 5.39
N ASN P 217 22.49 -4.65 5.39
CA ASN P 217 21.70 -5.04 4.22
C ASN P 217 20.56 -4.07 3.96
N LYS P 218 20.24 -3.89 2.68
CA LYS P 218 19.02 -3.21 2.24
C LYS P 218 18.17 -4.24 1.51
N GLY P 219 17.40 -5.00 2.28
CA GLY P 219 16.73 -6.14 1.71
C GLY P 219 17.63 -7.35 1.70
N ASP P 220 17.69 -8.02 0.57
CA ASP P 220 18.56 -9.18 0.44
C ASP P 220 19.96 -8.85 -0.08
N TYR P 221 20.21 -7.63 -0.53
CA TYR P 221 21.49 -7.24 -1.10
C TYR P 221 22.43 -6.76 0.02
N GLU P 222 23.62 -7.37 0.10
CA GLU P 222 24.57 -7.11 1.17
C GLU P 222 25.40 -5.88 0.86
N ILE P 223 25.38 -4.91 1.78
CA ILE P 223 26.17 -3.70 1.66
C ILE P 223 27.50 -3.81 2.38
N MET P 224 27.54 -4.48 3.53
CA MET P 224 28.79 -4.62 4.26
C MET P 224 28.80 -5.95 4.99
N HIS P 225 29.98 -6.53 5.09
CA HIS P 225 30.21 -7.80 5.75
C HIS P 225 31.49 -7.66 6.55
N LEU P 226 31.41 -7.89 7.85
CA LEU P 226 32.55 -7.71 8.73
C LEU P 226 32.81 -9.01 9.47
N ARG P 227 34.08 -9.44 9.51
CA ARG P 227 34.52 -10.63 10.23
C ARG P 227 35.44 -10.22 11.37
N MET P 228 35.19 -10.76 12.55
CA MET P 228 35.90 -10.35 13.75
C MET P 228 35.88 -11.50 14.75
N PRO P 229 36.74 -11.46 15.76
CA PRO P 229 36.77 -12.55 16.72
C PRO P 229 35.54 -12.57 17.63
N GLY P 230 35.25 -13.74 18.16
CA GLY P 230 34.26 -13.90 19.20
C GLY P 230 34.94 -14.09 20.54
N PRO P 231 34.18 -14.51 21.57
CA PRO P 231 32.74 -14.76 21.47
C PRO P 231 31.88 -13.53 21.76
N LEU P 232 30.60 -13.72 21.49
CA LEU P 232 29.55 -12.75 21.75
C LEU P 232 28.91 -13.08 23.08
N ILE P 233 28.43 -12.06 23.77
CA ILE P 233 27.66 -12.25 24.99
C ILE P 233 26.18 -12.30 24.61
N GLN P 234 25.57 -13.47 24.84
CA GLN P 234 24.14 -13.75 24.68
C GLN P 234 23.27 -12.54 24.28
C10 9BG Q . -6.09 -27.05 41.24
C17 9BG Q . -8.54 -23.21 42.20
C24 9BG Q . -12.80 -23.18 39.39
C02 9BG Q . -8.58 -29.65 41.96
C04 9BG Q . -10.42 -28.08 42.58
C07 9BG Q . -8.15 -27.19 41.89
C08 9BG Q . -7.67 -28.45 41.69
C12 9BG Q . -7.22 -24.91 41.65
C14 9BG Q . -7.95 -23.73 43.55
C19 9BG Q . -8.33 -24.37 41.26
C23 9BG Q . -11.78 -23.64 38.34
C25 9BG Q . -13.07 -24.31 40.42
N34 9BG Q . -16.16 -23.95 38.79
O01 9BG Q . -8.17 -30.75 41.81
N03 9BG Q . -9.92 -29.43 42.40
N05 9BG Q . -11.77 -27.81 43.02
N06 9BG Q . -9.54 -26.95 42.33
N09 9BG Q . -6.41 -28.36 41.30
N11 9BG Q . -7.18 -26.35 41.58
O13 9BG Q . -7.08 -24.60 43.23
C15 9BG Q . -9.06 -24.41 44.39
O16 9BG Q . -10.15 -23.52 44.50
O18 9BG Q . -7.87 -22.10 41.78
O20 9BG Q . -8.16 -23.79 39.87
P21 9BG Q . -9.23 -24.19 38.70
O22 9BG Q . -10.55 -23.21 38.82
O26 9BG Q . -13.19 -23.75 41.62
P27 9BG Q . -13.16 -24.54 43.08
O28 9BG Q . -13.20 -26.03 42.94
O29 9BG Q . -11.91 -24.16 43.83
O30 9BG Q . -14.34 -24.04 43.82
C31 9BG Q . -14.45 -24.83 39.86
O32 9BG Q . -15.11 -25.77 40.80
C33 9BG Q . -15.09 -23.73 39.67
C35 9BG Q . -17.45 -23.80 39.16
N36 9BG Q . -18.02 -23.44 40.32
C37 9BG Q . -19.36 -23.38 40.42
N38 9BG Q . -20.14 -23.67 39.35
C39 9BG Q . -19.59 -24.02 38.21
N40 9BG Q . -20.63 -24.28 37.23
C41 9BG Q . -18.21 -24.09 38.11
N42 9BG Q . -17.41 -24.41 37.07
C43 9BG Q . -16.14 -24.33 37.50
O44 9BG Q . -13.93 -22.87 38.85
O45 9BG Q . -9.64 -25.61 38.93
O46 9BG Q . -8.58 -24.00 37.37
C10 9BG R . -7.99 -50.09 26.66
C17 9BG R . -9.87 -51.77 22.78
C24 9BG R . -12.64 -48.09 20.73
C02 9BG R . -6.21 -47.16 25.45
C04 9BG R . -6.84 -47.44 23.06
C07 9BG R . -7.64 -49.08 24.80
C08 9BG R . -7.00 -48.40 25.78
C12 9BG R . -9.05 -51.11 24.71
C14 9BG R . -8.40 -52.25 22.77
C19 9BG R . -9.86 -50.66 23.81
C23 9BG R . -12.96 -47.82 22.21
C25 9BG R . -11.16 -47.64 20.45
N34 9BG R . -13.08 -45.45 18.52
O01 9BG R . -5.65 -46.58 26.30
N03 9BG R . -6.15 -46.72 24.10
N05 9BG R . -6.80 -47.00 21.68
N06 9BG R . -7.60 -48.62 23.40
N09 9BG R . -7.22 -49.02 26.93
N11 9BG R . -8.25 -50.10 25.36
O13 9BG R . -7.99 -52.08 23.97
C15 9BG R . -7.52 -51.42 21.80
O16 9BG R . -7.80 -51.79 20.47
O18 9BG R . -10.68 -52.77 23.21
O20 9BG R . -11.25 -50.56 24.41
P21 9BG R . -12.12 -49.18 24.27
O22 9BG R . -12.74 -49.07 22.77
O26 9BG R . -10.63 -48.52 19.61
P27 9BG R . -9.10 -48.54 18.99
O28 9BG R . -8.39 -47.23 18.98
O29 9BG R . -8.24 -49.51 19.75
O30 9BG R . -9.29 -49.03 17.60
C31 9BG R . -11.51 -46.23 19.84
O32 9BG R . -10.28 -45.57 19.35
C33 9BG R . -12.38 -46.58 18.95
C35 9BG R . -13.03 -44.90 17.29
N36 9BG R . -12.35 -45.23 16.17
C37 9BG R . -12.46 -44.49 15.05
N38 9BG R . -13.24 -43.42 15.06
C39 9BG R . -13.89 -43.09 16.15
N40 9BG R . -14.66 -41.92 15.94
C41 9BG R . -13.80 -43.81 17.29
N42 9BG R . -14.35 -43.69 18.51
C43 9BG R . -13.90 -44.70 19.25
O44 9BG R . -13.42 -47.45 19.92
O45 9BG R . -11.26 -47.98 24.50
O46 9BG R . -13.23 -49.21 25.27
C10 9BG S . -24.07 29.38 -15.30
C17 9BG S . -22.93 30.45 -10.89
C24 9BG S . -18.56 28.67 -9.99
C02 9BG S . -21.29 30.90 -17.13
C04 9BG S . -20.03 31.72 -15.16
C07 9BG S . -22.24 30.46 -14.87
C08 9BG S . -22.35 30.32 -16.22
C12 9BG S . -23.63 29.79 -12.92
C14 9BG S . -23.87 31.58 -11.40
C19 9BG S . -22.63 29.59 -12.11
C23 9BG S . -19.05 27.39 -10.67
C25 9BG S . -18.25 29.77 -11.06
N34 9BG S . -15.07 28.81 -9.81
O01 9BG S . -21.37 30.79 -18.31
N03 9BG S . -20.16 31.59 -16.57
N05 9BG S . -18.90 32.42 -14.57
N06 9BG S . -21.06 31.18 -14.29
N09 9BG S . -23.46 29.67 -16.46
N11 9BG S . -23.28 29.86 -14.32
O13 9BG S . -24.22 31.25 -12.58
C15 9BG S . -23.18 32.99 -11.41
O16 9BG S . -22.00 32.98 -10.67
O18 9BG S . -23.63 29.72 -9.99
O20 9BG S . -22.69 28.17 -11.65
P21 9BG S . -21.36 27.24 -11.84
O22 9BG S . -20.44 27.39 -10.50
O26 9BG S . -18.86 30.86 -10.59
P27 9BG S . -18.40 32.44 -10.73
O28 9BG S . -17.44 32.66 -11.86
O29 9BG S . -19.64 33.27 -10.97
O30 9BG S . -17.79 32.87 -9.43
C31 9BG S . -16.67 29.69 -11.12
O32 9BG S . -16.08 30.88 -11.79
C33 9BG S . -16.31 29.51 -9.89
C35 9BG S . -13.98 29.32 -9.23
N36 9BG S . -13.75 30.50 -8.62
C37 9BG S . -12.52 30.77 -8.11
N38 9BG S . -11.53 29.86 -8.21
C39 9BG S . -11.75 28.70 -8.80
N40 9BG S . -10.55 27.91 -8.79
C41 9BG S . -13.01 28.42 -9.32
N42 9BG S . -13.48 27.35 -9.97
C43 9BG S . -14.76 27.59 -10.26
O44 9BG S . -17.45 28.44 -9.33
O45 9BG S . -20.55 27.71 -13.02
O46 9BG S . -21.78 25.81 -11.99
C10 9BG T . -13.58 18.85 -38.19
C17 9BG T . -10.61 15.64 -39.76
C24 9BG T . -8.02 13.69 -35.95
C02 9BG T . -15.48 16.70 -35.89
C04 9BG T . -14.19 14.62 -36.32
C07 9BG T . -13.59 16.79 -37.52
C08 9BG T . -14.59 17.44 -36.88
C12 9BG T . -11.89 17.40 -39.21
C14 9BG T . -11.88 15.50 -40.63
C19 9BG T . -11.00 16.62 -38.67
C23 9BG T . -8.12 15.18 -35.61
C25 9BG T . -9.39 12.98 -35.65
N34 9BG T . -7.34 11.79 -33.05
O01 9BG T . -16.34 17.28 -35.33
N03 9BG T . -15.25 15.32 -35.63
N05 9BG T . -13.93 13.22 -36.11
N06 9BG T . -13.37 15.34 -37.26
N09 9BG T . -14.57 18.71 -37.29
N11 9BG T . -12.98 17.66 -38.31
O13 9BG T . -12.53 16.59 -40.46
C15 9BG T . -12.79 14.30 -40.20
O16 9BG T . -12.14 13.07 -40.44
O18 9BG T . -9.61 16.19 -40.49
O20 9BG T . -9.81 17.46 -38.28
P21 9BG T . -9.19 17.26 -36.77
O22 9BG T . -8.34 15.85 -36.81
O26 9BG T . -9.47 11.96 -36.50
P27 9BG T . -10.89 11.38 -37.09
O28 9BG T . -11.47 10.39 -36.12
O29 9BG T . -11.91 12.46 -37.31
O30 9BG T . -10.55 10.70 -38.38
C31 9BG T . -9.13 12.48 -34.19
O32 9BG T . -10.15 11.52 -33.68
C33 9BG T . -7.96 11.97 -34.32
C35 9BG T . -6.99 10.57 -32.65
N36 9BG T . -7.10 9.35 -33.23
C37 9BG T . -6.66 8.26 -32.59
N38 9BG T . -6.10 8.37 -31.36
C39 9BG T . -5.99 9.56 -30.79
N40 9BG T . -5.36 9.39 -29.49
C41 9BG T . -6.44 10.69 -31.44
N42 9BG T . -6.45 11.98 -31.10
C43 9BG T . -7.01 12.66 -32.11
O44 9BG T . -7.13 13.11 -35.20
O45 9BG T . -10.25 17.16 -35.72
O46 9BG T . -8.29 18.42 -36.49
C10 9BG U . -19.15 -27.07 -25.44
C17 9BG U . -22.87 -24.28 -25.14
C24 9BG U . -21.99 -20.75 -21.68
C02 9BG U . -16.47 -24.68 -26.14
C04 9BG U . -17.90 -22.66 -26.14
C07 9BG U . -18.91 -24.94 -25.71
C08 9BG U . -17.69 -25.53 -25.84
C12 9BG U . -21.22 -25.76 -25.26
C14 9BG U . -22.68 -24.54 -26.66
C19 9BG U . -21.57 -24.76 -24.53
C23 9BG U . -21.45 -22.00 -20.99
C25 9BG U . -20.98 -20.33 -22.77
N34 9BG U . -20.51 -17.81 -20.41
O01 9BG U . -15.42 -25.21 -26.25
N03 9BG U . -16.60 -23.28 -26.29
N05 9BG U . -18.08 -21.23 -26.28
N06 9BG U . -19.07 -23.47 -25.86
N09 9BG U . -17.85 -26.83 -25.67
N11 9BG U . -19.79 -25.89 -25.45
O13 9BG U . -21.84 -25.49 -26.73
C15 9BG U . -22.08 -23.28 -27.34
O16 9BG U . -23.13 -22.56 -27.91
O18 9BG U . -23.91 -25.02 -24.68
O20 9BG U . -21.89 -25.25 -23.15
P21 9BG U . -21.22 -24.45 -21.89
O22 9BG U . -22.05 -23.04 -21.70
O26 9BG U . -21.65 -19.60 -23.64
P27 9BG U . -21.23 -19.46 -25.22
O28 9BG U . -19.85 -18.93 -25.40
O29 9BG U . -21.35 -20.80 -25.91
O30 9BG U . -22.25 -18.49 -25.76
C31 9BG U . -20.09 -19.36 -21.95
O32 9BG U . -19.16 -18.67 -22.88
C33 9BG U . -21.03 -18.61 -21.46
C35 9BG U . -20.72 -16.49 -20.41
N36 9BG U . -21.39 -15.69 -21.24
C37 9BG U . -21.46 -14.36 -21.01
N38 9BG U . -20.83 -13.84 -19.92
C39 9BG U . -20.17 -14.64 -19.10
N40 9BG U . -19.61 -13.84 -18.04
C41 9BG U . -20.10 -15.99 -19.34
N42 9BG U . -19.51 -17.01 -18.69
C43 9BG U . -19.77 -18.14 -19.35
O44 9BG U . -22.10 -19.74 -20.87
O45 9BG U . -19.79 -24.12 -22.20
O46 9BG U . -21.34 -25.32 -20.67
C10 9BG V . 6.07 -31.07 -15.51
C17 9BG V . 8.60 -30.39 -11.62
C24 9BG V . 6.19 -27.51 -8.37
C02 9BG V . 3.06 -32.63 -14.06
C04 9BG V . 3.85 -32.64 -11.72
C07 9BG V . 5.33 -31.69 -13.57
C08 9BG V . 4.38 -31.98 -14.50
C12 9BG V . 7.61 -30.68 -13.62
C14 9BG V . 8.86 -31.87 -12.00
C19 9BG V . 7.43 -30.03 -12.52
C23 9BG V . 5.90 -26.78 -9.69
C25 9BG V . 5.41 -28.86 -8.35
N34 9BG V . 3.80 -26.94 -5.86
O01 9BG V . 2.24 -32.86 -14.86
N03 9BG V . 2.84 -32.94 -12.69
N05 9BG V . 3.66 -32.95 -10.32
N06 9BG V . 5.09 -32.02 -12.13
N09 9BG V . 4.83 -31.59 -15.67
N11 9BG V . 6.37 -31.14 -14.20
O13 9BG V . 8.52 -31.96 -13.24
C15 9BG V . 7.98 -32.81 -11.13
O16 9BG V . 8.47 -32.85 -9.82
O18 9BG V . 9.66 -29.60 -11.92
O20 9BG V . 7.55 -28.55 -12.78
P21 9BG V . 6.41 -27.58 -12.12
O22 9BG V . 6.86 -27.28 -10.57
O26 9BG V . 6.21 -29.71 -7.73
P27 9BG V . 5.82 -31.26 -7.37
O28 9BG V . 4.35 -31.51 -7.52
O29 9BG V . 6.60 -32.20 -8.24
O30 9BG V . 6.20 -31.48 -5.93
C31 9BG V . 4.16 -28.43 -7.49
O32 9BG V . 3.38 -29.62 -7.05
C33 9BG V . 4.72 -27.78 -6.53
C35 9BG V . 3.61 -27.06 -4.55
N36 9BG V . 4.14 -27.90 -3.63
C37 9BG V . 3.75 -27.81 -2.34
N38 9BG V . 2.83 -26.89 -1.98
C39 9BG V . 2.31 -26.07 -2.87
N40 9BG V . 1.36 -25.19 -2.21
C41 9BG V . 2.70 -26.15 -4.18
N42 9BG V . 2.34 -25.46 -5.28
C43 9BG V . 3.03 -25.95 -6.32
O44 9BG V . 5.78 -26.81 -7.36
O45 9BG V . 5.10 -28.30 -12.15
O46 9BG V . 6.35 -26.29 -12.88
C10 9BG W . 12.39 59.42 -6.38
C17 9BG W . 10.42 59.54 -10.61
C24 9BG W . 11.28 55.20 -12.95
C02 9BG W . 10.83 56.44 -4.97
C04 9BG W . 9.45 55.87 -6.94
C07 9BG W . 10.96 57.92 -6.98
C08 9BG W . 11.37 57.64 -5.71
C12 9BG W . 11.46 59.70 -8.64
C14 9BG W . 9.38 60.17 -9.65
C19 9BG W . 11.43 58.91 -9.67
C23 9BG W . 12.66 55.56 -12.41
C25 9BG W . 10.37 54.77 -11.76
N34 9BG W . 10.78 51.79 -13.65
O01 9BG W . 11.20 56.22 -3.88
N03 9BG W . 9.88 55.60 -5.60
N05 9BG W . 8.48 55.03 -7.61
N06 9BG W . 9.96 57.04 -7.65
N09 9BG W . 12.24 58.56 -5.36
N11 9BG W . 11.59 59.00 -7.38
O13 9BG W . 10.00 60.36 -8.55
C15 9BG W . 8.16 59.21 -9.43
O16 9BG W . 7.20 59.49 -10.41
O18 9BG W . 11.00 60.52 -11.37
O20 9BG W . 12.78 58.89 -10.35
P21 9BG W . 13.39 57.42 -10.76
O22 9BG W . 12.58 56.90 -12.08
O26 9BG W . 9.19 55.31 -12.03
P27 9BG W . 7.79 55.23 -11.15
O28 9BG W . 7.59 53.90 -10.49
O29 9BG W . 7.77 56.32 -10.11
O30 9BG W . 6.71 55.46 -12.16
C31 9BG W . 10.43 53.21 -11.92
O32 9BG W . 9.39 52.56 -11.09
C33 9BG W . 10.31 53.05 -13.21
C35 9BG W . 9.95 50.94 -14.30
N36 9BG W . 8.67 51.05 -14.68
C37 9BG W . 8.07 50.03 -15.34
N38 9BG W . 8.77 48.91 -15.61
C39 9BG W . 10.03 48.80 -15.25
N40 9BG W . 10.51 47.50 -15.67
C41 9BG W . 10.65 49.83 -14.58
N42 9BG W . 11.90 50.00 -14.10
C43 9BG W . 11.96 51.21 -13.53
O44 9BG W . 11.37 54.20 -13.78
O45 9BG W . 13.14 56.46 -9.65
O46 9BG W . 14.85 57.55 -11.08
C10 9BG X . 26.08 43.13 10.83
C17 9BG X . 29.01 39.49 11.05
C24 9BG X . 29.65 37.91 6.49
C02 9BG X . 27.82 45.39 8.51
C04 9BG X . 29.75 43.90 8.09
C07 9BG X . 27.89 43.16 9.67
C08 9BG X . 27.23 44.33 9.45
C12 9BG X . 27.47 41.11 11.06
C14 9BG X . 29.53 40.54 12.07
C19 9BG X . 27.99 40.26 10.23
C23 9BG X . 28.11 37.94 6.43
C25 9BG X . 30.13 39.37 6.19
N34 9BG X . 30.94 37.62 3.28
O01 9BG X . 27.25 46.40 8.33
N03 9BG X . 29.06 45.13 7.86
N05 9BG X . 31.01 43.61 7.45
N06 9BG X . 29.18 42.91 8.98
N09 9BG X . 26.12 44.31 10.17
N11 9BG X . 27.18 42.42 10.51
O13 9BG X . 28.51 41.25 12.31
C15 9BG X . 30.65 41.41 11.42
O16 9BG X . 31.84 40.68 11.41
O18 9BG X . 28.41 38.48 11.73
O20 9BG X . 26.92 39.28 9.85
P21 9BG X . 26.58 39.01 8.27
O22 9BG X . 27.67 37.90 7.74
O26 9BG X . 30.90 39.84 7.19
P27 9BG X . 32.54 39.92 7.32
O28 9BG X . 32.94 41.33 6.98
O29 9BG X . 32.94 39.55 8.72
O30 9BG X . 33.28 38.98 6.41
C31 9BG X . 30.67 39.25 4.71
O32 9BG X . 31.64 40.31 4.30
C33 9BG X . 31.12 38.04 4.61
C35 9BG X . 31.98 37.21 2.56
N36 9BG X . 33.28 37.08 2.86
C37 9BG X . 34.14 36.63 1.93
N38 9BG X . 33.69 36.31 0.70
C39 9BG X . 32.41 36.44 0.39
N40 9BG X . 32.21 36.03 -0.98
C41 9BG X . 31.52 36.90 1.34
N42 9BG X . 30.19 37.12 1.31
C43 9BG X . 29.83 37.58 2.51
O44 9BG X . 30.13 37.12 5.58
O45 9BG X . 26.75 40.30 7.51
O46 9BG X . 25.19 38.47 8.14
C10 9BG Y . -54.06 -11.07 15.82
C17 9BG Y . -52.80 -9.99 20.15
C24 9BG Y . -48.24 -11.89 20.93
C02 9BG Y . -51.34 -9.52 13.90
C04 9BG Y . -50.09 -8.64 15.86
C07 9BG Y . -52.27 -9.93 16.18
C08 9BG Y . -52.39 -10.10 14.84
C12 9BG Y . -53.58 -10.60 18.17
C14 9BG Y . -53.47 -8.71 19.57
C19 9BG Y . -52.54 -10.82 18.91
C23 9BG Y . -48.85 -13.06 20.17
C25 9BG Y . -47.99 -10.70 19.95
N34 9BG Y . -44.74 -11.74 20.92
O01 9BG Y . -51.45 -9.67 12.73
N03 9BG Y . -50.23 -8.81 14.44
N05 9BG Y . -48.98 -7.91 16.43
N06 9BG Y . -51.10 -9.20 16.74
N09 9BG Y . -53.49 -10.80 14.62
N11 9BG Y . -53.28 -10.53 16.76
O13 9BG Y . -54.11 -9.13 18.55
C15 9BG Y . -52.42 -7.65 19.16
O16 9BG Y . -52.07 -6.86 20.25
O18 9BG Y . -53.69 -10.62 20.98
O20 9BG Y . -52.55 -12.27 19.36
P21 9BG Y . -51.21 -13.19 19.18
O22 9BG Y . -50.20 -12.97 20.45
O26 9BG Y . -48.28 -9.60 20.63
P27 9BG Y . -48.21 -8.01 20.18
O28 9BG Y . -47.20 -7.74 19.11
O29 9BG Y . -49.54 -7.55 19.69
O30 9BG Y . -47.82 -7.28 21.43
C31 9BG Y . -46.46 -10.94 19.70
O32 9BG Y . -45.93 -9.76 18.97
C33 9BG Y . -46.01 -11.11 20.91
C35 9BG Y . -43.65 -11.06 21.31
N36 9BG Y . -43.46 -9.80 21.74
C37 9BG Y . -42.22 -9.36 22.07
N38 9BG Y . -41.17 -10.20 21.96
C39 9BG Y . -41.35 -11.44 21.55
N40 9BG Y . -40.08 -12.13 21.51
C41 9BG Y . -42.61 -11.90 21.21
N42 9BG Y . -43.06 -13.07 20.76
C43 9BG Y . -44.38 -12.97 20.58
O44 9BG Y . -47.11 -12.21 21.47
O45 9BG Y . -50.50 -12.79 17.94
O46 9BG Y . -51.64 -14.63 19.11
C10 9BG Z . -44.05 -22.42 -6.96
C17 9BG Z . -41.05 -25.71 -8.30
C24 9BG Z . -38.61 -27.54 -4.18
C02 9BG Z . -46.01 -24.35 -4.54
C04 9BG Z . -44.72 -26.46 -4.77
C07 9BG Z . -44.10 -24.41 -6.14
C08 9BG Z . -45.09 -23.70 -5.57
C12 9BG Z . -42.34 -23.97 -7.81
C14 9BG Z . -42.34 -25.89 -9.16
C19 9BG Z . -41.48 -24.74 -7.22
C23 9BG Z . -38.68 -26.03 -3.90
C25 9BG Z . -40.05 -28.17 -4.07
N34 9BG Z . -38.21 -29.72 -1.47
O01 9BG Z . -46.88 -23.72 -4.04
N03 9BG Z . -45.79 -25.70 -4.17
N05 9BG Z . -44.48 -27.85 -4.43
N06 9BG Z . -43.87 -25.83 -5.75
N09 9BG Z . -45.06 -22.47 -6.08
N11 9BG Z . -43.46 -23.61 -6.97
O13 9BG Z . -42.99 -24.80 -9.02
C15 9BG Z . -43.22 -27.07 -8.63
O16 9BG Z . -42.41 -28.20 -8.45
O18 9BG Z . -40.03 -25.19 -9.05
O20 9BG Z . -40.29 -23.91 -6.80
P21 9BG Z . -39.73 -24.06 -5.26
O22 9BG Z . -38.86 -25.44 -5.15
O26 9BG Z . -40.19 -29.01 -5.08
P27 9BG Z . -41.58 -29.78 -5.54
O28 9BG Z . -42.33 -30.33 -4.37
O29 9BG Z . -42.48 -28.87 -6.32
O30 9BG Z . -41.09 -30.91 -6.39
C31 9BG Z . -39.89 -28.89 -2.68
O32 9BG Z . -41.01 -29.85 -2.47
C33 9BG Z . -38.73 -29.43 -2.75
C35 9BG Z . -38.06 -30.99 -1.05
N36 9BG Z . -38.30 -32.17 -1.65
C37 9BG Z . -38.06 -33.31 -0.98
N38 9BG Z . -37.57 -33.27 0.27
C39 9BG Z . -37.33 -32.12 0.86
N40 9BG Z . -36.81 -32.35 2.19
C41 9BG Z . -37.58 -30.94 0.19
N42 9BG Z . -37.44 -29.65 0.54
C43 9BG Z . -37.82 -28.91 -0.48
O44 9BG Z . -37.83 -28.16 -3.35
O45 9BG Z . -40.87 -24.16 -4.32
O46 9BG Z . -38.89 -22.86 -4.90
C10 9BG AA . 49.06 1.35 -36.36
C17 9BG AA . 51.97 2.11 -32.81
C24 9BG AA . 49.54 5.02 -29.35
C02 9BG AA . 46.15 -0.08 -34.67
C04 9BG AA . 47.09 0.07 -32.37
C07 9BG AA . 48.45 0.87 -34.35
C08 9BG AA . 47.43 0.54 -35.20
C12 9BG AA . 50.72 1.84 -34.62
C14 9BG AA . 52.15 0.62 -33.20
C19 9BG AA . 50.70 2.52 -33.52
C23 9BG AA . 49.27 5.78 -30.65
C25 9BG AA . 48.72 3.69 -29.38
N34 9BG AA . 47.31 5.57 -26.71
O01 9BG AA . 45.29 -0.36 -35.42
N03 9BG AA . 46.02 -0.29 -33.27
N05 9BG AA . 46.98 -0.13 -30.94
N06 9BG AA . 48.31 0.64 -32.89
N09 9BG AA . 47.82 0.84 -36.42
N11 9BG AA . 49.44 1.38 -35.08
O13 9BG AA . 51.53 0.49 -34.30
C15 9BG AA . 51.53 -0.33 -32.14
O16 9BG AA . 52.30 -0.27 -30.96
O18 9BG AA . 53.03 2.83 -33.26
O20 9BG AA . 50.75 4.00 -33.82
P21 9BG AA . 49.65 4.98 -33.11
O22 9BG AA . 50.10 5.12 -31.55
O26 9BG AA . 49.56 2.76 -28.90
P27 9BG AA . 49.28 1.16 -28.58
O28 9BG AA . 47.86 0.83 -28.32
O29 9BG AA . 49.83 0.33 -29.69
O30 9BG AA . 50.07 0.89 -27.32
C31 9BG AA . 47.54 4.12 -28.41
O32 9BG AA . 46.73 2.94 -28.03
C33 9BG AA . 48.17 4.73 -27.45
C35 9BG AA . 47.16 5.44 -25.38
N36 9BG AA . 47.69 4.59 -24.48
C37 9BG AA . 47.35 4.67 -23.18
N38 9BG AA . 46.46 5.61 -22.78
C39 9BG AA . 45.94 6.44 -23.65
N40 9BG AA . 45.04 7.32 -22.94
C41 9BG AA . 46.29 6.37 -24.98
N42 9BG AA . 45.91 7.08 -26.06
C43 9BG AA . 46.55 6.58 -27.12
O44 9BG AA . 49.17 5.72 -28.32
O45 9BG AA . 48.29 4.34 -33.16
O46 9BG AA . 49.66 6.33 -33.76
C10 9BG BA . 23.75 6.14 -45.47
C17 9BG BA . 20.17 9.11 -45.34
C24 9BG BA . 21.34 12.62 -41.85
C02 9BG BA . 26.53 8.37 -46.37
C04 9BG BA . 25.22 10.46 -46.40
C07 9BG BA . 24.08 8.24 -45.84
C08 9BG BA . 25.27 7.60 -46.00
C12 9BG BA . 21.74 7.52 -45.28
C14 9BG BA . 20.38 8.68 -46.81
C19 9BG BA . 21.41 8.60 -44.65
C23 9BG BA . 21.93 11.33 -41.24
C25 9BG BA . 22.33 13.22 -42.91
N34 9BG BA . 22.72 15.46 -40.25
O01 9BG BA . 27.55 7.81 -46.50
N03 9BG BA . 26.47 9.78 -46.56
N05 9BG BA . 25.12 11.89 -46.59
N06 9BG BA . 24.03 9.72 -46.05
N09 9BG BA . 25.06 6.30 -45.76
N11 9BG BA . 23.17 7.35 -45.51
O13 9BG BA . 21.01 7.58 -46.72
C15 9BG BA . 21.23 9.74 -47.57
O16 9BG BA . 20.48 10.91 -47.72
O18 9BG BA . 19.08 8.47 -44.83
O20 9BG BA . 20.98 8.20 -43.28
P21 9BG BA . 21.82 8.83 -42.03
O22 9BG BA . 21.13 10.26 -41.66
O26 9BG BA . 21.60 13.95 -43.73
P27 9BG BA . 21.96 14.02 -45.32
O28 9BG BA . 22.68 15.32 -45.59
O29 9BG BA . 22.82 12.87 -45.74
O30 9BG BA . 20.66 13.97 -46.09
C31 9BG BA . 23.17 14.18 -42.00
O32 9BG BA . 24.01 15.11 -42.80
C33 9BG BA . 22.21 14.78 -41.39
C35 9BG BA . 22.71 16.80 -40.26
N36 9BG BA . 22.28 17.69 -41.16
C37 9BG BA . 22.39 19.02 -40.93
N38 9BG BA . 22.93 19.44 -39.76
C39 9BG BA . 23.36 18.57 -38.86
N40 9BG BA . 23.88 19.30 -37.72
C41 9BG BA . 23.25 17.22 -39.10
N42 9BG BA . 23.58 16.12 -38.40
C43 9BG BA . 23.26 15.04 -39.11
O44 9BG BA . 21.19 13.54 -40.95
O45 9BG BA . 23.24 9.05 -42.49
O46 9BG BA . 21.75 7.88 -40.87
C10 9BG CA . -4.06 4.04 41.18
C17 9BG CA . -1.30 0.38 41.55
C24 9BG CA . -0.63 -1.45 36.95
C02 9BG CA . -2.39 6.21 38.78
C04 9BG CA . -0.43 4.73 38.39
C07 9BG CA . -2.26 4.03 40.01
C08 9BG CA . -2.94 5.19 39.75
C12 9BG CA . -2.67 2.08 41.49
C14 9BG CA . -0.68 1.44 42.51
C19 9BG CA . -2.25 1.19 40.68
C23 9BG CA . -2.15 -1.23 36.92
C25 9BG CA . 0.04 -0.04 36.81
N34 9BG CA . 0.84 -1.63 33.77
O01 9BG CA . -2.98 7.21 38.55
N03 9BG CA . -1.15 5.95 38.13
N05 9BG CA . 0.84 4.41 37.77
N06 9BG CA . -0.96 3.77 39.33
N09 9BG CA . -4.05 5.18 40.47
N11 9BG CA . -2.97 3.34 40.88
O13 9BG CA . -1.45 2.45 42.49
C15 9BG CA . 0.73 1.86 42.03
O16 9BG CA . 1.65 1.05 42.69
O18 9BG CA . -2.00 -0.52 42.28
O20 9BG CA . -3.44 0.36 40.27
P21 9BG CA . -3.66 0.01 38.68
O22 9BG CA . -2.44 -1.00 38.26
O26 9BG CA . 1.10 -0.12 37.59
P27 9BG CA . 2.25 1.02 37.92
O28 9BG CA . 2.42 2.08 36.88
O29 9BG CA . 1.85 1.67 39.22
O30 9BG CA . 3.50 0.21 38.05
C31 9BG CA . 0.38 -0.08 35.28
O32 9BG CA . 1.26 1.05 34.92
C33 9BG CA . 0.89 -1.26 35.14
C35 9BG CA . 1.96 -2.01 33.15
N36 9BG CA . 3.23 -2.16 33.54
C37 9BG CA . 4.19 -2.57 32.68
N38 9BG CA . 3.85 -2.83 31.40
C39 9BG CA . 2.59 -2.69 31.01
N40 9BG CA . 2.52 -3.02 29.62
C41 9BG CA . 1.61 -2.27 31.89
N42 9BG CA . 0.30 -2.04 31.73
C43 9BG CA . -0.17 -1.65 32.91
O44 9BG CA . -0.18 -2.20 35.99
O45 9BG CA . -3.57 1.26 37.86
O46 9BG CA . -4.97 -0.69 38.52
C10 9BG DA . -17.57 19.83 23.14
C17 9BG DA . -19.57 19.67 18.96
C24 9BG DA . -18.82 15.31 16.84
C02 9BG DA . -19.12 16.95 24.79
C04 9BG DA . -20.61 16.30 22.92
C07 9BG DA . -19.06 18.31 22.70
C08 9BG DA . -18.59 18.10 23.96
C12 9BG DA . -18.59 19.98 20.92
C14 9BG DA . -20.66 20.31 19.87
C19 9BG DA . -18.60 19.12 19.98
C23 9BG DA . -17.48 15.61 17.51
C25 9BG DA . -19.87 14.89 17.92
N34 9BG DA . -19.17 11.88 16.25
O01 9BG DA . -18.71 16.77 25.88
N03 9BG DA . -20.12 16.09 24.26
N05 9BG DA . -21.63 15.43 22.36
N06 9BG DA . -20.10 17.41 22.13
N09 9BG DA . -17.68 19.03 24.22
N11 9BG DA . -18.42 19.36 22.21
O13 9BG DA . -20.06 20.61 20.95
C15 9BG DA . -21.80 19.29 20.13
O16 9BG DA . -22.53 19.11 18.96
O18 9BG DA . -18.95 20.61 18.21
O20 9BG DA . -17.24 19.04 19.32
P21 9BG DA . -16.66 17.55 18.99
O22 9BG DA . -17.42 16.99 17.65
O26 9BG DA . -21.05 15.33 17.48
P27 9BG DA . -22.46 15.17 18.31
O28 9BG DA . -22.24 15.13 19.80
O29 9BG DA . -23.32 16.35 17.95
O30 9BG DA . -23.16 13.91 17.89
C31 9BG DA . -19.73 13.33 17.85
O32 9BG DA . -20.85 12.66 18.55
C33 9BG DA . -19.73 13.13 16.57
C35 9BG DA . -19.90 10.98 15.59
N36 9BG DA . -21.16 10.98 15.14
C37 9BG DA . -21.67 9.91 14.50
N38 9BG DA . -20.89 8.81 14.33
C39 9BG DA . -19.65 8.80 14.78
N40 9BG DA . -19.06 7.52 14.47
C41 9BG DA . -19.13 9.90 15.43
N42 9BG DA . -17.94 10.15 15.97
C43 9BG DA . -17.96 11.39 16.47
O44 9BG DA . -18.69 14.31 16.02
O45 9BG DA . -16.99 16.65 20.14
O46 9BG DA . -15.18 17.63 18.74
C10 9BG EA . 39.17 6.39 20.36
C17 9BG EA . 36.80 10.31 21.28
C24 9BG EA . 32.67 10.58 18.65
C02 9BG EA . 36.54 3.93 21.16
C04 9BG EA . 34.82 5.59 21.81
C07 9BG EA . 37.12 6.36 21.06
C08 9BG EA . 37.51 5.07 20.87
C12 9BG EA . 38.14 8.58 20.82
C14 9BG EA . 37.31 9.83 22.67
C19 9BG EA . 37.06 9.13 20.37
C23 9BG EA . 33.70 9.97 17.70
C25 9BG EA . 32.19 9.49 19.65
N34 9BG EA . 29.32 9.99 17.62
O01 9BG EA . 36.87 2.81 21.00
N03 9BG EA . 35.22 4.22 21.62
N05 9BG EA . 33.49 5.94 22.27
N06 9BG EA . 35.75 6.65 21.54
N09 9BG EA . 38.76 5.10 20.44
N11 9BG EA . 38.13 7.15 20.74
O13 9BG EA . 38.15 8.90 22.42
C15 9BG EA . 36.14 9.27 23.53
O16 9BG EA . 35.44 10.33 24.15
O18 9BG EA . 37.54 11.36 20.87
O20 9BG EA . 37.31 9.66 18.98
P21 9BG EA . 36.21 9.38 17.81
O22 9BG EA . 34.98 10.43 18.04
O26 9BG EA . 32.01 10.11 20.80
P27 9BG EA . 31.89 9.35 22.25
O28 9BG EA . 32.63 8.03 22.27
O29 9BG EA . 32.47 10.31 23.25
O30 9BG EA . 30.44 9.08 22.54
C31 9BG EA . 30.82 9.04 19.00
O32 9BG EA . 29.96 8.31 19.96
C33 9BG EA . 30.31 10.17 18.63
C35 9BG EA . 28.05 10.32 17.85
N36 9BG EA . 27.40 10.81 18.92
C37 9BG EA . 26.08 11.04 18.87
N38 9BG EA . 25.38 10.77 17.74
C39 9BG EA . 25.99 10.27 16.69
N40 9BG EA . 25.03 10.07 15.62
C41 9BG EA . 27.35 10.04 16.73
N42 9BG EA . 28.21 9.55 15.82
C43 9BG EA . 29.43 9.53 16.38
O44 9BG EA . 31.63 10.97 17.98
O45 9BG EA . 35.69 7.97 17.91
O46 9BG EA . 36.85 9.59 16.47
C10 9BG FA . 36.54 -17.04 6.25
C17 9BG FA . 34.65 -18.83 2.38
C24 9BG FA . 31.99 -15.30 0.34
C02 9BG FA . 38.31 -14.05 5.04
C04 9BG FA . 37.72 -14.32 2.65
C07 9BG FA . 36.91 -16.01 4.37
C08 9BG FA . 37.53 -15.31 5.37
C12 9BG FA . 35.56 -18.10 4.25
C14 9BG FA . 36.11 -19.38 2.34
C19 9BG FA . 34.73 -17.68 3.35
C23 9BG FA . 31.48 -15.06 1.77
C25 9BG FA . 33.42 -14.68 0.20
N34 9BG FA . 31.34 -12.60 -1.78
O01 9BG FA . 38.85 -13.43 5.89
N03 9BG FA . 38.38 -13.59 3.69
N05 9BG FA . 37.79 -13.88 1.28
N06 9BG FA . 36.99 -15.53 2.96
N09 9BG FA . 37.29 -15.95 6.51
N11 9BG FA . 36.31 -17.05 4.92
O13 9BG FA . 36.61 -19.06 3.46
C15 9BG FA . 36.92 -18.69 1.21
O16 9BG FA . 36.37 -18.92 -0.05
O18 9BG FA . 33.86 -19.80 2.89
O20 9BG FA . 33.40 -17.55 4.02
P21 9BG FA . 32.56 -16.16 3.85
O22 9BG FA . 31.75 -16.25 2.43
O26 9BG FA . 34.12 -15.64 -0.39
P27 9BG FA . 35.46 -15.54 -1.35
O28 9BG FA . 35.82 -14.12 -1.69
O29 9BG FA . 36.61 -16.20 -0.65
O30 9BG FA . 35.13 -16.29 -2.62
C31 9BG FA . 33.08 -13.35 -0.59
O32 9BG FA . 34.28 -12.73 -1.19
C33 9BG FA . 32.16 -13.71 -1.44
C35 9BG FA . 31.19 -12.20 -3.05
N36 9BG FA . 31.69 -12.64 -4.21
C37 9BG FA . 31.39 -12.01 -5.37
N38 9BG FA . 30.55 -10.95 -5.37
C39 9BG FA . 30.04 -10.53 -4.24
N40 9BG FA . 29.18 -9.39 -4.49
C41 9BG FA . 30.36 -11.15 -3.05
N42 9BG FA . 29.99 -10.92 -1.78
C43 9BG FA . 30.59 -11.82 -1.00
O44 9BG FA . 31.21 -14.72 -0.52
O45 9BG FA . 33.49 -14.97 3.80
O46 9BG FA . 31.61 -16.04 5.01
#